data_3CMT
#
_entry.id   3CMT
#
_cell.length_a   159.000
_cell.length_b   300.500
_cell.length_c   80.100
_cell.angle_alpha   90.00
_cell.angle_beta   90.00
_cell.angle_gamma   90.00
#
_symmetry.space_group_name_H-M   'P 21 21 2'
#
loop_
_entity.id
_entity.type
_entity.pdbx_description
1 polymer "DNA (5'-D(*DTP*DTP*DTP*DTP*DTP*DCP*DCP*DCP*DAP*DCP*DCP*DTP*DTP*DTP*DT)-3')"
2 polymer "DNA (5'-D(P*DGP*DGP*DTP*DGP*DGP*DG)-3')"
3 polymer 'Protein recA'
4 non-polymer 'MAGNESIUM ION'
5 non-polymer 'TETRAFLUOROALUMINATE ION'
6 non-polymer "ADENOSINE-5'-DIPHOSPHATE"
#
loop_
_entity_poly.entity_id
_entity_poly.type
_entity_poly.pdbx_seq_one_letter_code
_entity_poly.pdbx_strand_id
1 'polydeoxyribonucleotide' (DT)(DT)(DT)(DT)(DT)(DC)(DC)(DC)(DA)(DC)(DC)(DT)(DT)(DT)(DT) B,E
2 'polydeoxyribonucleotide' (DG)(DG)(DT)(DG)(DG)(DG) C,F
3 'polypeptide(L)'
;GAMHGEDRSMDVETISTGSLSLDIALGAGGLPMGRIVEIYGPESSGKTTLTLQVIAAAQREGKTCAFIDAEHALDPIYAR
KLGVDIDNLLCSQPDTGEQALEICDALARSGAVDVIVVDSVAALTPKAEIEGEIGDSHMGLAARMMSQAMRKLAGNLKQS
NTLLIFINQIRMKIGVMFGNPETTTGGNALKFYASVRLDIRRIGAVKEGENVVGSETRVKVVKNKIAAPFKQAEFQILYG
EGINFYGELVDLGVKEKLIEKAGAWYSYKGEKIGQGKANATAWLKDNPETAKEIEKKVRELLLSNPNSTTGSTGSGTTGS
TGSMAIDENKQKALAAALGQIEKQFGKGSIMRLGEDRSMDVETISTGSLSLDIALGAGGLPMGRIVEIYGPESSGKTTLT
LQVIAAAQREGKTCAFIDAEHALDPIYARKLGVDIDNLLCSQPDTGEQALEICDALARSGAVDVIVVDSVAALTPKAEIE
GEIGDSHMGLAARMMSQAMRKLAGNLKQSNTLLIFINQIRMKIGVMFGNPETTTGGNALKFYASVRLDIRRIGAVKEGEN
VVGSETRVKVVKNKIAAPFKQAEFQILYGEGINFYGELVDLGVKEKLIEKAGAWYSYKGEKIGQGKANATAWLKDNPETA
KEIEKKVRELLLSNPNSTTGSTGSMGHTTGSMSAIDENKQKALAAALGQIEKQFGKGSIMRLGEDRSMDVETISTGSLSL
DIALGAGGLPMGRIVEIYGPESSGKTTLTLQVIAAAQREGKTCAFIDAEHALDPIYARKLGVDIDNLLCSQPDTGEQALE
ICDALARSGAVDVIVVDSVAALTPKAEIEGEIGDSHMGLAARMMSQAMRKLAGNLKQSNTLLIFINQIRMKIGVMFGNPE
TTTGGNALKFYASVRLDIRRIGAVKEGENVVGSETRVKVVKNKIAAPFKQAEFQILYGEGINFYGELVDLGVKEKLIEKA
GAWYSYKGEKIGQGKANATAWLKDNPETAKEIEKKVRELLLSNPNSTTGSTGSASGSSTGSMSAIDENKQKALAAALGQI
EKQFGKGSIMRLGEDRSMDVETISTGSLSLDIALGAGGLPMGRIVEIYGPESSGKTTLTLQVIAAAQREGKTCAFIDAEH
ALDPIYARKLGVDIDNLLCSQPDTGEQALEICDALARSGAVDVIVVDSVAALTPKAEIEGEIGDSHMGLAARMMSQAMRK
LAGNLKQSNTLLIFINQIRMKIGVMFGNPETTTGGNALKFYASVRLDIRRIGAVKEGENVVGSETRVKVVKNKIAAPFKQ
AEFQILYGEGINFYGELVDLGVKEKLIEKAGAWYSYKGEKIGQGKANATAWLKDNPETAKEIEKKVRELLLSNPNSTTGS
TGSMSGRTGSMSAIDENKQKALAAALGQIEKQFGKGSIMRLGEDRSMDVETISTGSLSLDIALGAGGLPMGRIVEIYGPE
SSGKTTLTLQVIAAAQREGKTCAFIDAEHALDPIYARKLGVDIDNLLCSQPDTGEQALEICDALARSGAVDVIVVDSVAA
LTPKAEIEGEIGDSHMGLAARMMSQAMRKLAGNLKQSNTLLIFINQIRMKIGVMFGNPETTTGGNALKFYASVRLDIRRI
GAVKEGENVVGSETRVKVVKNKIAAPFKQAEFQILYGEGINFYGELVDLGVKEKLIEKAGAWYSYKGEKIGQGKANATAW
LKDNPETAKEIEKKVRELLLSNPNST
;
A,D
#
loop_
_chem_comp.id
_chem_comp.type
_chem_comp.name
_chem_comp.formula
ADP non-polymer ADENOSINE-5'-DIPHOSPHATE 'C10 H15 N5 O10 P2'
ALF non-polymer 'TETRAFLUOROALUMINATE ION' 'Al F4 -1'
DA DNA linking 2'-DEOXYADENOSINE-5'-MONOPHOSPHATE 'C10 H14 N5 O6 P'
DC DNA linking 2'-DEOXYCYTIDINE-5'-MONOPHOSPHATE 'C9 H14 N3 O7 P'
DG DNA linking 2'-DEOXYGUANOSINE-5'-MONOPHOSPHATE 'C10 H14 N5 O7 P'
DT DNA linking THYMIDINE-5'-MONOPHOSPHATE 'C10 H15 N2 O8 P'
MG non-polymer 'MAGNESIUM ION' 'Mg 2'
#
# COMPACT_ATOMS: atom_id res chain seq x y z
N VAL E 12 25.33 44.78 -64.41
CA VAL E 12 25.56 43.87 -63.25
C VAL E 12 26.23 42.57 -63.68
N GLU E 13 27.36 42.27 -63.06
CA GLU E 13 28.13 41.06 -63.35
C GLU E 13 28.24 40.24 -62.05
N THR E 14 28.08 38.91 -62.15
CA THR E 14 28.02 38.07 -60.95
C THR E 14 29.14 37.03 -60.79
N ILE E 15 29.27 36.54 -59.55
CA ILE E 15 30.23 35.50 -59.17
C ILE E 15 29.43 34.36 -58.53
N SER E 16 29.80 33.12 -58.86
CA SER E 16 29.17 31.96 -58.23
C SER E 16 29.42 31.96 -56.73
N THR E 17 28.42 31.49 -55.97
CA THR E 17 28.54 31.42 -54.52
C THR E 17 29.15 30.10 -54.07
N GLY E 18 29.27 29.15 -55.01
CA GLY E 18 29.72 27.80 -54.68
C GLY E 18 28.56 26.85 -54.44
N SER E 19 27.38 27.44 -54.20
CA SER E 19 26.13 26.68 -54.16
C SER E 19 25.31 27.00 -55.39
N LEU E 20 24.88 25.96 -56.10
CA LEU E 20 24.08 26.12 -57.30
C LEU E 20 22.70 26.65 -56.96
N SER E 21 22.06 26.04 -55.95
CA SER E 21 20.71 26.41 -55.55
C SER E 21 20.66 27.84 -55.00
N LEU E 22 21.77 28.29 -54.40
CA LEU E 22 21.86 29.67 -53.95
C LEU E 22 21.95 30.61 -55.15
N ASP E 23 22.80 30.27 -56.12
CA ASP E 23 22.93 31.06 -57.34
C ASP E 23 21.58 31.20 -58.03
N ILE E 24 20.75 30.16 -57.92
CA ILE E 24 19.38 30.20 -58.44
C ILE E 24 18.49 31.09 -57.59
N ALA E 25 18.54 30.89 -56.27
CA ALA E 25 17.80 31.73 -55.32
C ALA E 25 18.12 33.20 -55.50
N LEU E 26 19.39 33.51 -55.79
CA LEU E 26 19.85 34.87 -55.98
C LEU E 26 19.30 35.53 -57.24
N GLY E 27 18.70 34.73 -58.11
CA GLY E 27 18.04 35.23 -59.31
C GLY E 27 18.98 35.51 -60.47
N ALA E 28 20.06 36.25 -60.20
CA ALA E 28 21.02 36.63 -61.23
C ALA E 28 22.19 35.66 -61.38
N GLY E 29 22.15 34.56 -60.62
CA GLY E 29 23.14 33.50 -60.77
C GLY E 29 24.40 33.65 -59.93
N GLY E 30 24.37 34.59 -58.99
CA GLY E 30 25.50 34.79 -58.09
C GLY E 30 25.51 36.16 -57.44
N LEU E 31 26.55 36.43 -56.66
CA LEU E 31 26.71 37.73 -56.00
C LEU E 31 27.23 38.78 -56.99
N PRO E 32 26.77 40.03 -56.85
CA PRO E 32 27.14 41.06 -57.83
C PRO E 32 28.47 41.77 -57.55
N MET E 33 29.25 41.97 -58.60
CA MET E 33 30.56 42.62 -58.51
C MET E 33 30.42 44.11 -58.29
N GLY E 34 31.31 44.69 -57.48
CA GLY E 34 31.29 46.12 -57.22
C GLY E 34 30.24 46.53 -56.21
N ARG E 35 29.63 45.53 -55.56
CA ARG E 35 28.57 45.75 -54.59
C ARG E 35 28.99 45.27 -53.21
N ILE E 36 28.22 45.66 -52.19
CA ILE E 36 28.40 45.17 -50.84
C ILE E 36 27.36 44.09 -50.55
N VAL E 37 27.78 43.02 -49.90
CA VAL E 37 26.91 41.90 -49.56
C VAL E 37 27.09 41.57 -48.08
N GLU E 38 25.99 41.22 -47.41
CA GLU E 38 26.06 40.78 -46.01
C GLU E 38 25.50 39.36 -45.82
N ILE E 39 26.26 38.52 -45.14
CA ILE E 39 25.77 37.21 -44.71
C ILE E 39 25.75 37.20 -43.20
N TYR E 40 24.59 36.88 -42.64
CA TYR E 40 24.47 36.73 -41.19
C TYR E 40 23.79 35.41 -40.84
N GLY E 41 23.95 35.00 -39.59
CA GLY E 41 23.36 33.76 -39.10
C GLY E 41 23.93 33.38 -37.74
N PRO E 42 23.38 32.33 -37.11
CA PRO E 42 23.83 31.85 -35.81
C PRO E 42 25.25 31.26 -35.89
N GLU E 43 25.86 30.97 -34.74
CA GLU E 43 27.20 30.39 -34.72
C GLU E 43 27.27 29.04 -35.44
N SER E 44 28.41 28.82 -36.12
CA SER E 44 28.67 27.61 -36.88
C SER E 44 27.58 27.30 -37.90
N SER E 45 26.97 28.34 -38.47
CA SER E 45 25.90 28.15 -39.44
C SER E 45 26.45 27.96 -40.85
N GLY E 46 27.67 28.43 -41.06
CA GLY E 46 28.34 28.23 -42.33
C GLY E 46 28.77 29.52 -43.01
N LYS E 47 28.79 30.61 -42.25
CA LYS E 47 29.11 31.94 -42.79
C LYS E 47 30.51 31.97 -43.40
N THR E 48 31.52 31.60 -42.63
CA THR E 48 32.89 31.55 -43.15
C THR E 48 33.02 30.56 -44.29
N THR E 49 32.53 29.33 -44.07
CA THR E 49 32.60 28.28 -45.06
C THR E 49 32.08 28.77 -46.41
N LEU E 50 30.87 29.32 -46.41
CA LEU E 50 30.26 29.83 -47.63
C LEU E 50 31.15 30.87 -48.28
N THR E 51 31.52 31.87 -47.49
CA THR E 51 32.50 32.89 -47.88
C THR E 51 33.71 32.31 -48.60
N LEU E 52 34.38 31.33 -47.99
CA LEU E 52 35.57 30.70 -48.56
C LEU E 52 35.27 30.00 -49.87
N GLN E 53 34.09 29.40 -49.97
CA GLN E 53 33.64 28.74 -51.20
C GLN E 53 33.53 29.71 -52.35
N VAL E 54 33.01 30.93 -52.10
CA VAL E 54 32.93 31.93 -53.17
C VAL E 54 34.34 32.38 -53.57
N ILE E 55 35.22 32.57 -52.59
CA ILE E 55 36.63 32.87 -52.87
C ILE E 55 37.26 31.77 -53.73
N ALA E 56 37.10 30.52 -53.32
CA ALA E 56 37.62 29.37 -54.07
C ALA E 56 37.16 29.41 -55.52
N ALA E 57 35.86 29.62 -55.72
CA ALA E 57 35.27 29.71 -57.06
C ALA E 57 35.85 30.88 -57.86
N ALA E 58 36.03 32.02 -57.19
CA ALA E 58 36.58 33.22 -57.82
C ALA E 58 38.04 33.03 -58.24
N GLN E 59 38.80 32.37 -57.36
CA GLN E 59 40.20 32.07 -57.64
C GLN E 59 40.32 31.09 -58.80
N ARG E 60 39.39 30.14 -58.85
CA ARG E 60 39.30 29.17 -59.92
C ARG E 60 39.19 29.86 -61.28
N GLU E 61 38.84 31.15 -61.26
CA GLU E 61 38.70 31.95 -62.48
C GLU E 61 39.66 33.13 -62.55
N GLY E 62 40.81 32.99 -61.88
CA GLY E 62 41.88 33.97 -61.96
C GLY E 62 41.63 35.30 -61.29
N LYS E 63 40.70 35.31 -60.33
CA LYS E 63 40.42 36.53 -59.59
C LYS E 63 41.25 36.60 -58.32
N THR E 64 41.61 37.82 -57.91
CA THR E 64 42.39 38.01 -56.69
C THR E 64 41.45 38.30 -55.52
N CYS E 65 41.68 37.61 -54.40
CA CYS E 65 40.81 37.74 -53.24
C CYS E 65 41.55 38.10 -51.97
N ALA E 66 40.90 38.84 -51.10
CA ALA E 66 41.45 39.20 -49.81
C ALA E 66 40.49 38.77 -48.71
N PHE E 67 41.04 38.31 -47.59
CA PHE E 67 40.25 37.91 -46.45
C PHE E 67 40.68 38.70 -45.23
N ILE E 68 39.75 39.44 -44.65
CA ILE E 68 40.05 40.20 -43.44
C ILE E 68 39.48 39.43 -42.24
N ASP E 69 40.36 38.74 -41.53
CA ASP E 69 39.97 37.87 -40.43
C ASP E 69 39.97 38.63 -39.10
N ALA E 70 38.99 39.53 -38.94
CA ALA E 70 38.88 40.34 -37.72
C ALA E 70 38.45 39.47 -36.54
N GLU E 71 37.83 38.34 -36.86
CA GLU E 71 37.33 37.40 -35.87
C GLU E 71 38.47 36.53 -35.33
N HIS E 72 39.60 36.58 -36.04
CA HIS E 72 40.83 35.87 -35.67
C HIS E 72 40.64 34.37 -35.46
N ALA E 73 39.96 33.73 -36.42
CA ALA E 73 39.61 32.32 -36.26
C ALA E 73 39.73 31.49 -37.53
N LEU E 74 40.31 32.09 -38.57
CA LEU E 74 40.50 31.40 -39.85
C LEU E 74 41.55 30.31 -39.78
N ASP E 75 41.20 29.11 -40.24
CA ASP E 75 42.13 27.99 -40.29
C ASP E 75 42.58 27.81 -41.73
N PRO E 76 43.83 28.17 -42.03
CA PRO E 76 44.36 28.09 -43.39
C PRO E 76 44.25 26.69 -43.96
N ILE E 77 44.58 25.68 -43.17
CA ILE E 77 44.50 24.29 -43.63
C ILE E 77 43.08 23.89 -44.03
N TYR E 78 42.09 24.36 -43.28
CA TYR E 78 40.70 24.07 -43.62
C TYR E 78 40.28 24.83 -44.87
N ALA E 79 40.73 26.08 -44.99
CA ALA E 79 40.46 26.87 -46.19
C ALA E 79 40.98 26.15 -47.44
N ARG E 80 42.15 25.54 -47.32
CA ARG E 80 42.72 24.77 -48.41
C ARG E 80 41.85 23.57 -48.74
N LYS E 81 41.38 22.87 -47.71
CA LYS E 81 40.48 21.73 -47.90
C LYS E 81 39.23 22.12 -48.67
N LEU E 82 38.76 23.35 -48.47
CA LEU E 82 37.58 23.84 -49.19
C LEU E 82 37.94 24.31 -50.61
N GLY E 83 39.20 24.18 -50.98
CA GLY E 83 39.63 24.47 -52.35
C GLY E 83 40.10 25.90 -52.56
N VAL E 84 40.42 26.59 -51.47
CA VAL E 84 40.97 27.92 -51.58
C VAL E 84 42.46 27.82 -51.88
N ASP E 85 42.91 28.60 -52.86
CA ASP E 85 44.34 28.73 -53.11
C ASP E 85 44.95 29.62 -52.03
N ILE E 86 45.49 28.97 -51.01
CA ILE E 86 46.03 29.62 -49.81
C ILE E 86 47.16 30.59 -50.14
N ASP E 87 48.04 30.18 -51.04
CA ASP E 87 49.25 30.93 -51.37
C ASP E 87 48.99 32.26 -52.10
N ASN E 88 47.79 32.42 -52.63
CA ASN E 88 47.43 33.64 -53.34
C ASN E 88 46.29 34.42 -52.69
N LEU E 89 45.69 33.84 -51.66
CA LEU E 89 44.66 34.50 -50.91
C LEU E 89 45.31 35.53 -49.98
N LEU E 90 45.10 36.81 -50.28
CA LEU E 90 45.54 37.89 -49.41
C LEU E 90 44.79 37.80 -48.10
N CYS E 91 45.51 38.00 -47.01
CA CYS E 91 44.92 37.80 -45.69
C CYS E 91 45.47 38.75 -44.63
N SER E 92 44.55 39.35 -43.88
CA SER E 92 44.92 40.31 -42.87
C SER E 92 44.22 39.99 -41.54
N GLN E 93 44.96 40.15 -40.45
CA GLN E 93 44.37 40.05 -39.12
C GLN E 93 44.59 41.38 -38.41
N PRO E 94 43.66 42.33 -38.61
CA PRO E 94 43.80 43.72 -38.21
C PRO E 94 43.66 43.89 -36.70
N ASP E 95 44.23 44.96 -36.16
CA ASP E 95 44.16 45.25 -34.73
C ASP E 95 42.85 45.94 -34.38
N THR E 96 42.57 47.06 -35.03
CA THR E 96 41.35 47.82 -34.82
C THR E 96 40.39 47.66 -35.99
N GLY E 97 39.12 47.97 -35.77
CA GLY E 97 38.12 47.96 -36.82
C GLY E 97 38.39 49.00 -37.89
N GLU E 98 38.86 50.17 -37.47
CA GLU E 98 39.23 51.23 -38.40
C GLU E 98 40.31 50.76 -39.36
N GLN E 99 41.32 50.09 -38.82
CA GLN E 99 42.40 49.50 -39.61
C GLN E 99 41.83 48.51 -40.64
N ALA E 100 40.95 47.61 -40.18
CA ALA E 100 40.31 46.63 -41.05
C ALA E 100 39.63 47.28 -42.24
N LEU E 101 38.90 48.37 -41.98
CA LEU E 101 38.14 49.05 -43.02
C LEU E 101 39.02 49.93 -43.88
N GLU E 102 40.06 50.50 -43.29
CA GLU E 102 41.05 51.26 -44.06
C GLU E 102 41.79 50.36 -45.05
N ILE E 103 42.03 49.11 -44.65
CA ILE E 103 42.63 48.13 -45.53
C ILE E 103 41.70 47.82 -46.70
N CYS E 104 40.42 47.63 -46.40
CA CYS E 104 39.41 47.41 -47.44
C CYS E 104 39.41 48.53 -48.46
N ASP E 105 39.41 49.76 -47.95
CA ASP E 105 39.35 50.93 -48.80
C ASP E 105 40.56 51.00 -49.72
N ALA E 106 41.74 50.72 -49.16
CA ALA E 106 42.98 50.69 -49.92
C ALA E 106 42.93 49.66 -51.04
N LEU E 107 42.45 48.45 -50.72
CA LEU E 107 42.34 47.37 -51.69
C LEU E 107 41.28 47.69 -52.73
N ALA E 108 40.16 48.26 -52.29
CA ALA E 108 39.12 48.72 -53.21
C ALA E 108 39.73 49.71 -54.22
N ARG E 109 40.32 50.79 -53.70
CA ARG E 109 40.94 51.82 -54.55
C ARG E 109 41.99 51.30 -55.52
N SER E 110 42.77 50.31 -55.09
CA SER E 110 43.85 49.75 -55.91
C SER E 110 43.36 49.17 -57.23
N GLY E 111 42.12 48.68 -57.24
CA GLY E 111 41.52 48.05 -58.42
C GLY E 111 42.15 46.70 -58.75
N ALA E 112 42.94 46.19 -57.81
CA ALA E 112 43.71 44.96 -58.02
C ALA E 112 43.07 43.74 -57.37
N VAL E 113 42.17 43.97 -56.42
CA VAL E 113 41.47 42.89 -55.75
C VAL E 113 40.04 42.79 -56.26
N ASP E 114 39.58 41.56 -56.48
CA ASP E 114 38.27 41.31 -57.07
C ASP E 114 37.19 41.04 -56.03
N VAL E 115 37.53 40.24 -55.02
CA VAL E 115 36.61 40.01 -53.90
C VAL E 115 37.32 40.13 -52.56
N ILE E 116 36.73 40.92 -51.68
CA ILE E 116 37.19 41.07 -50.30
C ILE E 116 36.09 40.58 -49.36
N VAL E 117 36.45 39.73 -48.40
CA VAL E 117 35.52 39.39 -47.34
C VAL E 117 36.04 39.78 -45.97
N VAL E 118 35.15 40.39 -45.19
CA VAL E 118 35.44 40.76 -43.81
C VAL E 118 34.70 39.80 -42.88
N ASP E 119 35.45 38.97 -42.15
CA ASP E 119 34.83 37.99 -41.25
C ASP E 119 34.53 38.60 -39.89
N SER E 120 33.22 38.79 -39.70
CA SER E 120 32.57 39.40 -38.52
C SER E 120 32.75 40.91 -38.42
N VAL E 121 31.69 41.64 -38.75
CA VAL E 121 31.64 43.06 -38.43
C VAL E 121 31.54 43.14 -36.91
N ALA E 122 30.92 42.12 -36.31
CA ALA E 122 30.83 41.97 -34.86
C ALA E 122 32.19 42.14 -34.18
N ALA E 123 33.24 41.68 -34.86
CA ALA E 123 34.60 41.71 -34.33
C ALA E 123 35.39 42.97 -34.72
N LEU E 124 34.77 43.83 -35.53
CA LEU E 124 35.36 45.11 -35.92
C LEU E 124 35.37 46.11 -34.75
N THR E 125 36.34 45.97 -33.86
CA THR E 125 36.42 46.77 -32.64
C THR E 125 37.03 48.15 -32.87
N PRO E 126 36.26 49.22 -32.63
CA PRO E 126 36.76 50.59 -32.72
C PRO E 126 38.03 50.82 -31.92
N LYS E 127 38.88 51.72 -32.41
CA LYS E 127 40.18 51.98 -31.81
C LYS E 127 40.06 52.46 -30.36
N ALA E 128 39.09 53.33 -30.12
CA ALA E 128 38.86 53.88 -28.79
C ALA E 128 38.44 52.79 -27.78
N GLU E 129 37.73 51.78 -28.27
CA GLU E 129 37.27 50.67 -27.45
C GLU E 129 38.44 49.78 -27.02
N ILE E 130 39.39 49.55 -27.93
CA ILE E 130 40.55 48.70 -27.63
C ILE E 130 41.54 49.35 -26.64
N GLU E 131 41.72 50.66 -26.76
CA GLU E 131 42.56 51.44 -25.86
C GLU E 131 41.97 51.55 -24.45
N GLY E 132 40.64 51.70 -24.37
CA GLY E 132 39.95 51.84 -23.10
C GLY E 132 39.65 50.52 -22.42
N GLU E 133 39.28 50.59 -21.15
CA GLU E 133 38.98 49.41 -20.35
C GLU E 133 37.68 48.73 -20.75
N ILE E 134 37.54 47.44 -20.43
CA ILE E 134 36.27 46.74 -20.61
C ILE E 134 35.32 47.20 -19.51
N GLY E 135 34.25 47.85 -19.91
CA GLY E 135 33.37 48.56 -18.99
C GLY E 135 33.47 50.06 -19.20
N ASP E 136 33.73 50.45 -20.45
CA ASP E 136 33.76 51.86 -20.84
C ASP E 136 32.64 52.17 -21.83
N SER E 137 31.94 53.28 -21.56
CA SER E 137 30.72 53.65 -22.30
C SER E 137 30.99 54.17 -23.71
N HIS E 138 31.24 53.24 -24.63
CA HIS E 138 31.39 53.57 -26.04
C HIS E 138 30.03 53.39 -26.71
N MET E 139 29.14 54.34 -26.48
CA MET E 139 27.79 54.25 -27.01
C MET E 139 27.70 54.73 -28.46
N GLY E 140 27.29 53.82 -29.34
CA GLY E 140 27.10 54.11 -30.76
C GLY E 140 28.35 54.11 -31.61
N LEU E 141 29.51 53.98 -30.96
CA LEU E 141 30.81 54.16 -31.60
C LEU E 141 31.04 53.29 -32.84
N ALA E 142 30.73 51.99 -32.72
CA ALA E 142 30.92 51.06 -33.85
C ALA E 142 29.92 51.26 -34.99
N ALA E 143 28.71 51.68 -34.65
CA ALA E 143 27.65 51.98 -35.63
C ALA E 143 28.05 53.15 -36.51
N ARG E 144 28.58 54.18 -35.86
CA ARG E 144 28.97 55.42 -36.52
C ARG E 144 30.16 55.18 -37.45
N MET E 145 31.04 54.28 -37.02
CA MET E 145 32.22 53.88 -37.79
C MET E 145 31.80 53.10 -39.04
N MET E 146 30.88 52.16 -38.87
CA MET E 146 30.30 51.40 -39.98
C MET E 146 29.61 52.32 -40.98
N SER E 147 28.85 53.27 -40.44
CA SER E 147 28.12 54.23 -41.24
C SER E 147 29.08 55.04 -42.10
N GLN E 148 30.20 55.44 -41.50
CA GLN E 148 31.23 56.17 -42.24
C GLN E 148 31.89 55.30 -43.31
N ALA E 149 32.19 54.05 -42.95
CA ALA E 149 32.82 53.10 -43.86
C ALA E 149 32.00 52.94 -45.15
N MET E 150 30.70 52.71 -45.00
CA MET E 150 29.84 52.51 -46.16
C MET E 150 29.91 53.67 -47.14
N ARG E 151 29.79 54.89 -46.62
CA ARG E 151 29.90 56.10 -47.43
C ARG E 151 31.16 56.09 -48.30
N LYS E 152 32.29 55.84 -47.67
CA LYS E 152 33.59 55.82 -48.35
C LYS E 152 33.78 54.62 -49.28
N LEU E 153 33.30 53.44 -48.87
CA LEU E 153 33.52 52.22 -49.63
C LEU E 153 32.67 52.10 -50.89
N ALA E 154 31.37 52.35 -50.75
CA ALA E 154 30.41 52.15 -51.84
C ALA E 154 30.95 52.61 -53.19
N GLY E 155 31.43 53.84 -53.24
CA GLY E 155 31.95 54.45 -54.47
C GLY E 155 33.19 53.78 -55.00
N ASN E 156 34.16 53.54 -54.10
CA ASN E 156 35.42 52.90 -54.46
C ASN E 156 35.23 51.47 -54.96
N LEU E 157 34.26 50.78 -54.38
CA LEU E 157 33.99 49.39 -54.74
C LEU E 157 33.37 49.28 -56.13
N LYS E 158 32.46 50.20 -56.43
CA LYS E 158 31.81 50.21 -57.75
C LYS E 158 32.83 50.53 -58.85
N GLN E 159 33.64 51.57 -58.65
CA GLN E 159 34.61 51.97 -59.67
C GLN E 159 35.73 50.97 -59.90
N SER E 160 35.93 50.06 -58.95
CA SER E 160 36.95 49.03 -59.07
C SER E 160 36.34 47.68 -59.42
N ASN E 161 35.01 47.63 -59.44
CA ASN E 161 34.26 46.39 -59.67
C ASN E 161 34.63 45.30 -58.66
N THR E 162 34.84 45.72 -57.41
CA THR E 162 35.24 44.85 -56.32
C THR E 162 34.03 44.44 -55.49
N LEU E 163 33.82 43.14 -55.32
CA LEU E 163 32.78 42.65 -54.42
C LEU E 163 33.29 42.64 -52.99
N LEU E 164 32.49 43.16 -52.06
CA LEU E 164 32.84 43.13 -50.65
C LEU E 164 31.78 42.39 -49.84
N ILE E 165 32.17 41.27 -49.23
CA ILE E 165 31.26 40.51 -48.38
C ILE E 165 31.52 40.74 -46.90
N PHE E 166 30.49 41.17 -46.19
CA PHE E 166 30.56 41.29 -44.73
C PHE E 166 29.87 40.10 -44.07
N ILE E 167 30.61 39.41 -43.20
CA ILE E 167 29.97 38.42 -42.35
C ILE E 167 29.52 39.09 -41.06
N ASN E 168 28.27 38.86 -40.67
CA ASN E 168 27.77 39.39 -39.41
C ASN E 168 27.21 38.31 -38.49
N GLN E 169 27.26 38.60 -37.19
CA GLN E 169 26.68 37.71 -36.17
C GLN E 169 25.30 38.21 -35.79
N ILE E 170 24.55 37.37 -35.10
CA ILE E 170 23.25 37.74 -34.59
C ILE E 170 23.32 38.09 -33.10
N ARG E 171 22.70 39.21 -32.74
CA ARG E 171 22.43 39.52 -31.35
C ARG E 171 20.92 39.58 -31.15
N MET E 172 20.46 39.62 -29.90
CA MET E 172 19.05 39.71 -29.59
C MET E 172 18.69 41.13 -29.15
N LYS E 173 17.64 41.71 -29.72
CA LYS E 173 17.16 42.99 -29.23
C LYS E 173 16.19 42.77 -28.08
N ILE E 174 16.33 43.62 -27.06
CA ILE E 174 15.77 43.36 -25.75
C ILE E 174 14.50 44.19 -25.50
N GLY E 175 13.50 43.54 -24.91
CA GLY E 175 12.23 44.20 -24.62
C GLY E 175 11.50 44.67 -25.87
N VAL E 176 11.68 43.93 -26.97
CA VAL E 176 10.90 44.15 -28.19
C VAL E 176 9.62 43.32 -28.03
N MET E 177 8.57 43.67 -28.77
CA MET E 177 7.29 43.00 -28.60
C MET E 177 6.54 42.73 -29.91
N PHE E 178 7.31 42.61 -31.00
CA PHE E 178 6.77 42.36 -32.34
C PHE E 178 7.81 41.68 -33.25
N GLY E 179 7.33 41.09 -34.35
CA GLY E 179 8.19 40.46 -35.36
C GLY E 179 9.10 39.37 -34.82
N ASN E 180 10.40 39.67 -34.77
CA ASN E 180 11.40 38.76 -34.22
C ASN E 180 12.53 39.54 -33.53
N PRO E 181 13.09 38.97 -32.46
CA PRO E 181 14.02 39.73 -31.62
C PRO E 181 15.46 39.78 -32.13
N GLU E 182 15.74 39.15 -33.27
CA GLU E 182 17.12 39.07 -33.77
C GLU E 182 17.60 40.37 -34.40
N THR E 183 18.90 40.63 -34.29
CA THR E 183 19.53 41.74 -35.00
C THR E 183 20.95 41.37 -35.42
N THR E 184 21.66 42.41 -35.82
CA THR E 184 22.90 42.30 -36.52
C THR E 184 23.79 43.36 -35.89
N THR E 185 25.09 43.08 -35.79
CA THR E 185 25.98 44.02 -35.11
C THR E 185 26.32 45.19 -36.01
N GLY E 186 26.72 46.31 -35.40
CA GLY E 186 27.30 47.43 -36.14
C GLY E 186 26.32 48.34 -36.83
N GLY E 187 25.17 48.56 -36.20
CA GLY E 187 24.25 49.60 -36.63
C GLY E 187 23.38 49.28 -37.84
N ASN E 188 22.92 50.33 -38.49
CA ASN E 188 21.91 50.23 -39.54
C ASN E 188 22.42 50.50 -40.95
N ALA E 189 23.62 51.06 -41.05
CA ALA E 189 24.19 51.45 -42.34
C ALA E 189 24.23 50.27 -43.31
N LEU E 190 24.78 49.15 -42.87
CA LEU E 190 24.97 47.99 -43.74
C LEU E 190 23.68 47.46 -44.37
N LYS E 191 22.58 47.43 -43.61
CA LYS E 191 21.29 46.97 -44.15
C LYS E 191 21.00 47.67 -45.46
N PHE E 192 21.26 48.98 -45.47
CA PHE E 192 20.91 49.85 -46.60
C PHE E 192 21.85 49.67 -47.77
N TYR E 193 23.15 49.67 -47.48
CA TYR E 193 24.16 49.63 -48.53
C TYR E 193 24.31 48.27 -49.19
N ALA E 194 24.03 47.21 -48.44
CA ALA E 194 24.07 45.86 -49.01
C ALA E 194 23.13 45.72 -50.20
N SER E 195 23.62 45.13 -51.28
CA SER E 195 22.80 44.88 -52.46
C SER E 195 22.13 43.52 -52.33
N VAL E 196 22.76 42.67 -51.50
CA VAL E 196 22.24 41.35 -51.19
C VAL E 196 22.48 41.05 -49.71
N ARG E 197 21.45 40.55 -49.03
CA ARG E 197 21.62 40.07 -47.66
C ARG E 197 21.18 38.62 -47.53
N LEU E 198 22.06 37.80 -46.97
CA LEU E 198 21.82 36.38 -46.82
C LEU E 198 21.67 35.98 -45.36
N ASP E 199 20.59 35.26 -45.07
CA ASP E 199 20.37 34.67 -43.76
C ASP E 199 20.65 33.17 -43.86
N ILE E 200 21.79 32.75 -43.34
CA ILE E 200 22.19 31.34 -43.37
C ILE E 200 21.90 30.65 -42.03
N ARG E 201 21.41 29.41 -42.09
CA ARG E 201 21.07 28.64 -40.90
C ARG E 201 21.29 27.15 -41.04
N ARG E 202 21.80 26.54 -39.98
CA ARG E 202 21.92 25.08 -39.93
C ARG E 202 20.56 24.53 -39.54
N ILE E 203 20.04 23.61 -40.34
CA ILE E 203 18.68 23.10 -40.11
C ILE E 203 18.64 21.64 -39.72
N GLY E 204 19.78 20.96 -39.87
CA GLY E 204 19.88 19.55 -39.53
C GLY E 204 21.28 19.01 -39.70
N ALA E 205 21.45 17.74 -39.35
CA ALA E 205 22.74 17.06 -39.46
C ALA E 205 22.75 16.09 -40.64
N VAL E 206 23.86 16.06 -41.38
CA VAL E 206 24.08 15.04 -42.40
C VAL E 206 24.76 13.86 -41.72
N LYS E 207 24.05 12.75 -41.61
CA LYS E 207 24.56 11.60 -40.84
C LYS E 207 25.04 10.44 -41.70
N GLU E 208 26.02 9.73 -41.16
CA GLU E 208 26.59 8.53 -41.74
C GLU E 208 26.30 7.37 -40.79
N GLY E 209 25.01 7.09 -40.59
CA GLY E 209 24.57 6.16 -39.56
C GLY E 209 24.98 6.70 -38.19
N GLU E 210 26.20 6.37 -37.79
CA GLU E 210 26.77 6.86 -36.53
C GLU E 210 27.21 8.31 -36.62
N ASN E 211 28.07 8.61 -37.60
CA ASN E 211 28.80 9.88 -37.66
C ASN E 211 28.00 11.07 -38.14
N VAL E 212 28.33 12.24 -37.60
CA VAL E 212 27.81 13.50 -38.13
C VAL E 212 28.89 14.04 -39.06
N VAL E 213 28.63 13.91 -40.35
CA VAL E 213 29.65 14.20 -41.36
C VAL E 213 29.41 15.55 -42.08
N GLY E 214 28.30 16.20 -41.76
CA GLY E 214 27.97 17.49 -42.36
C GLY E 214 26.78 18.23 -41.75
N SER E 215 26.61 19.48 -42.16
CA SER E 215 25.48 20.30 -41.75
C SER E 215 24.50 20.49 -42.89
N GLU E 216 23.24 20.14 -42.66
CA GLU E 216 22.17 20.46 -43.60
C GLU E 216 21.88 21.95 -43.46
N THR E 217 21.91 22.68 -44.57
CA THR E 217 21.95 24.14 -44.52
C THR E 217 20.85 24.82 -45.34
N ARG E 218 20.33 25.94 -44.84
CA ARG E 218 19.34 26.74 -45.55
C ARG E 218 19.75 28.22 -45.57
N VAL E 219 19.76 28.81 -46.76
CA VAL E 219 20.05 30.23 -46.90
C VAL E 219 18.82 30.96 -47.44
N LYS E 220 18.39 32.01 -46.76
CA LYS E 220 17.32 32.87 -47.25
C LYS E 220 17.90 34.14 -47.84
N VAL E 221 17.39 34.55 -48.99
CA VAL E 221 17.78 35.83 -49.57
C VAL E 221 16.86 36.90 -49.01
N VAL E 222 17.36 37.58 -47.99
CA VAL E 222 16.56 38.49 -47.19
C VAL E 222 16.43 39.86 -47.87
N LYS E 223 17.50 40.28 -48.55
CA LYS E 223 17.45 41.49 -49.35
C LYS E 223 18.09 41.25 -50.70
N ASN E 224 17.49 41.82 -51.75
CA ASN E 224 18.01 41.69 -53.10
C ASN E 224 17.71 42.91 -53.97
N LYS E 225 18.77 43.56 -54.42
CA LYS E 225 18.68 44.73 -55.29
C LYS E 225 18.93 44.34 -56.74
N ILE E 226 19.16 43.05 -56.95
CA ILE E 226 19.73 42.56 -58.19
C ILE E 226 18.75 41.64 -58.92
N ALA E 227 17.83 41.06 -58.15
CA ALA E 227 16.75 40.20 -58.63
C ALA E 227 15.69 40.20 -57.54
N ALA E 228 14.59 39.48 -57.77
CA ALA E 228 13.56 39.32 -56.74
C ALA E 228 14.14 38.68 -55.46
N PRO E 229 13.77 39.23 -54.28
CA PRO E 229 14.23 38.68 -52.99
C PRO E 229 13.34 37.54 -52.47
N PHE E 230 13.74 36.98 -51.33
CA PHE E 230 12.94 36.02 -50.55
C PHE E 230 12.84 34.61 -51.13
N LYS E 231 13.71 34.29 -52.09
CA LYS E 231 13.88 32.91 -52.51
C LYS E 231 14.86 32.27 -51.54
N GLN E 232 14.85 30.95 -51.44
CA GLN E 232 15.78 30.28 -50.53
C GLN E 232 16.45 29.07 -51.13
N ALA E 233 17.58 28.69 -50.54
CA ALA E 233 18.39 27.59 -51.03
C ALA E 233 18.72 26.64 -49.90
N GLU E 234 18.52 25.34 -50.12
CA GLU E 234 18.92 24.33 -49.17
C GLU E 234 20.01 23.47 -49.78
N PHE E 235 21.08 23.25 -49.03
CA PHE E 235 22.18 22.40 -49.48
C PHE E 235 22.90 21.79 -48.29
N GLN E 236 23.93 21.00 -48.58
CA GLN E 236 24.72 20.37 -47.53
C GLN E 236 26.11 20.96 -47.44
N ILE E 237 26.57 21.22 -46.23
CA ILE E 237 27.97 21.52 -46.00
C ILE E 237 28.60 20.27 -45.41
N LEU E 238 29.41 19.61 -46.22
CA LEU E 238 30.13 18.43 -45.77
C LEU E 238 31.46 18.86 -45.19
N TYR E 239 31.68 18.55 -43.91
CA TYR E 239 32.86 19.00 -43.18
C TYR E 239 34.13 18.53 -43.89
N GLY E 240 35.07 19.45 -44.04
CA GLY E 240 36.35 19.16 -44.69
C GLY E 240 36.29 19.08 -46.20
N GLU E 241 35.08 19.19 -46.74
CA GLU E 241 34.88 19.14 -48.18
C GLU E 241 34.29 20.45 -48.69
N GLY E 242 33.26 20.94 -48.03
CA GLY E 242 32.58 22.16 -48.44
C GLY E 242 31.13 21.94 -48.81
N ILE E 243 30.56 22.87 -49.57
CA ILE E 243 29.20 22.76 -50.08
C ILE E 243 29.07 21.52 -50.99
N ASN E 244 28.18 20.54 -50.66
CA ASN E 244 27.93 19.35 -51.50
C ASN E 244 27.25 19.77 -52.80
N PHE E 245 28.08 20.17 -53.74
CA PHE E 245 27.63 20.75 -55.01
C PHE E 245 26.97 19.72 -55.92
N TYR E 246 27.61 18.56 -56.06
CA TYR E 246 27.09 17.51 -56.92
C TYR E 246 25.84 16.87 -56.35
N GLY E 247 25.73 16.89 -55.01
CA GLY E 247 24.49 16.50 -54.34
C GLY E 247 23.33 17.36 -54.84
N GLU E 248 23.52 18.67 -54.85
CA GLU E 248 22.53 19.61 -55.37
C GLU E 248 22.20 19.27 -56.81
N LEU E 249 23.25 19.07 -57.60
CA LEU E 249 23.10 18.80 -59.03
C LEU E 249 22.19 17.59 -59.27
N VAL E 250 22.38 16.54 -58.49
CA VAL E 250 21.51 15.37 -58.56
C VAL E 250 20.06 15.76 -58.30
N ASP E 251 19.80 16.39 -57.15
CA ASP E 251 18.43 16.76 -56.76
C ASP E 251 17.77 17.70 -57.76
N LEU E 252 18.51 18.70 -58.23
CA LEU E 252 18.02 19.64 -59.23
C LEU E 252 17.78 18.97 -60.58
N GLY E 253 18.67 18.05 -60.94
CA GLY E 253 18.56 17.29 -62.18
C GLY E 253 17.34 16.41 -62.19
N VAL E 254 17.13 15.68 -61.10
CA VAL E 254 15.96 14.81 -60.93
C VAL E 254 14.67 15.62 -60.95
N LYS E 255 14.69 16.75 -60.25
CA LYS E 255 13.53 17.65 -60.16
C LYS E 255 13.15 18.19 -61.54
N GLU E 256 14.16 18.47 -62.36
CA GLU E 256 13.93 19.04 -63.70
C GLU E 256 13.78 17.98 -64.81
N LYS E 257 13.67 16.71 -64.40
CA LYS E 257 13.50 15.58 -65.32
C LYS E 257 14.67 15.41 -66.30
N LEU E 258 15.86 15.85 -65.88
CA LEU E 258 17.07 15.63 -66.66
C LEU E 258 17.73 14.32 -66.23
N ILE E 259 17.54 13.97 -64.97
CA ILE E 259 18.01 12.70 -64.44
C ILE E 259 16.79 11.85 -64.04
N GLU E 260 16.81 10.59 -64.47
CA GLU E 260 15.76 9.64 -64.18
C GLU E 260 15.94 9.04 -62.80
N LYS E 261 14.85 8.85 -62.07
CA LYS E 261 14.92 8.17 -60.77
C LYS E 261 13.87 7.06 -60.69
N ALA E 262 14.32 5.82 -60.87
CA ALA E 262 13.47 4.64 -60.77
C ALA E 262 13.65 3.95 -59.41
N GLY E 263 12.94 4.45 -58.41
CA GLY E 263 13.07 3.97 -57.03
C GLY E 263 14.36 4.49 -56.40
N ALA E 264 15.37 3.63 -56.38
CA ALA E 264 16.70 3.99 -55.88
C ALA E 264 17.71 4.15 -57.02
N TRP E 265 17.30 3.76 -58.22
CA TRP E 265 18.18 3.81 -59.40
C TRP E 265 18.14 5.13 -60.15
N TYR E 266 19.29 5.78 -60.23
CA TYR E 266 19.43 7.03 -60.96
C TYR E 266 20.00 6.78 -62.36
N SER E 267 19.25 7.21 -63.38
CA SER E 267 19.68 7.06 -64.77
C SER E 267 19.88 8.43 -65.43
N TYR E 268 20.85 8.52 -66.33
CA TYR E 268 20.99 9.71 -67.17
C TYR E 268 21.05 9.30 -68.62
N LYS E 269 20.06 9.76 -69.38
CA LYS E 269 19.92 9.43 -70.80
C LYS E 269 20.05 7.93 -71.06
N GLY E 270 19.25 7.14 -70.35
CA GLY E 270 19.20 5.69 -70.53
C GLY E 270 20.25 4.93 -69.74
N GLU E 271 21.45 5.50 -69.69
CA GLU E 271 22.58 4.93 -68.94
C GLU E 271 22.37 5.14 -67.43
N LYS E 272 22.52 4.05 -66.68
CA LYS E 272 22.40 4.11 -65.23
C LYS E 272 23.69 4.65 -64.63
N ILE E 273 23.56 5.62 -63.73
CA ILE E 273 24.73 6.32 -63.17
C ILE E 273 25.01 6.01 -61.70
N GLY E 274 24.04 5.40 -61.01
CA GLY E 274 24.24 5.01 -59.62
C GLY E 274 22.98 4.63 -58.88
N GLN E 275 23.18 3.89 -57.79
CA GLN E 275 22.08 3.50 -56.92
C GLN E 275 22.18 4.28 -55.60
N GLY E 276 21.11 5.03 -55.29
CA GLY E 276 21.10 5.90 -54.13
C GLY E 276 21.82 7.20 -54.42
N LYS E 277 21.30 8.30 -53.87
CA LYS E 277 21.84 9.65 -54.11
C LYS E 277 23.36 9.70 -53.91
N ALA E 278 23.85 8.96 -52.91
CA ALA E 278 25.29 8.88 -52.62
C ALA E 278 26.13 8.51 -53.85
N ASN E 279 25.73 7.44 -54.55
CA ASN E 279 26.45 6.96 -55.72
C ASN E 279 26.31 7.85 -56.95
N ALA E 280 25.11 8.36 -57.16
CA ALA E 280 24.83 9.28 -58.26
C ALA E 280 25.71 10.53 -58.16
N THR E 281 25.88 11.02 -56.93
CA THR E 281 26.75 12.16 -56.65
C THR E 281 28.20 11.83 -57.04
N ALA E 282 28.66 10.63 -56.65
CA ALA E 282 30.01 10.17 -56.94
C ALA E 282 30.28 10.04 -58.43
N TRP E 283 29.24 9.64 -59.17
CA TRP E 283 29.33 9.51 -60.62
C TRP E 283 29.55 10.86 -61.31
N LEU E 284 28.90 11.90 -60.81
CA LEU E 284 29.05 13.24 -61.37
C LEU E 284 30.42 13.85 -61.08
N LYS E 285 30.98 13.54 -59.91
CA LYS E 285 32.38 13.87 -59.63
C LYS E 285 33.27 13.23 -60.69
N ASP E 286 32.99 11.97 -61.01
CA ASP E 286 33.76 11.18 -61.97
C ASP E 286 33.64 11.64 -63.42
N ASN E 287 32.47 12.18 -63.78
CA ASN E 287 32.24 12.69 -65.13
C ASN E 287 31.98 14.18 -65.11
N PRO E 288 33.05 14.99 -64.96
CA PRO E 288 32.87 16.44 -64.80
C PRO E 288 32.33 17.10 -66.06
N GLU E 289 32.57 16.47 -67.20
CA GLU E 289 32.12 16.99 -68.50
C GLU E 289 30.61 16.90 -68.61
N THR E 290 30.08 15.76 -68.16
CA THR E 290 28.64 15.51 -68.13
C THR E 290 27.98 16.38 -67.06
N ALA E 291 28.66 16.57 -65.94
CA ALA E 291 28.19 17.43 -64.87
C ALA E 291 27.99 18.86 -65.37
N LYS E 292 28.99 19.40 -66.08
CA LYS E 292 28.90 20.75 -66.67
C LYS E 292 27.68 20.86 -67.58
N GLU E 293 27.43 19.82 -68.36
CA GLU E 293 26.32 19.76 -69.30
C GLU E 293 24.97 19.83 -68.57
N ILE E 294 24.81 19.01 -67.54
CA ILE E 294 23.58 19.00 -66.76
C ILE E 294 23.40 20.33 -66.03
N GLU E 295 24.48 20.84 -65.45
CA GLU E 295 24.45 22.12 -64.75
C GLU E 295 23.99 23.25 -65.67
N LYS E 296 24.57 23.32 -66.86
CA LYS E 296 24.22 24.36 -67.83
C LYS E 296 22.72 24.36 -68.13
N LYS E 297 22.15 23.16 -68.30
CA LYS E 297 20.73 23.00 -68.58
C LYS E 297 19.86 23.38 -67.40
N VAL E 298 20.29 22.99 -66.19
CA VAL E 298 19.57 23.35 -64.98
C VAL E 298 19.51 24.88 -64.85
N ARG E 299 20.65 25.53 -65.07
CA ARG E 299 20.72 26.99 -65.03
C ARG E 299 19.82 27.65 -66.06
N GLU E 300 19.88 27.17 -67.31
CA GLU E 300 19.01 27.65 -68.38
C GLU E 300 17.54 27.54 -68.00
N LEU E 301 17.17 26.40 -67.43
CA LEU E 301 15.79 26.14 -66.98
C LEU E 301 15.34 26.99 -65.79
N LEU E 302 16.25 27.27 -64.87
CA LEU E 302 15.85 27.82 -63.57
C LEU E 302 16.33 29.23 -63.18
N LEU E 303 17.32 29.75 -63.89
CA LEU E 303 17.78 31.12 -63.65
C LEU E 303 16.78 32.11 -64.24
N SER E 304 16.16 32.90 -63.37
CA SER E 304 15.10 33.84 -63.74
C SER E 304 15.65 35.04 -64.51
N ASN E 305 16.79 35.54 -64.06
CA ASN E 305 17.49 36.63 -64.73
C ASN E 305 18.66 36.09 -65.57
N PRO E 306 18.60 36.29 -66.91
CA PRO E 306 19.71 35.88 -67.79
C PRO E 306 20.98 36.70 -67.54
N ASN E 307 22.14 36.03 -67.62
CA ASN E 307 23.43 36.70 -67.45
C ASN E 307 23.79 37.60 -68.64
N SER E 308 23.29 37.25 -69.82
CA SER E 308 23.49 38.05 -71.03
C SER E 308 22.37 37.75 -72.04
N ALA E 325 48.96 41.30 -70.91
CA ALA E 325 48.94 42.79 -71.03
C ALA E 325 47.92 43.41 -70.07
N ILE E 326 46.84 42.69 -69.82
CA ILE E 326 45.70 43.20 -69.03
C ILE E 326 45.89 42.96 -67.53
N ASP E 327 46.37 41.77 -67.18
CA ASP E 327 46.54 41.35 -65.78
C ASP E 327 47.89 41.75 -65.18
N GLU E 328 48.82 42.15 -66.05
CA GLU E 328 50.14 42.60 -65.61
C GLU E 328 50.09 44.01 -65.04
N ASN E 329 49.16 44.81 -65.55
CA ASN E 329 48.87 46.13 -64.97
C ASN E 329 48.27 46.00 -63.57
N LYS E 330 47.47 44.95 -63.37
CA LYS E 330 46.81 44.69 -62.10
C LYS E 330 47.81 44.41 -60.99
N GLN E 331 48.81 43.57 -61.29
CA GLN E 331 49.84 43.20 -60.31
C GLN E 331 50.71 44.39 -59.94
N LYS E 332 51.00 45.23 -60.94
CA LYS E 332 51.70 46.50 -60.74
C LYS E 332 50.98 47.34 -59.69
N ALA E 333 49.65 47.43 -59.78
CA ALA E 333 48.84 48.19 -58.84
C ALA E 333 48.59 47.45 -57.53
N LEU E 334 48.61 46.12 -57.58
CA LEU E 334 48.45 45.27 -56.39
C LEU E 334 49.61 45.44 -55.42
N ALA E 335 50.81 45.16 -55.92
CA ALA E 335 52.04 45.32 -55.14
C ALA E 335 52.18 46.73 -54.58
N ALA E 336 51.78 47.72 -55.38
CA ALA E 336 51.75 49.12 -54.96
C ALA E 336 50.87 49.33 -53.73
N ALA E 337 49.71 48.68 -53.71
CA ALA E 337 48.77 48.79 -52.60
C ALA E 337 49.25 48.03 -51.37
N LEU E 338 49.75 46.82 -51.57
CA LEU E 338 50.30 45.99 -50.49
C LEU E 338 51.47 46.66 -49.80
N GLY E 339 52.34 47.29 -50.60
CA GLY E 339 53.45 48.07 -50.07
C GLY E 339 52.95 49.26 -49.25
N GLN E 340 51.98 49.96 -49.80
CA GLN E 340 51.33 51.09 -49.13
C GLN E 340 50.71 50.69 -47.78
N ILE E 341 50.02 49.55 -47.78
CA ILE E 341 49.36 49.03 -46.58
C ILE E 341 50.36 48.68 -45.50
N GLU E 342 51.41 47.97 -45.89
CA GLU E 342 52.42 47.51 -44.94
C GLU E 342 53.22 48.66 -44.38
N LYS E 343 53.46 49.68 -45.20
CA LYS E 343 54.17 50.88 -44.76
C LYS E 343 53.31 51.70 -43.81
N GLN E 344 51.99 51.56 -43.94
CA GLN E 344 51.04 52.26 -43.08
C GLN E 344 50.73 51.52 -41.79
N PHE E 345 50.56 50.22 -41.87
CA PHE E 345 50.08 49.43 -40.73
C PHE E 345 51.07 48.39 -40.21
N GLY E 346 52.33 48.57 -40.55
CA GLY E 346 53.39 47.77 -39.94
C GLY E 346 53.77 46.50 -40.68
N LYS E 347 54.76 45.82 -40.10
CA LYS E 347 55.43 44.63 -40.67
C LYS E 347 54.52 43.74 -41.50
N GLY E 348 53.82 42.80 -40.87
CA GLY E 348 53.02 41.84 -41.60
C GLY E 348 51.54 42.04 -41.46
N SER E 349 51.08 43.27 -41.70
CA SER E 349 49.66 43.62 -41.56
C SER E 349 48.78 42.95 -42.62
N ILE E 350 49.36 42.70 -43.79
CA ILE E 350 48.69 41.89 -44.82
C ILE E 350 49.70 40.98 -45.51
N MET E 351 49.32 39.71 -45.69
CA MET E 351 50.15 38.75 -46.44
C MET E 351 49.33 37.60 -47.00
N ARG E 352 49.98 36.76 -47.79
CA ARG E 352 49.33 35.57 -48.33
C ARG E 352 49.13 34.55 -47.22
N LEU E 353 47.92 33.99 -47.15
CA LEU E 353 47.53 33.08 -46.08
C LEU E 353 48.53 31.94 -45.92
N GLY E 354 48.94 31.36 -47.03
CA GLY E 354 49.76 30.15 -47.04
C GLY E 354 51.09 30.30 -46.35
N GLU E 355 51.57 31.54 -46.28
CA GLU E 355 52.89 31.80 -45.72
C GLU E 355 52.84 32.48 -44.35
N ASP E 356 51.63 32.75 -43.86
CA ASP E 356 51.49 33.29 -42.52
C ASP E 356 51.63 32.17 -41.49
N ARG E 357 52.74 32.20 -40.76
CA ARG E 357 53.03 31.17 -39.75
C ARG E 357 52.17 31.30 -38.51
N SER E 358 51.90 32.54 -38.11
CA SER E 358 51.14 32.80 -36.89
C SER E 358 49.68 32.38 -37.02
N MET E 359 49.35 31.83 -38.18
CA MET E 359 47.98 31.40 -38.48
C MET E 359 47.80 29.90 -38.22
N ASP E 360 48.91 29.18 -38.08
CA ASP E 360 48.89 27.74 -37.88
C ASP E 360 48.28 27.37 -36.57
N VAL E 361 47.42 26.35 -36.66
CA VAL E 361 46.72 25.87 -35.48
C VAL E 361 47.59 24.90 -34.66
N GLU E 362 47.82 25.27 -33.41
CA GLU E 362 48.63 24.48 -32.49
C GLU E 362 47.75 24.10 -31.30
N THR E 363 47.84 22.85 -30.83
CA THR E 363 46.93 22.36 -29.77
C THR E 363 47.57 21.95 -28.43
N ILE E 364 46.74 21.86 -27.40
CA ILE E 364 47.11 21.46 -26.05
C ILE E 364 46.23 20.27 -25.69
N SER E 365 46.82 19.26 -25.03
CA SER E 365 46.04 18.12 -24.54
C SER E 365 45.00 18.57 -23.52
N THR E 366 43.84 17.92 -23.53
CA THR E 366 42.77 18.24 -22.59
C THR E 366 42.91 17.44 -21.30
N GLY E 367 43.78 16.44 -21.31
CA GLY E 367 43.93 15.54 -20.17
C GLY E 367 43.12 14.28 -20.37
N SER E 368 42.17 14.33 -21.30
CA SER E 368 41.44 13.15 -21.75
C SER E 368 41.87 12.80 -23.16
N LEU E 369 42.27 11.54 -23.35
CA LEU E 369 42.71 11.06 -24.65
C LEU E 369 41.56 11.02 -25.63
N SER E 370 40.43 10.45 -25.20
CA SER E 370 39.25 10.30 -26.05
C SER E 370 38.66 11.64 -26.44
N LEU E 371 38.82 12.64 -25.57
CA LEU E 371 38.42 14.01 -25.91
C LEU E 371 39.32 14.60 -26.98
N ASP E 372 40.63 14.44 -26.80
CA ASP E 372 41.60 14.89 -27.79
C ASP E 372 41.31 14.27 -29.15
N ILE E 373 40.81 13.03 -29.15
CA ILE E 373 40.39 12.37 -30.38
C ILE E 373 39.08 12.98 -30.91
N ALA E 374 38.11 13.13 -30.03
CA ALA E 374 36.83 13.76 -30.39
C ALA E 374 37.04 15.15 -30.99
N LEU E 375 38.01 15.88 -30.44
CA LEU E 375 38.32 17.24 -30.88
C LEU E 375 38.92 17.29 -32.28
N GLY E 376 39.31 16.12 -32.81
CA GLY E 376 39.81 16.02 -34.17
C GLY E 376 41.28 16.40 -34.33
N ALA E 377 41.65 17.56 -33.81
CA ALA E 377 43.01 18.06 -33.94
C ALA E 377 43.93 17.66 -32.78
N GLY E 378 43.41 16.87 -31.85
CA GLY E 378 44.22 16.33 -30.76
C GLY E 378 44.30 17.20 -29.51
N GLY E 379 43.47 18.22 -29.44
CA GLY E 379 43.43 19.09 -28.26
C GLY E 379 42.80 20.44 -28.54
N LEU E 380 42.78 21.30 -27.52
CA LEU E 380 42.26 22.64 -27.65
C LEU E 380 43.25 23.55 -28.37
N PRO E 381 42.76 24.49 -29.20
CA PRO E 381 43.67 25.31 -30.02
C PRO E 381 44.20 26.57 -29.30
N MET E 382 45.48 26.84 -29.46
CA MET E 382 46.13 27.99 -28.83
C MET E 382 45.75 29.29 -29.51
N GLY E 383 45.62 30.35 -28.72
CA GLY E 383 45.27 31.67 -29.26
C GLY E 383 43.79 31.80 -29.59
N ARG E 384 43.00 30.83 -29.15
CA ARG E 384 41.57 30.80 -29.42
C ARG E 384 40.78 30.85 -28.12
N ILE E 385 39.48 31.11 -28.24
CA ILE E 385 38.57 31.07 -27.10
C ILE E 385 37.79 29.75 -27.14
N VAL E 386 37.64 29.13 -25.97
CA VAL E 386 36.94 27.86 -25.84
C VAL E 386 35.92 27.98 -24.71
N GLU E 387 34.74 27.37 -24.88
CA GLU E 387 33.71 27.34 -23.83
C GLU E 387 33.36 25.91 -23.43
N ILE E 388 33.35 25.65 -22.13
CA ILE E 388 32.84 24.39 -21.59
C ILE E 388 31.63 24.70 -20.74
N TYR E 389 30.50 24.08 -21.06
CA TYR E 389 29.32 24.22 -20.24
C TYR E 389 28.75 22.86 -19.86
N GLY E 390 27.90 22.84 -18.82
CA GLY E 390 27.26 21.62 -18.35
C GLY E 390 26.56 21.86 -17.03
N PRO E 391 25.83 20.84 -16.53
CA PRO E 391 25.13 20.92 -15.24
C PRO E 391 26.09 20.99 -14.07
N GLU E 392 25.59 21.25 -12.87
CA GLU E 392 26.44 21.32 -11.69
C GLU E 392 27.16 20.02 -11.41
N SER E 393 28.41 20.15 -10.94
CA SER E 393 29.26 19.00 -10.62
C SER E 393 29.45 18.03 -11.79
N SER E 394 29.44 18.55 -13.01
CA SER E 394 29.58 17.71 -14.20
C SER E 394 31.03 17.46 -14.54
N GLY E 395 31.89 18.35 -14.05
CA GLY E 395 33.33 18.18 -14.22
C GLY E 395 34.01 19.33 -14.95
N LYS E 396 33.31 20.46 -15.03
CA LYS E 396 33.82 21.62 -15.76
C LYS E 396 35.16 22.11 -15.19
N THR E 397 35.21 22.41 -13.89
CA THR E 397 36.45 22.83 -13.25
C THR E 397 37.51 21.73 -13.34
N THR E 398 37.15 20.52 -12.94
CA THR E 398 38.07 19.38 -12.98
C THR E 398 38.77 19.28 -14.34
N LEU E 399 37.98 19.24 -15.41
CA LEU E 399 38.54 19.15 -16.75
C LEU E 399 39.48 20.31 -17.02
N THR E 400 39.00 21.52 -16.79
CA THR E 400 39.82 22.72 -16.84
C THR E 400 41.18 22.57 -16.17
N LEU E 401 41.17 22.13 -14.91
CA LEU E 401 42.41 21.97 -14.14
C LEU E 401 43.32 20.93 -14.77
N GLN E 402 42.73 19.86 -15.32
CA GLN E 402 43.49 18.82 -16.01
C GLN E 402 44.25 19.37 -17.20
N VAL E 403 43.63 20.26 -17.99
CA VAL E 403 44.33 20.86 -19.13
C VAL E 403 45.46 21.77 -18.63
N ILE E 404 45.19 22.53 -17.55
CA ILE E 404 46.26 23.33 -16.92
C ILE E 404 47.43 22.42 -16.49
N ALA E 405 47.10 21.35 -15.76
CA ALA E 405 48.11 20.40 -15.29
C ALA E 405 48.99 19.90 -16.42
N ALA E 406 48.34 19.47 -17.52
CA ALA E 406 49.04 19.02 -18.72
C ALA E 406 49.91 20.10 -19.34
N ALA E 407 49.40 21.33 -19.39
CA ALA E 407 50.12 22.47 -19.96
C ALA E 407 51.34 22.82 -19.12
N GLN E 408 51.18 22.77 -17.80
CA GLN E 408 52.27 23.05 -16.87
C GLN E 408 53.34 21.98 -16.99
N ARG E 409 52.90 20.74 -17.21
CA ARG E 409 53.78 19.59 -17.41
C ARG E 409 54.72 19.85 -18.59
N GLU E 410 54.38 20.83 -19.42
CA GLU E 410 55.18 21.18 -20.59
C GLU E 410 55.71 22.61 -20.54
N GLY E 411 55.90 23.13 -19.33
CA GLY E 411 56.53 24.43 -19.12
C GLY E 411 55.72 25.64 -19.53
N LYS E 412 54.40 25.49 -19.61
CA LYS E 412 53.55 26.60 -19.96
C LYS E 412 53.04 27.30 -18.70
N THR E 413 52.83 28.61 -18.81
CA THR E 413 52.33 29.39 -17.68
C THR E 413 50.81 29.51 -17.78
N CYS E 414 50.13 29.26 -16.66
CA CYS E 414 48.66 29.27 -16.65
C CYS E 414 48.09 30.20 -15.59
N ALA E 415 46.94 30.78 -15.89
CA ALA E 415 46.23 31.62 -14.95
C ALA E 415 44.81 31.09 -14.77
N PHE E 416 44.31 31.18 -13.53
CA PHE E 416 42.96 30.75 -13.22
C PHE E 416 42.21 31.90 -12.59
N ILE E 417 41.11 32.30 -13.24
CA ILE E 417 40.26 33.36 -12.72
C ILE E 417 39.05 32.74 -12.05
N ASP E 418 39.09 32.66 -10.72
CA ASP E 418 38.05 31.98 -9.95
C ASP E 418 36.93 32.95 -9.55
N ALA E 419 36.13 33.34 -10.53
CA ALA E 419 35.03 34.28 -10.31
C ALA E 419 33.91 33.62 -9.51
N GLU E 420 33.89 32.30 -9.56
CA GLU E 420 32.88 31.49 -8.89
C GLU E 420 33.23 31.34 -7.41
N HIS E 421 34.48 31.70 -7.07
CA HIS E 421 34.99 31.68 -5.68
C HIS E 421 34.85 30.33 -5.00
N ALA E 422 35.25 29.26 -5.67
CA ALA E 422 35.04 27.93 -5.16
C ALA E 422 36.19 26.96 -5.41
N LEU E 423 37.31 27.48 -5.92
CA LEU E 423 38.50 26.66 -6.21
C LEU E 423 39.17 26.17 -4.93
N ASP E 424 39.42 24.87 -4.87
CA ASP E 424 40.13 24.28 -3.73
C ASP E 424 41.57 23.97 -4.16
N PRO E 425 42.53 24.77 -3.68
CA PRO E 425 43.92 24.61 -4.06
C PRO E 425 44.43 23.19 -3.80
N ILE E 426 44.10 22.63 -2.65
CA ILE E 426 44.55 21.28 -2.30
C ILE E 426 44.03 20.24 -3.30
N TYR E 427 42.79 20.40 -3.75
CA TYR E 427 42.25 19.47 -4.73
C TYR E 427 42.91 19.67 -6.10
N ALA E 428 43.15 20.92 -6.47
CA ALA E 428 43.88 21.23 -7.70
C ALA E 428 45.22 20.53 -7.72
N ARG E 429 45.91 20.53 -6.58
CA ARG E 429 47.19 19.83 -6.45
C ARG E 429 47.02 18.33 -6.66
N LYS E 430 45.98 17.76 -6.05
CA LYS E 430 45.68 16.33 -6.22
C LYS E 430 45.49 15.97 -7.68
N LEU E 431 44.94 16.90 -8.46
CA LEU E 431 44.74 16.67 -9.90
C LEU E 431 46.04 16.89 -10.70
N GLY E 432 47.12 17.22 -10.00
CA GLY E 432 48.44 17.36 -10.62
C GLY E 432 48.76 18.76 -11.11
N VAL E 433 48.03 19.75 -10.61
CA VAL E 433 48.33 21.14 -10.93
C VAL E 433 49.49 21.60 -10.06
N ASP E 434 50.46 22.26 -10.68
CA ASP E 434 51.52 22.92 -9.94
C ASP E 434 50.98 24.21 -9.33
N ILE E 435 50.55 24.10 -8.08
CA ILE E 435 49.87 25.17 -7.35
C ILE E 435 50.73 26.43 -7.23
N ASP E 436 52.02 26.23 -6.96
CA ASP E 436 52.95 27.32 -6.71
C ASP E 436 53.24 28.21 -7.91
N ASN E 437 52.90 27.73 -9.10
CA ASN E 437 53.16 28.48 -10.32
C ASN E 437 51.88 28.82 -11.08
N LEU E 438 50.76 28.30 -10.62
CA LEU E 438 49.46 28.62 -11.20
C LEU E 438 49.03 30.00 -10.72
N LEU E 439 49.04 30.97 -11.63
CA LEU E 439 48.52 32.30 -11.34
C LEU E 439 47.04 32.20 -11.06
N CYS E 440 46.60 32.95 -10.06
CA CYS E 440 45.22 32.82 -9.61
C CYS E 440 44.64 34.11 -9.09
N SER E 441 43.44 34.42 -9.55
CA SER E 441 42.77 35.65 -9.17
C SER E 441 41.34 35.38 -8.75
N GLN E 442 40.91 36.08 -7.70
CA GLN E 442 39.50 36.07 -7.30
C GLN E 442 38.94 37.47 -7.37
N PRO E 443 38.46 37.86 -8.56
CA PRO E 443 38.11 39.23 -8.89
C PRO E 443 36.82 39.66 -8.20
N ASP E 444 36.66 40.97 -8.02
CA ASP E 444 35.47 41.52 -7.39
C ASP E 444 34.32 41.65 -8.39
N THR E 445 34.57 42.37 -9.48
CA THR E 445 33.58 42.55 -10.54
C THR E 445 33.95 41.74 -11.77
N GLY E 446 32.97 41.53 -12.65
CA GLY E 446 33.18 40.85 -13.91
C GLY E 446 34.09 41.64 -14.83
N GLU E 447 33.94 42.96 -14.82
CA GLU E 447 34.81 43.82 -15.63
C GLU E 447 36.28 43.66 -15.22
N GLN E 448 36.52 43.61 -13.92
CA GLN E 448 37.86 43.37 -13.38
C GLN E 448 38.39 42.04 -13.88
N ALA E 449 37.59 40.99 -13.77
CA ALA E 449 37.97 39.65 -14.23
C ALA E 449 38.45 39.66 -15.68
N LEU E 450 37.71 40.35 -16.53
CA LEU E 450 37.99 40.38 -17.95
C LEU E 450 39.13 41.33 -18.28
N GLU E 451 39.25 42.41 -17.51
CA GLU E 451 40.40 43.31 -17.65
C GLU E 451 41.69 42.62 -17.30
N ILE E 452 41.64 41.73 -16.31
CA ILE E 452 42.79 40.92 -15.95
C ILE E 452 43.16 39.98 -17.09
N CYS E 453 42.17 39.33 -17.70
CA CYS E 453 42.39 38.48 -18.87
C CYS E 453 43.09 39.22 -19.97
N ASP E 454 42.59 40.43 -20.26
CA ASP E 454 43.11 41.23 -21.35
C ASP E 454 44.57 41.60 -21.08
N ALA E 455 44.85 41.99 -19.85
CA ALA E 455 46.22 42.30 -19.43
C ALA E 455 47.17 41.11 -19.62
N LEU E 456 46.74 39.94 -19.16
CA LEU E 456 47.54 38.72 -19.31
C LEU E 456 47.69 38.31 -20.77
N ALA E 457 46.60 38.43 -21.53
CA ALA E 457 46.65 38.18 -22.96
C ALA E 457 47.72 39.07 -23.59
N ARG E 458 47.59 40.39 -23.40
CA ARG E 458 48.53 41.36 -23.97
C ARG E 458 49.98 41.14 -23.57
N SER E 459 50.21 40.69 -22.34
CA SER E 459 51.57 40.46 -21.82
C SER E 459 52.36 39.46 -22.65
N GLY E 460 51.66 38.49 -23.23
CA GLY E 460 52.28 37.42 -24.00
C GLY E 460 53.03 36.44 -23.14
N ALA E 461 52.83 36.53 -21.83
CA ALA E 461 53.57 35.74 -20.86
C ALA E 461 52.78 34.54 -20.34
N VAL E 462 51.45 34.59 -20.50
CA VAL E 462 50.60 33.49 -20.07
C VAL E 462 50.15 32.68 -21.28
N ASP E 463 50.16 31.35 -21.14
CA ASP E 463 49.83 30.44 -22.23
C ASP E 463 48.37 29.99 -22.23
N VAL E 464 47.85 29.67 -21.05
CA VAL E 464 46.44 29.33 -20.92
C VAL E 464 45.79 30.03 -19.73
N ILE E 465 44.66 30.68 -20.00
CA ILE E 465 43.86 31.32 -18.97
C ILE E 465 42.49 30.65 -18.93
N VAL E 466 42.03 30.29 -17.74
CA VAL E 466 40.65 29.83 -17.60
C VAL E 466 39.87 30.70 -16.65
N VAL E 467 38.65 31.05 -17.08
CA VAL E 467 37.69 31.81 -16.29
C VAL E 467 36.61 30.85 -15.80
N ASP E 468 36.56 30.61 -14.49
CA ASP E 468 35.56 29.71 -13.92
C ASP E 468 34.23 30.43 -13.63
N SER E 469 33.27 30.10 -14.49
CA SER E 469 31.90 30.62 -14.54
C SER E 469 31.80 32.02 -15.08
N VAL E 470 31.34 32.14 -16.32
CA VAL E 470 30.92 33.45 -16.85
C VAL E 470 29.67 33.83 -16.06
N ALA E 471 28.92 32.81 -15.67
CA ALA E 471 27.74 32.97 -14.83
C ALA E 471 28.03 33.85 -13.62
N ALA E 472 29.23 33.73 -13.08
CA ALA E 472 29.63 34.45 -11.88
C ALA E 472 30.30 35.80 -12.18
N LEU E 473 30.48 36.11 -13.46
CA LEU E 473 31.04 37.41 -13.90
C LEU E 473 30.05 38.55 -13.70
N THR E 474 29.95 39.05 -12.48
CA THR E 474 28.95 40.06 -12.10
C THR E 474 29.40 41.46 -12.48
N PRO E 475 28.64 42.13 -13.36
CA PRO E 475 28.90 43.53 -13.74
C PRO E 475 29.01 44.45 -12.54
N LYS E 476 29.84 45.48 -12.67
CA LYS E 476 30.13 46.40 -11.58
C LYS E 476 28.88 47.10 -11.06
N ALA E 477 28.01 47.51 -11.99
CA ALA E 477 26.77 48.20 -11.64
C ALA E 477 25.83 47.30 -10.85
N GLU E 478 25.86 46.00 -11.14
CA GLU E 478 25.01 45.03 -10.44
C GLU E 478 25.45 44.85 -9.00
N ILE E 479 26.75 44.85 -8.81
CA ILE E 479 27.31 44.72 -7.49
C ILE E 479 26.99 45.93 -6.62
N GLU E 480 27.11 47.11 -7.20
CA GLU E 480 26.82 48.35 -6.48
C GLU E 480 25.31 48.58 -6.30
N GLY E 481 24.53 48.06 -7.24
CA GLY E 481 23.07 48.12 -7.15
C GLY E 481 22.52 47.18 -6.10
N GLU E 482 21.21 47.23 -5.88
CA GLU E 482 20.55 46.35 -4.92
C GLU E 482 20.06 45.05 -5.56
N ILE E 483 19.71 44.07 -4.72
CA ILE E 483 19.11 42.84 -5.20
C ILE E 483 17.67 43.13 -5.56
N GLY E 484 17.34 42.89 -6.82
CA GLY E 484 16.02 43.19 -7.35
C GLY E 484 16.08 44.28 -8.40
N ASP E 485 17.21 45.00 -8.43
CA ASP E 485 17.47 46.00 -9.46
C ASP E 485 17.56 45.34 -10.82
N SER E 486 17.01 46.00 -11.82
CA SER E 486 16.97 45.45 -13.16
C SER E 486 18.14 45.99 -13.98
N HIS E 487 18.94 45.09 -14.54
CA HIS E 487 20.07 45.47 -15.38
C HIS E 487 19.97 44.78 -16.73
N MET E 488 18.94 45.16 -17.49
CA MET E 488 18.66 44.51 -18.78
C MET E 488 19.88 44.40 -19.70
N GLY E 489 20.18 43.17 -20.08
CA GLY E 489 21.28 42.88 -21.00
C GLY E 489 22.67 43.40 -20.66
N LEU E 490 22.91 43.77 -19.40
CA LEU E 490 24.19 44.36 -19.01
C LEU E 490 25.32 43.35 -19.12
N ALA E 491 25.14 42.18 -18.53
CA ALA E 491 26.17 41.14 -18.55
C ALA E 491 26.44 40.69 -19.97
N ALA E 492 25.40 40.60 -20.77
CA ALA E 492 25.51 40.20 -22.15
C ALA E 492 26.33 41.19 -22.94
N ARG E 493 26.07 42.48 -22.70
CA ARG E 493 26.72 43.56 -23.42
C ARG E 493 28.19 43.65 -23.04
N MET E 494 28.47 43.35 -21.77
CA MET E 494 29.83 43.32 -21.23
C MET E 494 30.63 42.18 -21.86
N MET E 495 30.02 40.99 -21.92
CA MET E 495 30.61 39.83 -22.58
C MET E 495 30.90 40.10 -24.05
N SER E 496 29.94 40.74 -24.71
CA SER E 496 30.03 41.07 -26.12
C SER E 496 31.22 42.00 -26.35
N GLN E 497 31.40 42.95 -25.44
CA GLN E 497 32.54 43.86 -25.50
C GLN E 497 33.86 43.14 -25.26
N ALA E 498 33.87 42.25 -24.26
CA ALA E 498 35.06 41.48 -23.92
C ALA E 498 35.58 40.70 -25.11
N MET E 499 34.71 39.96 -25.80
CA MET E 499 35.11 39.17 -26.95
C MET E 499 35.82 40.00 -28.01
N ARG E 500 35.22 41.13 -28.37
CA ARG E 500 35.82 42.06 -29.33
C ARG E 500 37.26 42.38 -28.99
N LYS E 501 37.49 42.78 -27.74
CA LYS E 501 38.81 43.16 -27.26
C LYS E 501 39.76 41.98 -27.09
N LEU E 502 39.25 40.85 -26.61
CA LEU E 502 40.10 39.69 -26.33
C LEU E 502 40.58 38.93 -27.56
N ALA E 503 39.66 38.63 -28.48
CA ALA E 503 39.95 37.80 -29.65
C ALA E 503 41.29 38.12 -30.28
N GLY E 504 41.51 39.41 -30.57
CA GLY E 504 42.75 39.86 -31.21
C GLY E 504 44.00 39.68 -30.36
N ASN E 505 43.91 40.10 -29.09
CA ASN E 505 45.02 39.98 -28.15
C ASN E 505 45.41 38.54 -27.87
N LEU E 506 44.44 37.65 -27.87
CA LEU E 506 44.68 36.24 -27.60
C LEU E 506 45.39 35.57 -28.75
N LYS E 507 45.00 35.91 -29.97
CA LYS E 507 45.63 35.34 -31.16
C LYS E 507 47.09 35.79 -31.26
N GLN E 508 47.34 37.10 -31.09
CA GLN E 508 48.70 37.63 -31.22
C GLN E 508 49.66 37.17 -30.13
N SER E 509 49.12 36.68 -29.03
CA SER E 509 49.92 36.17 -27.91
C SER E 509 49.95 34.66 -27.88
N ASN E 510 49.16 34.05 -28.77
CA ASN E 510 48.99 32.61 -28.81
C ASN E 510 48.51 32.03 -27.46
N THR E 511 47.62 32.77 -26.82
CA THR E 511 47.08 32.42 -25.51
C THR E 511 45.73 31.75 -25.66
N LEU E 512 45.58 30.56 -25.08
CA LEU E 512 44.27 29.91 -25.04
C LEU E 512 43.45 30.45 -23.87
N LEU E 513 42.18 30.77 -24.13
CA LEU E 513 41.28 31.22 -23.07
C LEU E 513 40.09 30.29 -22.95
N ILE E 514 39.93 29.64 -21.81
CA ILE E 514 38.79 28.76 -21.58
C ILE E 514 37.75 29.40 -20.66
N PHE E 515 36.52 29.51 -21.15
CA PHE E 515 35.41 29.98 -20.33
C PHE E 515 34.58 28.81 -19.85
N ILE E 516 34.40 28.72 -18.53
CA ILE E 516 33.43 27.77 -18.00
C ILE E 516 32.06 28.45 -17.87
N ASN E 517 31.02 27.82 -18.38
CA ASN E 517 29.69 28.37 -18.25
C ASN E 517 28.72 27.41 -17.56
N GLN E 518 27.69 27.96 -16.95
CA GLN E 518 26.64 27.17 -16.35
C GLN E 518 25.45 27.12 -17.28
N ILE E 519 24.50 26.22 -16.98
CA ILE E 519 23.28 26.11 -17.75
C ILE E 519 22.13 26.80 -17.02
N ARG E 520 21.37 27.59 -17.76
CA ARG E 520 20.08 28.06 -17.27
C ARG E 520 18.98 27.51 -18.17
N MET E 521 17.75 27.57 -17.69
CA MET E 521 16.63 27.12 -18.46
C MET E 521 16.01 28.36 -19.10
N LYS E 522 15.75 28.31 -20.41
CA LYS E 522 14.98 29.38 -21.04
C LYS E 522 13.52 28.98 -20.95
N ILE E 523 12.63 29.96 -20.88
CA ILE E 523 11.25 29.67 -20.54
C ILE E 523 10.28 30.18 -21.61
N GLY E 524 9.34 29.33 -22.00
CA GLY E 524 8.39 29.61 -23.08
C GLY E 524 8.83 28.98 -24.39
N VAL E 525 9.31 27.74 -24.30
CA VAL E 525 9.94 27.02 -25.43
C VAL E 525 9.45 25.55 -25.47
N MET E 526 8.75 25.18 -26.54
CA MET E 526 8.19 23.82 -26.68
C MET E 526 8.99 22.94 -27.65
N PHE E 527 9.54 23.59 -28.68
CA PHE E 527 10.47 22.98 -29.63
C PHE E 527 11.85 22.82 -29.01
N GLY E 528 12.74 22.11 -29.72
CA GLY E 528 14.14 21.98 -29.34
C GLY E 528 14.38 21.64 -27.89
N ASN E 529 15.41 22.26 -27.35
CA ASN E 529 15.69 22.05 -25.94
C ASN E 529 15.76 23.37 -25.17
N PRO E 530 15.31 23.36 -23.91
CA PRO E 530 15.15 24.60 -23.17
C PRO E 530 16.42 25.14 -22.52
N GLU E 531 17.55 24.46 -22.69
CA GLU E 531 18.78 24.85 -22.01
C GLU E 531 19.46 26.04 -22.66
N THR E 532 20.15 26.85 -21.86
CA THR E 532 20.98 27.93 -22.36
C THR E 532 22.19 28.12 -21.48
N THR E 533 22.86 29.23 -21.73
CA THR E 533 24.19 29.50 -21.25
C THR E 533 24.14 30.95 -20.78
N THR E 534 24.86 31.28 -19.72
CA THR E 534 24.80 32.64 -19.19
C THR E 534 25.61 33.61 -20.03
N GLY E 535 25.27 34.89 -19.93
CA GLY E 535 26.10 35.96 -20.50
C GLY E 535 25.97 36.18 -22.00
N GLY E 536 24.75 36.03 -22.51
CA GLY E 536 24.44 36.43 -23.87
C GLY E 536 24.89 35.51 -24.98
N ASN E 537 25.05 36.09 -26.17
CA ASN E 537 25.26 35.33 -27.40
C ASN E 537 26.66 35.47 -28.00
N ALA E 538 27.42 36.44 -27.51
CA ALA E 538 28.74 36.73 -28.04
C ALA E 538 29.65 35.49 -28.01
N LEU E 539 29.73 34.84 -26.86
CA LEU E 539 30.64 33.72 -26.68
C LEU E 539 30.40 32.55 -27.66
N LYS E 540 29.13 32.23 -27.96
CA LYS E 540 28.80 31.15 -28.90
C LYS E 540 29.60 31.34 -30.18
N PHE E 541 29.65 32.60 -30.63
CA PHE E 541 30.24 32.95 -31.91
C PHE E 541 31.75 32.93 -31.87
N TYR E 542 32.32 33.54 -30.84
CA TYR E 542 33.76 33.71 -30.73
C TYR E 542 34.49 32.42 -30.37
N ALA E 543 33.83 31.54 -29.63
CA ALA E 543 34.43 30.25 -29.28
C ALA E 543 34.80 29.47 -30.53
N SER E 544 36.01 28.90 -30.54
CA SER E 544 36.46 28.06 -31.64
C SER E 544 36.08 26.62 -31.36
N VAL E 545 35.87 26.33 -30.08
CA VAL E 545 35.42 25.01 -29.63
C VAL E 545 34.44 25.20 -28.48
N ARG E 546 33.31 24.49 -28.54
CA ARG E 546 32.38 24.46 -27.41
C ARG E 546 32.13 23.03 -26.94
N LEU E 547 32.30 22.82 -25.64
CA LEU E 547 32.18 21.50 -25.04
C LEU E 547 30.97 21.42 -24.12
N ASP E 548 30.15 20.40 -24.33
CA ASP E 548 29.02 20.09 -23.46
C ASP E 548 29.40 18.87 -22.62
N ILE E 549 29.72 19.10 -21.34
CA ILE E 549 30.12 18.03 -20.44
C ILE E 549 28.96 17.61 -19.53
N ARG E 550 28.81 16.31 -19.32
CA ARG E 550 27.72 15.78 -18.49
C ARG E 550 28.11 14.54 -17.70
N ARG E 551 27.64 14.45 -16.46
CA ARG E 551 27.80 13.23 -15.67
C ARG E 551 26.72 12.25 -16.11
N ILE E 552 27.12 11.04 -16.48
CA ILE E 552 26.16 10.08 -17.01
C ILE E 552 25.95 8.87 -16.11
N GLY E 553 26.82 8.72 -15.13
CA GLY E 553 26.73 7.61 -14.19
C GLY E 553 27.77 7.69 -13.09
N ALA E 554 27.71 6.73 -12.17
CA ALA E 554 28.64 6.67 -11.05
C ALA E 554 29.67 5.55 -11.26
N VAL E 555 30.92 5.83 -10.91
CA VAL E 555 31.95 4.79 -10.87
C VAL E 555 31.95 4.20 -9.47
N LYS E 556 31.52 2.95 -9.35
CA LYS E 556 31.32 2.33 -8.05
C LYS E 556 32.40 1.33 -7.65
N GLU E 557 32.64 1.24 -6.35
CA GLU E 557 33.54 0.29 -5.73
C GLU E 557 32.71 -0.60 -4.83
N GLY E 558 31.81 -1.35 -5.45
CA GLY E 558 30.80 -2.12 -4.70
C GLY E 558 29.93 -1.17 -3.92
N GLU E 559 30.38 -0.85 -2.70
CA GLU E 559 29.69 0.11 -1.83
C GLU E 559 29.90 1.56 -2.29
N ASN E 560 31.17 1.95 -2.40
CA ASN E 560 31.54 3.36 -2.56
C ASN E 560 31.34 3.94 -3.94
N VAL E 561 31.01 5.24 -3.96
CA VAL E 561 31.01 5.99 -5.20
C VAL E 561 32.34 6.72 -5.27
N VAL E 562 33.23 6.20 -6.13
CA VAL E 562 34.61 6.66 -6.16
C VAL E 562 34.92 7.57 -7.36
N GLY E 563 33.93 7.72 -8.25
CA GLY E 563 34.09 8.59 -9.41
C GLY E 563 32.82 8.86 -10.21
N SER E 564 32.92 9.80 -11.15
CA SER E 564 31.84 10.13 -12.07
C SER E 564 32.13 9.61 -13.47
N GLU E 565 31.20 8.83 -14.01
CA GLU E 565 31.26 8.45 -15.41
C GLU E 565 30.82 9.66 -16.24
N THR E 566 31.66 10.05 -17.20
CA THR E 566 31.51 11.36 -17.84
C THR E 566 31.43 11.29 -19.37
N ARG E 567 30.63 12.16 -19.97
CA ARG E 567 30.52 12.29 -21.41
C ARG E 567 30.65 13.74 -21.86
N VAL E 568 31.53 14.00 -22.81
CA VAL E 568 31.69 15.33 -23.36
C VAL E 568 31.33 15.33 -24.82
N LYS E 569 30.43 16.22 -25.23
CA LYS E 569 30.08 16.41 -26.65
C LYS E 569 30.79 17.63 -27.20
N VAL E 570 31.34 17.51 -28.40
CA VAL E 570 31.92 18.66 -29.07
C VAL E 570 30.81 19.33 -29.85
N VAL E 571 30.24 20.36 -29.25
CA VAL E 571 29.06 21.02 -29.78
C VAL E 571 29.39 22.01 -30.90
N LYS E 572 30.53 22.68 -30.78
CA LYS E 572 31.04 23.54 -31.84
C LYS E 572 32.52 23.28 -32.07
N ASN E 573 32.93 23.28 -33.35
CA ASN E 573 34.32 23.08 -33.70
C ASN E 573 34.72 23.83 -34.97
N LYS E 574 35.68 24.75 -34.83
CA LYS E 574 36.19 25.53 -35.94
C LYS E 574 37.53 24.97 -36.41
N ILE E 575 37.94 23.88 -35.78
CA ILE E 575 39.32 23.41 -35.87
C ILE E 575 39.38 22.02 -36.51
N ALA E 576 38.25 21.31 -36.41
CA ALA E 576 38.05 19.97 -36.99
C ALA E 576 36.54 19.78 -37.08
N ALA E 577 36.11 18.63 -37.61
CA ALA E 577 34.68 18.29 -37.64
C ALA E 577 34.08 18.27 -36.22
N PRO E 578 32.89 18.87 -36.05
CA PRO E 578 32.20 18.87 -34.75
C PRO E 578 31.35 17.62 -34.51
N PHE E 579 30.75 17.55 -33.33
CA PHE E 579 29.74 16.55 -32.97
C PHE E 579 30.27 15.15 -32.69
N LYS E 580 31.57 15.02 -32.51
CA LYS E 580 32.12 13.78 -31.96
C LYS E 580 32.02 13.87 -30.45
N GLN E 581 32.04 12.72 -29.77
CA GLN E 581 31.95 12.74 -28.33
C GLN E 581 32.94 11.83 -27.62
N ALA E 582 33.20 12.11 -26.36
CA ALA E 582 34.18 11.37 -25.59
C ALA E 582 33.57 10.94 -24.27
N GLU E 583 33.73 9.67 -23.91
CA GLU E 583 33.32 9.17 -22.61
C GLU E 583 34.54 8.75 -21.81
N PHE E 584 34.61 9.18 -20.56
CA PHE E 584 35.71 8.80 -19.69
C PHE E 584 35.28 8.84 -18.24
N GLN E 585 36.19 8.52 -17.33
CA GLN E 585 35.92 8.54 -15.90
C GLN E 585 36.65 9.68 -15.21
N ILE E 586 35.94 10.37 -14.32
CA ILE E 586 36.58 11.29 -13.41
C ILE E 586 36.62 10.60 -12.06
N LEU E 587 37.81 10.17 -11.67
CA LEU E 587 37.99 9.56 -10.37
C LEU E 587 38.30 10.63 -9.35
N TYR E 588 37.46 10.73 -8.32
CA TYR E 588 37.57 11.79 -7.33
C TYR E 588 38.94 11.77 -6.67
N GLY E 589 39.56 12.94 -6.56
CA GLY E 589 40.87 13.08 -5.92
C GLY E 589 42.02 12.63 -6.80
N GLU E 590 41.71 12.10 -7.97
CA GLU E 590 42.72 11.63 -8.89
C GLU E 590 42.66 12.41 -10.20
N GLY E 591 41.45 12.55 -10.75
CA GLY E 591 41.25 13.24 -12.02
C GLY E 591 40.68 12.35 -13.09
N ILE E 592 40.86 12.75 -14.34
CA ILE E 592 40.44 11.96 -15.51
C ILE E 592 41.22 10.63 -15.57
N ASN E 593 40.51 9.49 -15.70
CA ASN E 593 41.16 8.17 -15.84
C ASN E 593 41.73 7.99 -17.24
N PHE E 594 42.94 8.51 -17.42
CA PHE E 594 43.58 8.56 -18.74
C PHE E 594 44.00 7.18 -19.22
N TYR E 595 44.62 6.40 -18.35
CA TYR E 595 45.10 5.08 -18.71
C TYR E 595 43.95 4.11 -18.92
N GLY E 596 42.85 4.35 -18.22
CA GLY E 596 41.60 3.63 -18.48
C GLY E 596 41.17 3.78 -19.93
N GLU E 597 41.16 5.02 -20.42
CA GLU E 597 40.87 5.32 -21.82
C GLU E 597 41.83 4.57 -22.73
N LEU E 598 43.13 4.67 -22.41
CA LEU E 598 44.17 4.06 -23.21
C LEU E 598 43.93 2.57 -23.39
N VAL E 599 43.56 1.88 -22.32
CA VAL E 599 43.21 0.47 -22.41
C VAL E 599 42.06 0.26 -23.40
N ASP E 600 40.93 0.93 -23.18
CA ASP E 600 39.75 0.76 -24.05
C ASP E 600 40.02 1.09 -25.51
N LEU E 601 40.74 2.19 -25.74
CA LEU E 601 41.10 2.61 -27.09
C LEU E 601 42.09 1.63 -27.74
N GLY E 602 43.03 1.13 -26.92
CA GLY E 602 44.01 0.16 -27.37
C GLY E 602 43.37 -1.16 -27.79
N VAL E 603 42.46 -1.66 -26.96
CA VAL E 603 41.72 -2.88 -27.24
C VAL E 603 40.86 -2.72 -28.48
N LYS E 604 40.18 -1.57 -28.58
CA LYS E 604 39.32 -1.26 -29.71
C LYS E 604 40.10 -1.23 -31.03
N GLU E 605 41.33 -0.73 -30.97
CA GLU E 605 42.17 -0.61 -32.17
C GLU E 605 43.06 -1.83 -32.41
N LYS E 606 42.82 -2.91 -31.67
CA LYS E 606 43.56 -4.17 -31.79
C LYS E 606 45.06 -4.02 -31.52
N LEU E 607 45.41 -3.05 -30.68
CA LEU E 607 46.79 -2.89 -30.23
C LEU E 607 47.00 -3.68 -28.93
N ILE E 608 45.93 -3.80 -28.15
CA ILE E 608 45.94 -4.62 -26.95
C ILE E 608 44.99 -5.78 -27.15
N GLU E 609 45.47 -6.97 -26.79
CA GLU E 609 44.70 -8.20 -26.89
C GLU E 609 43.80 -8.36 -25.68
N LYS E 610 42.58 -8.83 -25.89
CA LYS E 610 41.67 -9.13 -24.78
C LYS E 610 41.08 -10.54 -24.90
N ALA E 611 41.64 -11.47 -24.13
CA ALA E 611 41.17 -12.85 -24.10
C ALA E 611 40.29 -13.09 -22.87
N GLY E 612 39.02 -12.75 -22.99
CA GLY E 612 38.07 -12.82 -21.88
C GLY E 612 38.31 -11.70 -20.89
N ALA E 613 39.01 -12.02 -19.81
CA ALA E 613 39.39 -11.02 -18.79
C ALA E 613 40.88 -10.69 -18.86
N TRP E 614 41.63 -11.48 -19.65
CA TRP E 614 43.07 -11.31 -19.77
C TRP E 614 43.49 -10.31 -20.86
N TYR E 615 44.19 -9.26 -20.44
CA TYR E 615 44.71 -8.25 -21.35
C TYR E 615 46.18 -8.53 -21.67
N SER E 616 46.47 -8.68 -22.97
CA SER E 616 47.84 -8.92 -23.42
C SER E 616 48.33 -7.77 -24.31
N TYR E 617 49.61 -7.46 -24.23
CA TYR E 617 50.23 -6.54 -25.18
C TYR E 617 51.46 -7.17 -25.80
N LYS E 618 51.39 -7.36 -27.12
CA LYS E 618 52.46 -8.00 -27.89
C LYS E 618 52.90 -9.33 -27.26
N GLY E 619 51.94 -10.21 -27.01
CA GLY E 619 52.20 -11.55 -26.48
C GLY E 619 52.32 -11.61 -24.97
N GLU E 620 52.95 -10.58 -24.40
CA GLU E 620 53.12 -10.45 -22.96
C GLU E 620 51.79 -10.03 -22.30
N LYS E 621 51.41 -10.77 -21.26
CA LYS E 621 50.18 -10.46 -20.51
C LYS E 621 50.46 -9.31 -19.56
N ILE E 622 49.56 -8.32 -19.56
CA ILE E 622 49.76 -7.09 -18.79
C ILE E 622 48.82 -6.93 -17.60
N GLY E 623 47.75 -7.74 -17.56
CA GLY E 623 46.82 -7.69 -16.43
C GLY E 623 45.52 -8.42 -16.66
N GLN E 624 44.86 -8.76 -15.54
CA GLN E 624 43.55 -9.39 -15.59
C GLN E 624 42.49 -8.39 -15.12
N GLY E 625 41.51 -8.12 -15.98
CA GLY E 625 40.50 -7.10 -15.71
C GLY E 625 41.04 -5.72 -16.01
N LYS E 626 40.17 -4.85 -16.53
CA LYS E 626 40.53 -3.49 -16.93
C LYS E 626 41.30 -2.74 -15.84
N ALA E 627 40.91 -2.98 -14.58
CA ALA E 627 41.58 -2.38 -13.41
C ALA E 627 43.09 -2.61 -13.40
N ASN E 628 43.50 -3.86 -13.58
CA ASN E 628 44.92 -4.23 -13.56
C ASN E 628 45.70 -3.76 -14.79
N ALA E 629 45.06 -3.86 -15.95
CA ALA E 629 45.66 -3.40 -17.20
C ALA E 629 45.98 -1.91 -17.13
N THR E 630 45.07 -1.15 -16.54
CA THR E 630 45.27 0.28 -16.29
C THR E 630 46.49 0.52 -15.41
N ALA E 631 46.59 -0.25 -14.33
CA ALA E 631 47.70 -0.14 -13.38
C ALA E 631 49.05 -0.47 -14.04
N TRP E 632 49.03 -1.41 -14.97
CA TRP E 632 50.24 -1.79 -15.70
C TRP E 632 50.77 -0.65 -16.57
N LEU E 633 49.86 0.09 -17.20
CA LEU E 633 50.25 1.22 -18.05
C LEU E 633 50.80 2.39 -17.25
N LYS E 634 50.26 2.61 -16.05
CA LYS E 634 50.86 3.55 -15.09
C LYS E 634 52.30 3.15 -14.82
N ASP E 635 52.51 1.84 -14.63
CA ASP E 635 53.83 1.28 -14.30
C ASP E 635 54.84 1.33 -15.45
N ASN E 636 54.35 1.23 -16.68
CA ASN E 636 55.21 1.29 -17.87
C ASN E 636 54.88 2.50 -18.73
N PRO E 637 55.32 3.70 -18.29
CA PRO E 637 54.93 4.93 -18.98
C PRO E 637 55.51 5.02 -20.39
N GLU E 638 56.62 4.33 -20.62
CA GLU E 638 57.30 4.32 -21.90
C GLU E 638 56.47 3.57 -22.93
N THR E 639 55.91 2.44 -22.49
CA THR E 639 55.05 1.62 -23.32
C THR E 639 53.71 2.31 -23.55
N ALA E 640 53.23 3.02 -22.52
CA ALA E 640 52.00 3.80 -22.62
C ALA E 640 52.13 4.87 -23.70
N LYS E 641 53.24 5.61 -23.70
CA LYS E 641 53.50 6.64 -24.72
C LYS E 641 53.44 6.04 -26.11
N GLU E 642 54.02 4.85 -26.26
CA GLU E 642 54.08 4.13 -27.52
C GLU E 642 52.68 3.77 -28.03
N ILE E 643 51.86 3.18 -27.15
CA ILE E 643 50.48 2.83 -27.50
C ILE E 643 49.67 4.07 -27.82
N GLU E 644 49.81 5.10 -26.97
CA GLU E 644 49.10 6.36 -27.18
C GLU E 644 49.40 6.97 -28.55
N LYS E 645 50.69 7.03 -28.89
CA LYS E 645 51.12 7.59 -30.18
C LYS E 645 50.45 6.88 -31.36
N LYS E 646 50.36 5.56 -31.26
CA LYS E 646 49.73 4.75 -32.31
C LYS E 646 48.23 4.96 -32.38
N VAL E 647 47.59 5.06 -31.21
CA VAL E 647 46.16 5.31 -31.15
C VAL E 647 45.86 6.66 -31.82
N ARG E 648 46.65 7.67 -31.49
CA ARG E 648 46.51 9.00 -32.08
C ARG E 648 46.70 8.98 -33.61
N GLU E 649 47.77 8.33 -34.07
CA GLU E 649 48.01 8.17 -35.50
C GLU E 649 46.82 7.51 -36.20
N LEU E 650 46.28 6.47 -35.58
CA LEU E 650 45.11 5.76 -36.12
C LEU E 650 43.82 6.56 -36.12
N LEU E 651 43.62 7.39 -35.10
CA LEU E 651 42.29 7.96 -34.87
C LEU E 651 42.14 9.49 -34.96
N LEU E 652 43.24 10.23 -34.95
CA LEU E 652 43.17 11.68 -35.15
C LEU E 652 42.94 12.04 -36.61
N SER E 653 41.86 12.77 -36.85
CA SER E 653 41.44 13.19 -38.20
C SER E 653 42.18 14.44 -38.68
N ASN E 654 42.65 15.26 -37.75
CA ASN E 654 43.55 16.38 -38.05
C ASN E 654 44.87 16.31 -37.28
N PRO E 655 45.82 15.46 -37.73
CA PRO E 655 47.14 15.40 -37.09
C PRO E 655 47.93 16.70 -37.29
N ASN E 656 48.94 16.92 -36.45
CA ASN E 656 49.58 18.23 -36.32
C ASN E 656 51.11 18.18 -36.22
N SER E 657 51.76 19.07 -36.98
CA SER E 657 53.21 19.31 -36.88
C SER E 657 53.59 20.65 -37.52
N ALA E 674 67.35 32.57 -22.85
CA ALA E 674 67.27 33.85 -23.62
C ALA E 674 65.84 34.14 -24.07
N ILE E 675 65.07 33.08 -24.32
CA ILE E 675 63.71 33.18 -24.88
C ILE E 675 62.64 33.37 -23.78
N ASP E 676 62.78 32.60 -22.69
CA ASP E 676 61.81 32.62 -21.59
C ASP E 676 62.10 33.69 -20.53
N GLU E 677 63.28 34.26 -20.58
CA GLU E 677 63.68 35.33 -19.66
C GLU E 677 63.04 36.66 -20.04
N ASN E 678 62.80 36.84 -21.34
CA ASN E 678 62.02 37.97 -21.84
C ASN E 678 60.57 37.90 -21.39
N LYS E 679 60.05 36.67 -21.32
CA LYS E 679 58.68 36.41 -20.91
C LYS E 679 58.41 36.85 -19.47
N GLN E 680 59.32 36.49 -18.58
CA GLN E 680 59.20 36.83 -17.16
C GLN E 680 59.31 38.33 -16.92
N LYS E 681 60.17 38.98 -17.68
CA LYS E 681 60.29 40.43 -17.72
C LYS E 681 58.93 41.07 -18.01
N ALA E 682 58.22 40.54 -19.00
CA ALA E 682 56.89 41.04 -19.37
C ALA E 682 55.77 40.56 -18.44
N LEU E 683 55.97 39.40 -17.83
CA LEU E 683 55.02 38.83 -16.86
C LEU E 683 54.93 39.70 -15.61
N ALA E 684 56.07 39.88 -14.95
CA ALA E 684 56.15 40.72 -13.75
C ALA E 684 55.64 42.13 -14.02
N ALA E 685 55.94 42.67 -15.21
CA ALA E 685 55.42 43.96 -15.65
C ALA E 685 53.89 44.01 -15.66
N ALA E 686 53.26 42.93 -16.13
CA ALA E 686 51.79 42.84 -16.17
C ALA E 686 51.18 42.64 -14.79
N LEU E 687 51.78 41.76 -14.00
CA LEU E 687 51.32 41.51 -12.63
C LEU E 687 51.41 42.76 -11.77
N GLY E 688 52.49 43.52 -11.92
CA GLY E 688 52.64 44.81 -11.25
C GLY E 688 51.56 45.78 -11.69
N GLN E 689 51.35 45.85 -12.99
CA GLN E 689 50.31 46.70 -13.59
C GLN E 689 48.91 46.35 -13.05
N ILE E 690 48.62 45.05 -12.97
CA ILE E 690 47.33 44.56 -12.50
C ILE E 690 47.09 44.93 -11.03
N GLU E 691 48.09 44.69 -10.20
CA GLU E 691 47.98 44.92 -8.77
C GLU E 691 47.88 46.40 -8.46
N LYS E 692 48.58 47.23 -9.25
CA LYS E 692 48.52 48.68 -9.09
C LYS E 692 47.16 49.20 -9.53
N GLN E 693 46.50 48.49 -10.43
CA GLN E 693 45.18 48.86 -10.91
C GLN E 693 44.05 48.35 -10.04
N PHE E 694 44.15 47.11 -9.58
CA PHE E 694 43.03 46.45 -8.89
C PHE E 694 43.32 46.09 -7.44
N GLY E 695 44.32 46.73 -6.86
CA GLY E 695 44.55 46.63 -5.43
C GLY E 695 45.50 45.54 -4.98
N LYS E 696 45.71 45.50 -3.67
CA LYS E 696 46.68 44.64 -2.96
C LYS E 696 46.91 43.28 -3.63
N GLY E 697 46.09 42.30 -3.29
CA GLY E 697 46.30 40.94 -3.78
C GLY E 697 45.28 40.49 -4.80
N SER E 698 45.06 41.32 -5.82
CA SER E 698 44.08 41.03 -6.87
C SER E 698 44.48 39.84 -7.75
N ILE E 699 45.78 39.62 -7.90
CA ILE E 699 46.31 38.41 -8.56
C ILE E 699 47.55 37.91 -7.82
N MET E 700 47.61 36.60 -7.60
CA MET E 700 48.78 35.97 -6.98
C MET E 700 48.88 34.48 -7.31
N ARG E 701 49.99 33.87 -6.92
CA ARG E 701 50.17 32.44 -7.11
C ARG E 701 49.27 31.68 -6.13
N LEU E 702 48.57 30.68 -6.64
CA LEU E 702 47.58 29.95 -5.86
C LEU E 702 48.15 29.42 -4.54
N GLY E 703 49.36 28.86 -4.62
CA GLY E 703 49.98 28.16 -3.50
C GLY E 703 50.21 29.03 -2.29
N GLU E 704 50.30 30.34 -2.51
CA GLU E 704 50.61 31.26 -1.43
C GLU E 704 49.41 32.12 -1.02
N ASP E 705 48.28 31.92 -1.68
CA ASP E 705 47.06 32.61 -1.27
C ASP E 705 46.42 31.92 -0.06
N ARG E 706 46.51 32.58 1.08
CA ARG E 706 45.99 32.03 2.33
C ARG E 706 44.47 32.02 2.38
N SER E 707 43.86 33.07 1.85
CA SER E 707 42.40 33.21 1.90
C SER E 707 41.70 32.17 1.04
N MET E 708 42.47 31.29 0.43
CA MET E 708 41.95 30.26 -0.45
C MET E 708 41.81 28.92 0.28
N ASP E 709 42.44 28.82 1.46
CA ASP E 709 42.41 27.59 2.24
C ASP E 709 41.02 27.34 2.78
N VAL E 710 40.58 26.10 2.67
CA VAL E 710 39.23 25.74 3.12
C VAL E 710 39.20 25.47 4.63
N GLU E 711 38.33 26.18 5.32
CA GLU E 711 38.17 26.06 6.77
C GLU E 711 36.74 25.63 7.06
N THR E 712 36.54 24.68 7.98
CA THR E 712 35.20 24.12 8.23
C THR E 712 34.58 24.35 9.62
N ILE E 713 33.26 24.16 9.69
CA ILE E 713 32.48 24.28 10.91
C ILE E 713 31.76 22.95 11.13
N SER E 714 31.71 22.48 12.37
CA SER E 714 30.94 21.27 12.68
C SER E 714 29.46 21.46 12.36
N THR E 715 28.82 20.39 11.92
CA THR E 715 27.40 20.43 11.61
C THR E 715 26.55 20.10 12.82
N GLY E 716 27.19 19.60 13.87
CA GLY E 716 26.47 19.16 15.06
C GLY E 716 26.23 17.66 15.02
N SER E 717 26.36 17.07 13.83
CA SER E 717 26.38 15.63 13.68
C SER E 717 27.80 15.18 13.32
N LEU E 718 28.31 14.20 14.08
CA LEU E 718 29.65 13.68 13.85
C LEU E 718 29.70 12.91 12.55
N SER E 719 28.72 12.03 12.33
CA SER E 719 28.70 11.18 11.15
C SER E 719 28.51 12.01 9.88
N LEU E 720 27.84 13.16 9.99
CA LEU E 720 27.73 14.08 8.88
C LEU E 720 29.06 14.74 8.58
N ASP E 721 29.75 15.20 9.63
CA ASP E 721 31.08 15.79 9.46
C ASP E 721 32.02 14.80 8.78
N ILE E 722 31.84 13.51 9.06
CA ILE E 722 32.60 12.46 8.39
C ILE E 722 32.16 12.31 6.94
N ALA E 723 30.85 12.21 6.71
CA ALA E 723 30.30 12.13 5.37
C ALA E 723 30.76 13.29 4.50
N LEU E 724 30.86 14.46 5.10
CA LEU E 724 31.28 15.67 4.40
C LEU E 724 32.73 15.66 3.97
N GLY E 725 33.48 14.68 4.48
CA GLY E 725 34.87 14.50 4.07
C GLY E 725 35.86 15.41 4.78
N ALA E 726 35.57 16.71 4.77
CA ALA E 726 36.47 17.71 5.34
C ALA E 726 36.15 18.04 6.80
N GLY E 727 35.19 17.33 7.37
CA GLY E 727 34.89 17.48 8.80
C GLY E 727 33.87 18.55 9.16
N GLY E 728 33.19 19.09 8.15
CA GLY E 728 32.17 20.10 8.37
C GLY E 728 31.89 20.95 7.15
N LEU E 729 31.01 21.94 7.30
CA LEU E 729 30.65 22.85 6.22
C LEU E 729 31.74 23.90 6.04
N PRO E 730 32.00 24.31 4.77
CA PRO E 730 33.11 25.24 4.51
C PRO E 730 32.76 26.71 4.68
N MET E 731 33.66 27.48 5.31
CA MET E 731 33.47 28.90 5.53
C MET E 731 33.64 29.71 4.25
N GLY E 732 32.85 30.76 4.10
CA GLY E 732 32.93 31.62 2.92
C GLY E 732 32.25 31.02 1.69
N ARG E 733 31.52 29.93 1.90
CA ARG E 733 30.86 29.23 0.81
C ARG E 733 29.35 29.24 1.01
N ILE E 734 28.62 28.88 -0.05
CA ILE E 734 27.17 28.70 0.02
C ILE E 734 26.84 27.22 0.12
N VAL E 735 25.89 26.90 0.98
CA VAL E 735 25.47 25.52 1.23
C VAL E 735 23.95 25.45 1.13
N GLU E 736 23.42 24.36 0.55
CA GLU E 736 21.98 24.14 0.51
C GLU E 736 21.58 22.84 1.20
N ILE E 737 20.57 22.92 2.07
CA ILE E 737 19.97 21.72 2.64
C ILE E 737 18.52 21.67 2.18
N TYR E 738 18.14 20.56 1.56
CA TYR E 738 16.74 20.37 1.17
C TYR E 738 16.22 19.04 1.68
N GLY E 739 14.90 18.89 1.71
CA GLY E 739 14.25 17.66 2.13
C GLY E 739 12.77 17.87 2.34
N PRO E 740 12.03 16.79 2.62
CA PRO E 740 10.59 16.85 2.86
C PRO E 740 10.25 17.61 4.14
N GLU E 741 8.95 17.90 4.37
CA GLU E 741 8.54 18.61 5.58
C GLU E 741 8.89 17.84 6.85
N SER E 742 9.27 18.60 7.88
CA SER E 742 9.67 18.07 9.18
C SER E 742 10.79 17.04 9.10
N SER E 743 11.69 17.21 8.14
CA SER E 743 12.77 16.23 7.95
C SER E 743 13.95 16.58 8.84
N GLY E 744 14.03 17.83 9.25
CA GLY E 744 15.07 18.25 10.19
C GLY E 744 15.93 19.38 9.67
N LYS E 745 15.47 20.04 8.62
CA LYS E 745 16.24 21.10 7.98
C LYS E 745 16.57 22.24 8.94
N THR E 746 15.55 22.81 9.59
CA THR E 746 15.77 23.88 10.57
C THR E 746 16.59 23.38 11.75
N THR E 747 16.18 22.24 12.32
CA THR E 747 16.88 21.66 13.46
C THR E 747 18.38 21.56 13.18
N LEU E 748 18.74 20.94 12.07
CA LEU E 748 20.14 20.77 11.71
C LEU E 748 20.82 22.12 11.63
N THR E 749 20.23 23.01 10.85
CA THR E 749 20.65 24.41 10.78
C THR E 749 20.98 25.03 12.15
N LEU E 750 20.04 24.95 13.07
CA LEU E 750 20.20 25.52 14.41
C LEU E 750 21.36 24.85 15.15
N GLN E 751 21.52 23.55 14.96
CA GLN E 751 22.62 22.80 15.57
C GLN E 751 23.98 23.32 15.12
N VAL E 752 24.12 23.64 13.84
CA VAL E 752 25.38 24.21 13.35
C VAL E 752 25.60 25.60 13.95
N ILE E 753 24.54 26.40 14.02
CA ILE E 753 24.62 27.69 14.71
C ILE E 753 25.08 27.53 16.16
N ALA E 754 24.41 26.63 16.89
CA ALA E 754 24.74 26.34 18.27
C ALA E 754 26.23 26.02 18.42
N ALA E 755 26.72 25.14 17.57
CA ALA E 755 28.12 24.73 17.58
C ALA E 755 29.04 25.91 17.29
N ALA E 756 28.64 26.74 16.32
CA ALA E 756 29.44 27.91 15.92
C ALA E 756 29.50 28.95 17.04
N GLN E 757 28.38 29.15 17.71
CA GLN E 757 28.30 30.08 18.83
C GLN E 757 29.14 29.57 20.00
N ARG E 758 29.15 28.26 20.18
CA ARG E 758 29.95 27.60 21.21
C ARG E 758 31.43 27.94 21.03
N GLU E 759 31.79 28.45 19.84
CA GLU E 759 33.16 28.84 19.51
C GLU E 759 33.31 30.31 19.21
N GLY E 760 32.44 31.14 19.77
CA GLY E 760 32.55 32.59 19.68
C GLY E 760 32.26 33.20 18.33
N LYS E 761 31.54 32.47 17.48
CA LYS E 761 31.17 32.99 16.18
C LYS E 761 29.81 33.67 16.21
N THR E 762 29.63 34.70 15.38
CA THR E 762 28.37 35.43 15.34
C THR E 762 27.50 34.86 14.22
N CYS E 763 26.23 34.61 14.51
CA CYS E 763 25.34 33.99 13.55
C CYS E 763 24.06 34.78 13.34
N ALA E 764 23.53 34.69 12.13
CA ALA E 764 22.29 35.35 11.79
C ALA E 764 21.32 34.34 11.22
N PHE E 765 20.05 34.49 11.55
CA PHE E 765 19.01 33.60 11.07
C PHE E 765 17.95 34.43 10.35
N ILE E 766 17.75 34.15 9.06
CA ILE E 766 16.72 34.84 8.29
C ILE E 766 15.51 33.91 8.18
N ASP E 767 14.49 34.18 8.99
CA ASP E 767 13.32 33.32 9.08
C ASP E 767 12.23 33.76 8.10
N ALA E 768 12.48 33.54 6.81
CA ALA E 768 11.54 33.93 5.77
C ALA E 768 10.29 33.07 5.82
N GLU E 769 10.43 31.89 6.41
CA GLU E 769 9.36 30.91 6.51
C GLU E 769 8.44 31.28 7.66
N HIS E 770 8.90 32.20 8.52
CA HIS E 770 8.13 32.75 9.65
C HIS E 770 7.62 31.67 10.61
N ALA E 771 8.51 30.77 11.01
CA ALA E 771 8.09 29.62 11.82
C ALA E 771 9.08 29.23 12.90
N LEU E 772 10.11 30.05 13.09
CA LEU E 772 11.14 29.78 14.10
C LEU E 772 10.58 29.94 15.51
N ASP E 773 10.82 28.94 16.36
CA ASP E 773 10.42 28.99 17.76
C ASP E 773 11.67 29.23 18.60
N PRO E 774 11.80 30.46 19.14
CA PRO E 774 12.98 30.83 19.92
C PRO E 774 13.22 29.88 21.08
N ILE E 775 12.15 29.53 21.80
CA ILE E 775 12.28 28.63 22.94
C ILE E 775 12.84 27.25 22.54
N TYR E 776 12.44 26.76 21.38
CA TYR E 776 12.95 25.48 20.90
C TYR E 776 14.40 25.62 20.45
N ALA E 777 14.73 26.73 19.80
CA ALA E 777 16.10 27.01 19.42
C ALA E 777 17.02 27.00 20.65
N ARG E 778 16.55 27.56 21.76
CA ARG E 778 17.28 27.53 23.01
C ARG E 778 17.50 26.10 23.49
N LYS E 779 16.43 25.30 23.44
CA LYS E 779 16.52 23.89 23.83
C LYS E 779 17.58 23.16 23.04
N LEU E 780 17.77 23.54 21.78
CA LEU E 780 18.80 22.92 20.95
C LEU E 780 20.19 23.48 21.22
N GLY E 781 20.27 24.40 22.17
CA GLY E 781 21.55 24.93 22.62
C GLY E 781 22.01 26.17 21.88
N VAL E 782 21.08 26.84 21.22
CA VAL E 782 21.39 28.10 20.57
C VAL E 782 21.36 29.21 21.60
N ASP E 783 22.39 30.06 21.57
CA ASP E 783 22.40 31.27 22.37
C ASP E 783 21.48 32.29 21.73
N ILE E 784 20.24 32.31 22.21
CA ILE E 784 19.15 33.13 21.67
C ILE E 784 19.47 34.63 21.70
N ASP E 785 20.06 35.08 22.82
CA ASP E 785 20.33 36.49 23.04
C ASP E 785 21.37 37.10 22.13
N ASN E 786 22.15 36.26 21.45
CA ASN E 786 23.19 36.72 20.54
C ASN E 786 22.97 36.29 19.10
N LEU E 787 21.97 35.47 18.89
CA LEU E 787 21.60 35.05 17.54
C LEU E 787 20.84 36.17 16.85
N LEU E 788 21.47 36.80 15.87
CA LEU E 788 20.82 37.80 15.05
C LEU E 788 19.68 37.14 14.28
N CYS E 789 18.54 37.83 14.22
CA CYS E 789 17.37 37.23 13.62
C CYS E 789 16.48 38.24 12.90
N SER E 790 16.09 37.87 11.70
CA SER E 790 15.27 38.73 10.87
C SER E 790 14.06 37.98 10.30
N GLN E 791 12.91 38.65 10.27
CA GLN E 791 11.74 38.12 9.60
C GLN E 791 11.33 39.09 8.49
N PRO E 792 11.93 38.93 7.30
CA PRO E 792 11.85 39.90 6.23
C PRO E 792 10.48 39.88 5.55
N ASP E 793 10.12 40.99 4.92
CA ASP E 793 8.84 41.10 4.22
C ASP E 793 8.91 40.48 2.84
N THR E 794 9.85 40.96 2.03
CA THR E 794 10.07 40.45 0.68
C THR E 794 11.33 39.61 0.61
N GLY E 795 11.44 38.79 -0.44
CA GLY E 795 12.63 38.00 -0.69
C GLY E 795 13.83 38.86 -1.00
N GLU E 796 13.62 39.94 -1.75
CA GLU E 796 14.69 40.88 -2.04
C GLU E 796 15.28 41.46 -0.75
N GLN E 797 14.41 41.83 0.17
CA GLN E 797 14.82 42.33 1.47
C GLN E 797 15.68 41.30 2.20
N ALA E 798 15.20 40.05 2.22
CA ALA E 798 15.91 38.94 2.85
C ALA E 798 17.35 38.82 2.33
N LEU E 799 17.50 38.90 1.02
CA LEU E 799 18.79 38.71 0.38
C LEU E 799 19.64 39.96 0.49
N GLU E 800 19.00 41.14 0.50
CA GLU E 800 19.73 42.38 0.72
C GLU E 800 20.33 42.43 2.12
N ILE E 801 19.61 41.84 3.07
CA ILE E 801 20.09 41.74 4.45
C ILE E 801 21.32 40.82 4.49
N CYS E 802 21.25 39.69 3.80
CA CYS E 802 22.38 38.76 3.70
C CYS E 802 23.59 39.46 3.16
N ASP E 803 23.40 40.22 2.08
CA ASP E 803 24.50 40.87 1.42
C ASP E 803 25.15 41.88 2.35
N ALA E 804 24.33 42.63 3.08
CA ALA E 804 24.81 43.60 4.05
C ALA E 804 25.64 42.95 5.16
N LEU E 805 25.13 41.86 5.71
CA LEU E 805 25.84 41.10 6.73
C LEU E 805 27.12 40.44 6.18
N ALA E 806 27.04 39.89 4.98
CA ALA E 806 28.22 39.37 4.30
C ALA E 806 29.29 40.46 4.21
N ARG E 807 28.95 41.60 3.59
CA ARG E 807 29.87 42.71 3.42
C ARG E 807 30.47 43.24 4.72
N SER E 808 29.69 43.24 5.80
CA SER E 808 30.13 43.77 7.09
C SER E 808 31.36 43.03 7.64
N GLY E 809 31.48 41.76 7.32
CA GLY E 809 32.57 40.92 7.80
C GLY E 809 32.44 40.58 9.28
N ALA E 810 31.28 40.88 9.85
CA ALA E 810 31.05 40.74 11.27
C ALA E 810 30.26 39.47 11.62
N VAL E 811 29.57 38.90 10.63
CA VAL E 811 28.81 37.68 10.84
C VAL E 811 29.56 36.50 10.24
N ASP E 812 29.58 35.38 10.97
CA ASP E 812 30.32 34.19 10.57
C ASP E 812 29.46 33.16 9.83
N VAL E 813 28.25 32.93 10.32
CA VAL E 813 27.30 32.06 9.62
C VAL E 813 25.92 32.67 9.54
N ILE E 814 25.37 32.69 8.33
CA ILE E 814 24.01 33.14 8.05
C ILE E 814 23.20 31.96 7.51
N VAL E 815 22.02 31.74 8.07
CA VAL E 815 21.11 30.79 7.46
C VAL E 815 19.80 31.43 7.06
N VAL E 816 19.37 31.09 5.84
CA VAL E 816 18.09 31.54 5.28
C VAL E 816 17.13 30.35 5.31
N ASP E 817 16.09 30.42 6.15
CA ASP E 817 15.11 29.34 6.26
C ASP E 817 14.01 29.47 5.21
N SER E 818 14.13 28.56 4.23
CA SER E 818 13.28 28.40 3.04
C SER E 818 13.51 29.46 1.99
N VAL E 819 14.21 29.07 0.93
CA VAL E 819 14.24 29.89 -0.29
C VAL E 819 12.82 29.86 -0.86
N ALA E 820 12.13 28.73 -0.65
CA ALA E 820 10.74 28.56 -1.01
C ALA E 820 9.87 29.73 -0.56
N ALA E 821 10.20 30.28 0.61
CA ALA E 821 9.44 31.37 1.20
C ALA E 821 9.96 32.76 0.83
N LEU E 822 11.06 32.82 0.08
CA LEU E 822 11.61 34.08 -0.43
C LEU E 822 10.74 34.69 -1.53
N THR E 823 9.68 35.38 -1.12
CA THR E 823 8.69 35.91 -2.06
C THR E 823 9.12 37.23 -2.68
N PRO E 824 9.28 37.27 -4.01
CA PRO E 824 9.61 38.51 -4.73
C PRO E 824 8.65 39.65 -4.39
N LYS E 825 9.17 40.87 -4.43
CA LYS E 825 8.40 42.06 -4.07
C LYS E 825 7.17 42.24 -4.93
N ALA E 826 7.32 42.00 -6.23
CA ALA E 826 6.23 42.15 -7.19
C ALA E 826 5.10 41.16 -6.91
N GLU E 827 5.47 39.98 -6.40
CA GLU E 827 4.51 38.93 -6.08
C GLU E 827 3.66 39.29 -4.86
N ILE E 828 4.31 39.81 -3.82
CA ILE E 828 3.63 40.25 -2.60
C ILE E 828 2.65 41.38 -2.86
N GLU E 829 3.07 42.34 -3.68
CA GLU E 829 2.20 43.45 -4.03
C GLU E 829 1.13 43.05 -5.04
N GLY E 830 1.43 42.04 -5.87
CA GLY E 830 0.46 41.49 -6.81
C GLY E 830 -0.61 40.68 -6.11
N GLU E 831 -1.59 40.20 -6.88
CA GLU E 831 -2.67 39.38 -6.35
C GLU E 831 -2.35 37.90 -6.41
N ILE E 832 -3.13 37.08 -5.70
CA ILE E 832 -3.01 35.63 -5.79
C ILE E 832 -3.63 35.19 -7.10
N GLY E 833 -2.81 34.54 -7.93
CA GLY E 833 -3.23 34.12 -9.25
C GLY E 833 -2.46 34.85 -10.33
N ASP E 834 -1.82 35.96 -9.95
CA ASP E 834 -0.97 36.71 -10.86
C ASP E 834 0.23 35.85 -11.25
N SER E 835 0.62 35.97 -12.51
CA SER E 835 1.69 35.18 -13.05
C SER E 835 3.00 35.96 -13.02
N HIS E 836 4.02 35.38 -12.37
CA HIS E 836 5.33 36.02 -12.28
C HIS E 836 6.39 35.07 -12.80
N MET E 837 6.33 34.78 -14.11
CA MET E 837 7.22 33.80 -14.72
C MET E 837 8.70 34.00 -14.39
N GLY E 838 9.31 32.97 -13.84
CA GLY E 838 10.71 32.97 -13.49
C GLY E 838 11.25 34.09 -12.60
N LEU E 839 10.37 34.80 -11.89
CA LEU E 839 10.79 35.96 -11.09
C LEU E 839 11.68 35.54 -9.92
N ALA E 840 11.22 34.57 -9.14
CA ALA E 840 11.97 34.10 -7.99
C ALA E 840 13.28 33.50 -8.45
N ALA E 841 13.25 32.83 -9.62
CA ALA E 841 14.44 32.17 -10.17
C ALA E 841 15.49 33.21 -10.57
N ARG E 842 15.03 34.26 -11.23
CA ARG E 842 15.88 35.32 -11.74
C ARG E 842 16.45 36.12 -10.59
N MET E 843 15.67 36.27 -9.52
CA MET E 843 16.07 36.95 -8.31
C MET E 843 17.16 36.16 -7.58
N MET E 844 16.96 34.87 -7.46
CA MET E 844 17.95 33.96 -6.88
C MET E 844 19.25 33.98 -7.67
N SER E 845 19.10 33.95 -8.99
CA SER E 845 20.24 33.95 -9.89
C SER E 845 21.06 35.22 -9.69
N GLN E 846 20.38 36.35 -9.52
CA GLN E 846 21.04 37.61 -9.23
C GLN E 846 21.73 37.60 -7.87
N ALA E 847 21.04 37.06 -6.87
CA ALA E 847 21.57 36.99 -5.51
C ALA E 847 22.90 36.27 -5.47
N MET E 848 22.96 35.09 -6.10
CA MET E 848 24.20 34.30 -6.10
C MET E 848 25.38 35.07 -6.64
N ARG E 849 25.20 35.73 -7.79
CA ARG E 849 26.23 36.56 -8.39
C ARG E 849 26.81 37.56 -7.40
N LYS E 850 25.92 38.29 -6.73
CA LYS E 850 26.32 39.31 -5.74
C LYS E 850 26.89 38.72 -4.45
N LEU E 851 26.30 37.63 -3.97
CA LEU E 851 26.71 37.06 -2.68
C LEU E 851 28.05 36.31 -2.71
N ALA E 852 28.23 35.44 -3.69
CA ALA E 852 29.40 34.57 -3.77
C ALA E 852 30.69 35.28 -3.40
N GLY E 853 30.93 36.43 -4.04
CA GLY E 853 32.14 37.20 -3.81
C GLY E 853 32.26 37.78 -2.41
N ASN E 854 31.17 38.40 -1.94
CA ASN E 854 31.12 39.01 -0.61
C ASN E 854 31.29 38.00 0.50
N LEU E 855 30.76 36.80 0.28
CA LEU E 855 30.83 35.75 1.27
C LEU E 855 32.24 35.21 1.42
N LYS E 856 32.93 35.06 0.29
CA LYS E 856 34.29 34.54 0.31
C LYS E 856 35.23 35.54 1.00
N GLN E 857 35.13 36.82 0.62
CA GLN E 857 36.02 37.83 1.19
C GLN E 857 35.79 38.11 2.66
N SER E 858 34.64 37.70 3.18
CA SER E 858 34.29 37.88 4.59
C SER E 858 34.42 36.58 5.35
N ASN E 859 34.70 35.50 4.62
CA ASN E 859 34.77 34.16 5.18
C ASN E 859 33.47 33.76 5.91
N THR E 860 32.34 34.18 5.35
CA THR E 860 31.02 33.95 5.91
C THR E 860 30.37 32.74 5.27
N LEU E 861 29.93 31.77 6.06
CA LEU E 861 29.16 30.66 5.55
C LEU E 861 27.68 31.04 5.42
N LEU E 862 27.08 30.73 4.28
CA LEU E 862 25.66 30.98 4.07
C LEU E 862 24.91 29.68 3.78
N ILE E 863 23.98 29.30 4.67
CA ILE E 863 23.19 28.11 4.46
C ILE E 863 21.78 28.44 3.98
N PHE E 864 21.40 27.89 2.83
CA PHE E 864 20.03 28.00 2.34
C PHE E 864 19.24 26.73 2.63
N ILE E 865 18.11 26.87 3.31
CA ILE E 865 17.20 25.75 3.44
C ILE E 865 16.20 25.79 2.27
N ASN E 866 16.02 24.67 1.61
CA ASN E 866 15.04 24.61 0.54
C ASN E 866 14.01 23.51 0.75
N GLN E 867 12.82 23.70 0.17
CA GLN E 867 11.77 22.69 0.19
C GLN E 867 11.81 21.90 -1.10
N ILE E 868 11.09 20.78 -1.11
CA ILE E 868 10.93 19.98 -2.31
C ILE E 868 9.58 20.25 -2.99
N ARG E 869 9.60 20.43 -4.30
CA ARG E 869 8.41 20.40 -5.10
C ARG E 869 8.50 19.26 -6.07
N MET E 870 7.37 18.85 -6.64
CA MET E 870 7.36 17.79 -7.60
C MET E 870 7.38 18.46 -8.95
N LYS E 871 8.25 18.00 -9.85
CA LYS E 871 8.17 18.46 -11.24
C LYS E 871 7.25 17.51 -11.99
N ILE E 872 6.57 18.01 -12.99
CA ILE E 872 5.48 17.24 -13.57
C ILE E 872 5.68 17.02 -15.08
N GLY E 873 5.49 15.78 -15.52
CA GLY E 873 5.72 15.38 -16.90
C GLY E 873 7.08 14.70 -17.06
N VAL E 874 7.42 13.85 -16.10
CA VAL E 874 8.75 13.23 -15.99
C VAL E 874 8.64 11.74 -15.63
N MET E 875 9.07 10.87 -16.53
CA MET E 875 8.97 9.41 -16.35
C MET E 875 10.31 8.76 -15.96
N PHE E 876 11.38 9.31 -16.50
CA PHE E 876 12.76 8.96 -16.14
C PHE E 876 13.14 9.56 -14.78
N GLY E 877 14.29 9.15 -14.26
CA GLY E 877 14.87 9.74 -13.04
C GLY E 877 13.90 9.87 -11.90
N ASN E 878 14.00 10.98 -11.16
CA ASN E 878 13.07 11.23 -10.07
C ASN E 878 12.39 12.59 -10.21
N PRO E 879 11.13 12.69 -9.77
CA PRO E 879 10.34 13.87 -10.06
C PRO E 879 10.55 15.05 -9.11
N GLU E 880 11.44 14.90 -8.14
CA GLU E 880 11.62 15.94 -7.13
C GLU E 880 12.44 17.12 -7.63
N THR E 881 12.16 18.31 -7.10
CA THR E 881 12.97 19.49 -7.35
C THR E 881 13.01 20.38 -6.14
N THR E 882 13.49 21.59 -6.37
CA THR E 882 13.90 22.51 -5.35
C THR E 882 13.37 23.85 -5.82
N THR E 883 12.97 24.71 -4.90
CA THR E 883 12.38 25.98 -5.29
C THR E 883 13.45 26.98 -5.71
N GLY E 884 13.06 27.96 -6.52
CA GLY E 884 13.91 29.12 -6.79
C GLY E 884 14.97 28.90 -7.85
N GLY E 885 14.65 28.14 -8.87
CA GLY E 885 15.49 28.04 -10.04
C GLY E 885 16.72 27.16 -9.93
N ASN E 886 17.68 27.44 -10.81
CA ASN E 886 18.85 26.59 -11.00
C ASN E 886 20.17 27.17 -10.48
N ALA E 887 20.16 28.46 -10.18
CA ALA E 887 21.37 29.15 -9.74
C ALA E 887 22.01 28.48 -8.53
N LEU E 888 21.23 28.21 -7.50
CA LEU E 888 21.76 27.68 -6.26
C LEU E 888 22.46 26.34 -6.42
N LYS E 889 21.95 25.45 -7.27
CA LYS E 889 22.59 24.14 -7.50
C LYS E 889 24.07 24.34 -7.80
N PHE E 890 24.35 25.34 -8.63
CA PHE E 890 25.68 25.60 -9.15
C PHE E 890 26.57 26.25 -8.12
N TYR E 891 26.04 27.27 -7.45
CA TYR E 891 26.83 28.07 -6.51
C TYR E 891 27.12 27.35 -5.21
N ALA E 892 26.21 26.47 -4.79
CA ALA E 892 26.42 25.69 -3.57
C ALA E 892 27.71 24.88 -3.65
N SER E 893 28.49 24.90 -2.58
CA SER E 893 29.73 24.10 -2.52
C SER E 893 29.40 22.75 -1.90
N VAL E 894 28.29 22.71 -1.16
CA VAL E 894 27.79 21.48 -0.57
C VAL E 894 26.26 21.49 -0.67
N ARG E 895 25.69 20.37 -1.10
CA ARG E 895 24.24 20.20 -1.04
C ARG E 895 23.85 18.97 -0.23
N LEU E 896 22.94 19.16 0.71
CA LEU E 896 22.52 18.10 1.61
C LEU E 896 21.06 17.73 1.38
N ASP E 897 20.82 16.43 1.21
CA ASP E 897 19.48 15.89 1.12
C ASP E 897 19.16 15.20 2.44
N ILE E 898 18.36 15.84 3.29
CA ILE E 898 17.98 15.28 4.58
C ILE E 898 16.58 14.63 4.54
N ARG E 899 16.44 13.48 5.21
CA ARG E 899 15.19 12.73 5.21
C ARG E 899 14.92 12.01 6.51
N ARG E 900 13.67 12.02 6.96
CA ARG E 900 13.27 11.22 8.11
C ARG E 900 13.03 9.80 7.62
N ILE E 901 13.68 8.83 8.25
CA ILE E 901 13.59 7.45 7.75
C ILE E 901 12.87 6.53 8.72
N GLY E 902 12.63 7.01 9.94
CA GLY E 902 11.95 6.23 10.96
C GLY E 902 11.72 7.00 12.24
N ALA E 903 11.06 6.35 13.19
CA ALA E 903 10.76 6.97 14.49
C ALA E 903 11.65 6.38 15.58
N VAL E 904 12.13 7.25 16.47
CA VAL E 904 12.82 6.80 17.69
C VAL E 904 11.76 6.62 18.77
N LYS E 905 11.53 5.37 19.16
CA LYS E 905 10.44 5.06 20.08
C LYS E 905 10.89 4.74 21.50
N GLU E 906 10.02 5.07 22.44
CA GLU E 906 10.18 4.78 23.86
C GLU E 906 9.04 3.86 24.27
N GLY E 907 9.04 2.67 23.67
CA GLY E 907 7.91 1.74 23.80
C GLY E 907 6.66 2.38 23.21
N GLU E 908 5.96 3.13 24.05
CA GLU E 908 4.78 3.87 23.64
C GLU E 908 5.13 5.12 22.82
N ASN E 909 5.97 5.98 23.39
CA ASN E 909 6.18 7.34 22.88
C ASN E 909 7.08 7.44 21.66
N VAL E 910 6.80 8.42 20.81
CA VAL E 910 7.68 8.78 19.72
C VAL E 910 8.49 9.97 20.21
N VAL E 911 9.74 9.70 20.57
CA VAL E 911 10.57 10.69 21.24
C VAL E 911 11.64 11.33 20.31
N GLY E 912 11.70 10.84 19.08
CA GLY E 912 12.63 11.38 18.08
C GLY E 912 12.45 10.87 16.66
N SER E 913 13.18 11.51 15.74
CA SER E 913 13.18 11.11 14.33
C SER E 913 14.52 10.45 13.98
N GLU E 914 14.45 9.25 13.43
CA GLU E 914 15.61 8.62 12.86
C GLU E 914 15.88 9.30 11.50
N THR E 915 17.11 9.78 11.31
CA THR E 915 17.41 10.69 10.22
C THR E 915 18.56 10.25 9.33
N ARG E 916 18.44 10.51 8.03
CA ARG E 916 19.50 10.23 7.06
C ARG E 916 19.80 11.45 6.19
N VAL E 917 21.07 11.83 6.11
CA VAL E 917 21.48 12.93 5.25
C VAL E 917 22.41 12.41 4.16
N LYS E 918 22.09 12.69 2.90
CA LYS E 918 22.98 12.38 1.77
C LYS E 918 23.73 13.62 1.32
N VAL E 919 25.02 13.48 1.06
CA VAL E 919 25.78 14.58 0.52
C VAL E 919 25.67 14.50 -0.99
N VAL E 920 24.76 15.29 -1.52
CA VAL E 920 24.38 15.22 -2.94
C VAL E 920 25.37 15.96 -3.84
N LYS E 921 25.93 17.05 -3.33
CA LYS E 921 26.99 17.77 -4.03
C LYS E 921 28.10 18.14 -3.06
N ASN E 922 29.33 18.02 -3.52
CA ASN E 922 30.49 18.36 -2.71
C ASN E 922 31.67 18.88 -3.53
N LYS E 923 32.06 20.12 -3.27
CA LYS E 923 33.17 20.78 -3.94
C LYS E 923 34.41 20.75 -3.06
N ILE E 924 34.26 20.15 -1.89
CA ILE E 924 35.22 20.31 -0.80
C ILE E 924 35.89 18.97 -0.46
N ALA E 925 35.19 17.89 -0.80
CA ALA E 925 35.64 16.51 -0.62
C ALA E 925 34.79 15.65 -1.56
N ALA E 926 35.06 14.35 -1.62
CA ALA E 926 34.24 13.43 -2.42
C ALA E 926 32.78 13.49 -1.99
N PRO E 927 31.84 13.52 -2.96
CA PRO E 927 30.41 13.52 -2.67
C PRO E 927 29.81 12.12 -2.49
N PHE E 928 28.52 12.09 -2.17
CA PHE E 928 27.70 10.88 -2.14
C PHE E 928 27.93 9.95 -0.96
N LYS E 929 28.60 10.44 0.07
CA LYS E 929 28.63 9.73 1.35
C LYS E 929 27.37 10.11 2.10
N GLN E 930 26.96 9.29 3.06
CA GLN E 930 25.76 9.62 3.82
C GLN E 930 25.90 9.41 5.32
N ALA E 931 25.05 10.08 6.09
CA ALA E 931 25.12 10.03 7.53
C ALA E 931 23.74 9.71 8.09
N GLU E 932 23.69 8.76 9.02
CA GLU E 932 22.44 8.46 9.73
C GLU E 932 22.62 8.79 11.20
N PHE E 933 21.65 9.51 11.75
CA PHE E 933 21.68 9.85 13.17
C PHE E 933 20.26 10.04 13.70
N GLN E 934 20.16 10.37 14.98
CA GLN E 934 18.85 10.60 15.60
C GLN E 934 18.65 12.06 15.92
N ILE E 935 17.46 12.57 15.62
CA ILE E 935 17.04 13.86 16.14
C ILE E 935 16.07 13.59 17.27
N LEU E 936 16.52 13.83 18.50
CA LEU E 936 15.68 13.67 19.66
C LEU E 936 14.98 14.99 19.93
N TYR E 937 13.64 14.95 19.92
CA TYR E 937 12.83 16.16 20.04
C TYR E 937 13.16 16.89 21.33
N GLY E 938 13.35 18.21 21.22
CA GLY E 938 13.63 19.04 22.39
C GLY E 938 15.06 18.94 22.88
N GLU E 939 15.84 18.07 22.25
CA GLU E 939 17.23 17.89 22.63
C GLU E 939 18.15 18.23 21.45
N GLY E 940 17.81 17.72 20.27
CA GLY E 940 18.62 17.94 19.07
C GLY E 940 19.21 16.65 18.50
N ILE E 941 20.25 16.80 17.71
CA ILE E 941 20.98 15.68 17.14
C ILE E 941 21.63 14.90 18.25
N ASN E 942 21.44 13.63 18.20
CA ASN E 942 22.09 12.86 19.20
C ASN E 942 23.55 12.63 18.83
N PHE E 943 24.40 13.58 19.23
CA PHE E 943 25.81 13.58 18.85
C PHE E 943 26.58 12.47 19.56
N TYR E 944 26.36 12.33 20.86
CA TYR E 944 27.06 11.31 21.64
C TYR E 944 26.59 9.91 21.29
N GLY E 945 25.33 9.79 20.86
CA GLY E 945 24.83 8.56 20.29
C GLY E 945 25.69 8.11 19.12
N GLU E 946 25.96 9.03 18.20
CA GLU E 946 26.81 8.77 17.04
C GLU E 946 28.18 8.34 17.52
N LEU E 947 28.72 9.09 18.48
CA LEU E 947 30.07 8.84 19.01
C LEU E 947 30.21 7.42 19.53
N VAL E 948 29.20 6.95 20.26
CA VAL E 948 29.17 5.54 20.71
C VAL E 948 29.25 4.59 19.52
N ASP E 949 28.32 4.72 18.57
CA ASP E 949 28.27 3.82 17.41
C ASP E 949 29.54 3.84 16.58
N LEU E 950 30.06 5.03 16.32
CA LEU E 950 31.32 5.19 15.58
C LEU E 950 32.50 4.64 16.35
N GLY E 951 32.51 4.85 17.66
CA GLY E 951 33.57 4.34 18.55
C GLY E 951 33.60 2.83 18.57
N VAL E 952 32.42 2.22 18.72
CA VAL E 952 32.28 0.76 18.73
C VAL E 952 32.72 0.19 17.38
N LYS E 953 32.27 0.84 16.31
CA LYS E 953 32.58 0.41 14.95
C LYS E 953 34.09 0.44 14.68
N GLU E 954 34.76 1.44 15.23
CA GLU E 954 36.20 1.60 15.04
C GLU E 954 37.06 0.90 16.10
N LYS E 955 36.43 0.05 16.92
CA LYS E 955 37.10 -0.71 17.98
C LYS E 955 37.81 0.16 19.01
N LEU E 956 37.30 1.38 19.20
CA LEU E 956 37.78 2.25 20.27
C LEU E 956 36.97 2.02 21.55
N ILE E 957 35.71 1.66 21.37
CA ILE E 957 34.85 1.28 22.48
C ILE E 957 34.51 -0.22 22.38
N GLU E 958 34.64 -0.92 23.49
CA GLU E 958 34.37 -2.34 23.57
C GLU E 958 32.87 -2.56 23.77
N LYS E 959 32.33 -3.57 23.12
CA LYS E 959 30.93 -3.94 23.33
C LYS E 959 30.78 -5.43 23.61
N ALA E 960 30.61 -5.78 24.89
CA ALA E 960 30.42 -7.16 25.32
C ALA E 960 28.94 -7.42 25.59
N GLY E 961 28.20 -7.74 24.53
CA GLY E 961 26.75 -7.94 24.61
C GLY E 961 26.03 -6.61 24.74
N ALA E 962 25.65 -6.28 25.97
CA ALA E 962 25.01 -5.00 26.28
C ALA E 962 25.96 -4.06 27.02
N TRP E 963 27.12 -4.59 27.45
CA TRP E 963 28.09 -3.82 28.22
C TRP E 963 29.10 -3.08 27.35
N TYR E 964 29.11 -1.76 27.49
CA TYR E 964 30.06 -0.90 26.78
C TYR E 964 31.26 -0.55 27.68
N SER E 965 32.46 -0.88 27.21
CA SER E 965 33.68 -0.59 27.94
C SER E 965 34.56 0.37 27.15
N TYR E 966 35.27 1.24 27.86
CA TYR E 966 36.32 2.04 27.23
C TYR E 966 37.63 1.90 27.98
N LYS E 967 38.63 1.37 27.29
CA LYS E 967 39.94 1.10 27.86
C LYS E 967 39.85 0.34 29.19
N GLY E 968 39.12 -0.77 29.17
CA GLY E 968 39.00 -1.67 30.33
C GLY E 968 37.92 -1.27 31.30
N GLU E 969 37.76 0.04 31.49
CA GLU E 969 36.74 0.61 32.36
C GLU E 969 35.38 0.54 31.68
N LYS E 970 34.39 0.03 32.40
CA LYS E 970 33.02 -0.08 31.89
C LYS E 970 32.35 1.27 32.01
N ILE E 971 31.71 1.70 30.93
CA ILE E 971 31.12 3.05 30.87
C ILE E 971 29.57 3.07 30.85
N GLY E 972 28.96 1.91 30.60
CA GLY E 972 27.50 1.83 30.64
C GLY E 972 26.93 0.56 30.06
N GLN E 973 25.70 0.26 30.46
CA GLN E 973 24.96 -0.87 29.91
C GLN E 973 23.86 -0.37 28.99
N GLY E 974 23.90 -0.81 27.74
CA GLY E 974 22.96 -0.35 26.72
C GLY E 974 23.39 1.00 26.17
N LYS E 975 23.19 1.20 24.87
CA LYS E 975 23.61 2.42 24.17
C LYS E 975 23.16 3.69 24.90
N ALA E 976 21.97 3.64 25.50
CA ALA E 976 21.42 4.76 26.28
C ALA E 976 22.37 5.26 27.37
N ASN E 977 22.87 4.34 28.18
CA ASN E 977 23.78 4.67 29.28
C ASN E 977 25.17 5.10 28.83
N ALA E 978 25.69 4.42 27.82
CA ALA E 978 27.00 4.75 27.26
C ALA E 978 27.01 6.17 26.73
N THR E 979 25.90 6.58 26.10
CA THR E 979 25.72 7.94 25.62
C THR E 979 25.76 8.94 26.77
N ALA E 980 25.06 8.60 27.85
CA ALA E 980 25.00 9.45 29.04
C ALA E 980 26.38 9.62 29.70
N TRP E 981 27.18 8.56 29.65
CA TRP E 981 28.53 8.59 30.19
C TRP E 981 29.44 9.57 29.44
N LEU E 982 29.30 9.62 28.12
CA LEU E 982 30.09 10.54 27.31
C LEU E 982 29.71 12.00 27.50
N LYS E 983 28.42 12.26 27.72
CA LYS E 983 27.98 13.58 28.16
C LYS E 983 28.70 13.95 29.45
N ASP E 984 28.79 12.99 30.37
CA ASP E 984 29.40 13.21 31.68
C ASP E 984 30.92 13.41 31.65
N ASN E 985 31.58 12.77 30.68
CA ASN E 985 33.03 12.90 30.54
C ASN E 985 33.38 13.56 29.21
N PRO E 986 33.22 14.88 29.12
CA PRO E 986 33.40 15.57 27.84
C PRO E 986 34.85 15.53 27.37
N GLU E 987 35.78 15.40 28.30
CA GLU E 987 37.21 15.36 27.99
C GLU E 987 37.55 14.07 27.27
N THR E 988 36.97 12.98 27.74
CA THR E 988 37.15 11.65 27.14
C THR E 988 36.43 11.59 25.80
N ALA E 989 35.27 12.24 25.72
CA ALA E 989 34.51 12.31 24.49
C ALA E 989 35.34 12.99 23.39
N LYS E 990 35.96 14.14 23.72
CA LYS E 990 36.81 14.86 22.78
C LYS E 990 37.92 13.96 22.25
N GLU E 991 38.49 13.17 23.15
CA GLU E 991 39.57 12.24 22.84
C GLU E 991 39.12 11.17 21.85
N ILE E 992 37.98 10.54 22.12
CA ILE E 992 37.45 9.52 21.22
C ILE E 992 37.06 10.14 19.89
N GLU E 993 36.43 11.30 19.93
CA GLU E 993 36.02 11.99 18.71
C GLU E 993 37.23 12.27 17.81
N LYS E 994 38.29 12.82 18.40
CA LYS E 994 39.50 13.15 17.66
C LYS E 994 40.07 11.94 16.92
N LYS E 995 40.08 10.80 17.60
CA LYS E 995 40.57 9.54 17.01
C LYS E 995 39.64 9.03 15.90
N VAL E 996 38.33 9.13 16.11
CA VAL E 996 37.36 8.72 15.10
C VAL E 996 37.58 9.55 13.83
N ARG E 997 37.74 10.86 14.01
CA ARG E 997 37.98 11.76 12.87
C ARG E 997 39.28 11.43 12.14
N GLU E 998 40.36 11.23 12.91
CA GLU E 998 41.64 10.83 12.33
C GLU E 998 41.51 9.55 11.51
N LEU E 999 40.78 8.58 12.05
CA LEU E 999 40.54 7.31 11.37
C LEU E 999 39.67 7.40 10.13
N LEU E 1000 38.67 8.30 10.14
CA LEU E 1000 37.60 8.24 9.14
C LEU E 1000 37.43 9.44 8.19
N LEU E 1001 38.05 10.57 8.52
CA LEU E 1001 38.04 11.72 7.61
C LEU E 1001 39.03 11.56 6.47
N SER E 1002 38.54 11.75 5.25
CA SER E 1002 39.43 11.85 4.09
C SER E 1002 39.42 13.32 3.70
N ASN E 1003 40.46 14.04 4.14
CA ASN E 1003 40.54 15.51 4.03
C ASN E 1003 40.58 16.23 5.39
N PRO E 1004 41.62 15.97 6.22
CA PRO E 1004 41.79 16.70 7.48
C PRO E 1004 42.16 18.19 7.29
N ASN E 1005 41.87 19.01 8.31
CA ASN E 1005 41.67 20.44 8.10
C ASN E 1005 42.34 21.38 9.12
N SER E 1006 41.82 21.36 10.36
CA SER E 1006 42.18 22.33 11.42
C SER E 1006 42.32 23.78 10.91
N ALA E 1024 41.22 43.72 20.53
CA ALA E 1024 41.66 44.59 19.41
C ALA E 1024 41.09 44.11 18.08
N ILE E 1025 40.92 42.79 17.96
CA ILE E 1025 40.51 42.15 16.70
C ILE E 1025 38.99 42.09 16.54
N ASP E 1026 38.30 41.75 17.63
CA ASP E 1026 36.84 41.59 17.63
C ASP E 1026 36.07 42.89 17.90
N GLU E 1027 36.79 43.92 18.36
CA GLU E 1027 36.20 45.22 18.63
C GLU E 1027 35.96 46.00 17.35
N ASN E 1028 36.82 45.75 16.34
CA ASN E 1028 36.61 46.26 15.00
C ASN E 1028 35.38 45.65 14.34
N LYS E 1029 35.12 44.38 14.65
CA LYS E 1029 33.98 43.64 14.12
C LYS E 1029 32.66 44.24 14.57
N GLN E 1030 32.56 44.56 15.85
CA GLN E 1030 31.33 45.13 16.41
C GLN E 1030 31.06 46.52 15.87
N LYS E 1031 32.13 47.28 15.68
CA LYS E 1031 32.07 48.58 15.03
C LYS E 1031 31.39 48.46 13.66
N ALA E 1032 31.77 47.44 12.89
CA ALA E 1032 31.21 47.22 11.56
C ALA E 1032 29.84 46.53 11.60
N LEU E 1033 29.60 45.75 12.67
CA LEU E 1033 28.33 45.06 12.87
C LEU E 1033 27.21 46.06 13.11
N ALA E 1034 27.37 46.89 14.15
CA ALA E 1034 26.40 47.93 14.49
C ALA E 1034 26.15 48.87 13.29
N ALA E 1035 27.20 49.15 12.54
CA ALA E 1035 27.10 49.96 11.32
C ALA E 1035 26.15 49.31 10.30
N ALA E 1036 26.24 47.99 10.15
CA ALA E 1036 25.40 47.27 9.21
C ALA E 1036 23.95 47.15 9.71
N LEU E 1037 23.79 46.84 11.00
CA LEU E 1037 22.48 46.74 11.62
C LEU E 1037 21.71 48.06 11.54
N GLY E 1038 22.42 49.16 11.76
CA GLY E 1038 21.86 50.50 11.64
C GLY E 1038 21.44 50.76 10.20
N GLN E 1039 22.31 50.41 9.26
CA GLN E 1039 22.05 50.54 7.83
C GLN E 1039 20.80 49.75 7.40
N ILE E 1040 20.70 48.52 7.90
CA ILE E 1040 19.59 47.62 7.57
C ILE E 1040 18.27 48.18 8.08
N GLU E 1041 18.27 48.62 9.34
CA GLU E 1041 17.06 49.12 9.98
C GLU E 1041 16.59 50.43 9.36
N LYS E 1042 17.55 51.26 8.96
CA LYS E 1042 17.24 52.52 8.29
C LYS E 1042 16.69 52.27 6.89
N GLN E 1043 17.06 51.14 6.31
CA GLN E 1043 16.59 50.77 4.98
C GLN E 1043 15.26 50.03 5.00
N PHE E 1044 15.10 49.11 5.94
CA PHE E 1044 13.93 48.22 5.92
C PHE E 1044 13.02 48.37 7.13
N GLY E 1045 13.12 49.50 7.80
CA GLY E 1045 12.16 49.85 8.84
C GLY E 1045 12.49 49.44 10.25
N LYS E 1046 11.60 49.81 11.16
CA LYS E 1046 11.73 49.67 12.61
C LYS E 1046 12.53 48.43 13.04
N GLY E 1047 11.86 47.29 13.19
CA GLY E 1047 12.53 46.11 13.72
C GLY E 1047 12.74 45.03 12.69
N SER E 1048 13.34 45.40 11.55
CA SER E 1048 13.57 44.47 10.45
C SER E 1048 14.61 43.40 10.80
N ILE E 1049 15.55 43.76 11.67
CA ILE E 1049 16.51 42.79 12.22
C ILE E 1049 16.78 43.08 13.70
N MET E 1050 16.76 42.04 14.51
CA MET E 1050 17.07 42.16 15.94
C MET E 1050 17.52 40.83 16.55
N ARG E 1051 17.97 40.89 17.80
CA ARG E 1051 18.37 39.69 18.51
C ARG E 1051 17.14 38.87 18.86
N LEU E 1052 17.22 37.56 18.61
CA LEU E 1052 16.06 36.68 18.78
C LEU E 1052 15.44 36.79 20.16
N GLY E 1053 16.30 36.82 21.18
CA GLY E 1053 15.87 36.76 22.57
C GLY E 1053 14.97 37.90 22.99
N GLU E 1054 15.08 39.02 22.28
CA GLU E 1054 14.33 40.20 22.65
C GLU E 1054 13.19 40.50 21.69
N ASP E 1055 13.03 39.68 20.66
CA ASP E 1055 11.88 39.83 19.77
C ASP E 1055 10.62 39.23 20.39
N ARG E 1056 9.70 40.12 20.78
CA ARG E 1056 8.47 39.71 21.44
C ARG E 1056 7.50 39.03 20.48
N SER E 1057 7.42 39.54 19.26
CA SER E 1057 6.47 39.04 18.28
C SER E 1057 6.82 37.63 17.83
N MET E 1058 7.86 37.06 18.42
CA MET E 1058 8.33 35.73 18.08
C MET E 1058 7.80 34.68 19.06
N ASP E 1059 7.28 35.14 20.21
CA ASP E 1059 6.78 34.25 21.24
C ASP E 1059 5.51 33.54 20.77
N VAL E 1060 5.39 32.25 21.07
CA VAL E 1060 4.25 31.46 20.62
C VAL E 1060 3.07 31.54 21.58
N GLU E 1061 1.91 31.92 21.05
CA GLU E 1061 0.70 32.08 21.84
C GLU E 1061 -0.36 31.12 21.27
N THR E 1062 -1.11 30.43 22.12
CA THR E 1062 -2.06 29.41 21.64
C THR E 1062 -3.55 29.65 21.92
N ILE E 1063 -4.39 28.91 21.20
CA ILE E 1063 -5.85 28.94 21.31
C ILE E 1063 -6.31 27.52 21.59
N SER E 1064 -7.28 27.36 22.49
CA SER E 1064 -7.85 26.04 22.75
C SER E 1064 -8.51 25.48 21.51
N THR E 1065 -8.44 24.16 21.35
CA THR E 1065 -9.05 23.50 20.19
C THR E 1065 -10.49 23.12 20.49
N GLY E 1066 -10.88 23.22 21.76
CA GLY E 1066 -12.20 22.76 22.19
C GLY E 1066 -12.17 21.34 22.72
N SER E 1067 -11.08 20.63 22.43
CA SER E 1067 -10.81 19.34 23.04
C SER E 1067 -9.62 19.49 23.99
N LEU E 1068 -9.80 19.04 25.23
CA LEU E 1068 -8.76 19.11 26.24
C LEU E 1068 -7.61 18.18 25.89
N SER E 1069 -7.95 16.95 25.54
CA SER E 1069 -6.93 15.93 25.25
C SER E 1069 -6.14 16.27 24.00
N LEU E 1070 -6.76 16.99 23.06
CA LEU E 1070 -6.04 17.51 21.91
C LEU E 1070 -5.06 18.60 22.32
N ASP E 1071 -5.51 19.54 23.14
CA ASP E 1071 -4.65 20.60 23.64
C ASP E 1071 -3.44 20.00 24.36
N ILE E 1072 -3.64 18.86 25.01
CA ILE E 1072 -2.54 18.15 25.66
C ILE E 1072 -1.64 17.50 24.60
N ALA E 1073 -2.25 16.80 23.65
CA ALA E 1073 -1.51 16.18 22.54
C ALA E 1073 -0.66 17.19 21.79
N LEU E 1074 -1.19 18.39 21.62
CA LEU E 1074 -0.51 19.47 20.91
C LEU E 1074 0.70 20.01 21.65
N GLY E 1075 0.85 19.61 22.92
CA GLY E 1075 2.03 19.95 23.71
C GLY E 1075 2.00 21.35 24.30
N ALA E 1076 1.69 22.35 23.48
CA ALA E 1076 1.67 23.74 23.93
C ALA E 1076 0.29 24.21 24.41
N GLY E 1077 -0.68 23.30 24.41
CA GLY E 1077 -2.01 23.60 24.97
C GLY E 1077 -3.01 24.17 23.98
N GLY E 1078 -2.68 24.13 22.70
CA GLY E 1078 -3.59 24.60 21.66
C GLY E 1078 -2.89 24.94 20.36
N LEU E 1079 -3.65 25.42 19.40
CA LEU E 1079 -3.10 25.83 18.11
C LEU E 1079 -2.39 27.20 18.21
N PRO E 1080 -1.29 27.38 17.47
CA PRO E 1080 -0.50 28.62 17.59
C PRO E 1080 -1.01 29.79 16.74
N MET E 1081 -1.03 30.98 17.33
CA MET E 1081 -1.48 32.19 16.65
C MET E 1081 -0.47 32.67 15.64
N GLY E 1082 -0.94 33.21 14.51
CA GLY E 1082 -0.04 33.72 13.48
C GLY E 1082 0.60 32.63 12.62
N ARG E 1083 0.10 31.42 12.78
CA ARG E 1083 0.63 30.27 12.06
C ARG E 1083 -0.45 29.67 11.16
N ILE E 1084 -0.02 28.79 10.25
CA ILE E 1084 -0.93 28.02 9.41
C ILE E 1084 -1.05 26.59 9.97
N VAL E 1085 -2.26 26.07 9.99
CA VAL E 1085 -2.55 24.75 10.52
C VAL E 1085 -3.40 24.01 9.50
N GLU E 1086 -3.17 22.71 9.34
CA GLU E 1086 -3.98 21.87 8.46
C GLU E 1086 -4.62 20.72 9.21
N ILE E 1087 -5.92 20.52 9.00
CA ILE E 1087 -6.62 19.35 9.51
C ILE E 1087 -7.11 18.57 8.32
N TYR E 1088 -6.75 17.30 8.25
CA TYR E 1088 -7.27 16.43 7.19
C TYR E 1088 -7.83 15.13 7.78
N GLY E 1089 -8.64 14.43 6.98
CA GLY E 1089 -9.25 13.19 7.40
C GLY E 1089 -10.32 12.76 6.42
N PRO E 1090 -10.90 11.55 6.61
CA PRO E 1090 -11.97 11.02 5.77
C PRO E 1090 -13.27 11.80 5.92
N GLU E 1091 -14.25 11.53 5.07
CA GLU E 1091 -15.54 12.25 5.14
C GLU E 1091 -16.23 12.04 6.47
N SER E 1092 -16.90 13.09 6.94
CA SER E 1092 -17.63 13.07 8.19
C SER E 1092 -16.78 12.64 9.39
N SER E 1093 -15.49 12.97 9.35
CA SER E 1093 -14.59 12.58 10.43
C SER E 1093 -14.62 13.59 11.57
N GLY E 1094 -15.04 14.82 11.25
CA GLY E 1094 -15.19 15.86 12.26
C GLY E 1094 -14.35 17.09 12.00
N LYS E 1095 -13.89 17.24 10.76
CA LYS E 1095 -13.02 18.36 10.40
C LYS E 1095 -13.71 19.71 10.63
N THR E 1096 -14.89 19.90 10.03
CA THR E 1096 -15.64 21.14 10.24
C THR E 1096 -16.00 21.31 11.70
N THR E 1097 -16.58 20.27 12.30
CA THR E 1097 -17.00 20.32 13.69
C THR E 1097 -15.88 20.85 14.57
N LEU E 1098 -14.72 20.22 14.49
CA LEU E 1098 -13.57 20.61 15.30
C LEU E 1098 -13.24 22.07 15.04
N THR E 1099 -13.09 22.43 13.77
CA THR E 1099 -12.91 23.80 13.33
C THR E 1099 -13.85 24.78 14.03
N LEU E 1100 -15.15 24.48 13.99
CA LEU E 1100 -16.17 25.36 14.59
C LEU E 1100 -15.99 25.46 16.11
N GLN E 1101 -15.60 24.35 16.73
CA GLN E 1101 -15.34 24.33 18.16
C GLN E 1101 -14.22 25.29 18.54
N VAL E 1102 -13.15 25.34 17.74
CA VAL E 1102 -12.06 26.29 18.03
C VAL E 1102 -12.54 27.72 17.86
N ILE E 1103 -13.31 27.97 16.80
CA ILE E 1103 -13.95 29.27 16.62
C ILE E 1103 -14.79 29.65 17.85
N ALA E 1104 -15.68 28.75 18.25
CA ALA E 1104 -16.55 28.97 19.40
C ALA E 1104 -15.74 29.36 20.63
N ALA E 1105 -14.67 28.62 20.90
CA ALA E 1105 -13.81 28.89 22.03
C ALA E 1105 -13.14 30.26 21.90
N ALA E 1106 -12.69 30.58 20.68
CA ALA E 1106 -12.03 31.86 20.40
C ALA E 1106 -12.97 33.04 20.58
N GLN E 1107 -14.20 32.86 20.13
CA GLN E 1107 -15.23 33.88 20.28
C GLN E 1107 -15.59 34.08 21.75
N ARG E 1108 -15.58 32.98 22.50
CA ARG E 1108 -15.84 33.00 23.92
C ARG E 1108 -14.84 33.91 24.63
N GLU E 1109 -13.74 34.24 23.95
CA GLU E 1109 -12.70 35.11 24.49
C GLU E 1109 -12.52 36.41 23.71
N GLY E 1110 -13.57 36.85 23.05
CA GLY E 1110 -13.60 38.14 22.36
C GLY E 1110 -12.77 38.23 21.11
N LYS E 1111 -12.48 37.10 20.49
CA LYS E 1111 -11.71 37.10 19.26
C LYS E 1111 -12.64 37.11 18.05
N THR E 1112 -12.20 37.74 16.97
CA THR E 1112 -12.99 37.80 15.75
C THR E 1112 -12.58 36.68 14.82
N CYS E 1113 -13.57 35.97 14.27
CA CYS E 1113 -13.28 34.81 13.42
C CYS E 1113 -13.96 34.89 12.06
N ALA E 1114 -13.33 34.31 11.05
CA ALA E 1114 -13.88 34.26 9.71
C ALA E 1114 -13.90 32.82 9.25
N PHE E 1115 -14.95 32.48 8.52
CA PHE E 1115 -15.10 31.13 7.97
C PHE E 1115 -15.26 31.21 6.46
N ILE E 1116 -14.33 30.61 5.73
CA ILE E 1116 -14.42 30.57 4.27
C ILE E 1116 -14.97 29.21 3.84
N ASP E 1117 -16.26 29.18 3.51
CA ASP E 1117 -16.94 27.94 3.20
C ASP E 1117 -16.88 27.65 1.71
N ALA E 1118 -15.70 27.29 1.23
CA ALA E 1118 -15.49 26.96 -0.17
C ALA E 1118 -16.19 25.66 -0.56
N GLU E 1119 -16.46 24.84 0.45
CA GLU E 1119 -17.07 23.53 0.28
C GLU E 1119 -18.58 23.70 0.16
N HIS E 1120 -19.06 24.89 0.51
CA HIS E 1120 -20.48 25.29 0.38
C HIS E 1120 -21.42 24.34 1.11
N ALA E 1121 -21.10 24.02 2.37
CA ALA E 1121 -21.86 23.02 3.09
C ALA E 1121 -22.09 23.36 4.57
N LEU E 1122 -21.72 24.57 4.96
CA LEU E 1122 -21.87 25.01 6.35
C LEU E 1122 -23.32 25.21 6.72
N ASP E 1123 -23.73 24.62 7.84
CA ASP E 1123 -25.08 24.82 8.35
C ASP E 1123 -25.03 25.77 9.53
N PRO E 1124 -25.50 27.01 9.34
CA PRO E 1124 -25.44 28.03 10.38
C PRO E 1124 -26.11 27.57 11.67
N ILE E 1125 -27.28 26.94 11.56
CA ILE E 1125 -28.01 26.48 12.73
C ILE E 1125 -27.21 25.45 13.53
N TYR E 1126 -26.49 24.59 12.83
CA TYR E 1126 -25.66 23.59 13.51
C TYR E 1126 -24.45 24.24 14.16
N ALA E 1127 -23.86 25.21 13.46
CA ALA E 1127 -22.75 25.99 14.02
C ALA E 1127 -23.17 26.65 15.34
N ARG E 1128 -24.40 27.16 15.38
CA ARG E 1128 -24.93 27.74 16.60
C ARG E 1128 -25.04 26.71 17.70
N LYS E 1129 -25.56 25.53 17.36
CA LYS E 1129 -25.66 24.43 18.32
C LYS E 1129 -24.32 24.09 18.92
N LEU E 1130 -23.25 24.21 18.14
CA LEU E 1130 -21.90 23.94 18.65
C LEU E 1130 -21.34 25.11 19.47
N GLY E 1131 -22.14 26.17 19.62
CA GLY E 1131 -21.77 27.29 20.47
C GLY E 1131 -21.04 28.40 19.75
N VAL E 1132 -21.14 28.42 18.42
CA VAL E 1132 -20.57 29.52 17.66
C VAL E 1132 -21.54 30.69 17.69
N ASP E 1133 -20.99 31.88 17.94
CA ASP E 1133 -21.73 33.12 17.83
C ASP E 1133 -21.89 33.46 16.35
N ILE E 1134 -23.02 33.03 15.80
CA ILE E 1134 -23.34 33.14 14.38
C ILE E 1134 -23.33 34.59 13.89
N ASP E 1135 -23.90 35.49 14.70
CA ASP E 1135 -24.06 36.88 14.32
C ASP E 1135 -22.76 37.67 14.18
N ASN E 1136 -21.67 37.13 14.72
CA ASN E 1136 -20.37 37.79 14.66
C ASN E 1136 -19.32 37.01 13.90
N LEU E 1137 -19.68 35.79 13.51
CA LEU E 1137 -18.79 34.97 12.70
C LEU E 1137 -18.82 35.46 11.26
N LEU E 1138 -17.73 36.05 10.81
CA LEU E 1138 -17.59 36.46 9.42
C LEU E 1138 -17.60 35.24 8.55
N CYS E 1139 -18.30 35.30 7.43
CA CYS E 1139 -18.48 34.13 6.60
C CYS E 1139 -18.56 34.46 5.12
N SER E 1140 -17.81 33.70 4.33
CA SER E 1140 -17.75 33.91 2.91
C SER E 1140 -17.94 32.60 2.15
N GLN E 1141 -18.68 32.66 1.05
CA GLN E 1141 -18.80 31.53 0.14
C GLN E 1141 -18.29 31.96 -1.23
N PRO E 1142 -16.97 31.83 -1.43
CA PRO E 1142 -16.27 32.40 -2.58
C PRO E 1142 -16.55 31.62 -3.86
N ASP E 1143 -16.38 32.29 -5.00
CA ASP E 1143 -16.64 31.66 -6.30
C ASP E 1143 -15.44 30.84 -6.75
N THR E 1144 -14.28 31.50 -6.82
CA THR E 1144 -13.04 30.83 -7.20
C THR E 1144 -12.12 30.65 -6.00
N GLY E 1145 -11.16 29.75 -6.13
CA GLY E 1145 -10.16 29.53 -5.10
C GLY E 1145 -9.25 30.74 -4.90
N GLU E 1146 -8.90 31.42 -5.99
CA GLU E 1146 -8.12 32.64 -5.90
C GLU E 1146 -8.84 33.70 -5.07
N GLN E 1147 -10.14 33.86 -5.29
CA GLN E 1147 -10.98 34.76 -4.51
C GLN E 1147 -10.91 34.38 -3.02
N ALA E 1148 -11.12 33.10 -2.73
CA ALA E 1148 -11.06 32.59 -1.36
C ALA E 1148 -9.77 33.00 -0.65
N LEU E 1149 -8.64 32.84 -1.35
CA LEU E 1149 -7.34 33.11 -0.76
C LEU E 1149 -7.02 34.59 -0.74
N GLU E 1150 -7.53 35.34 -1.71
CA GLU E 1150 -7.41 36.79 -1.69
C GLU E 1150 -8.17 37.39 -0.52
N ILE E 1151 -9.30 36.79 -0.18
CA ILE E 1151 -10.07 37.21 0.97
C ILE E 1151 -9.28 36.97 2.24
N CYS E 1152 -8.66 35.78 2.36
CA CYS E 1152 -7.79 35.46 3.50
C CYS E 1152 -6.69 36.48 3.67
N ASP E 1153 -6.04 36.83 2.56
CA ASP E 1153 -4.92 37.74 2.59
C ASP E 1153 -5.37 39.10 3.06
N ALA E 1154 -6.52 39.56 2.56
CA ALA E 1154 -7.11 40.83 2.97
C ALA E 1154 -7.41 40.86 4.47
N LEU E 1155 -8.03 39.82 4.99
CA LEU E 1155 -8.32 39.70 6.41
C LEU E 1155 -7.05 39.59 7.25
N ALA E 1156 -6.08 38.80 6.76
CA ALA E 1156 -4.79 38.71 7.42
C ALA E 1156 -4.19 40.11 7.55
N ARG E 1157 -4.03 40.82 6.43
CA ARG E 1157 -3.44 42.16 6.41
C ARG E 1157 -4.17 43.16 7.27
N SER E 1158 -5.49 43.05 7.39
CA SER E 1158 -6.30 43.99 8.17
C SER E 1158 -5.91 44.02 9.64
N GLY E 1159 -5.45 42.89 10.16
CA GLY E 1159 -5.07 42.76 11.55
C GLY E 1159 -6.28 42.73 12.48
N ALA E 1160 -7.46 42.59 11.88
CA ALA E 1160 -8.71 42.68 12.62
C ALA E 1160 -9.34 41.32 12.90
N VAL E 1161 -8.91 40.30 12.15
CA VAL E 1161 -9.41 38.95 12.36
C VAL E 1161 -8.36 38.11 13.09
N ASP E 1162 -8.81 37.31 14.05
CA ASP E 1162 -7.92 36.51 14.89
C ASP E 1162 -7.75 35.09 14.40
N VAL E 1163 -8.85 34.45 14.01
CA VAL E 1163 -8.77 33.12 13.39
C VAL E 1163 -9.61 33.03 12.13
N ILE E 1164 -8.99 32.55 11.06
CA ILE E 1164 -9.66 32.27 9.79
C ILE E 1164 -9.59 30.78 9.51
N VAL E 1165 -10.72 30.18 9.16
CA VAL E 1165 -10.70 28.80 8.66
C VAL E 1165 -11.22 28.69 7.25
N VAL E 1166 -10.49 27.94 6.43
CA VAL E 1166 -10.87 27.64 5.06
C VAL E 1166 -11.36 26.20 5.01
N ASP E 1167 -12.67 25.99 4.76
CA ASP E 1167 -13.22 24.65 4.69
C ASP E 1167 -13.08 24.04 3.30
N SER E 1168 -12.13 23.09 3.25
CA SER E 1168 -11.69 22.31 2.09
C SER E 1168 -10.82 23.08 1.14
N VAL E 1169 -9.52 22.80 1.17
CA VAL E 1169 -8.65 23.27 0.10
C VAL E 1169 -9.06 22.49 -1.14
N ALA E 1170 -9.52 21.26 -0.93
CA ALA E 1170 -10.04 20.42 -1.99
C ALA E 1170 -11.04 21.17 -2.87
N ALA E 1171 -11.82 22.04 -2.24
CA ALA E 1171 -12.87 22.79 -2.94
C ALA E 1171 -12.40 24.15 -3.48
N LEU E 1172 -11.15 24.51 -3.22
CA LEU E 1172 -10.56 25.74 -3.74
C LEU E 1172 -10.29 25.63 -5.25
N THR E 1173 -11.33 25.84 -6.05
CA THR E 1173 -11.25 25.67 -7.49
C THR E 1173 -10.63 26.88 -8.20
N PRO E 1174 -9.49 26.69 -8.87
CA PRO E 1174 -8.85 27.75 -9.66
C PRO E 1174 -9.82 28.38 -10.66
N LYS E 1175 -9.59 29.66 -10.93
CA LYS E 1175 -10.46 30.45 -11.81
C LYS E 1175 -10.55 29.87 -13.21
N ALA E 1176 -9.42 29.45 -13.74
CA ALA E 1176 -9.34 28.88 -15.07
C ALA E 1176 -10.13 27.58 -15.18
N GLU E 1177 -10.16 26.82 -14.08
CA GLU E 1177 -10.91 25.56 -14.04
C GLU E 1177 -12.40 25.81 -14.05
N ILE E 1178 -12.82 26.84 -13.29
CA ILE E 1178 -14.23 27.23 -13.22
C ILE E 1178 -14.73 27.72 -14.55
N GLU E 1179 -13.94 28.56 -15.22
CA GLU E 1179 -14.30 29.07 -16.53
C GLU E 1179 -14.12 28.04 -17.64
N GLY E 1180 -13.19 27.11 -17.43
CA GLY E 1180 -12.98 25.98 -18.34
C GLY E 1180 -14.10 24.96 -18.25
N GLU E 1181 -14.05 23.95 -19.13
CA GLU E 1181 -15.05 22.88 -19.13
C GLU E 1181 -14.65 21.71 -18.23
N ILE E 1182 -15.60 20.82 -17.96
CA ILE E 1182 -15.30 19.60 -17.23
C ILE E 1182 -14.61 18.64 -18.17
N GLY E 1183 -13.40 18.25 -17.80
CA GLY E 1183 -12.56 17.40 -18.64
C GLY E 1183 -11.33 18.14 -19.13
N ASP E 1184 -11.36 19.46 -19.01
CA ASP E 1184 -10.20 20.29 -19.32
C ASP E 1184 -9.07 19.97 -18.35
N SER E 1185 -7.85 19.96 -18.88
CA SER E 1185 -6.69 19.61 -18.10
C SER E 1185 -6.01 20.88 -17.58
N HIS E 1186 -5.83 20.96 -16.27
CA HIS E 1186 -5.16 22.10 -15.65
C HIS E 1186 -4.00 21.62 -14.80
N MET E 1187 -2.99 21.04 -15.44
CA MET E 1187 -1.87 20.44 -14.73
C MET E 1187 -1.25 21.35 -13.68
N GLY E 1188 -1.20 20.84 -12.45
CA GLY E 1188 -0.61 21.54 -11.33
C GLY E 1188 -1.09 22.95 -11.00
N LEU E 1189 -2.25 23.35 -11.51
CA LEU E 1189 -2.73 24.72 -11.32
C LEU E 1189 -3.08 24.99 -9.87
N ALA E 1190 -3.87 24.12 -9.27
CA ALA E 1190 -4.28 24.30 -7.87
C ALA E 1190 -3.08 24.22 -6.97
N ALA E 1191 -2.16 23.32 -7.31
CA ALA E 1191 -0.94 23.15 -6.53
C ALA E 1191 -0.11 24.42 -6.57
N ARG E 1192 0.01 24.98 -7.76
CA ARG E 1192 0.82 26.16 -8.00
C ARG E 1192 0.18 27.37 -7.34
N MET E 1193 -1.15 27.39 -7.33
CA MET E 1193 -1.93 28.45 -6.68
C MET E 1193 -1.76 28.41 -5.17
N MET E 1194 -1.85 27.21 -4.60
CA MET E 1194 -1.62 26.98 -3.18
C MET E 1194 -0.21 27.39 -2.78
N SER E 1195 0.75 27.03 -3.62
CA SER E 1195 2.14 27.32 -3.39
C SER E 1195 2.34 28.83 -3.33
N GLN E 1196 1.68 29.55 -4.23
CA GLN E 1196 1.73 31.01 -4.24
C GLN E 1196 1.07 31.61 -3.01
N ALA E 1197 -0.09 31.06 -2.63
CA ALA E 1197 -0.83 31.52 -1.47
C ALA E 1197 0.03 31.48 -0.21
N MET E 1198 0.69 30.35 0.03
CA MET E 1198 1.51 30.19 1.23
C MET E 1198 2.57 31.28 1.32
N ARG E 1199 3.29 31.52 0.23
CA ARG E 1199 4.31 32.56 0.17
C ARG E 1199 3.78 33.90 0.64
N LYS E 1200 2.65 34.31 0.08
CA LYS E 1200 2.00 35.57 0.42
C LYS E 1200 1.38 35.60 1.84
N LEU E 1201 0.76 34.51 2.25
CA LEU E 1201 0.06 34.48 3.51
C LEU E 1201 0.97 34.42 4.75
N ALA E 1202 1.95 33.52 4.73
CA ALA E 1202 2.82 33.25 5.88
C ALA E 1202 3.23 34.53 6.61
N GLY E 1203 3.75 35.48 5.85
CA GLY E 1203 4.23 36.75 6.42
C GLY E 1203 3.12 37.60 7.01
N ASN E 1204 2.02 37.77 6.25
CA ASN E 1204 0.88 38.57 6.70
C ASN E 1204 0.21 38.01 7.93
N LEU E 1205 0.20 36.69 8.05
CA LEU E 1205 -0.44 36.03 9.16
C LEU E 1205 0.35 36.21 10.42
N LYS E 1206 1.68 36.15 10.32
CA LYS E 1206 2.54 36.29 11.48
C LYS E 1206 2.47 37.72 12.01
N GLN E 1207 2.56 38.70 11.11
CA GLN E 1207 2.54 40.10 11.53
C GLN E 1207 1.21 40.57 12.10
N SER E 1208 0.15 39.83 11.82
CA SER E 1208 -1.18 40.14 12.32
C SER E 1208 -1.58 39.25 13.47
N ASN E 1209 -0.73 38.27 13.75
CA ASN E 1209 -0.99 37.26 14.77
C ASN E 1209 -2.30 36.51 14.53
N THR E 1210 -2.58 36.26 13.24
CA THR E 1210 -3.79 35.59 12.80
C THR E 1210 -3.53 34.10 12.57
N LEU E 1211 -4.34 33.25 13.21
CA LEU E 1211 -4.29 31.81 12.96
C LEU E 1211 -5.12 31.48 11.73
N LEU E 1212 -4.55 30.69 10.82
CA LEU E 1212 -5.27 30.22 9.63
C LEU E 1212 -5.37 28.70 9.60
N ILE E 1213 -6.57 28.16 9.68
CA ILE E 1213 -6.76 26.71 9.62
C ILE E 1213 -7.28 26.28 8.26
N PHE E 1214 -6.55 25.36 7.62
CA PHE E 1214 -7.00 24.75 6.36
C PHE E 1214 -7.58 23.37 6.62
N ILE E 1215 -8.82 23.16 6.21
CA ILE E 1215 -9.36 21.82 6.19
C ILE E 1215 -9.04 21.15 4.85
N ASN E 1216 -8.51 19.94 4.88
CA ASN E 1216 -8.25 19.22 3.65
C ASN E 1216 -8.94 17.85 3.62
N GLN E 1217 -9.18 17.34 2.42
CA GLN E 1217 -9.75 16.03 2.22
C GLN E 1217 -8.64 15.07 1.88
N ILE E 1218 -8.93 13.78 1.92
CA ILE E 1218 -7.99 12.75 1.53
C ILE E 1218 -8.31 12.24 0.13
N ARG E 1219 -7.27 12.13 -0.70
CA ARG E 1219 -7.37 11.40 -1.93
C ARG E 1219 -6.42 10.23 -1.85
N MET E 1220 -6.56 9.30 -2.78
CA MET E 1220 -5.70 8.16 -2.85
C MET E 1220 -4.70 8.46 -3.95
N LYS E 1221 -3.41 8.24 -3.67
CA LYS E 1221 -2.41 8.29 -4.74
C LYS E 1221 -2.31 6.90 -5.33
N ILE E 1222 -1.99 6.81 -6.60
CA ILE E 1222 -2.11 5.52 -7.28
C ILE E 1222 -0.79 5.07 -7.92
N GLY E 1223 -0.44 3.81 -7.71
CA GLY E 1223 0.83 3.26 -8.15
C GLY E 1223 1.86 3.22 -7.03
N VAL E 1224 1.40 2.85 -5.83
CA VAL E 1224 2.20 2.91 -4.60
C VAL E 1224 2.00 1.64 -3.76
N MET E 1225 3.07 0.87 -3.57
CA MET E 1225 3.00 -0.39 -2.83
C MET E 1225 3.57 -0.29 -1.40
N PHE E 1226 4.61 0.54 -1.27
CA PHE E 1226 5.19 0.92 0.01
C PHE E 1226 4.29 1.91 0.76
N GLY E 1227 4.63 2.19 2.02
CA GLY E 1227 3.96 3.23 2.82
C GLY E 1227 2.45 3.16 2.80
N ASN E 1228 1.80 4.32 2.82
CA ASN E 1228 0.34 4.37 2.73
C ASN E 1228 -0.11 5.23 1.54
N PRO E 1229 -1.23 4.84 0.90
CA PRO E 1229 -1.60 5.46 -0.36
C PRO E 1229 -2.35 6.78 -0.24
N GLU E 1230 -2.58 7.26 0.97
CA GLU E 1230 -3.37 8.48 1.19
C GLU E 1230 -2.59 9.76 0.88
N THR E 1231 -3.31 10.77 0.41
CA THR E 1231 -2.74 12.10 0.22
C THR E 1231 -3.76 13.16 0.49
N THR E 1232 -3.40 14.38 0.12
CA THR E 1232 -4.05 15.58 0.54
C THR E 1232 -4.15 16.42 -0.72
N THR E 1233 -5.23 17.19 -0.89
CA THR E 1233 -5.40 17.95 -2.11
C THR E 1233 -4.54 19.19 -2.12
N GLY E 1234 -4.25 19.70 -3.31
CA GLY E 1234 -3.62 21.01 -3.47
C GLY E 1234 -2.12 21.07 -3.27
N GLY E 1235 -1.43 20.04 -3.70
CA GLY E 1235 0.02 20.06 -3.76
C GLY E 1235 0.77 19.86 -2.47
N ASN E 1236 2.01 20.33 -2.47
CA ASN E 1236 2.94 20.06 -1.40
C ASN E 1236 3.26 21.25 -0.50
N ALA E 1237 2.89 22.45 -0.95
CA ALA E 1237 3.22 23.67 -0.25
C ALA E 1237 2.74 23.63 1.19
N LEU E 1238 1.47 23.30 1.38
CA LEU E 1238 0.86 23.34 2.71
C LEU E 1238 1.55 22.45 3.76
N LYS E 1239 2.00 21.24 3.37
CA LYS E 1239 2.71 20.34 4.28
C LYS E 1239 3.83 21.11 4.99
N PHE E 1240 4.54 21.92 4.21
CA PHE E 1240 5.73 22.62 4.66
C PHE E 1240 5.38 23.81 5.53
N TYR E 1241 4.43 24.62 5.07
CA TYR E 1241 4.10 25.86 5.75
C TYR E 1241 3.30 25.65 7.03
N ALA E 1242 2.51 24.59 7.10
CA ALA E 1242 1.76 24.26 8.31
C ALA E 1242 2.69 24.10 9.50
N SER E 1243 2.34 24.72 10.63
CA SER E 1243 3.12 24.57 11.87
C SER E 1243 2.58 23.39 12.66
N VAL E 1244 1.32 23.04 12.37
CA VAL E 1244 0.68 21.88 12.97
C VAL E 1244 -0.17 21.19 11.91
N ARG E 1245 -0.08 19.87 11.83
CA ARG E 1245 -0.98 19.10 10.97
C ARG E 1245 -1.72 18.04 11.78
N LEU E 1246 -3.04 18.02 11.64
CA LEU E 1246 -3.88 17.11 12.38
C LEU E 1246 -4.53 16.10 11.45
N ASP E 1247 -4.40 14.82 11.80
CA ASP E 1247 -5.09 13.72 11.13
C ASP E 1247 -6.26 13.27 12.02
N ILE E 1248 -7.48 13.66 11.63
CA ILE E 1248 -8.69 13.30 12.40
C ILE E 1248 -9.41 12.11 11.78
N ARG E 1249 -9.90 11.21 12.63
CA ARG E 1249 -10.59 10.00 12.16
C ARG E 1249 -11.70 9.53 13.08
N ARG E 1250 -12.81 9.09 12.49
CA ARG E 1250 -13.88 8.48 13.27
C ARG E 1250 -13.49 7.04 13.52
N ILE E 1251 -13.51 6.62 14.78
CA ILE E 1251 -13.03 5.28 15.13
C ILE E 1251 -14.13 4.37 15.65
N GLY E 1252 -15.26 4.96 15.98
CA GLY E 1252 -16.40 4.20 16.48
C GLY E 1252 -17.64 5.06 16.67
N ALA E 1253 -18.72 4.42 17.09
CA ALA E 1253 -19.98 5.10 17.33
C ALA E 1253 -20.25 5.23 18.83
N VAL E 1254 -20.75 6.39 19.24
CA VAL E 1254 -21.24 6.58 20.61
C VAL E 1254 -22.72 6.19 20.63
N LYS E 1255 -23.04 5.09 21.28
CA LYS E 1255 -24.39 4.55 21.24
C LYS E 1255 -25.21 4.79 22.51
N GLU E 1256 -26.51 4.91 22.31
CA GLU E 1256 -27.51 5.03 23.36
C GLU E 1256 -28.42 3.82 23.29
N GLY E 1257 -27.84 2.65 23.53
CA GLY E 1257 -28.51 1.37 23.30
C GLY E 1257 -28.86 1.26 21.83
N GLU E 1258 -30.03 1.80 21.48
CA GLU E 1258 -30.50 1.82 20.10
C GLU E 1258 -29.76 2.87 19.26
N ASN E 1259 -29.80 4.12 19.73
CA ASN E 1259 -29.42 5.27 18.92
C ASN E 1259 -27.92 5.49 18.77
N VAL E 1260 -27.53 6.02 17.62
CA VAL E 1260 -26.17 6.48 17.42
C VAL E 1260 -26.21 7.97 17.66
N VAL E 1261 -25.68 8.38 18.81
CA VAL E 1261 -25.82 9.76 19.27
C VAL E 1261 -24.51 10.58 19.14
N GLY E 1262 -23.44 9.91 18.72
CA GLY E 1262 -22.15 10.57 18.52
C GLY E 1262 -21.09 9.73 17.82
N SER E 1263 -19.98 10.38 17.47
CA SER E 1263 -18.84 9.73 16.85
C SER E 1263 -17.69 9.68 17.83
N GLU E 1264 -17.18 8.48 18.06
CA GLU E 1264 -15.94 8.32 18.82
C GLU E 1264 -14.78 8.74 17.90
N THR E 1265 -13.94 9.65 18.37
CA THR E 1265 -12.98 10.32 17.49
C THR E 1265 -11.54 10.26 17.95
N ARG E 1266 -10.61 10.14 17.00
CA ARG E 1266 -9.17 10.14 17.29
C ARG E 1266 -8.44 11.13 16.40
N VAL E 1267 -7.64 12.01 17.02
CA VAL E 1267 -6.83 12.96 16.25
C VAL E 1267 -5.36 12.68 16.49
N LYS E 1268 -4.59 12.53 15.42
CA LYS E 1268 -3.14 12.37 15.51
C LYS E 1268 -2.47 13.68 15.15
N VAL E 1269 -1.46 14.06 15.92
CA VAL E 1269 -0.67 15.25 15.59
C VAL E 1269 0.46 14.80 14.69
N VAL E 1270 0.25 14.97 13.40
CA VAL E 1270 1.12 14.41 12.38
C VAL E 1270 2.34 15.29 12.15
N LYS E 1271 2.16 16.61 12.27
CA LYS E 1271 3.28 17.54 12.23
C LYS E 1271 3.17 18.56 13.35
N ASN E 1272 4.29 18.90 13.97
CA ASN E 1272 4.32 19.89 15.04
C ASN E 1272 5.63 20.67 15.10
N LYS E 1273 5.52 21.98 14.91
CA LYS E 1273 6.66 22.89 14.95
C LYS E 1273 6.71 23.61 16.28
N ILE E 1274 5.78 23.28 17.15
CA ILE E 1274 5.48 24.08 18.32
C ILE E 1274 5.74 23.29 19.60
N ALA E 1275 5.70 21.96 19.46
CA ALA E 1275 5.99 21.02 20.53
C ALA E 1275 6.31 19.68 19.84
N ALA E 1276 6.65 18.66 20.62
CA ALA E 1276 6.87 17.32 20.08
C ALA E 1276 5.63 16.82 19.33
N PRO E 1277 5.84 16.21 18.13
CA PRO E 1277 4.75 15.65 17.33
C PRO E 1277 4.40 14.21 17.72
N PHE E 1278 3.36 13.69 17.06
CA PHE E 1278 2.97 12.27 17.12
C PHE E 1278 2.27 11.83 18.40
N LYS E 1279 1.81 12.78 19.21
CA LYS E 1279 0.91 12.45 20.31
C LYS E 1279 -0.49 12.41 19.72
N GLN E 1280 -1.40 11.72 20.40
CA GLN E 1280 -2.77 11.65 19.88
C GLN E 1280 -3.84 11.86 20.94
N ALA E 1281 -5.04 12.22 20.48
CA ALA E 1281 -6.13 12.54 21.37
C ALA E 1281 -7.38 11.78 20.93
N GLU E 1282 -8.04 11.14 21.89
CA GLU E 1282 -9.31 10.49 21.64
C GLU E 1282 -10.41 11.19 22.43
N PHE E 1283 -11.52 11.49 21.77
CA PHE E 1283 -12.64 12.13 22.43
C PHE E 1283 -13.93 11.80 21.69
N GLN E 1284 -15.05 12.32 22.19
CA GLN E 1284 -16.35 12.07 21.57
C GLN E 1284 -16.89 13.33 20.93
N ILE E 1285 -17.43 13.19 19.72
CA ILE E 1285 -18.21 14.26 19.12
C ILE E 1285 -19.66 13.84 19.26
N LEU E 1286 -20.38 14.51 20.15
CA LEU E 1286 -21.80 14.26 20.32
C LEU E 1286 -22.58 15.16 19.38
N TYR E 1287 -23.36 14.53 18.50
CA TYR E 1287 -24.08 15.25 17.45
C TYR E 1287 -24.99 16.32 18.04
N GLY E 1288 -24.93 17.52 17.48
CA GLY E 1288 -25.76 18.61 17.94
C GLY E 1288 -25.27 19.28 19.20
N GLU E 1289 -24.21 18.73 19.78
CA GLU E 1289 -23.64 19.27 21.01
C GLU E 1289 -22.20 19.70 20.79
N GLY E 1290 -21.41 18.84 20.15
CA GLY E 1290 -20.00 19.12 19.90
C GLY E 1290 -19.08 18.13 20.59
N ILE E 1291 -17.82 18.54 20.75
CA ILE E 1291 -16.82 17.75 21.48
C ILE E 1291 -17.23 17.64 22.95
N ASN E 1292 -17.28 16.47 23.54
CA ASN E 1292 -17.60 16.33 24.96
C ASN E 1292 -16.39 16.71 25.83
N PHE E 1293 -16.32 17.99 26.17
CA PHE E 1293 -15.16 18.55 26.87
C PHE E 1293 -15.09 18.09 28.31
N TYR E 1294 -16.22 18.12 29.01
CA TYR E 1294 -16.26 17.73 30.41
C TYR E 1294 -16.08 16.24 30.58
N GLY E 1295 -16.50 15.48 29.56
CA GLY E 1295 -16.18 14.07 29.48
C GLY E 1295 -14.69 13.81 29.56
N GLU E 1296 -13.94 14.53 28.73
CA GLU E 1296 -12.48 14.47 28.74
C GLU E 1296 -11.95 14.83 30.13
N LEU E 1297 -12.47 15.91 30.69
CA LEU E 1297 -12.02 16.41 31.97
C LEU E 1297 -12.16 15.35 33.04
N VAL E 1298 -13.28 14.64 33.06
CA VAL E 1298 -13.45 13.50 33.97
C VAL E 1298 -12.33 12.47 33.78
N ASP E 1299 -12.18 11.96 32.55
CA ASP E 1299 -11.19 10.91 32.28
C ASP E 1299 -9.77 11.34 32.60
N LEU E 1300 -9.42 12.56 32.22
CA LEU E 1300 -8.10 13.11 32.50
C LEU E 1300 -7.90 13.33 33.99
N GLY E 1301 -8.95 13.77 34.67
CA GLY E 1301 -8.92 14.00 36.11
C GLY E 1301 -8.71 12.72 36.88
N VAL E 1302 -9.46 11.69 36.51
CA VAL E 1302 -9.34 10.36 37.12
C VAL E 1302 -7.95 9.78 36.87
N LYS E 1303 -7.47 9.91 35.63
CA LYS E 1303 -6.17 9.41 35.22
C LYS E 1303 -5.04 10.07 36.02
N GLU E 1304 -5.20 11.35 36.31
CA GLU E 1304 -4.19 12.10 37.04
C GLU E 1304 -4.38 12.11 38.57
N LYS E 1305 -5.28 11.25 39.05
CA LYS E 1305 -5.58 11.11 40.48
C LYS E 1305 -6.07 12.40 41.13
N LEU E 1306 -6.72 13.27 40.34
CA LEU E 1306 -7.37 14.46 40.87
C LEU E 1306 -8.81 14.16 41.21
N ILE E 1307 -9.41 13.22 40.47
CA ILE E 1307 -10.75 12.74 40.77
C ILE E 1307 -10.67 11.27 41.19
N GLU E 1308 -11.35 10.95 42.28
CA GLU E 1308 -11.40 9.60 42.83
C GLU E 1308 -12.45 8.79 42.08
N LYS E 1309 -12.14 7.51 41.82
CA LYS E 1309 -13.11 6.60 41.21
C LYS E 1309 -13.21 5.30 42.01
N ALA E 1310 -14.26 5.19 42.81
CA ALA E 1310 -14.52 3.99 43.61
C ALA E 1310 -15.61 3.14 42.95
N GLY E 1311 -15.19 2.32 41.99
CA GLY E 1311 -16.10 1.50 41.19
C GLY E 1311 -16.83 2.36 40.17
N ALA E 1312 -18.07 2.72 40.49
CA ALA E 1312 -18.86 3.60 39.65
C ALA E 1312 -18.99 5.00 40.27
N TRP E 1313 -18.54 5.14 41.52
CA TRP E 1313 -18.65 6.41 42.25
C TRP E 1313 -17.45 7.35 42.03
N TYR E 1314 -17.75 8.53 41.49
CA TYR E 1314 -16.73 9.55 41.27
C TYR E 1314 -16.74 10.57 42.40
N SER E 1315 -15.59 10.73 43.06
CA SER E 1315 -15.44 11.70 44.14
C SER E 1315 -14.42 12.76 43.79
N TYR E 1316 -14.65 13.99 44.26
CA TYR E 1316 -13.64 15.04 44.17
C TYR E 1316 -13.42 15.64 45.53
N LYS E 1317 -12.19 15.50 46.02
CA LYS E 1317 -11.79 15.99 47.33
C LYS E 1317 -12.76 15.56 48.42
N GLY E 1318 -13.04 14.26 48.48
CA GLY E 1318 -13.89 13.68 49.53
C GLY E 1318 -15.37 13.72 49.20
N GLU E 1319 -15.80 14.83 48.60
CA GLU E 1319 -17.18 15.03 48.17
C GLU E 1319 -17.46 14.21 46.92
N LYS E 1320 -18.56 13.45 46.96
CA LYS E 1320 -19.00 12.65 45.82
C LYS E 1320 -19.69 13.54 44.80
N ILE E 1321 -19.30 13.40 43.54
CA ILE E 1321 -19.80 14.29 42.48
C ILE E 1321 -20.74 13.61 41.48
N GLY E 1322 -20.78 12.28 41.50
CA GLY E 1322 -21.69 11.54 40.63
C GLY E 1322 -21.40 10.07 40.50
N GLN E 1323 -22.43 9.33 40.07
CA GLN E 1323 -22.30 7.91 39.82
C GLN E 1323 -22.34 7.64 38.31
N GLY E 1324 -21.27 7.03 37.80
CA GLY E 1324 -21.12 6.81 36.37
C GLY E 1324 -20.60 8.07 35.69
N LYS E 1325 -19.74 7.87 34.69
CA LYS E 1325 -19.11 8.97 33.95
C LYS E 1325 -20.13 10.02 33.49
N ALA E 1326 -21.33 9.56 33.09
CA ALA E 1326 -22.42 10.44 32.66
C ALA E 1326 -22.74 11.53 33.70
N ASN E 1327 -22.94 11.13 34.95
CA ASN E 1327 -23.29 12.05 36.02
C ASN E 1327 -22.15 12.96 36.45
N ALA E 1328 -20.94 12.40 36.52
CA ALA E 1328 -19.76 13.16 36.87
C ALA E 1328 -19.53 14.30 35.87
N THR E 1329 -19.76 14.02 34.59
CA THR E 1329 -19.68 15.01 33.53
C THR E 1329 -20.71 16.13 33.79
N ALA E 1330 -21.92 15.74 34.15
CA ALA E 1330 -23.01 16.70 34.39
C ALA E 1330 -22.71 17.60 35.59
N TRP E 1331 -22.02 17.04 36.57
CA TRP E 1331 -21.62 17.79 37.75
C TRP E 1331 -20.62 18.89 37.43
N LEU E 1332 -19.67 18.61 36.53
CA LEU E 1332 -18.69 19.59 36.12
C LEU E 1332 -19.29 20.72 35.30
N LYS E 1333 -20.30 20.41 34.47
CA LYS E 1333 -21.08 21.44 33.80
C LYS E 1333 -21.67 22.36 34.86
N ASP E 1334 -22.21 21.76 35.93
CA ASP E 1334 -22.88 22.49 37.00
C ASP E 1334 -21.95 23.34 37.85
N ASN E 1335 -20.72 22.89 38.02
CA ASN E 1335 -19.72 23.63 38.81
C ASN E 1335 -18.57 24.09 37.93
N PRO E 1336 -18.78 25.16 37.14
CA PRO E 1336 -17.77 25.57 36.16
C PRO E 1336 -16.51 26.09 36.83
N GLU E 1337 -16.65 26.59 38.05
CA GLU E 1337 -15.53 27.15 38.82
C GLU E 1337 -14.57 26.05 39.23
N THR E 1338 -15.14 24.92 39.66
CA THR E 1338 -14.39 23.72 40.04
C THR E 1338 -13.79 23.08 38.81
N ALA E 1339 -14.52 23.09 37.70
CA ALA E 1339 -14.03 22.56 36.44
C ALA E 1339 -12.79 23.31 35.99
N LYS E 1340 -12.80 24.64 36.05
CA LYS E 1340 -11.65 25.47 35.69
C LYS E 1340 -10.43 25.06 36.52
N GLU E 1341 -10.67 24.83 37.82
CA GLU E 1341 -9.63 24.46 38.77
C GLU E 1341 -8.98 23.11 38.40
N ILE E 1342 -9.81 22.11 38.14
CA ILE E 1342 -9.31 20.79 37.74
C ILE E 1342 -8.58 20.88 36.40
N GLU E 1343 -9.17 21.59 35.44
CA GLU E 1343 -8.57 21.77 34.13
C GLU E 1343 -7.17 22.40 34.23
N LYS E 1344 -7.06 23.48 35.01
CA LYS E 1344 -5.78 24.15 35.21
C LYS E 1344 -4.70 23.20 35.71
N LYS E 1345 -5.08 22.34 36.65
CA LYS E 1345 -4.15 21.36 37.22
C LYS E 1345 -3.77 20.27 36.23
N VAL E 1346 -4.76 19.81 35.46
CA VAL E 1346 -4.49 18.82 34.42
C VAL E 1346 -3.48 19.37 33.41
N ARG E 1347 -3.70 20.61 32.98
CA ARG E 1347 -2.80 21.27 32.04
C ARG E 1347 -1.40 21.43 32.61
N GLU E 1348 -1.29 21.88 33.87
CA GLU E 1348 0.00 22.01 34.54
C GLU E 1348 0.73 20.68 34.57
N LEU E 1349 0.00 19.61 34.89
CA LEU E 1349 0.56 18.27 34.94
C LEU E 1349 0.98 17.69 33.59
N LEU E 1350 0.22 18.00 32.54
CA LEU E 1350 0.37 17.27 31.27
C LEU E 1350 0.83 18.05 30.02
N LEU E 1351 0.80 19.39 30.08
CA LEU E 1351 1.33 20.19 28.98
C LEU E 1351 2.86 20.23 29.01
N SER E 1352 3.49 19.78 27.93
CA SER E 1352 4.94 19.75 27.84
C SER E 1352 5.53 21.09 27.45
N ASN E 1353 4.70 22.04 27.05
CA ASN E 1353 5.17 23.29 26.49
C ASN E 1353 4.26 24.47 26.83
N PRO E 1354 4.21 24.86 28.12
CA PRO E 1354 3.20 25.83 28.57
C PRO E 1354 3.45 27.27 28.13
N ASN E 1355 2.35 28.03 28.02
CA ASN E 1355 2.33 29.36 27.39
C ASN E 1355 2.92 30.50 28.21
N SER E 1356 2.43 31.70 27.95
CA SER E 1356 2.86 32.94 28.61
C SER E 1356 1.72 33.55 29.41
N ALA E 1373 -10.49 51.91 23.65
CA ALA E 1373 -9.43 52.62 22.88
C ALA E 1373 -8.64 51.66 21.98
N ILE E 1374 -8.50 50.43 22.43
CA ILE E 1374 -7.67 49.41 21.75
C ILE E 1374 -8.46 48.64 20.67
N ASP E 1375 -9.69 48.27 20.98
CA ASP E 1375 -10.54 47.48 20.09
C ASP E 1375 -11.36 48.33 19.11
N GLU E 1376 -11.41 49.63 19.36
CA GLU E 1376 -12.12 50.56 18.49
C GLU E 1376 -11.31 50.87 17.23
N ASN E 1377 -9.99 50.81 17.36
CA ASN E 1377 -9.09 50.89 16.21
C ASN E 1377 -9.24 49.66 15.31
N LYS E 1378 -9.50 48.52 15.92
CA LYS E 1378 -9.66 47.26 15.21
C LYS E 1378 -10.88 47.26 14.28
N GLN E 1379 -11.99 47.77 14.79
CA GLN E 1379 -13.23 47.84 14.02
C GLN E 1379 -13.12 48.81 12.86
N LYS E 1380 -12.42 49.92 13.10
CA LYS E 1380 -12.08 50.88 12.07
C LYS E 1380 -11.38 50.19 10.88
N ALA E 1381 -10.42 49.31 11.20
CA ALA E 1381 -9.68 48.57 10.18
C ALA E 1381 -10.44 47.37 9.63
N LEU E 1382 -11.34 46.81 10.44
CA LEU E 1382 -12.19 45.68 10.03
C LEU E 1382 -13.16 46.11 8.94
N ALA E 1383 -13.99 47.12 9.23
CA ALA E 1383 -14.94 47.67 8.28
C ALA E 1383 -14.25 48.12 6.99
N ALA E 1384 -13.05 48.69 7.12
CA ALA E 1384 -12.23 49.08 5.98
C ALA E 1384 -11.91 47.87 5.08
N ALA E 1385 -11.59 46.74 5.69
CA ALA E 1385 -11.27 45.52 4.94
C ALA E 1385 -12.50 44.89 4.32
N LEU E 1386 -13.59 44.81 5.09
CA LEU E 1386 -14.85 44.27 4.59
C LEU E 1386 -15.39 45.08 3.40
N GLY E 1387 -15.27 46.40 3.48
CA GLY E 1387 -15.66 47.27 2.39
C GLY E 1387 -14.80 47.01 1.16
N GLN E 1388 -13.48 46.91 1.39
CA GLN E 1388 -12.52 46.59 0.33
C GLN E 1388 -12.82 45.27 -0.35
N ILE E 1389 -13.16 44.25 0.44
CA ILE E 1389 -13.44 42.92 -0.06
C ILE E 1389 -14.71 42.93 -0.91
N GLU E 1390 -15.75 43.57 -0.41
CA GLU E 1390 -17.04 43.60 -1.10
C GLU E 1390 -16.97 44.40 -2.39
N LYS E 1391 -16.17 45.47 -2.39
CA LYS E 1391 -15.96 46.27 -3.57
C LYS E 1391 -15.14 45.52 -4.61
N GLN E 1392 -14.32 44.58 -4.14
CA GLN E 1392 -13.52 43.76 -5.03
C GLN E 1392 -14.23 42.52 -5.56
N PHE E 1393 -14.98 41.85 -4.70
CA PHE E 1393 -15.56 40.55 -5.05
C PHE E 1393 -17.09 40.53 -5.04
N GLY E 1394 -17.70 41.70 -5.14
CA GLY E 1394 -19.13 41.79 -5.38
C GLY E 1394 -19.99 41.89 -4.15
N LYS E 1395 -21.30 42.00 -4.41
CA LYS E 1395 -22.36 42.25 -3.43
C LYS E 1395 -22.10 41.62 -2.07
N GLY E 1396 -22.47 40.37 -1.88
CA GLY E 1396 -22.36 39.75 -0.57
C GLY E 1396 -21.30 38.68 -0.49
N SER E 1397 -20.08 39.03 -0.91
CA SER E 1397 -18.97 38.09 -0.93
C SER E 1397 -18.51 37.71 0.47
N ILE E 1398 -18.67 38.62 1.42
CA ILE E 1398 -18.44 38.31 2.84
C ILE E 1398 -19.50 38.98 3.71
N MET E 1399 -20.05 38.23 4.66
CA MET E 1399 -21.01 38.79 5.63
C MET E 1399 -21.08 37.98 6.91
N ARG E 1400 -21.82 38.49 7.89
CA ARG E 1400 -22.01 37.78 9.14
C ARG E 1400 -22.93 36.60 8.91
N LEU E 1401 -22.54 35.44 9.41
CA LEU E 1401 -23.25 34.19 9.18
C LEU E 1401 -24.75 34.31 9.51
N GLY E 1402 -25.05 34.93 10.65
CA GLY E 1402 -26.40 34.99 11.18
C GLY E 1402 -27.39 35.68 10.27
N GLU E 1403 -26.90 36.54 9.40
CA GLU E 1403 -27.77 37.30 8.54
C GLU E 1403 -27.72 36.86 7.08
N ASP E 1404 -26.91 35.85 6.78
CA ASP E 1404 -26.89 35.29 5.43
C ASP E 1404 -28.06 34.34 5.23
N ARG E 1405 -29.02 34.78 4.42
CA ARG E 1405 -30.23 34.02 4.18
C ARG E 1405 -29.98 32.80 3.32
N SER E 1406 -29.09 32.95 2.32
CA SER E 1406 -28.82 31.88 1.37
C SER E 1406 -28.11 30.71 2.03
N MET E 1407 -27.89 30.81 3.33
CA MET E 1407 -27.20 29.78 4.08
C MET E 1407 -28.18 28.85 4.79
N ASP E 1408 -29.44 29.25 4.86
CA ASP E 1408 -30.47 28.47 5.56
C ASP E 1408 -30.76 27.17 4.81
N VAL E 1409 -30.90 26.06 5.53
CA VAL E 1409 -31.17 24.76 4.91
C VAL E 1409 -32.66 24.54 4.64
N GLU E 1410 -32.99 24.27 3.37
CA GLU E 1410 -34.35 24.06 2.92
C GLU E 1410 -34.45 22.66 2.32
N THR E 1411 -35.52 21.92 2.61
CA THR E 1411 -35.61 20.52 2.18
C THR E 1411 -36.76 20.17 1.21
N ILE E 1412 -36.63 19.00 0.58
CA ILE E 1412 -37.60 18.44 -0.35
C ILE E 1412 -37.96 17.06 0.17
N SER E 1413 -39.24 16.71 0.11
CA SER E 1413 -39.67 15.36 0.47
C SER E 1413 -39.02 14.30 -0.44
N THR E 1414 -38.72 13.15 0.13
CA THR E 1414 -38.14 12.07 -0.64
C THR E 1414 -39.22 11.18 -1.27
N GLY E 1415 -40.46 11.37 -0.85
CA GLY E 1415 -41.55 10.51 -1.31
C GLY E 1415 -41.82 9.40 -0.31
N SER E 1416 -40.84 9.15 0.57
CA SER E 1416 -41.03 8.26 1.71
C SER E 1416 -41.08 9.10 2.99
N LEU E 1417 -42.13 8.89 3.78
CA LEU E 1417 -42.30 9.61 5.03
C LEU E 1417 -41.25 9.19 6.04
N SER E 1418 -41.06 7.88 6.18
CA SER E 1418 -40.12 7.35 7.16
C SER E 1418 -38.68 7.73 6.84
N LEU E 1419 -38.40 7.92 5.54
CA LEU E 1419 -37.10 8.41 5.12
C LEU E 1419 -36.93 9.88 5.51
N ASP E 1420 -37.94 10.70 5.24
CA ASP E 1420 -37.92 12.10 5.63
C ASP E 1420 -37.70 12.25 7.13
N ILE E 1421 -38.23 11.29 7.91
CA ILE E 1421 -37.98 11.24 9.35
C ILE E 1421 -36.55 10.81 9.66
N ALA E 1422 -36.10 9.73 9.02
CA ALA E 1422 -34.71 9.26 9.17
C ALA E 1422 -33.71 10.36 8.84
N LEU E 1423 -34.03 11.16 7.82
CA LEU E 1423 -33.16 12.25 7.38
C LEU E 1423 -33.06 13.38 8.38
N GLY E 1424 -33.91 13.37 9.39
CA GLY E 1424 -33.83 14.33 10.48
C GLY E 1424 -34.48 15.66 10.16
N ALA E 1425 -34.10 16.25 9.02
CA ALA E 1425 -34.60 17.57 8.63
C ALA E 1425 -35.87 17.51 7.76
N GLY E 1426 -36.38 16.30 7.53
CA GLY E 1426 -37.64 16.14 6.82
C GLY E 1426 -37.52 16.01 5.30
N GLY E 1427 -36.30 15.83 4.80
CA GLY E 1427 -36.08 15.64 3.38
C GLY E 1427 -34.66 15.97 2.95
N LEU E 1428 -34.41 15.87 1.65
CA LEU E 1428 -33.09 16.17 1.10
C LEU E 1428 -32.89 17.70 1.02
N PRO E 1429 -31.65 18.17 1.24
CA PRO E 1429 -31.40 19.62 1.27
C PRO E 1429 -31.14 20.25 -0.09
N MET E 1430 -31.74 21.42 -0.33
CA MET E 1430 -31.59 22.14 -1.59
C MET E 1430 -30.23 22.78 -1.71
N GLY E 1431 -29.68 22.80 -2.91
CA GLY E 1431 -28.37 23.42 -3.15
C GLY E 1431 -27.21 22.55 -2.73
N ARG E 1432 -27.51 21.31 -2.38
CA ARG E 1432 -26.52 20.37 -1.91
C ARG E 1432 -26.38 19.18 -2.90
N ILE E 1433 -25.32 18.40 -2.73
CA ILE E 1433 -25.15 17.16 -3.47
C ILE E 1433 -25.55 15.99 -2.56
N VAL E 1434 -26.23 15.03 -3.15
CA VAL E 1434 -26.69 13.84 -2.43
C VAL E 1434 -26.32 12.60 -3.25
N GLU E 1435 -25.92 11.53 -2.56
CA GLU E 1435 -25.63 10.26 -3.23
C GLU E 1435 -26.53 9.12 -2.69
N ILE E 1436 -27.13 8.37 -3.61
CA ILE E 1436 -27.83 7.15 -3.25
C ILE E 1436 -27.12 5.98 -3.93
N TYR E 1437 -26.73 4.99 -3.13
CA TYR E 1437 -26.10 3.79 -3.69
C TYR E 1437 -26.79 2.55 -3.14
N GLY E 1438 -26.59 1.43 -3.82
CA GLY E 1438 -27.16 0.15 -3.42
C GLY E 1438 -27.01 -0.88 -4.52
N PRO E 1439 -27.36 -2.15 -4.23
CA PRO E 1439 -27.29 -3.25 -5.20
C PRO E 1439 -28.26 -3.05 -6.36
N GLU E 1440 -28.17 -3.88 -7.39
CA GLU E 1440 -29.07 -3.77 -8.53
C GLU E 1440 -30.53 -3.98 -8.15
N SER E 1441 -31.40 -3.23 -8.82
CA SER E 1441 -32.84 -3.29 -8.57
C SER E 1441 -33.22 -3.06 -7.11
N SER E 1442 -32.44 -2.23 -6.42
CA SER E 1442 -32.71 -1.96 -5.01
C SER E 1442 -33.73 -0.84 -4.83
N GLY E 1443 -33.86 -0.01 -5.85
CA GLY E 1443 -34.86 1.05 -5.86
C GLY E 1443 -34.26 2.43 -6.03
N LYS E 1444 -33.01 2.50 -6.48
CA LYS E 1444 -32.31 3.76 -6.62
C LYS E 1444 -33.03 4.72 -7.58
N THR E 1445 -33.30 4.26 -8.79
CA THR E 1445 -34.04 5.08 -9.76
C THR E 1445 -35.44 5.40 -9.26
N THR E 1446 -36.16 4.37 -8.82
CA THR E 1446 -37.53 4.54 -8.33
C THR E 1446 -37.59 5.66 -7.28
N LEU E 1447 -36.75 5.56 -6.26
CA LEU E 1447 -36.72 6.57 -5.20
C LEU E 1447 -36.46 7.95 -5.79
N THR E 1448 -35.40 8.05 -6.58
CA THR E 1448 -35.08 9.24 -7.35
C THR E 1448 -36.30 9.87 -8.04
N LEU E 1449 -37.03 9.06 -8.81
CA LEU E 1449 -38.20 9.52 -9.54
C LEU E 1449 -39.29 10.01 -8.61
N GLN E 1450 -39.46 9.32 -7.48
CA GLN E 1450 -40.41 9.72 -6.46
C GLN E 1450 -40.13 11.12 -5.91
N VAL E 1451 -38.85 11.46 -5.67
CA VAL E 1451 -38.53 12.80 -5.20
C VAL E 1451 -38.83 13.83 -6.31
N ILE E 1452 -38.50 13.49 -7.56
CA ILE E 1452 -38.84 14.35 -8.69
C ILE E 1452 -40.34 14.58 -8.72
N ALA E 1453 -41.11 13.50 -8.67
CA ALA E 1453 -42.58 13.57 -8.69
C ALA E 1453 -43.10 14.54 -7.63
N ALA E 1454 -42.62 14.36 -6.40
CA ALA E 1454 -42.98 15.22 -5.28
C ALA E 1454 -42.59 16.68 -5.53
N ALA E 1455 -41.38 16.90 -6.06
CA ALA E 1455 -40.91 18.24 -6.37
C ALA E 1455 -41.75 18.92 -7.47
N GLN E 1456 -42.13 18.14 -8.48
CA GLN E 1456 -42.96 18.65 -9.57
C GLN E 1456 -44.34 18.99 -9.05
N ARG E 1457 -44.81 18.19 -8.10
CA ARG E 1457 -46.09 18.39 -7.45
C ARG E 1457 -46.15 19.76 -6.79
N GLU E 1458 -44.97 20.37 -6.59
CA GLU E 1458 -44.87 21.70 -5.99
C GLU E 1458 -44.24 22.75 -6.91
N GLY E 1459 -44.42 22.55 -8.22
CA GLY E 1459 -44.03 23.54 -9.22
C GLY E 1459 -42.53 23.72 -9.40
N LYS E 1460 -41.76 22.70 -9.04
CA LYS E 1460 -40.32 22.74 -9.24
C LYS E 1460 -39.93 22.11 -10.56
N THR E 1461 -38.86 22.62 -11.18
CA THR E 1461 -38.39 22.08 -12.45
C THR E 1461 -37.30 21.06 -12.18
N CYS E 1462 -37.39 19.91 -12.84
CA CYS E 1462 -36.43 18.82 -12.62
C CYS E 1462 -35.78 18.33 -13.90
N ALA E 1463 -34.54 17.88 -13.78
CA ALA E 1463 -33.83 17.31 -14.90
C ALA E 1463 -33.35 15.92 -14.52
N PHE E 1464 -33.38 15.02 -15.49
CA PHE E 1464 -32.90 13.67 -15.29
C PHE E 1464 -31.81 13.36 -16.31
N ILE E 1465 -30.60 13.07 -15.82
CA ILE E 1465 -29.50 12.67 -16.70
C ILE E 1465 -29.37 11.14 -16.70
N ASP E 1466 -29.91 10.51 -17.74
CA ASP E 1466 -29.94 9.06 -17.81
C ASP E 1466 -28.68 8.50 -18.50
N ALA E 1467 -27.56 8.57 -17.79
CA ALA E 1467 -26.29 8.08 -18.32
C ALA E 1467 -26.29 6.55 -18.43
N GLU E 1468 -27.17 5.93 -17.63
CA GLU E 1468 -27.28 4.49 -17.56
C GLU E 1468 -28.11 3.98 -18.72
N HIS E 1469 -28.77 4.91 -19.41
CA HIS E 1469 -29.58 4.63 -20.60
C HIS E 1469 -30.64 3.56 -20.39
N ALA E 1470 -31.39 3.68 -19.30
CA ALA E 1470 -32.34 2.64 -18.92
C ALA E 1470 -33.68 3.15 -18.38
N LEU E 1471 -33.87 4.46 -18.46
CA LEU E 1471 -35.11 5.08 -17.97
C LEU E 1471 -36.30 4.74 -18.85
N ASP E 1472 -37.38 4.27 -18.22
CA ASP E 1472 -38.62 3.99 -18.92
C ASP E 1472 -39.61 5.11 -18.63
N PRO E 1473 -39.86 5.98 -19.63
CA PRO E 1473 -40.75 7.12 -19.46
C PRO E 1473 -42.14 6.70 -18.96
N ILE E 1474 -42.70 5.63 -19.54
CA ILE E 1474 -44.02 5.16 -19.16
C ILE E 1474 -44.07 4.75 -17.68
N TYR E 1475 -42.99 4.14 -17.19
CA TYR E 1475 -42.94 3.75 -15.78
C TYR E 1475 -42.78 4.97 -14.91
N ALA E 1476 -41.97 5.94 -15.35
CA ALA E 1476 -41.81 7.20 -14.63
C ALA E 1476 -43.17 7.88 -14.45
N ARG E 1477 -43.99 7.83 -15.48
CA ARG E 1477 -45.33 8.39 -15.42
C ARG E 1477 -46.18 7.67 -14.39
N LYS E 1478 -46.12 6.35 -14.40
CA LYS E 1478 -46.82 5.52 -13.40
C LYS E 1478 -46.45 5.92 -11.97
N LEU E 1479 -45.20 6.31 -11.75
CA LEU E 1479 -44.75 6.74 -10.43
C LEU E 1479 -45.17 8.18 -10.12
N GLY E 1480 -45.86 8.81 -11.06
CA GLY E 1480 -46.42 10.14 -10.85
C GLY E 1480 -45.51 11.27 -11.28
N VAL E 1481 -44.55 10.97 -12.14
CA VAL E 1481 -43.69 12.01 -12.68
C VAL E 1481 -44.41 12.65 -13.85
N ASP E 1482 -44.39 13.98 -13.88
CA ASP E 1482 -44.88 14.73 -15.01
C ASP E 1482 -43.83 14.65 -16.13
N ILE E 1483 -44.05 13.69 -17.02
CA ILE E 1483 -43.11 13.35 -18.09
C ILE E 1483 -42.86 14.53 -19.02
N ASP E 1484 -43.93 15.26 -19.35
CA ASP E 1484 -43.87 16.34 -20.33
C ASP E 1484 -43.05 17.54 -19.89
N ASN E 1485 -42.76 17.63 -18.60
CA ASN E 1485 -42.01 18.76 -18.06
C ASN E 1485 -40.70 18.35 -17.42
N LEU E 1486 -40.48 17.05 -17.31
CA LEU E 1486 -39.23 16.52 -16.81
C LEU E 1486 -38.16 16.62 -17.90
N LEU E 1487 -37.21 17.53 -17.70
CA LEU E 1487 -36.05 17.63 -18.59
C LEU E 1487 -35.24 16.36 -18.53
N CYS E 1488 -34.82 15.89 -19.69
CA CYS E 1488 -34.17 14.60 -19.76
C CYS E 1488 -33.06 14.54 -20.81
N SER E 1489 -31.91 14.01 -20.40
CA SER E 1489 -30.77 13.93 -21.28
C SER E 1489 -30.18 12.52 -21.24
N GLN E 1490 -29.78 12.03 -22.42
CA GLN E 1490 -29.00 10.80 -22.51
C GLN E 1490 -27.64 11.10 -23.13
N PRO E 1491 -26.66 11.47 -22.30
CA PRO E 1491 -25.39 12.01 -22.74
C PRO E 1491 -24.48 10.93 -23.32
N ASP E 1492 -23.54 11.35 -24.17
CA ASP E 1492 -22.61 10.42 -24.79
C ASP E 1492 -21.45 10.11 -23.86
N THR E 1493 -20.74 11.15 -23.42
CA THR E 1493 -19.62 11.02 -22.51
C THR E 1493 -20.01 11.48 -21.10
N GLY E 1494 -19.22 11.07 -20.11
CA GLY E 1494 -19.39 11.52 -18.73
C GLY E 1494 -19.13 13.00 -18.58
N GLU E 1495 -18.14 13.52 -19.30
CA GLU E 1495 -17.85 14.95 -19.29
C GLU E 1495 -19.04 15.76 -19.76
N GLN E 1496 -19.67 15.30 -20.84
CA GLN E 1496 -20.89 15.92 -21.36
C GLN E 1496 -22.00 15.94 -20.31
N ALA E 1497 -22.23 14.79 -19.67
CA ALA E 1497 -23.22 14.64 -18.60
C ALA E 1497 -23.03 15.69 -17.50
N LEU E 1498 -21.78 15.87 -17.07
CA LEU E 1498 -21.47 16.78 -15.99
C LEU E 1498 -21.45 18.23 -16.46
N GLU E 1499 -21.05 18.46 -17.71
CA GLU E 1499 -21.13 19.81 -18.27
C GLU E 1499 -22.57 20.27 -18.38
N ILE E 1500 -23.47 19.33 -18.66
CA ILE E 1500 -24.91 19.63 -18.71
C ILE E 1500 -25.39 20.02 -17.31
N CYS E 1501 -24.98 19.27 -16.30
CA CYS E 1501 -25.31 19.57 -14.91
C CYS E 1501 -24.89 20.98 -14.55
N ASP E 1502 -23.65 21.31 -14.89
CA ASP E 1502 -23.10 22.59 -14.55
C ASP E 1502 -23.87 23.73 -15.21
N ALA E 1503 -24.22 23.54 -16.48
CA ALA E 1503 -25.02 24.51 -17.22
C ALA E 1503 -26.37 24.73 -16.55
N LEU E 1504 -27.05 23.64 -16.18
CA LEU E 1504 -28.35 23.71 -15.53
C LEU E 1504 -28.24 24.33 -14.14
N ALA E 1505 -27.20 23.94 -13.42
CA ALA E 1505 -26.91 24.55 -12.12
C ALA E 1505 -26.77 26.06 -12.27
N ARG E 1506 -25.85 26.51 -13.13
CA ARG E 1506 -25.64 27.94 -13.38
C ARG E 1506 -26.88 28.70 -13.83
N SER E 1507 -27.75 28.08 -14.63
CA SER E 1507 -28.94 28.72 -15.16
C SER E 1507 -29.87 29.21 -14.05
N GLY E 1508 -29.88 28.51 -12.92
CA GLY E 1508 -30.75 28.83 -11.79
C GLY E 1508 -32.21 28.52 -12.08
N ALA E 1509 -32.44 27.79 -13.17
CA ALA E 1509 -33.79 27.50 -13.65
C ALA E 1509 -34.26 26.10 -13.29
N VAL E 1510 -33.32 25.22 -12.94
CA VAL E 1510 -33.68 23.87 -12.52
C VAL E 1510 -33.53 23.74 -11.00
N ASP E 1511 -34.48 23.04 -10.39
CA ASP E 1511 -34.52 22.90 -8.93
C ASP E 1511 -33.89 21.61 -8.44
N VAL E 1512 -34.18 20.50 -9.12
CA VAL E 1512 -33.52 19.24 -8.81
C VAL E 1512 -33.02 18.53 -10.07
N ILE E 1513 -31.75 18.13 -10.03
CA ILE E 1513 -31.13 17.34 -11.09
C ILE E 1513 -30.73 15.98 -10.53
N VAL E 1514 -31.08 14.91 -11.22
CA VAL E 1514 -30.54 13.60 -10.85
C VAL E 1514 -29.73 12.98 -11.96
N VAL E 1515 -28.56 12.45 -11.60
CA VAL E 1515 -27.70 11.73 -12.51
C VAL E 1515 -27.82 10.24 -12.18
N ASP E 1516 -28.39 9.46 -13.12
CA ASP E 1516 -28.54 8.02 -12.92
C ASP E 1516 -27.28 7.25 -13.33
N SER E 1517 -26.58 6.79 -12.29
CA SER E 1517 -25.33 6.04 -12.31
C SER E 1517 -24.12 6.87 -12.64
N VAL E 1518 -23.34 7.19 -11.61
CA VAL E 1518 -22.00 7.74 -11.83
C VAL E 1518 -21.18 6.62 -12.49
N ALA E 1519 -21.53 5.39 -12.12
CA ALA E 1519 -20.94 4.19 -12.69
C ALA E 1519 -20.92 4.23 -14.20
N ALA E 1520 -21.96 4.82 -14.78
CA ALA E 1520 -22.13 4.89 -16.22
C ALA E 1520 -21.55 6.18 -16.85
N LEU E 1521 -21.03 7.08 -16.00
CA LEU E 1521 -20.36 8.29 -16.47
C LEU E 1521 -19.00 8.01 -17.10
N THR E 1522 -19.01 7.59 -18.37
CA THR E 1522 -17.79 7.15 -19.06
C THR E 1522 -17.00 8.32 -19.61
N PRO E 1523 -15.74 8.49 -19.14
CA PRO E 1523 -14.84 9.52 -19.65
C PRO E 1523 -14.68 9.47 -21.18
N LYS E 1524 -14.47 10.64 -21.77
CA LYS E 1524 -14.40 10.78 -23.22
C LYS E 1524 -13.30 9.93 -23.82
N ALA E 1525 -12.14 9.92 -23.15
CA ALA E 1525 -10.97 9.16 -23.62
C ALA E 1525 -11.24 7.65 -23.61
N GLU E 1526 -12.05 7.20 -22.66
CA GLU E 1526 -12.42 5.80 -22.55
C GLU E 1526 -13.34 5.34 -23.69
N ILE E 1527 -14.33 6.16 -24.06
CA ILE E 1527 -15.21 5.86 -25.21
C ILE E 1527 -14.45 6.07 -26.53
N GLU E 1528 -13.11 6.05 -26.44
CA GLU E 1528 -12.21 6.10 -27.58
C GLU E 1528 -11.06 5.14 -27.30
N MET E 1536 -6.24 3.38 -15.02
CA MET E 1536 -5.59 3.97 -13.85
C MET E 1536 -6.28 5.26 -13.39
N GLY E 1537 -7.54 5.14 -12.99
CA GLY E 1537 -8.28 6.18 -12.22
C GLY E 1537 -8.75 7.43 -12.95
N LEU E 1538 -9.17 7.26 -14.19
CA LEU E 1538 -9.51 8.39 -15.05
C LEU E 1538 -10.89 8.99 -14.73
N ALA E 1539 -11.81 8.16 -14.26
CA ALA E 1539 -13.15 8.62 -13.92
C ALA E 1539 -13.11 9.38 -12.61
N ALA E 1540 -12.22 8.91 -11.73
CA ALA E 1540 -12.09 9.45 -10.39
C ALA E 1540 -11.67 10.91 -10.43
N ARG E 1541 -10.70 11.20 -11.29
CA ARG E 1541 -10.15 12.53 -11.46
C ARG E 1541 -11.17 13.47 -12.06
N MET E 1542 -11.99 12.94 -12.96
CA MET E 1542 -13.08 13.68 -13.60
C MET E 1542 -14.17 14.02 -12.59
N MET E 1543 -14.55 13.05 -11.76
CA MET E 1543 -15.51 13.26 -10.68
C MET E 1543 -15.00 14.30 -9.69
N SER E 1544 -13.73 14.20 -9.35
CA SER E 1544 -13.10 15.09 -8.42
C SER E 1544 -13.16 16.52 -8.95
N GLN E 1545 -12.91 16.69 -10.24
CA GLN E 1545 -13.02 17.99 -10.88
C GLN E 1545 -14.47 18.51 -10.89
N ALA E 1546 -15.41 17.62 -11.19
CA ALA E 1546 -16.82 17.97 -11.25
C ALA E 1546 -17.29 18.55 -9.93
N MET E 1547 -16.97 17.89 -8.82
CA MET E 1547 -17.41 18.35 -7.50
C MET E 1547 -16.94 19.77 -7.23
N ARG E 1548 -15.67 20.06 -7.48
CA ARG E 1548 -15.10 21.39 -7.30
C ARG E 1548 -15.92 22.45 -8.02
N LYS E 1549 -16.22 22.21 -9.30
CA LYS E 1549 -16.99 23.14 -10.12
C LYS E 1549 -18.48 23.20 -9.74
N LEU E 1550 -19.08 22.05 -9.41
CA LEU E 1550 -20.51 22.00 -9.13
C LEU E 1550 -20.92 22.59 -7.79
N ALA E 1551 -20.23 22.19 -6.73
CA ALA E 1551 -20.59 22.58 -5.36
C ALA E 1551 -21.04 24.03 -5.25
N GLY E 1552 -20.23 24.95 -5.77
CA GLY E 1552 -20.49 26.38 -5.70
C GLY E 1552 -21.71 26.81 -6.51
N ASN E 1553 -21.79 26.33 -7.76
CA ASN E 1553 -22.91 26.67 -8.64
C ASN E 1553 -24.23 26.15 -8.12
N LEU E 1554 -24.20 24.99 -7.49
CA LEU E 1554 -25.41 24.38 -6.96
C LEU E 1554 -25.96 25.14 -5.76
N LYS E 1555 -25.06 25.60 -4.89
CA LYS E 1555 -25.45 26.36 -3.72
C LYS E 1555 -26.07 27.70 -4.14
N GLN E 1556 -25.40 28.41 -5.05
CA GLN E 1556 -25.88 29.73 -5.46
C GLN E 1556 -27.17 29.71 -6.25
N SER E 1557 -27.53 28.54 -6.76
CA SER E 1557 -28.77 28.38 -7.52
C SER E 1557 -29.82 27.67 -6.71
N ASN E 1558 -29.43 27.21 -5.52
CA ASN E 1558 -30.30 26.43 -4.66
C ASN E 1558 -30.83 25.16 -5.35
N THR E 1559 -29.97 24.55 -6.15
CA THR E 1559 -30.29 23.36 -6.92
C THR E 1559 -29.82 22.11 -6.20
N LEU E 1560 -30.72 21.15 -6.00
CA LEU E 1560 -30.33 19.85 -5.43
C LEU E 1560 -29.83 18.95 -6.54
N LEU E 1561 -28.69 18.29 -6.32
CA LEU E 1561 -28.17 17.33 -7.27
C LEU E 1561 -28.05 15.94 -6.65
N ILE E 1562 -28.81 14.99 -7.19
CA ILE E 1562 -28.72 13.60 -6.70
C ILE E 1562 -27.91 12.71 -7.64
N PHE E 1563 -26.86 12.09 -7.10
CA PHE E 1563 -26.10 11.08 -7.82
C PHE E 1563 -26.52 9.68 -7.43
N ILE E 1564 -26.91 8.89 -8.41
CA ILE E 1564 -27.10 7.46 -8.16
C ILE E 1564 -25.78 6.73 -8.41
N ASN E 1565 -25.37 5.89 -7.47
CA ASN E 1565 -24.17 5.09 -7.66
C ASN E 1565 -24.42 3.59 -7.50
N GLN E 1566 -23.60 2.78 -8.17
CA GLN E 1566 -23.66 1.34 -8.03
C GLN E 1566 -22.61 0.88 -7.03
N ILE E 1567 -22.71 -0.38 -6.62
CA ILE E 1567 -21.73 -0.96 -5.75
C ILE E 1567 -20.76 -1.84 -6.53
N ARG E 1568 -19.47 -1.70 -6.24
CA ARG E 1568 -18.46 -2.66 -6.68
C ARG E 1568 -17.84 -3.29 -5.45
N ASN E 1577 -15.99 -4.03 5.53
CA ASN E 1577 -16.80 -4.62 4.46
C ASN E 1577 -16.21 -4.31 3.08
N PRO E 1578 -16.35 -5.25 2.13
CA PRO E 1578 -15.63 -5.12 0.85
C PRO E 1578 -16.31 -4.25 -0.19
N GLU E 1579 -17.47 -3.66 0.14
CA GLU E 1579 -18.23 -2.87 -0.83
C GLU E 1579 -17.64 -1.48 -1.08
N THR E 1580 -17.80 -0.99 -2.30
CA THR E 1580 -17.44 0.39 -2.63
C THR E 1580 -18.39 0.96 -3.65
N THR E 1581 -17.99 2.10 -4.19
CA THR E 1581 -18.82 2.97 -4.95
C THR E 1581 -17.97 3.40 -6.13
N THR E 1582 -18.56 3.59 -7.29
CA THR E 1582 -17.77 3.93 -8.48
C THR E 1582 -17.37 5.40 -8.47
N GLY E 1583 -16.29 5.72 -9.19
CA GLY E 1583 -15.91 7.10 -9.46
C GLY E 1583 -15.18 7.81 -8.36
N GLY E 1584 -14.33 7.08 -7.65
CA GLY E 1584 -13.40 7.71 -6.72
C GLY E 1584 -13.94 8.12 -5.38
N ASN E 1585 -13.23 9.06 -4.76
CA ASN E 1585 -13.48 9.45 -3.37
C ASN E 1585 -14.09 10.83 -3.19
N ALA E 1586 -14.07 11.64 -4.26
CA ALA E 1586 -14.58 13.01 -4.20
C ALA E 1586 -16.02 13.09 -3.69
N LEU E 1587 -16.91 12.29 -4.27
CA LEU E 1587 -18.32 12.35 -3.94
C LEU E 1587 -18.62 12.07 -2.46
N LYS E 1588 -17.91 11.12 -1.84
CA LYS E 1588 -18.14 10.81 -0.42
C LYS E 1588 -18.10 12.11 0.39
N PHE E 1589 -17.13 12.96 0.04
CA PHE E 1589 -16.84 14.17 0.79
C PHE E 1589 -17.86 15.26 0.52
N TYR E 1590 -18.14 15.48 -0.75
CA TYR E 1590 -19.00 16.59 -1.17
C TYR E 1590 -20.47 16.34 -0.87
N ALA E 1591 -20.91 15.09 -0.88
CA ALA E 1591 -22.30 14.75 -0.54
C ALA E 1591 -22.64 15.26 0.85
N SER E 1592 -23.82 15.88 0.97
CA SER E 1592 -24.31 16.35 2.29
C SER E 1592 -25.14 15.24 2.91
N VAL E 1593 -25.64 14.35 2.06
CA VAL E 1593 -26.39 13.18 2.49
C VAL E 1593 -26.00 11.98 1.62
N ARG E 1594 -25.74 10.84 2.26
CA ARG E 1594 -25.54 9.60 1.51
C ARG E 1594 -26.52 8.52 1.97
N LEU E 1595 -27.22 7.94 1.00
CA LEU E 1595 -28.22 6.93 1.29
C LEU E 1595 -27.80 5.55 0.76
N ASP E 1596 -27.88 4.56 1.65
CA ASP E 1596 -27.64 3.16 1.29
C ASP E 1596 -29.01 2.47 1.22
N ILE E 1597 -29.48 2.22 0.01
CA ILE E 1597 -30.77 1.56 -0.20
C ILE E 1597 -30.61 0.07 -0.50
N ARG E 1598 -31.49 -0.75 0.07
CA ARG E 1598 -31.41 -2.21 -0.11
C ARG E 1598 -32.78 -2.88 -0.12
N ARG E 1599 -32.94 -3.86 -1.00
CA ARG E 1599 -34.13 -4.70 -1.00
C ARG E 1599 -33.95 -5.75 0.08
N ILE E 1600 -34.91 -5.86 1.00
CA ILE E 1600 -34.75 -6.77 2.13
C ILE E 1600 -35.76 -7.92 2.11
N GLY E 1601 -36.75 -7.82 1.24
CA GLY E 1601 -37.77 -8.87 1.12
C GLY E 1601 -38.76 -8.57 0.00
N ALA E 1602 -39.68 -9.50 -0.20
CA ALA E 1602 -40.71 -9.37 -1.23
C ALA E 1602 -42.07 -9.04 -0.61
N VAL E 1603 -42.81 -8.15 -1.25
CA VAL E 1603 -44.21 -7.89 -0.88
C VAL E 1603 -45.06 -8.85 -1.70
N LYS E 1604 -45.68 -9.80 -1.02
CA LYS E 1604 -46.41 -10.86 -1.70
C LYS E 1604 -47.93 -10.74 -1.64
N GLU E 1605 -48.57 -11.22 -2.70
CA GLU E 1605 -50.02 -11.30 -2.83
C GLU E 1605 -50.40 -12.76 -2.91
N GLY E 1606 -50.11 -13.50 -1.84
CA GLY E 1606 -50.23 -14.96 -1.85
C GLY E 1606 -49.27 -15.53 -2.88
N GLU E 1607 -49.75 -15.62 -4.12
CA GLU E 1607 -48.95 -16.09 -5.24
C GLU E 1607 -47.95 -15.03 -5.71
N ASN E 1608 -48.47 -13.85 -6.04
CA ASN E 1608 -47.70 -12.83 -6.77
C ASN E 1608 -46.69 -12.05 -5.94
N VAL E 1609 -45.60 -11.66 -6.58
CA VAL E 1609 -44.66 -10.73 -6.00
C VAL E 1609 -45.00 -9.36 -6.57
N VAL E 1610 -45.64 -8.54 -5.74
CA VAL E 1610 -46.23 -7.29 -6.20
C VAL E 1610 -45.41 -6.07 -5.79
N GLY E 1611 -44.35 -6.31 -5.01
CA GLY E 1611 -43.47 -5.23 -4.56
C GLY E 1611 -42.20 -5.65 -3.84
N SER E 1612 -41.33 -4.67 -3.60
CA SER E 1612 -40.08 -4.89 -2.87
C SER E 1612 -40.16 -4.25 -1.49
N GLU E 1613 -39.90 -5.04 -0.46
CA GLU E 1613 -39.73 -4.52 0.89
C GLU E 1613 -38.35 -3.86 0.96
N THR E 1614 -38.30 -2.61 1.38
CA THR E 1614 -37.09 -1.80 1.18
C THR E 1614 -36.59 -1.16 2.48
N ARG E 1615 -35.26 -1.08 2.60
CA ARG E 1615 -34.61 -0.40 3.73
C ARG E 1615 -33.57 0.61 3.26
N VAL E 1616 -33.65 1.83 3.74
CA VAL E 1616 -32.66 2.85 3.42
C VAL E 1616 -31.93 3.27 4.69
N LYS E 1617 -30.59 3.23 4.68
CA LYS E 1617 -29.78 3.73 5.78
C LYS E 1617 -29.22 5.09 5.40
N VAL E 1618 -29.25 6.01 6.36
CA VAL E 1618 -28.63 7.31 6.16
C VAL E 1618 -27.18 7.20 6.61
N VAL E 1619 -26.30 6.99 5.65
CA VAL E 1619 -24.92 6.65 5.92
C VAL E 1619 -24.10 7.89 6.22
N LYS E 1620 -24.41 8.99 5.54
CA LYS E 1620 -23.80 10.28 5.85
C LYS E 1620 -24.87 11.37 5.93
N ASN E 1621 -24.71 12.28 6.89
CA ASN E 1621 -25.63 13.39 7.06
C ASN E 1621 -24.95 14.64 7.62
N LYS E 1622 -25.00 15.70 6.83
CA LYS E 1622 -24.42 16.98 7.21
C LYS E 1622 -25.52 17.95 7.69
N ILE E 1623 -26.75 17.43 7.71
CA ILE E 1623 -27.92 18.28 7.83
C ILE E 1623 -28.69 17.96 9.11
N ALA E 1624 -28.47 16.75 9.62
CA ALA E 1624 -29.06 16.25 10.86
C ALA E 1624 -28.19 15.07 11.30
N ALA E 1625 -28.50 14.47 12.45
CA ALA E 1625 -27.80 13.26 12.89
C ALA E 1625 -27.89 12.13 11.85
N PRO E 1626 -26.76 11.44 11.59
CA PRO E 1626 -26.76 10.32 10.65
C PRO E 1626 -27.13 8.98 11.30
N PHE E 1627 -27.19 7.94 10.46
CA PHE E 1627 -27.34 6.53 10.88
C PHE E 1627 -28.72 6.13 11.35
N LYS E 1628 -29.72 6.95 11.04
CA LYS E 1628 -31.11 6.52 11.22
C LYS E 1628 -31.50 5.76 9.96
N GLN E 1629 -32.52 4.93 10.04
CA GLN E 1629 -32.93 4.17 8.87
C GLN E 1629 -34.44 4.13 8.64
N ALA E 1630 -34.83 3.88 7.41
CA ALA E 1630 -36.23 3.88 7.03
C ALA E 1630 -36.57 2.60 6.30
N GLU E 1631 -37.67 1.95 6.69
CA GLU E 1631 -38.16 0.77 5.97
C GLU E 1631 -39.50 1.11 5.37
N PHE E 1632 -39.68 0.76 4.10
CA PHE E 1632 -40.95 0.99 3.42
C PHE E 1632 -41.13 -0.01 2.29
N GLN E 1633 -42.26 0.09 1.59
CA GLN E 1633 -42.53 -0.80 0.46
C GLN E 1633 -42.47 -0.05 -0.86
N ILE E 1634 -41.81 -0.66 -1.84
CA ILE E 1634 -41.92 -0.18 -3.21
C ILE E 1634 -42.88 -1.13 -3.92
N LEU E 1635 -44.07 -0.63 -4.21
CA LEU E 1635 -45.05 -1.41 -4.95
C LEU E 1635 -44.85 -1.15 -6.43
N TYR E 1636 -44.57 -2.22 -7.18
CA TYR E 1636 -44.26 -2.10 -8.61
C TYR E 1636 -45.39 -1.42 -9.37
N GLY E 1637 -45.03 -0.46 -10.21
CA GLY E 1637 -46.00 0.27 -11.02
C GLY E 1637 -46.77 1.33 -10.26
N GLU E 1638 -46.53 1.41 -8.96
CA GLU E 1638 -47.20 2.38 -8.11
C GLU E 1638 -46.19 3.31 -7.46
N GLY E 1639 -45.13 2.75 -6.90
CA GLY E 1639 -44.10 3.53 -6.21
C GLY E 1639 -43.97 3.20 -4.75
N ILE E 1640 -43.40 4.11 -3.98
CA ILE E 1640 -43.28 3.96 -2.53
C ILE E 1640 -44.69 3.88 -1.89
N ASN E 1641 -45.00 2.74 -1.19
CA ASN E 1641 -46.24 2.50 -0.40
C ASN E 1641 -46.32 3.47 0.77
N PHE E 1642 -46.88 4.63 0.47
CA PHE E 1642 -46.91 5.74 1.40
C PHE E 1642 -47.88 5.50 2.55
N TYR E 1643 -49.07 5.04 2.23
CA TYR E 1643 -50.09 4.80 3.24
C TYR E 1643 -49.75 3.60 4.12
N GLY E 1644 -49.00 2.66 3.57
CA GLY E 1644 -48.40 1.59 4.35
C GLY E 1644 -47.55 2.14 5.48
N GLU E 1645 -46.66 3.06 5.14
CA GLU E 1645 -45.83 3.75 6.13
C GLU E 1645 -46.70 4.42 7.18
N LEU E 1646 -47.70 5.15 6.69
CA LEU E 1646 -48.57 5.92 7.56
C LEU E 1646 -49.21 5.03 8.61
N VAL E 1647 -49.67 3.85 8.20
CA VAL E 1647 -50.21 2.87 9.15
C VAL E 1647 -49.17 2.52 10.21
N ASP E 1648 -48.01 2.05 9.78
CA ASP E 1648 -46.96 1.61 10.71
C ASP E 1648 -46.52 2.73 11.66
N LEU E 1649 -46.31 3.92 11.11
CA LEU E 1649 -45.92 5.08 11.91
C LEU E 1649 -47.03 5.51 12.86
N GLY E 1650 -48.28 5.41 12.40
CA GLY E 1650 -49.43 5.75 13.20
C GLY E 1650 -49.59 4.82 14.38
N VAL E 1651 -49.45 3.52 14.11
CA VAL E 1651 -49.54 2.49 15.15
C VAL E 1651 -48.43 2.66 16.16
N LYS E 1652 -47.22 2.91 15.65
CA LYS E 1652 -46.04 3.10 16.49
C LYS E 1652 -46.19 4.29 17.42
N GLU E 1653 -46.83 5.35 16.94
CA GLU E 1653 -47.00 6.57 17.72
C GLU E 1653 -48.31 6.61 18.52
N LYS E 1654 -49.00 5.47 18.59
CA LYS E 1654 -50.25 5.31 19.33
C LYS E 1654 -51.37 6.23 18.83
N LEU E 1655 -51.31 6.58 17.55
CA LEU E 1655 -52.39 7.33 16.91
C LEU E 1655 -53.42 6.38 16.32
N ILE E 1656 -52.96 5.21 15.88
CA ILE E 1656 -53.82 4.14 15.41
C ILE E 1656 -53.73 2.96 16.37
N GLU E 1657 -54.90 2.44 16.73
CA GLU E 1657 -55.01 1.31 17.64
C GLU E 1657 -54.81 0.02 16.86
N LYS E 1658 -54.13 -0.95 17.47
CA LYS E 1658 -53.97 -2.26 16.87
C LYS E 1658 -54.33 -3.37 17.86
N ALA E 1659 -55.54 -3.91 17.73
CA ALA E 1659 -56.00 -5.01 18.57
C ALA E 1659 -55.88 -6.35 17.83
N GLY E 1660 -54.69 -6.94 17.89
CA GLY E 1660 -54.38 -8.16 17.16
C GLY E 1660 -54.21 -7.88 15.68
N ALA E 1661 -55.26 -8.16 14.91
CA ALA E 1661 -55.28 -7.88 13.48
C ALA E 1661 -56.18 -6.68 13.15
N TRP E 1662 -56.93 -6.22 14.15
CA TRP E 1662 -57.87 -5.11 13.97
C TRP E 1662 -57.26 -3.73 14.21
N TYR E 1663 -57.29 -2.90 13.17
CA TYR E 1663 -56.80 -1.54 13.25
C TYR E 1663 -57.96 -0.56 13.48
N SER E 1664 -57.85 0.21 14.55
CA SER E 1664 -58.87 1.20 14.88
C SER E 1664 -58.28 2.61 14.86
N TYR E 1665 -59.08 3.59 14.46
CA TYR E 1665 -58.71 4.99 14.60
C TYR E 1665 -59.80 5.76 15.33
N LYS E 1666 -59.45 6.29 16.49
CA LYS E 1666 -60.39 7.02 17.35
C LYS E 1666 -61.68 6.25 17.57
N GLY E 1667 -61.56 4.99 18.00
CA GLY E 1667 -62.70 4.16 18.34
C GLY E 1667 -63.29 3.43 17.15
N GLU E 1668 -63.33 4.12 16.02
CA GLU E 1668 -63.84 3.57 14.76
C GLU E 1668 -62.83 2.58 14.18
N LYS E 1669 -63.30 1.40 13.81
CA LYS E 1669 -62.45 0.39 13.19
C LYS E 1669 -62.28 0.72 11.71
N ILE E 1670 -61.03 0.68 11.26
CA ILE E 1670 -60.71 1.11 9.88
C ILE E 1670 -60.28 -0.04 8.97
N GLY E 1671 -59.97 -1.19 9.54
CA GLY E 1671 -59.62 -2.36 8.73
C GLY E 1671 -59.01 -3.50 9.49
N GLN E 1672 -59.06 -4.68 8.89
CA GLN E 1672 -58.43 -5.86 9.44
C GLN E 1672 -57.20 -6.24 8.61
N GLY E 1673 -56.04 -6.29 9.27
CA GLY E 1673 -54.77 -6.52 8.58
C GLY E 1673 -54.27 -5.25 7.93
N LYS E 1674 -52.94 -5.08 7.96
CA LYS E 1674 -52.29 -3.87 7.43
C LYS E 1674 -52.77 -3.52 6.02
N ALA E 1675 -53.01 -4.54 5.19
CA ALA E 1675 -53.52 -4.38 3.83
C ALA E 1675 -54.79 -3.52 3.77
N ASN E 1676 -55.77 -3.85 4.59
CA ASN E 1676 -57.05 -3.13 4.61
C ASN E 1676 -56.97 -1.74 5.24
N ALA E 1677 -56.20 -1.61 6.31
CA ALA E 1677 -56.00 -0.33 6.96
C ALA E 1677 -55.37 0.66 5.99
N THR E 1678 -54.43 0.19 5.16
CA THR E 1678 -53.81 1.00 4.12
C THR E 1678 -54.86 1.48 3.13
N ALA E 1679 -55.74 0.56 2.72
CA ALA E 1679 -56.79 0.87 1.74
C ALA E 1679 -57.78 1.89 2.27
N TRP E 1680 -58.02 1.86 3.59
CA TRP E 1680 -58.90 2.80 4.24
C TRP E 1680 -58.35 4.22 4.20
N LEU E 1681 -57.06 4.37 4.40
CA LEU E 1681 -56.43 5.68 4.35
C LEU E 1681 -56.39 6.28 2.95
N LYS E 1682 -56.23 5.44 1.93
CA LYS E 1682 -56.42 5.87 0.55
C LYS E 1682 -57.82 6.45 0.39
N ASP E 1683 -58.81 5.76 0.98
CA ASP E 1683 -60.22 6.15 0.88
C ASP E 1683 -60.57 7.42 1.63
N ASN E 1684 -59.88 7.67 2.73
CA ASN E 1684 -60.11 8.87 3.54
C ASN E 1684 -58.87 9.76 3.54
N PRO E 1685 -58.64 10.49 2.45
CA PRO E 1685 -57.41 11.28 2.33
C PRO E 1685 -57.36 12.42 3.33
N GLU E 1686 -58.53 12.90 3.78
CA GLU E 1686 -58.63 14.00 4.73
C GLU E 1686 -58.12 13.56 6.09
N THR E 1687 -58.51 12.35 6.48
CA THR E 1687 -58.08 11.74 7.74
C THR E 1687 -56.60 11.37 7.66
N ALA E 1688 -56.17 10.92 6.50
CA ALA E 1688 -54.76 10.60 6.26
C ALA E 1688 -53.88 11.82 6.48
N LYS E 1689 -54.27 12.96 5.91
CA LYS E 1689 -53.54 14.22 6.10
C LYS E 1689 -53.41 14.55 7.57
N GLU E 1690 -54.51 14.34 8.31
CA GLU E 1690 -54.56 14.63 9.74
C GLU E 1690 -53.57 13.78 10.51
N ILE E 1691 -53.57 12.47 10.25
CA ILE E 1691 -52.65 11.55 10.91
C ILE E 1691 -51.21 11.87 10.53
N GLU E 1692 -50.99 12.12 9.24
CA GLU E 1692 -49.66 12.46 8.77
C GLU E 1692 -49.09 13.68 9.48
N LYS E 1693 -49.91 14.74 9.55
CA LYS E 1693 -49.51 15.99 10.20
C LYS E 1693 -49.05 15.76 11.64
N LYS E 1694 -49.77 14.90 12.35
CA LYS E 1694 -49.46 14.57 13.74
C LYS E 1694 -48.20 13.75 13.86
N VAL E 1695 -48.02 12.80 12.95
CA VAL E 1695 -46.82 11.98 12.92
C VAL E 1695 -45.60 12.87 12.71
N ARG E 1696 -45.70 13.80 11.75
CA ARG E 1696 -44.62 14.73 11.47
C ARG E 1696 -44.29 15.62 12.67
N GLU E 1697 -45.34 16.17 13.30
CA GLU E 1697 -45.15 16.98 14.51
C GLU E 1697 -44.44 16.21 15.60
N LEU E 1698 -44.84 14.96 15.79
CA LEU E 1698 -44.23 14.08 16.77
C LEU E 1698 -42.79 13.67 16.46
N LEU E 1699 -42.46 13.48 15.18
CA LEU E 1699 -41.21 12.81 14.83
C LEU E 1699 -40.16 13.62 14.05
N LEU E 1700 -40.55 14.75 13.47
CA LEU E 1700 -39.59 15.61 12.78
C LEU E 1700 -38.77 16.41 13.78
N VAL F 12 -64.81 -48.88 3.95
CA VAL F 12 -63.92 -47.81 4.48
C VAL F 12 -64.66 -46.48 4.69
N GLU F 13 -64.61 -45.97 5.91
CA GLU F 13 -65.28 -44.74 6.28
C GLU F 13 -64.21 -43.75 6.77
N THR F 14 -64.32 -42.48 6.36
CA THR F 14 -63.26 -41.50 6.67
C THR F 14 -63.65 -40.31 7.57
N ILE F 15 -62.63 -39.65 8.12
CA ILE F 15 -62.76 -38.47 8.96
C ILE F 15 -61.92 -37.37 8.33
N SER F 16 -62.44 -36.15 8.33
CA SER F 16 -61.66 -35.01 7.84
C SER F 16 -60.40 -34.79 8.68
N THR F 17 -59.33 -34.35 8.04
CA THR F 17 -58.08 -34.09 8.73
C THR F 17 -58.02 -32.65 9.25
N GLY F 18 -58.95 -31.83 8.78
CA GLY F 18 -58.94 -30.41 9.12
C GLY F 18 -58.28 -29.59 8.02
N SER F 19 -57.50 -30.28 7.17
CA SER F 19 -56.99 -29.69 5.96
C SER F 19 -57.72 -30.25 4.74
N LEU F 20 -58.23 -29.37 3.90
CA LEU F 20 -58.95 -29.78 2.70
C LEU F 20 -58.02 -30.42 1.70
N SER F 21 -56.88 -29.77 1.46
CA SER F 21 -55.92 -30.27 0.47
C SER F 21 -55.31 -31.60 0.90
N LEU F 22 -55.23 -31.84 2.21
CA LEU F 22 -54.78 -33.14 2.72
C LEU F 22 -55.84 -34.20 2.46
N ASP F 23 -57.10 -33.88 2.75
CA ASP F 23 -58.21 -34.79 2.47
C ASP F 23 -58.24 -35.18 1.00
N ILE F 24 -57.85 -34.25 0.13
CA ILE F 24 -57.73 -34.53 -1.30
C ILE F 24 -56.52 -35.40 -1.57
N ALA F 25 -55.36 -35.04 -1.01
CA ALA F 25 -54.15 -35.84 -1.14
C ALA F 25 -54.35 -37.28 -0.68
N LEU F 26 -55.15 -37.45 0.37
CA LEU F 26 -55.44 -38.77 0.93
C LEU F 26 -56.30 -39.63 0.02
N GLY F 27 -56.85 -39.02 -1.02
CA GLY F 27 -57.62 -39.75 -2.01
C GLY F 27 -59.06 -40.05 -1.60
N ALA F 28 -59.23 -40.61 -0.41
CA ALA F 28 -60.56 -41.00 0.08
C ALA F 28 -61.26 -39.90 0.89
N GLY F 29 -60.62 -38.74 1.00
CA GLY F 29 -61.24 -37.59 1.65
C GLY F 29 -61.01 -37.47 3.14
N GLY F 30 -60.10 -38.27 3.67
CA GLY F 30 -59.76 -38.22 5.09
C GLY F 30 -59.12 -39.49 5.60
N LEU F 31 -58.85 -39.53 6.89
CA LEU F 31 -58.26 -40.71 7.54
C LEU F 31 -59.30 -41.81 7.76
N PRO F 32 -58.90 -43.08 7.60
CA PRO F 32 -59.88 -44.16 7.68
C PRO F 32 -60.18 -44.65 9.11
N MET F 33 -61.45 -44.89 9.40
CA MET F 33 -61.88 -45.36 10.73
C MET F 33 -61.53 -46.82 10.95
N GLY F 34 -61.16 -47.16 12.17
CA GLY F 34 -60.82 -48.55 12.51
C GLY F 34 -59.43 -48.96 12.05
N ARG F 35 -58.66 -47.96 11.62
CA ARG F 35 -57.31 -48.21 11.10
C ARG F 35 -56.27 -47.49 11.97
N ILE F 36 -55.01 -47.87 11.76
CA ILE F 36 -53.90 -47.19 12.42
C ILE F 36 -53.25 -46.23 11.43
N VAL F 37 -52.91 -45.04 11.91
CA VAL F 37 -52.29 -44.00 11.08
C VAL F 37 -51.06 -43.45 11.82
N GLU F 38 -49.99 -43.17 11.07
CA GLU F 38 -48.80 -42.56 11.64
C GLU F 38 -48.47 -41.23 10.97
N ILE F 39 -48.20 -40.21 11.80
CA ILE F 39 -47.71 -38.92 11.31
C ILE F 39 -46.34 -38.72 11.92
N TYR F 40 -45.34 -38.49 11.07
CA TYR F 40 -44.01 -38.18 11.55
C TYR F 40 -43.48 -36.92 10.88
N GLY F 41 -42.45 -36.33 11.47
CA GLY F 41 -41.83 -35.12 10.94
C GLY F 41 -40.88 -34.52 11.95
N PRO F 42 -40.13 -33.48 11.55
CA PRO F 42 -39.18 -32.78 12.43
C PRO F 42 -39.89 -32.03 13.55
N GLU F 43 -39.15 -31.51 14.53
CA GLU F 43 -39.74 -30.77 15.64
C GLU F 43 -40.51 -29.56 15.18
N SER F 44 -41.61 -29.29 15.87
CA SER F 44 -42.47 -28.14 15.58
C SER F 44 -42.94 -28.10 14.12
N SER F 45 -43.12 -29.27 13.52
CA SER F 45 -43.56 -29.33 12.13
C SER F 45 -45.08 -29.25 12.01
N GLY F 46 -45.76 -29.57 13.10
CA GLY F 46 -47.21 -29.46 13.15
C GLY F 46 -47.93 -30.76 13.44
N LYS F 47 -47.19 -31.74 13.97
CA LYS F 47 -47.73 -33.06 14.23
C LYS F 47 -48.89 -32.99 15.22
N THR F 48 -48.66 -32.41 16.39
CA THR F 48 -49.72 -32.27 17.39
C THR F 48 -50.86 -31.41 16.86
N THR F 49 -50.52 -30.24 16.32
CA THR F 49 -51.53 -29.32 15.79
C THR F 49 -52.47 -30.06 14.84
N LEU F 50 -51.92 -30.73 13.85
CA LEU F 50 -52.73 -31.45 12.87
C LEU F 50 -53.62 -32.45 13.58
N THR F 51 -53.01 -33.28 14.41
CA THR F 51 -53.72 -34.21 15.29
C THR F 51 -54.94 -33.59 15.98
N LEU F 52 -54.72 -32.46 16.66
CA LEU F 52 -55.79 -31.77 17.39
C LEU F 52 -56.89 -31.29 16.45
N GLN F 53 -56.49 -30.84 15.26
CA GLN F 53 -57.44 -30.41 14.24
C GLN F 53 -58.38 -31.54 13.82
N VAL F 54 -57.86 -32.75 13.65
CA VAL F 54 -58.73 -33.89 13.31
C VAL F 54 -59.69 -34.21 14.47
N ILE F 55 -59.17 -34.15 15.69
CA ILE F 55 -60.01 -34.31 16.88
C ILE F 55 -61.11 -33.26 16.89
N ALA F 56 -60.74 -32.00 16.72
CA ALA F 56 -61.70 -30.89 16.69
C ALA F 56 -62.83 -31.16 15.68
N ALA F 57 -62.44 -31.56 14.47
CA ALA F 57 -63.39 -31.88 13.40
C ALA F 57 -64.27 -33.06 13.78
N ALA F 58 -63.68 -34.08 14.39
CA ALA F 58 -64.42 -35.28 14.83
C ALA F 58 -65.42 -34.95 15.93
N GLN F 59 -65.01 -34.11 16.87
CA GLN F 59 -65.89 -33.67 17.96
C GLN F 59 -67.03 -32.84 17.42
N ARG F 60 -66.73 -32.03 16.41
CA ARG F 60 -67.72 -31.20 15.71
C ARG F 60 -68.85 -32.07 15.16
N GLU F 61 -68.61 -33.39 15.07
CA GLU F 61 -69.60 -34.34 14.56
C GLU F 61 -70.02 -35.38 15.59
N GLY F 62 -69.92 -35.02 16.87
CA GLY F 62 -70.40 -35.86 17.96
C GLY F 62 -69.60 -37.12 18.24
N LYS F 63 -68.33 -37.13 17.81
CA LYS F 63 -67.47 -38.28 18.08
C LYS F 63 -66.68 -38.08 19.35
N THR F 64 -66.39 -39.17 20.06
CA THR F 64 -65.62 -39.12 21.29
C THR F 64 -64.16 -39.37 21.00
N CYS F 65 -63.29 -38.52 21.54
CA CYS F 65 -61.85 -38.63 21.26
C CYS F 65 -61.01 -38.73 22.52
N ALA F 66 -59.89 -39.42 22.42
CA ALA F 66 -58.96 -39.54 23.52
C ALA F 66 -57.58 -39.11 23.05
N PHE F 67 -56.84 -38.46 23.94
CA PHE F 67 -55.49 -38.02 23.64
C PHE F 67 -54.54 -38.58 24.67
N ILE F 68 -53.57 -39.38 24.21
CA ILE F 68 -52.57 -39.93 25.10
C ILE F 68 -51.28 -39.10 24.97
N ASP F 69 -51.07 -38.21 25.93
CA ASP F 69 -49.95 -37.27 25.90
C ASP F 69 -48.71 -37.86 26.57
N ALA F 70 -48.09 -38.83 25.92
CA ALA F 70 -46.90 -39.49 26.45
C ALA F 70 -45.69 -38.55 26.43
N GLU F 71 -45.78 -37.55 25.56
CA GLU F 71 -44.74 -36.57 25.37
C GLU F 71 -44.81 -35.50 26.46
N HIS F 72 -45.94 -35.48 27.18
CA HIS F 72 -46.15 -34.59 28.34
C HIS F 72 -45.97 -33.12 28.00
N ALA F 73 -46.58 -32.70 26.90
CA ALA F 73 -46.38 -31.34 26.40
C ALA F 73 -47.63 -30.67 25.85
N LEU F 74 -48.79 -31.30 26.01
CA LEU F 74 -50.05 -30.76 25.53
C LEU F 74 -50.49 -29.53 26.34
N ASP F 75 -50.81 -28.46 25.62
CA ASP F 75 -51.33 -27.26 26.24
C ASP F 75 -52.85 -27.18 26.02
N PRO F 76 -53.63 -27.43 27.08
CA PRO F 76 -55.09 -27.46 26.97
C PRO F 76 -55.64 -26.17 26.38
N ILE F 77 -55.13 -25.04 26.83
CA ILE F 77 -55.60 -23.74 26.35
C ILE F 77 -55.37 -23.56 24.85
N TYR F 78 -54.23 -24.06 24.36
CA TYR F 78 -53.96 -24.00 22.93
C TYR F 78 -54.85 -24.95 22.15
N ALA F 79 -55.07 -26.14 22.70
CA ALA F 79 -56.00 -27.09 22.09
C ALA F 79 -57.38 -26.47 21.92
N ARG F 80 -57.82 -25.71 22.93
CA ARG F 80 -59.10 -25.02 22.85
C ARG F 80 -59.08 -23.99 21.73
N LYS F 81 -57.99 -23.23 21.62
CA LYS F 81 -57.84 -22.26 20.55
C LYS F 81 -57.98 -22.89 19.18
N LEU F 82 -57.51 -24.13 19.04
CA LEU F 82 -57.62 -24.85 17.78
C LEU F 82 -59.03 -25.44 17.57
N GLY F 83 -59.92 -25.20 18.51
CA GLY F 83 -61.31 -25.60 18.39
C GLY F 83 -61.62 -26.97 18.96
N VAL F 84 -60.75 -27.47 19.82
CA VAL F 84 -61.01 -28.74 20.49
C VAL F 84 -61.93 -28.48 21.67
N ASP F 85 -62.95 -29.32 21.80
CA ASP F 85 -63.79 -29.30 22.98
C ASP F 85 -63.04 -29.97 24.13
N ILE F 86 -62.39 -29.12 24.94
CA ILE F 86 -61.50 -29.56 26.01
C ILE F 86 -62.22 -30.42 27.06
N ASP F 87 -63.45 -30.01 27.39
CA ASP F 87 -64.23 -30.64 28.45
C ASP F 87 -64.68 -32.06 28.14
N ASN F 88 -64.62 -32.44 26.87
CA ASN F 88 -65.04 -33.77 26.46
C ASN F 88 -63.93 -34.61 25.85
N LEU F 89 -62.77 -33.98 25.65
CA LEU F 89 -61.60 -34.67 25.15
C LEU F 89 -61.00 -35.48 26.29
N LEU F 90 -61.11 -36.81 26.20
CA LEU F 90 -60.45 -37.70 27.14
C LEU F 90 -58.94 -37.55 27.00
N CYS F 91 -58.25 -37.52 28.13
CA CYS F 91 -56.83 -37.24 28.10
C CYS F 91 -56.07 -37.97 29.20
N SER F 92 -54.95 -38.57 28.80
CA SER F 92 -54.14 -39.35 29.71
C SER F 92 -52.67 -38.96 29.58
N GLN F 93 -51.99 -38.89 30.72
CA GLN F 93 -50.55 -38.70 30.74
C GLN F 93 -49.92 -39.89 31.45
N PRO F 94 -49.65 -40.98 30.69
CA PRO F 94 -49.27 -42.28 31.22
C PRO F 94 -47.84 -42.28 31.76
N ASP F 95 -47.56 -43.20 32.67
CA ASP F 95 -46.22 -43.30 33.24
C ASP F 95 -45.29 -44.10 32.34
N THR F 96 -45.69 -45.32 32.01
CA THR F 96 -44.91 -46.19 31.13
C THR F 96 -45.58 -46.29 29.75
N GLY F 97 -44.80 -46.75 28.76
CA GLY F 97 -45.32 -46.98 27.42
C GLY F 97 -46.33 -48.11 27.39
N GLU F 98 -46.08 -49.15 28.19
CA GLU F 98 -47.02 -50.26 28.31
C GLU F 98 -48.38 -49.78 28.79
N GLN F 99 -48.37 -48.94 29.82
CA GLN F 99 -49.58 -48.31 30.33
C GLN F 99 -50.32 -47.53 29.23
N ALA F 100 -49.58 -46.70 28.50
CA ALA F 100 -50.13 -45.93 27.39
C ALA F 100 -50.88 -46.81 26.40
N LEU F 101 -50.27 -47.94 26.04
CA LEU F 101 -50.83 -48.82 25.03
C LEU F 101 -51.94 -49.70 25.61
N GLU F 102 -51.82 -50.04 26.89
CA GLU F 102 -52.90 -50.77 27.56
C GLU F 102 -54.16 -49.91 27.66
N ILE F 103 -53.98 -48.60 27.83
CA ILE F 103 -55.10 -47.66 27.86
C ILE F 103 -55.76 -47.63 26.48
N CYS F 104 -54.95 -47.55 25.42
CA CYS F 104 -55.47 -47.60 24.05
C CYS F 104 -56.31 -48.83 23.81
N ASP F 105 -55.79 -49.98 24.24
CA ASP F 105 -56.45 -51.24 24.01
C ASP F 105 -57.80 -51.27 24.72
N ALA F 106 -57.81 -50.78 25.96
CA ALA F 106 -59.03 -50.69 26.75
C ALA F 106 -60.09 -49.82 26.06
N LEU F 107 -59.66 -48.65 25.59
CA LEU F 107 -60.56 -47.73 24.89
C LEU F 107 -61.02 -48.30 23.55
N ALA F 108 -60.10 -48.95 22.83
CA ALA F 108 -60.45 -49.63 21.60
C ALA F 108 -61.56 -50.66 21.88
N ARG F 109 -61.30 -51.59 22.81
CA ARG F 109 -62.26 -52.64 23.18
C ARG F 109 -63.61 -52.10 23.62
N SER F 110 -63.62 -50.97 24.33
CA SER F 110 -64.86 -50.40 24.87
C SER F 110 -65.88 -50.06 23.78
N GLY F 111 -65.39 -49.72 22.59
CA GLY F 111 -66.23 -49.34 21.47
C GLY F 111 -66.87 -47.97 21.67
N ALA F 112 -66.40 -47.24 22.67
CA ALA F 112 -66.99 -45.98 23.05
C ALA F 112 -66.19 -44.76 22.55
N VAL F 113 -64.93 -44.98 22.19
CA VAL F 113 -64.09 -43.92 21.67
C VAL F 113 -63.95 -44.06 20.16
N ASP F 114 -64.02 -42.94 19.45
CA ASP F 114 -64.00 -42.95 17.99
C ASP F 114 -62.61 -42.68 17.43
N VAL F 115 -61.90 -41.72 18.01
CA VAL F 115 -60.50 -41.46 17.62
C VAL F 115 -59.59 -41.31 18.83
N ILE F 116 -58.48 -42.06 18.81
CA ILE F 116 -57.45 -41.98 19.82
C ILE F 116 -56.17 -41.51 19.16
N VAL F 117 -55.51 -40.53 19.73
CA VAL F 117 -54.17 -40.17 19.29
C VAL F 117 -53.13 -40.31 20.40
N VAL F 118 -52.01 -40.93 20.04
CA VAL F 118 -50.86 -41.10 20.93
C VAL F 118 -49.78 -40.13 20.48
N ASP F 119 -49.48 -39.13 21.32
CA ASP F 119 -48.47 -38.13 20.98
C ASP F 119 -47.07 -38.60 21.38
N SER F 120 -46.32 -38.95 20.33
CA SER F 120 -44.96 -39.46 20.34
C SER F 120 -44.85 -40.90 20.79
N VAL F 121 -44.66 -41.81 19.84
CA VAL F 121 -44.25 -43.17 20.15
C VAL F 121 -42.84 -43.07 20.72
N ALA F 122 -42.10 -42.06 20.26
CA ALA F 122 -40.77 -41.75 20.74
C ALA F 122 -40.73 -41.66 22.26
N ALA F 123 -41.82 -41.15 22.84
CA ALA F 123 -41.93 -40.96 24.28
C ALA F 123 -42.53 -42.15 25.03
N LEU F 124 -42.93 -43.19 24.28
CA LEU F 124 -43.47 -44.41 24.87
C LEU F 124 -42.37 -45.24 25.52
N THR F 125 -42.01 -44.89 26.76
CA THR F 125 -40.89 -45.51 27.46
C THR F 125 -41.28 -46.82 28.14
N PRO F 126 -40.66 -47.94 27.73
CA PRO F 126 -40.88 -49.23 28.35
C PRO F 126 -40.70 -49.19 29.87
N LYS F 127 -41.45 -50.03 30.58
CA LYS F 127 -41.46 -50.06 32.03
C LYS F 127 -40.08 -50.37 32.60
N ALA F 128 -39.39 -51.33 31.98
CA ALA F 128 -38.05 -51.72 32.43
C ALA F 128 -37.04 -50.59 32.29
N GLU F 129 -37.22 -49.75 31.28
CA GLU F 129 -36.34 -48.61 31.04
C GLU F 129 -36.52 -47.55 32.12
N ILE F 130 -37.75 -47.38 32.58
CA ILE F 130 -38.08 -46.37 33.59
C ILE F 130 -37.58 -46.69 35.02
N GLU F 131 -37.78 -47.93 35.47
CA GLU F 131 -37.30 -48.35 36.79
C GLU F 131 -35.80 -48.62 36.79
N GLY F 132 -35.26 -48.94 35.63
CA GLY F 132 -33.82 -49.08 35.45
C GLY F 132 -33.16 -47.74 35.19
N GLU F 133 -31.89 -47.78 34.80
CA GLU F 133 -31.10 -46.55 34.68
C GLU F 133 -30.68 -46.17 33.26
N ILE F 134 -30.23 -44.92 33.12
CA ILE F 134 -29.75 -44.37 31.87
C ILE F 134 -28.35 -44.93 31.58
N GLY F 135 -28.14 -45.34 30.33
CA GLY F 135 -26.87 -45.93 29.91
C GLY F 135 -26.89 -47.42 30.10
N ASP F 136 -28.06 -48.02 29.88
CA ASP F 136 -28.25 -49.45 30.11
C ASP F 136 -28.48 -50.28 28.84
N SER F 137 -28.25 -51.59 28.98
CA SER F 137 -28.35 -52.55 27.89
C SER F 137 -29.81 -52.80 27.46
N HIS F 138 -30.60 -51.73 27.38
CA HIS F 138 -32.02 -51.84 27.02
C HIS F 138 -32.25 -51.65 25.52
N MET F 139 -31.37 -52.27 24.73
CA MET F 139 -31.44 -52.28 23.27
C MET F 139 -32.78 -52.86 22.77
N GLY F 140 -33.28 -52.31 21.66
CA GLY F 140 -34.48 -52.84 20.98
C GLY F 140 -35.70 -53.13 21.82
N LEU F 141 -35.79 -52.56 23.01
CA LEU F 141 -36.86 -52.90 23.96
C LEU F 141 -38.19 -52.23 23.60
N ALA F 142 -38.11 -51.04 23.04
CA ALA F 142 -39.29 -50.30 22.62
C ALA F 142 -39.89 -50.86 21.33
N ALA F 143 -39.07 -51.55 20.53
CA ALA F 143 -39.47 -52.08 19.25
C ALA F 143 -40.37 -53.30 19.42
N ARG F 144 -39.96 -54.17 20.34
CA ARG F 144 -40.65 -55.42 20.61
C ARG F 144 -42.01 -55.16 21.25
N MET F 145 -42.05 -54.10 22.08
CA MET F 145 -43.27 -53.65 22.74
C MET F 145 -44.27 -53.10 21.72
N MET F 146 -43.78 -52.27 20.82
CA MET F 146 -44.57 -51.74 19.71
C MET F 146 -45.11 -52.86 18.82
N SER F 147 -44.24 -53.82 18.52
CA SER F 147 -44.60 -54.95 17.69
C SER F 147 -45.73 -55.75 18.33
N GLN F 148 -45.66 -55.94 19.64
CA GLN F 148 -46.72 -56.60 20.38
C GLN F 148 -48.01 -55.79 20.38
N ALA F 149 -47.91 -54.48 20.57
CA ALA F 149 -49.06 -53.60 20.61
C ALA F 149 -49.87 -53.71 19.32
N MET F 150 -49.20 -53.63 18.17
CA MET F 150 -49.88 -53.65 16.88
C MET F 150 -50.72 -54.91 16.72
N ARG F 151 -50.13 -56.06 17.02
CA ARG F 151 -50.84 -57.34 16.98
C ARG F 151 -52.18 -57.27 17.74
N LYS F 152 -52.12 -56.83 18.99
CA LYS F 152 -53.29 -56.73 19.86
C LYS F 152 -54.27 -55.64 19.42
N LEU F 153 -53.75 -54.48 18.99
CA LEU F 153 -54.61 -53.34 18.66
C LEU F 153 -55.38 -53.46 17.36
N ALA F 154 -54.67 -53.83 16.29
CA ALA F 154 -55.24 -53.92 14.95
C ALA F 154 -56.67 -54.48 14.95
N GLY F 155 -56.83 -55.65 15.56
CA GLY F 155 -58.13 -56.33 15.62
C GLY F 155 -59.18 -55.57 16.39
N ASN F 156 -58.81 -55.10 17.60
CA ASN F 156 -59.72 -54.36 18.47
C ASN F 156 -60.17 -53.04 17.87
N LEU F 157 -59.28 -52.42 17.12
CA LEU F 157 -59.57 -51.14 16.49
C LEU F 157 -60.56 -51.27 15.35
N LYS F 158 -60.38 -52.32 14.55
CA LYS F 158 -61.28 -52.58 13.43
C LYS F 158 -62.70 -52.90 13.92
N GLN F 159 -62.81 -53.80 14.90
CA GLN F 159 -64.13 -54.21 15.41
C GLN F 159 -64.88 -53.11 16.14
N SER F 160 -64.17 -52.07 16.57
CA SER F 160 -64.77 -50.94 17.26
C SER F 160 -64.90 -49.73 16.34
N ASN F 161 -64.36 -49.86 15.13
CA ASN F 161 -64.30 -48.77 14.17
C ASN F 161 -63.62 -47.52 14.75
N THR F 162 -62.57 -47.75 15.52
CA THR F 162 -61.81 -46.69 16.18
C THR F 162 -60.56 -46.35 15.37
N LEU F 163 -60.38 -45.08 15.06
CA LEU F 163 -59.15 -44.60 14.42
C LEU F 163 -58.09 -44.34 15.47
N LEU F 164 -56.87 -44.82 15.24
CA LEU F 164 -55.75 -44.58 16.14
C LEU F 164 -54.63 -43.90 15.39
N ILE F 165 -54.31 -42.68 15.81
CA ILE F 165 -53.20 -41.93 15.22
C ILE F 165 -51.96 -41.94 16.12
N PHE F 166 -50.85 -42.40 15.57
CA PHE F 166 -49.57 -42.34 16.26
C PHE F 166 -48.74 -41.18 15.72
N ILE F 167 -48.31 -40.29 16.62
CA ILE F 167 -47.33 -39.29 16.25
C ILE F 167 -45.91 -39.85 16.50
N ASN F 168 -45.04 -39.75 15.50
CA ASN F 168 -43.68 -40.17 15.69
C ASN F 168 -42.67 -39.05 15.40
N GLN F 169 -41.50 -39.14 16.03
CA GLN F 169 -40.40 -38.23 15.78
C GLN F 169 -39.44 -38.85 14.78
N ILE F 170 -38.53 -38.04 14.26
CA ILE F 170 -37.50 -38.52 13.39
C ILE F 170 -36.16 -38.67 14.13
N ARG F 171 -35.50 -39.79 13.90
CA ARG F 171 -34.10 -39.94 14.30
C ARG F 171 -33.28 -40.17 13.04
N MET F 172 -31.96 -40.09 13.16
CA MET F 172 -31.07 -40.24 12.02
C MET F 172 -30.45 -41.62 12.08
N LYS F 173 -30.31 -42.28 10.93
CA LYS F 173 -29.55 -43.53 10.90
C LYS F 173 -28.12 -43.28 10.41
N ILE F 174 -27.22 -44.12 10.88
CA ILE F 174 -25.85 -43.72 11.02
C ILE F 174 -24.94 -44.73 10.35
N GLY F 175 -24.29 -44.29 9.28
CA GLY F 175 -23.54 -45.17 8.38
C GLY F 175 -24.41 -45.46 7.16
N VAL F 176 -24.86 -44.39 6.52
CA VAL F 176 -25.74 -44.48 5.36
C VAL F 176 -25.42 -43.38 4.33
N MET F 177 -24.68 -43.75 3.28
CA MET F 177 -24.31 -42.81 2.20
C MET F 177 -25.03 -43.15 0.88
N PHE F 178 -26.34 -43.39 0.97
CA PHE F 178 -27.12 -43.99 -0.14
C PHE F 178 -28.62 -43.62 -0.09
N GLY F 179 -29.40 -44.28 0.78
CA GLY F 179 -30.78 -43.87 1.04
C GLY F 179 -30.80 -42.59 1.84
N ASN F 180 -31.96 -42.05 2.16
CA ASN F 180 -31.98 -40.94 3.12
C ASN F 180 -31.81 -41.49 4.55
N PRO F 181 -31.12 -40.72 5.42
CA PRO F 181 -30.72 -41.25 6.71
C PRO F 181 -31.80 -41.19 7.78
N GLU F 182 -32.98 -40.67 7.46
CA GLU F 182 -34.01 -40.48 8.46
C GLU F 182 -34.73 -41.76 8.86
N THR F 183 -35.18 -41.85 10.10
CA THR F 183 -36.02 -42.95 10.56
C THR F 183 -37.01 -42.47 11.57
N THR F 184 -37.64 -43.43 12.22
CA THR F 184 -38.82 -43.26 13.02
C THR F 184 -38.58 -44.12 14.26
N THR F 185 -39.05 -43.66 15.42
CA THR F 185 -38.77 -44.40 16.66
C THR F 185 -39.65 -45.62 16.78
N GLY F 186 -39.21 -46.60 17.57
CA GLY F 186 -40.06 -47.71 17.96
C GLY F 186 -40.21 -48.83 16.94
N GLY F 187 -39.13 -49.12 16.22
CA GLY F 187 -39.07 -50.31 15.38
C GLY F 187 -39.80 -50.24 14.06
N ASN F 188 -40.12 -51.42 13.55
CA ASN F 188 -40.63 -51.57 12.19
C ASN F 188 -42.11 -51.95 12.11
N ALA F 189 -42.68 -52.38 13.23
CA ALA F 189 -44.06 -52.84 13.26
C ALA F 189 -45.02 -51.80 12.70
N LEU F 190 -44.92 -50.57 13.18
CA LEU F 190 -45.86 -49.52 12.81
C LEU F 190 -45.90 -49.22 11.30
N LYS F 191 -44.74 -49.25 10.62
CA LYS F 191 -44.70 -49.01 9.17
C LYS F 191 -45.71 -49.91 8.48
N PHE F 192 -45.75 -51.17 8.91
CA PHE F 192 -46.56 -52.19 8.29
C PHE F 192 -48.04 -52.06 8.61
N TYR F 193 -48.34 -51.86 9.88
CA TYR F 193 -49.72 -51.83 10.35
C TYR F 193 -50.46 -50.55 9.98
N ALA F 194 -49.73 -49.44 9.86
CA ALA F 194 -50.34 -48.17 9.45
C ALA F 194 -51.01 -48.31 8.09
N SER F 195 -52.22 -47.79 7.96
CA SER F 195 -52.95 -47.81 6.69
C SER F 195 -52.63 -46.53 5.94
N VAL F 196 -52.21 -45.52 6.69
CA VAL F 196 -51.78 -44.25 6.13
C VAL F 196 -50.57 -43.73 6.92
N ARG F 197 -49.53 -43.28 6.20
CA ARG F 197 -48.41 -42.63 6.85
C ARG F 197 -48.20 -41.23 6.28
N LEU F 198 -48.11 -40.25 7.15
CA LEU F 198 -47.96 -38.85 6.76
C LEU F 198 -46.60 -38.31 7.17
N ASP F 199 -45.90 -37.70 6.22
CA ASP F 199 -44.67 -36.98 6.47
C ASP F 199 -44.97 -35.49 6.44
N ILE F 200 -45.02 -34.86 7.60
CA ILE F 200 -45.31 -33.42 7.70
C ILE F 200 -44.02 -32.60 7.90
N ARG F 201 -43.93 -31.46 7.22
CA ARG F 201 -42.75 -30.61 7.29
C ARG F 201 -43.08 -29.12 7.20
N ARG F 202 -42.38 -28.31 7.99
CA ARG F 202 -42.46 -26.86 7.86
C ARG F 202 -41.55 -26.45 6.72
N ILE F 203 -42.10 -25.71 5.77
CA ILE F 203 -41.34 -25.35 4.57
C ILE F 203 -41.06 -23.86 4.44
N GLY F 204 -41.72 -23.07 5.28
CA GLY F 204 -41.53 -21.62 5.29
C GLY F 204 -42.33 -20.94 6.38
N ALA F 205 -42.17 -19.62 6.47
CA ALA F 205 -42.86 -18.81 7.46
C ALA F 205 -43.98 -18.00 6.82
N VAL F 206 -45.13 -17.91 7.50
CA VAL F 206 -46.20 -17.02 7.09
C VAL F 206 -45.97 -15.69 7.80
N LYS F 207 -45.63 -14.67 7.03
CA LYS F 207 -45.22 -13.39 7.60
C LYS F 207 -46.27 -12.29 7.49
N GLU F 208 -46.25 -11.40 8.47
CA GLU F 208 -47.08 -10.21 8.53
C GLU F 208 -46.16 -9.00 8.48
N GLY F 209 -45.45 -8.86 7.38
CA GLY F 209 -44.38 -7.88 7.26
C GLY F 209 -43.29 -8.19 8.28
N GLU F 210 -43.48 -7.66 9.49
CA GLU F 210 -42.56 -7.91 10.59
C GLU F 210 -42.75 -9.29 11.18
N ASN F 211 -43.98 -9.61 11.59
CA ASN F 211 -44.27 -10.77 12.44
C ASN F 211 -44.29 -12.10 11.72
N VAL F 212 -43.90 -13.15 12.43
CA VAL F 212 -44.06 -14.50 11.95
C VAL F 212 -45.32 -15.02 12.61
N VAL F 213 -46.39 -15.09 11.82
CA VAL F 213 -47.73 -15.38 12.36
C VAL F 213 -48.20 -16.82 12.07
N GLY F 214 -47.40 -17.56 11.31
CA GLY F 214 -47.72 -18.95 10.99
C GLY F 214 -46.62 -19.73 10.31
N SER F 215 -46.84 -21.03 10.18
CA SER F 215 -45.92 -21.93 9.49
C SER F 215 -46.52 -22.38 8.17
N GLU F 216 -45.78 -22.17 7.08
CA GLU F 216 -46.13 -22.73 5.79
C GLU F 216 -45.80 -24.23 5.83
N THR F 217 -46.77 -25.08 5.51
CA THR F 217 -46.66 -26.51 5.81
C THR F 217 -46.89 -27.42 4.61
N ARG F 218 -46.13 -28.51 4.54
CA ARG F 218 -46.30 -29.53 3.49
C ARG F 218 -46.41 -30.93 4.09
N VAL F 219 -47.45 -31.66 3.70
CA VAL F 219 -47.62 -33.05 4.13
C VAL F 219 -47.53 -33.97 2.93
N LYS F 220 -46.67 -34.97 3.00
CA LYS F 220 -46.61 -36.02 1.98
C LYS F 220 -47.31 -37.27 2.47
N VAL F 221 -48.11 -37.89 1.60
CA VAL F 221 -48.72 -39.17 1.93
C VAL F 221 -47.74 -40.24 1.51
N VAL F 222 -47.00 -40.73 2.49
CA VAL F 222 -45.88 -41.64 2.26
C VAL F 222 -46.36 -43.08 2.09
N LYS F 223 -47.40 -43.44 2.83
CA LYS F 223 -48.03 -44.76 2.65
C LYS F 223 -49.55 -44.60 2.61
N ASN F 224 -50.19 -45.36 1.73
CA ASN F 224 -51.64 -45.34 1.62
C ASN F 224 -52.22 -46.67 1.20
N LYS F 225 -53.06 -47.24 2.07
CA LYS F 225 -53.72 -48.51 1.82
C LYS F 225 -55.17 -48.28 1.38
N ILE F 226 -55.53 -47.01 1.27
CA ILE F 226 -56.92 -46.60 1.18
C ILE F 226 -57.20 -45.92 -0.15
N ALA F 227 -56.14 -45.38 -0.74
CA ALA F 227 -56.17 -44.72 -2.04
C ALA F 227 -54.72 -44.71 -2.54
N ALA F 228 -54.48 -44.19 -3.74
CA ALA F 228 -53.13 -44.03 -4.26
C ALA F 228 -52.27 -43.18 -3.32
N PRO F 229 -51.02 -43.60 -3.06
CA PRO F 229 -50.09 -42.84 -2.22
C PRO F 229 -49.30 -41.77 -2.99
N PHE F 230 -48.49 -41.02 -2.24
CA PHE F 230 -47.50 -40.07 -2.79
C PHE F 230 -48.06 -38.77 -3.34
N LYS F 231 -49.31 -38.46 -3.03
CA LYS F 231 -49.85 -37.14 -3.28
C LYS F 231 -49.44 -36.26 -2.10
N GLN F 232 -49.42 -34.95 -2.29
CA GLN F 232 -49.04 -34.07 -1.19
C GLN F 232 -49.93 -32.86 -1.04
N ALA F 233 -49.91 -32.28 0.15
CA ALA F 233 -50.78 -31.16 0.48
C ALA F 233 -49.96 -30.05 1.10
N GLU F 234 -50.15 -28.82 0.60
CA GLU F 234 -49.52 -27.64 1.19
C GLU F 234 -50.59 -26.74 1.78
N PHE F 235 -50.38 -26.28 3.01
CA PHE F 235 -51.32 -25.38 3.66
C PHE F 235 -50.61 -24.55 4.70
N GLN F 236 -51.37 -23.68 5.37
CA GLN F 236 -50.80 -22.83 6.40
C GLN F 236 -51.28 -23.22 7.78
N ILE F 237 -50.36 -23.26 8.74
CA ILE F 237 -50.75 -23.37 10.13
C ILE F 237 -50.57 -21.98 10.74
N LEU F 238 -51.68 -21.33 11.02
CA LEU F 238 -51.64 -20.02 11.64
C LEU F 238 -51.67 -20.21 13.15
N TYR F 239 -50.64 -19.69 13.82
CA TYR F 239 -50.47 -19.90 15.26
C TYR F 239 -51.69 -19.39 16.03
N GLY F 240 -52.18 -20.19 16.96
CA GLY F 240 -53.32 -19.82 17.78
C GLY F 240 -54.66 -19.93 17.08
N GLU F 241 -54.62 -20.27 15.79
CA GLU F 241 -55.83 -20.42 15.01
C GLU F 241 -55.97 -21.85 14.47
N GLY F 242 -54.88 -22.38 13.92
CA GLY F 242 -54.88 -23.73 13.34
C GLY F 242 -54.60 -23.72 11.85
N ILE F 243 -54.99 -24.81 11.19
CA ILE F 243 -54.87 -24.94 9.74
C ILE F 243 -55.72 -23.89 9.03
N ASN F 244 -55.14 -23.15 8.06
CA ASN F 244 -55.91 -22.18 7.24
C ASN F 244 -56.76 -22.90 6.20
N PHE F 245 -57.94 -23.35 6.65
CA PHE F 245 -58.81 -24.19 5.85
C PHE F 245 -59.45 -23.42 4.71
N TYR F 246 -59.97 -22.23 5.01
CA TYR F 246 -60.63 -21.40 4.01
C TYR F 246 -59.64 -20.84 2.99
N GLY F 247 -58.40 -20.65 3.43
CA GLY F 247 -57.31 -20.35 2.51
C GLY F 247 -57.18 -21.39 1.43
N GLU F 248 -57.16 -22.66 1.84
CA GLU F 248 -57.11 -23.80 0.92
C GLU F 248 -58.31 -23.73 -0.01
N LEU F 249 -59.48 -23.52 0.57
CA LEU F 249 -60.73 -23.52 -0.18
C LEU F 249 -60.69 -22.50 -1.32
N VAL F 250 -60.17 -21.31 -1.04
CA VAL F 250 -59.97 -20.30 -2.07
C VAL F 250 -59.07 -20.82 -3.19
N ASP F 251 -57.87 -21.27 -2.85
CA ASP F 251 -56.91 -21.75 -3.85
C ASP F 251 -57.46 -22.91 -4.68
N LEU F 252 -58.10 -23.87 -4.01
CA LEU F 252 -58.69 -25.03 -4.67
C LEU F 252 -59.86 -24.62 -5.56
N GLY F 253 -60.66 -23.67 -5.07
CA GLY F 253 -61.80 -23.16 -5.80
C GLY F 253 -61.39 -22.45 -7.08
N VAL F 254 -60.37 -21.59 -6.96
CA VAL F 254 -59.82 -20.85 -8.10
C VAL F 254 -59.23 -21.81 -9.11
N LYS F 255 -58.47 -22.79 -8.61
CA LYS F 255 -57.85 -23.81 -9.45
C LYS F 255 -58.88 -24.62 -10.24
N GLU F 256 -60.01 -24.91 -9.61
CA GLU F 256 -61.06 -25.70 -10.24
C GLU F 256 -62.10 -24.87 -11.00
N LYS F 257 -61.81 -23.58 -11.19
CA LYS F 257 -62.68 -22.64 -11.91
C LYS F 257 -64.07 -22.49 -11.29
N LEU F 258 -64.16 -22.70 -9.98
CA LEU F 258 -65.39 -22.44 -9.24
C LEU F 258 -65.40 -21.01 -8.72
N ILE F 259 -64.21 -20.47 -8.43
CA ILE F 259 -64.05 -19.09 -8.05
C ILE F 259 -63.27 -18.35 -9.13
N GLU F 260 -63.78 -17.19 -9.52
CA GLU F 260 -63.17 -16.35 -10.53
C GLU F 260 -62.05 -15.52 -9.91
N LYS F 261 -60.95 -15.36 -10.65
CA LYS F 261 -59.86 -14.48 -10.19
C LYS F 261 -59.45 -13.51 -11.31
N ALA F 262 -59.92 -12.26 -11.19
CA ALA F 262 -59.59 -11.20 -12.14
C ALA F 262 -58.51 -10.28 -11.57
N GLY F 263 -57.26 -10.70 -11.71
CA GLY F 263 -56.11 -10.00 -11.13
C GLY F 263 -56.04 -10.22 -9.64
N ALA F 264 -56.53 -9.25 -8.87
CA ALA F 264 -56.59 -9.35 -7.43
C ALA F 264 -58.03 -9.56 -6.94
N TRP F 265 -58.99 -9.42 -7.86
CA TRP F 265 -60.41 -9.55 -7.54
C TRP F 265 -60.95 -10.98 -7.62
N TYR F 266 -61.45 -11.48 -6.50
CA TYR F 266 -62.05 -12.80 -6.43
C TYR F 266 -63.57 -12.71 -6.53
N SER F 267 -64.14 -13.39 -7.52
CA SER F 267 -65.59 -13.41 -7.70
C SER F 267 -66.12 -14.83 -7.54
N TYR F 268 -67.34 -14.95 -7.01
CA TYR F 268 -68.05 -16.22 -7.00
C TYR F 268 -69.42 -16.06 -7.60
N LYS F 269 -69.65 -16.75 -8.72
CA LYS F 269 -70.91 -16.68 -9.46
C LYS F 269 -71.34 -15.23 -9.72
N GLY F 270 -70.42 -14.46 -10.31
CA GLY F 270 -70.71 -13.08 -10.70
C GLY F 270 -70.52 -12.07 -9.58
N GLU F 271 -70.92 -12.46 -8.37
CA GLU F 271 -70.77 -11.64 -7.18
C GLU F 271 -69.31 -11.62 -6.72
N LYS F 272 -68.78 -10.42 -6.49
CA LYS F 272 -67.42 -10.24 -6.00
C LYS F 272 -67.38 -10.52 -4.50
N ILE F 273 -66.42 -11.33 -4.08
CA ILE F 273 -66.34 -11.77 -2.68
C ILE F 273 -65.16 -11.19 -1.91
N GLY F 274 -64.19 -10.62 -2.61
CA GLY F 274 -63.06 -9.98 -1.95
C GLY F 274 -61.90 -9.66 -2.85
N GLN F 275 -61.06 -8.72 -2.39
CA GLN F 275 -59.84 -8.35 -3.09
C GLN F 275 -58.62 -8.88 -2.34
N GLY F 276 -57.83 -9.69 -3.03
CA GLY F 276 -56.69 -10.37 -2.41
C GLY F 276 -57.14 -11.60 -1.64
N LYS F 277 -56.33 -12.65 -1.69
CA LYS F 277 -56.63 -13.94 -1.05
C LYS F 277 -57.07 -13.76 0.41
N ALA F 278 -56.47 -12.80 1.11
CA ALA F 278 -56.81 -12.49 2.50
C ALA F 278 -58.30 -12.22 2.70
N ASN F 279 -58.87 -11.35 1.87
CA ASN F 279 -60.28 -10.98 1.96
C ASN F 279 -61.23 -12.05 1.50
N ALA F 280 -60.87 -12.75 0.43
CA ALA F 280 -61.66 -13.87 -0.08
C ALA F 280 -61.81 -14.96 0.98
N THR F 281 -60.74 -15.22 1.71
CA THR F 281 -60.74 -16.16 2.82
C THR F 281 -61.74 -15.72 3.90
N ALA F 282 -61.69 -14.43 4.24
CA ALA F 282 -62.57 -13.85 5.26
C ALA F 282 -64.04 -13.93 4.88
N TRP F 283 -64.31 -13.80 3.58
CA TRP F 283 -65.67 -13.90 3.06
C TRP F 283 -66.25 -15.30 3.23
N LEU F 284 -65.42 -16.32 3.03
CA LEU F 284 -65.87 -17.70 3.20
C LEU F 284 -66.13 -18.06 4.66
N LYS F 285 -65.34 -17.50 5.57
CA LYS F 285 -65.64 -17.60 6.99
C LYS F 285 -67.03 -17.03 7.25
N ASP F 286 -67.31 -15.89 6.62
CA ASP F 286 -68.58 -15.17 6.81
C ASP F 286 -69.79 -15.88 6.21
N ASN F 287 -69.57 -16.61 5.11
CA ASN F 287 -70.65 -17.35 4.46
C ASN F 287 -70.39 -18.85 4.51
N PRO F 288 -70.63 -19.48 5.69
CA PRO F 288 -70.27 -20.89 5.86
C PRO F 288 -71.10 -21.81 4.98
N GLU F 289 -72.31 -21.36 4.63
CA GLU F 289 -73.23 -22.15 3.81
C GLU F 289 -72.71 -22.26 2.38
N THR F 290 -72.19 -21.14 1.88
CA THR F 290 -71.59 -21.07 0.56
C THR F 290 -70.26 -21.84 0.54
N ALA F 291 -69.52 -21.75 1.65
CA ALA F 291 -68.28 -22.48 1.80
C ALA F 291 -68.50 -23.98 1.69
N LYS F 292 -69.52 -24.49 2.39
CA LYS F 292 -69.88 -25.92 2.34
C LYS F 292 -70.16 -26.34 0.90
N GLU F 293 -70.87 -25.47 0.16
CA GLU F 293 -71.25 -25.72 -1.22
C GLU F 293 -70.02 -25.84 -2.12
N ILE F 294 -69.11 -24.89 -2.01
CA ILE F 294 -67.88 -24.92 -2.80
C ILE F 294 -67.02 -26.13 -2.42
N GLU F 295 -66.91 -26.38 -1.13
CA GLU F 295 -66.14 -27.53 -0.63
C GLU F 295 -66.66 -28.84 -1.21
N LYS F 296 -67.97 -29.03 -1.15
CA LYS F 296 -68.61 -30.25 -1.65
C LYS F 296 -68.27 -30.48 -3.13
N LYS F 297 -68.28 -29.42 -3.92
CA LYS F 297 -67.95 -29.49 -5.34
C LYS F 297 -66.48 -29.78 -5.58
N VAL F 298 -65.61 -29.14 -4.79
CA VAL F 298 -64.18 -29.40 -4.89
C VAL F 298 -63.89 -30.87 -4.61
N ARG F 299 -64.51 -31.41 -3.56
CA ARG F 299 -64.36 -32.81 -3.20
C ARG F 299 -64.86 -33.74 -4.30
N GLU F 300 -66.05 -33.47 -4.83
CA GLU F 300 -66.60 -34.23 -5.95
C GLU F 300 -65.64 -34.24 -7.13
N LEU F 301 -65.09 -33.08 -7.45
CA LEU F 301 -64.15 -32.95 -8.56
C LEU F 301 -62.80 -33.63 -8.33
N LEU F 302 -62.31 -33.65 -7.10
CA LEU F 302 -60.91 -34.02 -6.85
C LEU F 302 -60.64 -35.27 -5.99
N LEU F 303 -61.64 -35.77 -5.28
CA LEU F 303 -61.48 -37.00 -4.53
C LEU F 303 -61.51 -38.19 -5.48
N SER F 304 -60.36 -38.87 -5.56
CA SER F 304 -60.15 -39.95 -6.52
C SER F 304 -60.79 -41.26 -6.08
N ASN F 305 -60.97 -41.41 -4.76
CA ASN F 305 -61.60 -42.59 -4.19
C ASN F 305 -62.73 -42.21 -3.22
N PRO F 306 -63.85 -41.63 -3.74
CA PRO F 306 -64.85 -41.04 -2.84
C PRO F 306 -65.94 -42.01 -2.40
N ASN F 307 -66.26 -41.98 -1.10
CA ASN F 307 -67.28 -42.83 -0.50
C ASN F 307 -67.66 -42.39 0.92
N SER F 308 -66.88 -41.44 1.45
CA SER F 308 -67.05 -40.96 2.83
C SER F 308 -66.20 -39.71 3.05
N ALA F 325 -80.89 -43.94 21.91
CA ALA F 325 -80.88 -45.42 22.10
C ALA F 325 -79.53 -46.03 21.71
N ILE F 326 -78.89 -45.42 20.70
CA ILE F 326 -77.66 -45.94 20.12
C ILE F 326 -76.40 -45.46 20.87
N ASP F 327 -76.39 -44.18 21.23
CA ASP F 327 -75.23 -43.56 21.89
C ASP F 327 -75.26 -43.69 23.42
N GLU F 328 -76.40 -44.09 23.95
CA GLU F 328 -76.55 -44.31 25.39
C GLU F 328 -75.90 -45.62 25.83
N ASN F 329 -75.90 -46.59 24.93
CA ASN F 329 -75.15 -47.83 25.13
C ASN F 329 -73.65 -47.59 25.16
N LYS F 330 -73.21 -46.63 24.35
CA LYS F 330 -71.79 -46.26 24.25
C LYS F 330 -71.25 -45.71 25.56
N GLN F 331 -72.02 -44.81 26.18
CA GLN F 331 -71.62 -44.18 27.43
C GLN F 331 -71.57 -45.19 28.58
N LYS F 332 -72.53 -46.11 28.56
CA LYS F 332 -72.55 -47.24 29.48
C LYS F 332 -71.22 -48.00 29.43
N ALA F 333 -70.74 -48.27 28.21
CA ALA F 333 -69.47 -48.99 28.01
C ALA F 333 -68.24 -48.10 28.22
N LEU F 334 -68.40 -46.80 27.98
CA LEU F 334 -67.33 -45.82 28.17
C LEU F 334 -66.95 -45.70 29.65
N ALA F 335 -67.94 -45.35 30.47
CA ALA F 335 -67.76 -45.24 31.91
C ALA F 335 -67.21 -46.53 32.51
N ALA F 336 -67.68 -47.67 32.00
CA ALA F 336 -67.18 -48.99 32.39
C ALA F 336 -65.67 -49.12 32.15
N ALA F 337 -65.21 -48.63 31.00
CA ALA F 337 -63.80 -48.69 30.65
C ALA F 337 -62.96 -47.71 31.46
N LEU F 338 -63.45 -46.48 31.62
CA LEU F 338 -62.78 -45.45 32.41
C LEU F 338 -62.63 -45.88 33.86
N GLY F 339 -63.66 -46.49 34.41
CA GLY F 339 -63.60 -47.04 35.76
C GLY F 339 -62.57 -48.14 35.86
N GLN F 340 -62.58 -49.03 34.87
CA GLN F 340 -61.61 -50.13 34.78
C GLN F 340 -60.17 -49.62 34.71
N ILE F 341 -59.95 -48.59 33.91
CA ILE F 341 -58.63 -48.00 33.71
C ILE F 341 -58.11 -47.37 35.00
N GLU F 342 -58.97 -46.59 35.65
CA GLU F 342 -58.60 -45.87 36.87
C GLU F 342 -58.35 -46.83 38.03
N LYS F 343 -59.12 -47.91 38.09
CA LYS F 343 -58.93 -48.94 39.09
C LYS F 343 -57.64 -49.72 38.86
N GLN F 344 -57.21 -49.76 37.60
CA GLN F 344 -55.97 -50.45 37.24
C GLN F 344 -54.73 -49.58 37.39
N PHE F 345 -54.83 -48.32 36.96
CA PHE F 345 -53.65 -47.46 36.87
C PHE F 345 -53.70 -46.24 37.77
N GLY F 346 -54.53 -46.30 38.80
CA GLY F 346 -54.51 -45.30 39.86
C GLY F 346 -55.43 -44.12 39.67
N LYS F 347 -55.39 -43.24 40.67
CA LYS F 347 -56.28 -42.07 40.84
C LYS F 347 -56.71 -41.43 39.53
N GLY F 348 -55.90 -40.51 39.00
CA GLY F 348 -56.29 -39.76 37.81
C GLY F 348 -55.49 -40.13 36.58
N SER F 349 -55.43 -41.43 36.29
CA SER F 349 -54.66 -41.93 35.14
C SER F 349 -55.28 -41.54 33.80
N ILE F 350 -56.60 -41.37 33.78
CA ILE F 350 -57.30 -40.82 32.62
C ILE F 350 -58.42 -39.88 33.07
N MET F 351 -58.52 -38.72 32.43
CA MET F 351 -59.61 -37.78 32.70
C MET F 351 -59.85 -36.83 31.54
N ARG F 352 -60.92 -36.03 31.65
CA ARG F 352 -61.21 -35.03 30.63
C ARG F 352 -60.21 -33.90 30.73
N LEU F 353 -59.66 -33.49 29.58
CA LEU F 353 -58.60 -32.49 29.53
C LEU F 353 -58.97 -31.21 30.28
N GLY F 354 -60.19 -30.75 30.09
CA GLY F 354 -60.65 -29.47 30.62
C GLY F 354 -60.60 -29.36 32.12
N GLU F 355 -60.65 -30.50 32.79
CA GLU F 355 -60.69 -30.50 34.25
C GLU F 355 -59.39 -30.97 34.88
N ASP F 356 -58.40 -31.31 34.06
CA ASP F 356 -57.09 -31.67 34.58
C ASP F 356 -56.30 -30.43 34.94
N ARG F 357 -56.13 -30.22 36.24
CA ARG F 357 -55.44 -29.03 36.74
C ARG F 357 -53.95 -29.09 36.49
N SER F 358 -53.36 -30.27 36.64
CA SER F 358 -51.92 -30.45 36.52
C SER F 358 -51.45 -30.24 35.10
N MET F 359 -52.38 -29.89 34.21
CA MET F 359 -52.08 -29.69 32.81
C MET F 359 -51.89 -28.21 32.49
N ASP F 360 -52.29 -27.32 33.40
CA ASP F 360 -52.20 -25.88 33.21
C ASP F 360 -50.74 -25.39 33.19
N VAL F 361 -50.38 -24.43 32.31
CA VAL F 361 -48.99 -23.93 32.14
C VAL F 361 -48.64 -22.77 33.09
N GLU F 362 -47.58 -22.94 33.87
CA GLU F 362 -47.12 -21.94 34.82
C GLU F 362 -45.69 -21.52 34.45
N THR F 363 -45.39 -20.23 34.52
CA THR F 363 -44.07 -19.74 34.07
C THR F 363 -43.15 -19.09 35.12
N ILE F 364 -41.87 -19.00 34.78
CA ILE F 364 -40.84 -18.38 35.59
C ILE F 364 -40.20 -17.28 34.76
N SER F 365 -39.90 -16.14 35.37
CA SER F 365 -39.19 -15.07 34.68
C SER F 365 -37.80 -15.52 34.24
N THR F 366 -37.35 -15.02 33.09
CA THR F 366 -36.04 -15.38 32.58
C THR F 366 -34.97 -14.41 33.10
N GLY F 367 -35.42 -13.30 33.70
CA GLY F 367 -34.50 -12.26 34.16
C GLY F 367 -34.39 -11.16 33.13
N SER F 368 -34.82 -11.46 31.91
CA SER F 368 -34.98 -10.44 30.87
C SER F 368 -36.47 -10.21 30.61
N LEU F 369 -36.88 -8.95 30.66
CA LEU F 369 -38.27 -8.58 30.46
C LEU F 369 -38.65 -8.80 29.01
N SER F 370 -37.81 -8.33 28.09
CA SER F 370 -38.10 -8.43 26.66
C SER F 370 -38.12 -9.89 26.20
N LEU F 371 -37.35 -10.75 26.86
CA LEU F 371 -37.41 -12.18 26.60
C LEU F 371 -38.73 -12.77 27.07
N ASP F 372 -39.14 -12.41 28.29
CA ASP F 372 -40.42 -12.85 28.83
C ASP F 372 -41.55 -12.45 27.90
N ILE F 373 -41.42 -11.31 27.24
CA ILE F 373 -42.38 -10.85 26.24
C ILE F 373 -42.28 -11.69 24.97
N ALA F 374 -41.05 -11.86 24.48
CA ALA F 374 -40.79 -12.70 23.29
C ALA F 374 -41.34 -14.11 23.48
N LEU F 375 -41.22 -14.64 24.69
CA LEU F 375 -41.69 -15.98 25.03
C LEU F 375 -43.21 -16.11 24.98
N GLY F 376 -43.90 -14.98 24.92
CA GLY F 376 -45.36 -14.98 24.79
C GLY F 376 -46.11 -15.19 26.09
N ALA F 377 -45.73 -16.22 26.84
CA ALA F 377 -46.40 -16.54 28.10
C ALA F 377 -45.75 -15.89 29.33
N GLY F 378 -44.73 -15.07 29.12
CA GLY F 378 -44.14 -14.30 30.20
C GLY F 378 -43.02 -14.99 30.94
N GLY F 379 -42.54 -16.10 30.40
CA GLY F 379 -41.39 -16.80 30.98
C GLY F 379 -41.29 -18.25 30.54
N LEU F 380 -40.33 -18.96 31.09
CA LEU F 380 -40.15 -20.38 30.80
C LEU F 380 -41.19 -21.23 31.55
N PRO F 381 -41.67 -22.33 30.93
CA PRO F 381 -42.73 -23.11 31.56
C PRO F 381 -42.24 -24.19 32.54
N MET F 382 -42.92 -24.29 33.68
CA MET F 382 -42.58 -25.26 34.72
C MET F 382 -42.96 -26.68 34.31
N GLY F 383 -42.13 -27.65 34.69
CA GLY F 383 -42.40 -29.06 34.37
C GLY F 383 -42.06 -29.43 32.93
N ARG F 384 -41.38 -28.51 32.25
CA ARG F 384 -41.01 -28.70 30.85
C ARG F 384 -39.50 -28.72 30.69
N ILE F 385 -39.04 -29.15 29.52
CA ILE F 385 -37.63 -29.10 29.15
C ILE F 385 -37.41 -27.89 28.23
N VAL F 386 -36.31 -27.18 28.47
CA VAL F 386 -35.96 -26.01 27.67
C VAL F 386 -34.50 -26.11 27.25
N GLU F 387 -34.20 -25.69 26.02
CA GLU F 387 -32.82 -25.66 25.53
C GLU F 387 -32.38 -24.27 25.12
N ILE F 388 -31.21 -23.85 25.60
CA ILE F 388 -30.58 -22.61 25.15
C ILE F 388 -29.26 -22.98 24.47
N TYR F 389 -29.10 -22.56 23.23
CA TYR F 389 -27.86 -22.76 22.54
C TYR F 389 -27.35 -21.45 21.96
N GLY F 390 -26.06 -21.42 21.61
CA GLY F 390 -25.43 -20.24 21.02
C GLY F 390 -23.92 -20.39 20.99
N PRO F 391 -23.22 -19.43 20.35
CA PRO F 391 -21.76 -19.44 20.26
C PRO F 391 -21.10 -19.25 21.62
N GLU F 392 -19.78 -19.40 21.70
CA GLU F 392 -19.06 -19.22 22.96
C GLU F 392 -19.20 -17.83 23.50
N SER F 393 -19.28 -17.74 24.83
CA SER F 393 -19.43 -16.46 25.54
C SER F 393 -20.63 -15.63 25.05
N SER F 394 -21.71 -16.30 24.64
CA SER F 394 -22.87 -15.60 24.13
C SER F 394 -23.81 -15.21 25.26
N GLY F 395 -23.68 -15.89 26.38
CA GLY F 395 -24.46 -15.54 27.57
C GLY F 395 -25.34 -16.66 28.06
N LYS F 396 -25.05 -17.88 27.62
CA LYS F 396 -25.88 -19.04 27.96
C LYS F 396 -25.90 -19.27 29.47
N THR F 397 -24.73 -19.41 30.09
CA THR F 397 -24.66 -19.58 31.54
C THR F 397 -25.25 -18.38 32.27
N THR F 398 -24.79 -17.18 31.91
CA THR F 398 -25.29 -15.95 32.53
C THR F 398 -26.82 -15.94 32.57
N LEU F 399 -27.45 -16.14 31.43
CA LEU F 399 -28.91 -16.13 31.35
C LEU F 399 -29.48 -17.16 32.29
N THR F 400 -29.02 -18.39 32.16
CA THR F 400 -29.35 -19.48 33.07
C THR F 400 -29.33 -19.06 34.55
N LEU F 401 -28.20 -18.50 34.99
CA LEU F 401 -28.04 -18.08 36.38
C LEU F 401 -29.07 -16.99 36.75
N GLN F 402 -29.36 -16.10 35.81
CA GLN F 402 -30.34 -15.05 36.03
C GLN F 402 -31.74 -15.64 36.30
N VAL F 403 -32.13 -16.69 35.58
CA VAL F 403 -33.42 -17.32 35.86
C VAL F 403 -33.40 -18.00 37.24
N ILE F 404 -32.29 -18.66 37.58
CA ILE F 404 -32.12 -19.22 38.92
C ILE F 404 -32.27 -18.13 39.98
N ALA F 405 -31.53 -17.04 39.82
CA ALA F 405 -31.58 -15.91 40.74
C ALA F 405 -33.02 -15.46 40.97
N ALA F 406 -33.76 -15.26 39.87
CA ALA F 406 -35.15 -14.84 39.93
C ALA F 406 -36.02 -15.86 40.63
N ALA F 407 -35.79 -17.15 40.35
CA ALA F 407 -36.53 -18.24 40.96
C ALA F 407 -36.28 -18.33 42.47
N GLN F 408 -35.03 -18.15 42.87
CA GLN F 408 -34.64 -18.15 44.27
C GLN F 408 -35.25 -16.97 44.99
N ARG F 409 -35.32 -15.84 44.30
CA ARG F 409 -35.94 -14.62 44.80
C ARG F 409 -37.40 -14.89 45.21
N GLU F 410 -37.96 -15.99 44.73
CA GLU F 410 -39.34 -16.37 45.04
C GLU F 410 -39.46 -17.70 45.78
N GLY F 411 -38.42 -18.04 46.54
CA GLY F 411 -38.42 -19.21 47.41
C GLY F 411 -38.39 -20.56 46.71
N LYS F 412 -37.90 -20.59 45.47
CA LYS F 412 -37.78 -21.85 44.74
C LYS F 412 -36.40 -22.45 44.93
N THR F 413 -36.33 -23.78 44.92
CA THR F 413 -35.05 -24.47 45.07
C THR F 413 -34.49 -24.80 43.70
N CYS F 414 -33.21 -24.51 43.50
CA CYS F 414 -32.58 -24.73 42.19
C CYS F 414 -31.32 -25.59 42.28
N ALA F 415 -31.07 -26.34 41.21
CA ALA F 415 -29.87 -27.15 41.10
C ALA F 415 -29.14 -26.80 39.83
N PHE F 416 -27.81 -26.79 39.91
CA PHE F 416 -26.96 -26.51 38.75
C PHE F 416 -26.01 -27.66 38.52
N ILE F 417 -26.12 -28.28 37.34
CA ILE F 417 -25.23 -29.38 36.97
C ILE F 417 -24.14 -28.83 36.06
N ASP F 418 -22.97 -28.60 36.63
CA ASP F 418 -21.87 -27.99 35.91
C ASP F 418 -20.99 -29.03 35.23
N ALA F 419 -21.51 -29.64 34.17
CA ALA F 419 -20.78 -30.69 33.44
C ALA F 419 -19.62 -30.08 32.67
N GLU F 420 -19.73 -28.78 32.40
CA GLU F 420 -18.75 -28.05 31.64
C GLU F 420 -17.56 -27.68 32.53
N HIS F 421 -17.76 -27.83 33.84
CA HIS F 421 -16.73 -27.58 34.87
C HIS F 421 -16.12 -26.19 34.79
N ALA F 422 -16.97 -25.17 34.70
CA ALA F 422 -16.48 -23.81 34.48
C ALA F 422 -17.27 -22.74 35.24
N LEU F 423 -18.15 -23.16 36.14
CA LEU F 423 -18.97 -22.23 36.93
C LEU F 423 -18.11 -21.51 37.96
N ASP F 424 -18.23 -20.18 37.99
CA ASP F 424 -17.56 -19.38 39.00
C ASP F 424 -18.56 -18.94 40.05
N PRO F 425 -18.48 -19.53 41.25
CA PRO F 425 -19.43 -19.24 42.31
C PRO F 425 -19.49 -17.75 42.63
N ILE F 426 -18.33 -17.09 42.71
CA ILE F 426 -18.29 -15.67 43.03
C ILE F 426 -19.02 -14.84 41.98
N TYR F 427 -18.90 -15.24 40.71
CA TYR F 427 -19.61 -14.51 39.66
C TYR F 427 -21.10 -14.78 39.73
N ALA F 428 -21.47 -16.02 40.01
CA ALA F 428 -22.87 -16.37 40.20
C ALA F 428 -23.51 -15.50 41.30
N ARG F 429 -22.76 -15.27 42.38
CA ARG F 429 -23.23 -14.40 43.44
C ARG F 429 -23.43 -12.99 42.95
N LYS F 430 -22.48 -12.49 42.16
CA LYS F 430 -22.58 -11.15 41.58
C LYS F 430 -23.84 -10.99 40.75
N LEU F 431 -24.27 -12.07 40.10
CA LEU F 431 -25.49 -12.03 39.30
C LEU F 431 -26.74 -12.18 40.16
N GLY F 432 -26.55 -12.29 41.47
CA GLY F 432 -27.67 -12.31 42.42
C GLY F 432 -28.17 -13.70 42.74
N VAL F 433 -27.35 -14.72 42.47
CA VAL F 433 -27.70 -16.07 42.85
C VAL F 433 -27.37 -16.27 44.32
N ASP F 434 -28.30 -16.87 45.06
CA ASP F 434 -28.05 -17.28 46.42
C ASP F 434 -27.21 -18.56 46.38
N ILE F 435 -25.91 -18.36 46.50
CA ILE F 435 -24.89 -19.41 46.38
C ILE F 435 -25.08 -20.51 47.42
N ASP F 436 -25.40 -20.12 48.66
CA ASP F 436 -25.52 -21.04 49.78
C ASP F 436 -26.68 -22.02 49.69
N ASN F 437 -27.65 -21.72 48.82
CA ASN F 437 -28.80 -22.58 48.67
C ASN F 437 -28.93 -23.18 47.29
N LEU F 438 -28.06 -22.76 46.39
CA LEU F 438 -28.02 -23.32 45.04
C LEU F 438 -27.33 -24.68 45.08
N LEU F 439 -28.11 -25.74 44.88
CA LEU F 439 -27.56 -27.08 44.76
C LEU F 439 -26.67 -27.15 43.53
N CYS F 440 -25.54 -27.81 43.67
CA CYS F 440 -24.57 -27.82 42.60
C CYS F 440 -23.77 -29.11 42.52
N SER F 441 -23.66 -29.62 41.31
CA SER F 441 -22.97 -30.87 41.07
C SER F 441 -21.98 -30.76 39.92
N GLN F 442 -20.83 -31.38 40.07
CA GLN F 442 -19.86 -31.48 38.98
C GLN F 442 -19.62 -32.96 38.71
N PRO F 443 -20.47 -33.55 37.85
CA PRO F 443 -20.54 -34.99 37.63
C PRO F 443 -19.35 -35.51 36.84
N ASP F 444 -19.05 -36.78 37.00
CA ASP F 444 -17.94 -37.41 36.28
C ASP F 444 -18.35 -37.81 34.87
N THR F 445 -19.40 -38.64 34.76
CA THR F 445 -19.93 -39.06 33.48
C THR F 445 -21.25 -38.36 33.15
N GLY F 446 -21.62 -38.37 31.88
CA GLY F 446 -22.91 -37.83 31.43
C GLY F 446 -24.09 -38.60 32.00
N GLU F 447 -23.94 -39.92 32.11
CA GLU F 447 -24.98 -40.76 32.70
C GLU F 447 -25.26 -40.35 34.14
N GLN F 448 -24.18 -40.11 34.89
CA GLN F 448 -24.27 -39.64 36.27
C GLN F 448 -25.02 -38.31 36.32
N ALA F 449 -24.63 -37.37 35.45
CA ALA F 449 -25.28 -36.06 35.37
C ALA F 449 -26.79 -36.18 35.20
N LEU F 450 -27.20 -37.06 34.29
CA LEU F 450 -28.62 -37.23 33.99
C LEU F 450 -29.34 -38.05 35.04
N GLU F 451 -28.65 -39.02 35.66
CA GLU F 451 -29.22 -39.77 36.76
C GLU F 451 -29.48 -38.87 37.97
N ILE F 452 -28.62 -37.86 38.16
CA ILE F 452 -28.81 -36.87 39.21
C ILE F 452 -30.06 -36.04 38.91
N CYS F 453 -30.22 -35.59 37.67
CA CYS F 453 -31.41 -34.87 37.25
C CYS F 453 -32.67 -35.67 37.54
N ASP F 454 -32.65 -36.94 37.17
CA ASP F 454 -33.81 -37.77 37.33
C ASP F 454 -34.17 -37.90 38.80
N ALA F 455 -33.16 -38.09 39.64
CA ALA F 455 -33.35 -38.19 41.08
C ALA F 455 -33.98 -36.93 41.66
N LEU F 456 -33.45 -35.77 41.26
CA LEU F 456 -33.99 -34.49 41.70
C LEU F 456 -35.39 -34.23 41.17
N ALA F 457 -35.62 -34.59 39.90
CA ALA F 457 -36.95 -34.50 39.32
C ALA F 457 -37.92 -35.33 40.17
N ARG F 458 -37.64 -36.62 40.35
CA ARG F 458 -38.49 -37.51 41.13
C ARG F 458 -38.75 -37.04 42.55
N SER F 459 -37.75 -36.42 43.18
CA SER F 459 -37.87 -35.97 44.57
C SER F 459 -39.01 -34.98 44.79
N GLY F 460 -39.31 -34.21 43.74
CA GLY F 460 -40.33 -33.17 43.81
C GLY F 460 -39.91 -31.97 44.67
N ALA F 461 -38.63 -31.93 45.02
CA ALA F 461 -38.11 -30.94 45.97
C ALA F 461 -37.36 -29.82 45.26
N VAL F 462 -36.94 -30.05 44.02
CA VAL F 462 -36.25 -29.02 43.23
C VAL F 462 -37.20 -28.43 42.20
N ASP F 463 -37.14 -27.12 42.04
CA ASP F 463 -38.04 -26.39 41.14
C ASP F 463 -37.45 -26.14 39.77
N VAL F 464 -36.18 -25.72 39.73
CA VAL F 464 -35.48 -25.59 38.46
C VAL F 464 -34.10 -26.22 38.50
N ILE F 465 -33.82 -27.05 37.48
CA ILE F 465 -32.51 -27.67 37.28
C ILE F 465 -31.93 -27.17 35.96
N VAL F 466 -30.68 -26.75 35.99
CA VAL F 466 -30.00 -26.46 34.73
C VAL F 466 -28.76 -27.31 34.56
N VAL F 467 -28.62 -27.86 33.34
CA VAL F 467 -27.46 -28.63 32.95
C VAL F 467 -26.61 -27.80 32.01
N ASP F 468 -25.41 -27.39 32.46
CA ASP F 468 -24.52 -26.56 31.64
C ASP F 468 -23.66 -27.41 30.73
N SER F 469 -24.05 -27.32 29.44
CA SER F 469 -23.48 -28.02 28.27
C SER F 469 -23.85 -29.48 28.20
N VAL F 470 -24.79 -29.80 27.31
CA VAL F 470 -25.00 -31.19 26.93
C VAL F 470 -23.74 -31.65 26.19
N ALA F 471 -23.11 -30.71 25.49
CA ALA F 471 -21.84 -30.92 24.82
C ALA F 471 -20.82 -31.59 25.72
N ALA F 472 -20.86 -31.26 27.02
CA ALA F 472 -19.89 -31.78 28.00
C ALA F 472 -20.38 -33.04 28.71
N LEU F 473 -21.61 -33.47 28.40
CA LEU F 473 -22.16 -34.71 28.94
C LEU F 473 -21.50 -35.95 28.33
N THR F 474 -20.32 -36.31 28.84
CA THR F 474 -19.50 -37.40 28.27
C THR F 474 -19.96 -38.78 28.73
N PRO F 475 -20.40 -39.63 27.80
CA PRO F 475 -20.77 -41.01 28.12
C PRO F 475 -19.68 -41.76 28.87
N LYS F 476 -20.10 -42.69 29.73
CA LYS F 476 -19.20 -43.43 30.61
C LYS F 476 -18.17 -44.22 29.82
N ALA F 477 -18.61 -44.84 28.73
CA ALA F 477 -17.73 -45.64 27.89
C ALA F 477 -16.65 -44.78 27.23
N GLU F 478 -16.99 -43.53 26.92
CA GLU F 478 -16.06 -42.60 26.28
C GLU F 478 -14.96 -42.18 27.25
N ILE F 479 -15.34 -41.94 28.49
CA ILE F 479 -14.39 -41.57 29.53
C ILE F 479 -13.41 -42.69 29.82
N GLU F 480 -13.91 -43.92 29.91
CA GLU F 480 -13.06 -45.07 30.19
C GLU F 480 -12.27 -45.50 28.95
N GLY F 481 -12.80 -45.21 27.77
CA GLY F 481 -12.11 -45.46 26.51
C GLY F 481 -10.97 -44.48 26.28
N GLU F 482 -10.22 -44.69 25.20
CA GLU F 482 -9.11 -43.81 24.84
C GLU F 482 -9.56 -42.68 23.92
N ILE F 483 -8.70 -41.67 23.76
CA ILE F 483 -8.95 -40.59 22.81
C ILE F 483 -8.67 -41.13 21.41
N GLY F 484 -9.68 -41.09 20.56
CA GLY F 484 -9.59 -41.64 19.22
C GLY F 484 -10.51 -42.84 19.07
N ASP F 485 -10.98 -43.38 20.19
CA ASP F 485 -11.95 -44.46 20.18
C ASP F 485 -13.25 -43.97 19.59
N SER F 486 -13.89 -44.82 18.81
CA SER F 486 -15.12 -44.47 18.12
C SER F 486 -16.33 -44.94 18.93
N HIS F 487 -17.20 -44.01 19.25
CA HIS F 487 -18.43 -44.33 19.98
C HIS F 487 -19.65 -43.85 19.22
N MET F 488 -19.89 -44.45 18.05
CA MET F 488 -20.97 -44.02 17.17
C MET F 488 -22.32 -43.86 17.86
N GLY F 489 -22.87 -42.66 17.75
CA GLY F 489 -24.17 -42.33 18.31
C GLY F 489 -24.41 -42.61 19.79
N LEU F 490 -23.36 -42.80 20.57
CA LEU F 490 -23.52 -43.12 21.99
C LEU F 490 -24.15 -41.97 22.78
N ALA F 491 -23.59 -40.76 22.64
CA ALA F 491 -24.12 -39.60 23.36
C ALA F 491 -25.54 -39.33 22.93
N ALA F 492 -25.79 -39.48 21.63
CA ALA F 492 -27.11 -39.22 21.06
C ALA F 492 -28.14 -40.17 21.64
N ARG F 493 -27.75 -41.44 21.73
CA ARG F 493 -28.60 -42.52 22.20
C ARG F 493 -28.87 -42.34 23.69
N MET F 494 -27.87 -41.84 24.41
CA MET F 494 -27.96 -41.58 25.84
C MET F 494 -28.92 -40.43 26.12
N MET F 495 -28.79 -39.35 25.34
CA MET F 495 -29.71 -38.22 25.40
C MET F 495 -31.14 -38.63 25.10
N SER F 496 -31.29 -39.47 24.08
CA SER F 496 -32.58 -39.94 23.64
C SER F 496 -33.25 -40.72 24.76
N GLN F 497 -32.45 -41.54 25.45
CA GLN F 497 -32.95 -42.29 26.61
C GLN F 497 -33.33 -41.36 27.75
N ALA F 498 -32.49 -40.37 28.02
CA ALA F 498 -32.71 -39.41 29.10
C ALA F 498 -34.05 -38.72 28.96
N MET F 499 -34.34 -38.18 27.76
CA MET F 499 -35.59 -37.49 27.51
C MET F 499 -36.82 -38.36 27.85
N ARG F 500 -36.83 -39.60 27.35
CA ARG F 500 -37.90 -40.53 27.65
C ARG F 500 -38.18 -40.60 29.15
N LYS F 501 -37.12 -40.82 29.94
CA LYS F 501 -37.23 -40.97 31.39
C LYS F 501 -37.56 -39.66 32.11
N LEU F 502 -36.97 -38.56 31.65
CA LEU F 502 -37.13 -37.27 32.33
C LEU F 502 -38.49 -36.61 32.12
N ALA F 503 -38.92 -36.52 30.86
CA ALA F 503 -40.17 -35.83 30.50
C ALA F 503 -41.28 -36.05 31.51
N GLY F 504 -41.57 -37.32 31.81
CA GLY F 504 -42.65 -37.67 32.73
C GLY F 504 -42.42 -37.23 34.16
N ASN F 505 -41.21 -37.49 34.66
CA ASN F 505 -40.83 -37.12 36.04
C ASN F 505 -40.84 -35.63 36.26
N LEU F 506 -40.46 -34.88 35.23
CA LEU F 506 -40.40 -33.44 35.31
C LEU F 506 -41.78 -32.81 35.37
N LYS F 507 -42.71 -33.36 34.59
CA LYS F 507 -44.07 -32.86 34.56
C LYS F 507 -44.76 -33.12 35.90
N GLN F 508 -44.65 -34.34 36.41
CA GLN F 508 -45.31 -34.71 37.67
C GLN F 508 -44.76 -33.99 38.90
N SER F 509 -43.55 -33.44 38.78
CA SER F 509 -42.90 -32.71 39.87
C SER F 509 -42.98 -31.21 39.65
N ASN F 510 -43.47 -30.82 38.47
CA ASN F 510 -43.51 -29.43 38.05
C ASN F 510 -42.13 -28.76 38.07
N THR F 511 -41.12 -29.54 37.68
CA THR F 511 -39.73 -29.09 37.68
C THR F 511 -39.35 -28.63 36.28
N LEU F 512 -38.81 -27.40 36.18
CA LEU F 512 -38.25 -26.93 34.93
C LEU F 512 -36.82 -27.43 34.76
N LEU F 513 -36.48 -27.94 33.59
CA LEU F 513 -35.12 -28.38 33.28
C LEU F 513 -34.56 -27.62 32.10
N ILE F 514 -33.51 -26.86 32.33
CA ILE F 514 -32.87 -26.12 31.23
C ILE F 514 -31.55 -26.79 30.79
N PHE F 515 -31.47 -27.12 29.51
CA PHE F 515 -30.23 -27.63 28.92
C PHE F 515 -29.50 -26.54 28.18
N ILE F 516 -28.25 -26.31 28.55
CA ILE F 516 -27.40 -25.44 27.74
C ILE F 516 -26.67 -26.29 26.69
N ASN F 517 -26.73 -25.85 25.43
CA ASN F 517 -26.01 -26.55 24.38
C ASN F 517 -25.03 -25.64 23.63
N GLN F 518 -24.00 -26.25 23.05
CA GLN F 518 -23.05 -25.55 22.22
C GLN F 518 -23.39 -25.76 20.77
N ILE F 519 -22.76 -24.98 19.90
CA ILE F 519 -22.95 -25.12 18.47
C ILE F 519 -21.77 -25.85 17.85
N ARG F 520 -22.07 -26.82 16.99
CA ARG F 520 -21.05 -27.38 16.12
C ARG F 520 -21.43 -27.12 14.67
N MET F 521 -20.52 -27.36 13.74
CA MET F 521 -20.78 -27.18 12.32
C MET F 521 -21.03 -28.56 11.73
N LYS F 522 -22.11 -28.71 10.97
CA LYS F 522 -22.29 -29.94 10.20
C LYS F 522 -21.62 -29.76 8.85
N ILE F 523 -21.12 -30.84 8.28
CA ILE F 523 -20.25 -30.71 7.13
C ILE F 523 -20.77 -31.50 5.92
N GLY F 524 -20.76 -30.84 4.76
CA GLY F 524 -21.35 -31.39 3.52
C GLY F 524 -22.75 -30.87 3.27
N VAL F 525 -22.94 -29.56 3.50
CA VAL F 525 -24.26 -28.92 3.48
C VAL F 525 -24.18 -27.55 2.78
N MET F 526 -24.86 -27.43 1.64
CA MET F 526 -24.83 -26.18 0.83
C MET F 526 -26.09 -25.32 0.98
N PHE F 527 -27.23 -26.02 1.16
CA PHE F 527 -28.51 -25.41 1.51
C PHE F 527 -28.54 -24.99 2.99
N GLY F 528 -29.59 -24.25 3.36
CA GLY F 528 -29.83 -23.89 4.77
C GLY F 528 -28.62 -23.30 5.50
N ASN F 529 -28.51 -23.57 6.81
CA ASN F 529 -27.36 -23.11 7.59
C ASN F 529 -26.62 -24.30 8.21
N PRO F 530 -25.29 -24.20 8.32
CA PRO F 530 -24.48 -25.36 8.70
C PRO F 530 -24.40 -25.65 10.20
N GLU F 531 -25.07 -24.86 11.03
CA GLU F 531 -24.96 -24.99 12.47
C GLU F 531 -25.78 -26.14 13.01
N THR F 532 -25.30 -26.74 14.09
CA THR F 532 -26.05 -27.77 14.83
C THR F 532 -25.75 -27.69 16.31
N THR F 533 -26.19 -28.72 17.00
CA THR F 533 -26.31 -28.74 18.42
C THR F 533 -25.79 -30.12 18.82
N THR F 534 -25.13 -30.22 19.97
CA THR F 534 -24.56 -31.51 20.36
C THR F 534 -25.61 -32.46 20.89
N GLY F 535 -25.33 -33.76 20.83
CA GLY F 535 -26.12 -34.76 21.55
C GLY F 535 -27.38 -35.18 20.85
N GLY F 536 -27.35 -35.25 19.52
CA GLY F 536 -28.43 -35.87 18.78
C GLY F 536 -29.67 -35.03 18.56
N ASN F 537 -30.78 -35.73 18.30
CA ASN F 537 -32.02 -35.10 17.85
C ASN F 537 -33.14 -35.11 18.88
N ALA F 538 -32.98 -35.92 19.92
CA ALA F 538 -34.02 -36.07 20.94
C ALA F 538 -34.42 -34.74 21.54
N LEU F 539 -33.45 -33.95 21.99
CA LEU F 539 -33.75 -32.70 22.68
C LEU F 539 -34.59 -31.71 21.86
N LYS F 540 -34.33 -31.59 20.55
CA LYS F 540 -35.10 -30.69 19.69
C LYS F 540 -36.58 -30.93 19.90
N PHE F 541 -36.94 -32.21 19.99
CA PHE F 541 -38.34 -32.63 20.04
C PHE F 541 -38.95 -32.41 21.41
N TYR F 542 -38.21 -32.81 22.45
CA TYR F 542 -38.73 -32.77 23.81
C TYR F 542 -38.77 -31.35 24.39
N ALA F 543 -37.88 -30.49 23.96
CA ALA F 543 -37.89 -29.09 24.42
C ALA F 543 -39.22 -28.42 24.09
N SER F 544 -39.76 -27.71 25.07
CA SER F 544 -41.00 -26.96 24.87
C SER F 544 -40.66 -25.56 24.40
N VAL F 545 -39.44 -25.14 24.71
CA VAL F 545 -38.91 -23.85 24.28
C VAL F 545 -37.42 -24.01 23.90
N ARG F 546 -37.05 -23.47 22.75
CA ARG F 546 -35.64 -23.44 22.37
C ARG F 546 -35.19 -22.01 22.11
N LEU F 547 -34.10 -21.62 22.75
CA LEU F 547 -33.57 -20.26 22.65
C LEU F 547 -32.23 -20.25 21.93
N ASP F 548 -32.12 -19.38 20.93
CA ASP F 548 -30.87 -19.13 20.24
C ASP F 548 -30.33 -17.77 20.71
N ILE F 549 -29.31 -17.80 21.56
CA ILE F 549 -28.71 -16.58 22.10
C ILE F 549 -27.43 -16.21 21.37
N ARG F 550 -27.23 -14.92 21.12
CA ARG F 550 -26.07 -14.43 20.37
C ARG F 550 -25.60 -13.08 20.85
N ARG F 551 -24.28 -12.89 20.91
CA ARG F 551 -23.69 -11.58 21.18
C ARG F 551 -23.68 -10.83 19.86
N ILE F 552 -24.24 -9.63 19.84
CA ILE F 552 -24.37 -8.88 18.59
C ILE F 552 -23.53 -7.60 18.58
N GLY F 553 -23.03 -7.21 19.74
CA GLY F 553 -22.21 -6.02 19.85
C GLY F 553 -21.64 -5.83 21.24
N ALA F 554 -20.83 -4.80 21.40
CA ALA F 554 -20.23 -4.47 22.69
C ALA F 554 -20.91 -3.26 23.33
N VAL F 555 -21.12 -3.32 24.64
CA VAL F 555 -21.58 -2.15 25.40
C VAL F 555 -20.34 -1.40 25.87
N LYS F 556 -20.12 -0.22 25.32
CA LYS F 556 -18.89 0.52 25.58
C LYS F 556 -19.05 1.71 26.54
N GLU F 557 -17.97 1.98 27.27
CA GLU F 557 -17.85 3.12 28.18
C GLU F 557 -16.73 3.99 27.65
N GLY F 558 -16.94 4.53 26.45
CA GLY F 558 -15.88 5.23 25.72
C GLY F 558 -14.75 4.27 25.43
N GLU F 559 -13.83 4.16 26.39
CA GLU F 559 -12.71 3.24 26.29
C GLU F 559 -13.13 1.80 26.54
N ASN F 560 -13.75 1.57 27.69
CA ASN F 560 -13.97 0.21 28.21
C ASN F 560 -15.09 -0.57 27.55
N VAL F 561 -14.90 -1.88 27.48
CA VAL F 561 -15.98 -2.79 27.09
C VAL F 561 -16.57 -3.34 28.39
N VAL F 562 -17.73 -2.80 28.75
CA VAL F 562 -18.33 -3.07 30.04
C VAL F 562 -19.51 -4.08 29.97
N GLY F 563 -19.87 -4.48 28.76
CA GLY F 563 -20.95 -5.44 28.56
C GLY F 563 -21.12 -5.97 27.15
N SER F 564 -21.97 -6.98 27.02
CA SER F 564 -22.31 -7.56 25.72
C SER F 564 -23.72 -7.18 25.32
N GLU F 565 -23.87 -6.61 24.14
CA GLU F 565 -25.18 -6.39 23.55
C GLU F 565 -25.69 -7.74 23.03
N THR F 566 -26.88 -8.13 23.45
CA THR F 566 -27.34 -9.51 23.28
C THR F 566 -28.68 -9.64 22.56
N ARG F 567 -28.82 -10.68 21.73
CA ARG F 567 -30.08 -11.00 21.07
C ARG F 567 -30.46 -12.46 21.26
N VAL F 568 -31.68 -12.71 21.73
CA VAL F 568 -32.18 -14.07 21.87
C VAL F 568 -33.37 -14.30 20.91
N LYS F 569 -33.30 -15.35 20.10
CA LYS F 569 -34.42 -15.72 19.24
C LYS F 569 -35.14 -16.90 19.86
N VAL F 570 -36.47 -16.86 19.83
CA VAL F 570 -37.25 -18.00 20.29
C VAL F 570 -37.46 -18.90 19.09
N VAL F 571 -36.63 -19.93 19.00
CA VAL F 571 -36.55 -20.79 17.82
C VAL F 571 -37.65 -21.86 17.84
N LYS F 572 -37.99 -22.34 19.03
CA LYS F 572 -39.13 -23.25 19.19
C LYS F 572 -39.98 -22.84 20.38
N ASN F 573 -41.29 -22.94 20.21
CA ASN F 573 -42.22 -22.59 21.28
C ASN F 573 -43.49 -23.43 21.24
N LYS F 574 -43.72 -24.18 22.31
CA LYS F 574 -44.91 -25.03 22.46
C LYS F 574 -45.93 -24.36 23.36
N ILE F 575 -45.59 -23.16 23.82
CA ILE F 575 -46.28 -22.51 24.92
C ILE F 575 -46.96 -21.22 24.46
N ALA F 576 -46.44 -20.65 23.38
CA ALA F 576 -46.94 -19.45 22.74
C ALA F 576 -46.38 -19.45 21.33
N ALA F 577 -46.74 -18.45 20.52
CA ALA F 577 -46.20 -18.31 19.17
C ALA F 577 -44.67 -18.21 19.21
N PRO F 578 -43.97 -18.92 18.30
CA PRO F 578 -42.50 -18.85 18.22
C PRO F 578 -41.98 -17.70 17.35
N PHE F 579 -40.66 -17.58 17.29
CA PHE F 579 -39.95 -16.69 16.36
C PHE F 579 -40.00 -15.21 16.69
N LYS F 580 -40.41 -14.88 17.92
CA LYS F 580 -40.22 -13.52 18.43
C LYS F 580 -38.79 -13.42 18.97
N GLN F 581 -38.27 -12.21 19.09
CA GLN F 581 -36.91 -12.07 19.60
C GLN F 581 -36.75 -10.97 20.61
N ALA F 582 -35.71 -11.06 21.42
CA ALA F 582 -35.45 -10.11 22.49
C ALA F 582 -34.02 -9.61 22.42
N GLU F 583 -33.85 -8.30 22.49
CA GLU F 583 -32.52 -7.72 22.56
C GLU F 583 -32.34 -7.05 23.91
N PHE F 584 -31.22 -7.29 24.56
CA PHE F 584 -30.92 -6.67 25.84
C PHE F 584 -29.42 -6.60 26.06
N GLN F 585 -29.01 -6.06 27.19
CA GLN F 585 -27.60 -5.93 27.53
C GLN F 585 -27.22 -6.87 28.66
N ILE F 586 -26.09 -7.54 28.50
CA ILE F 586 -25.48 -8.25 29.62
C ILE F 586 -24.31 -7.40 30.10
N LEU F 587 -24.48 -6.77 31.25
CA LEU F 587 -23.42 -5.97 31.83
C LEU F 587 -22.57 -6.88 32.71
N TYR F 588 -21.28 -6.95 32.41
CA TYR F 588 -20.37 -7.86 33.10
C TYR F 588 -20.36 -7.57 34.59
N GLY F 589 -20.47 -8.64 35.39
CA GLY F 589 -20.44 -8.51 36.85
C GLY F 589 -21.75 -8.03 37.44
N GLU F 590 -22.70 -7.69 36.59
CA GLU F 590 -23.99 -7.21 37.04
C GLU F 590 -25.11 -8.15 36.57
N GLY F 591 -25.07 -8.53 35.29
CA GLY F 591 -26.10 -9.39 34.72
C GLY F 591 -26.88 -8.71 33.60
N ILE F 592 -28.05 -9.25 33.31
CA ILE F 592 -28.97 -8.66 32.33
C ILE F 592 -29.42 -7.28 32.81
N ASN F 593 -29.35 -6.28 31.95
CA ASN F 593 -29.85 -4.97 32.34
C ASN F 593 -31.37 -4.93 32.23
N PHE F 594 -32.03 -5.33 33.32
CA PHE F 594 -33.47 -5.50 33.36
C PHE F 594 -34.17 -4.16 33.35
N TYR F 595 -33.70 -3.24 34.18
CA TYR F 595 -34.34 -1.93 34.28
C TYR F 595 -34.10 -1.10 33.04
N GLY F 596 -32.98 -1.36 32.35
CA GLY F 596 -32.73 -0.78 31.04
C GLY F 596 -33.84 -1.13 30.07
N GLU F 597 -34.21 -2.42 30.02
CA GLU F 597 -35.31 -2.90 29.20
C GLU F 597 -36.58 -2.18 29.60
N LEU F 598 -36.84 -2.14 30.89
CA LEU F 598 -38.07 -1.54 31.41
C LEU F 598 -38.23 -0.10 30.93
N VAL F 599 -37.15 0.67 30.93
CA VAL F 599 -37.17 2.02 30.41
C VAL F 599 -37.59 2.00 28.95
N ASP F 600 -36.87 1.25 28.12
CA ASP F 600 -37.14 1.23 26.68
C ASP F 600 -38.55 0.75 26.34
N LEU F 601 -38.99 -0.29 27.02
CA LEU F 601 -40.33 -0.81 26.85
C LEU F 601 -41.41 0.16 27.34
N GLY F 602 -41.12 0.84 28.45
CA GLY F 602 -42.02 1.82 29.02
C GLY F 602 -42.19 3.00 28.09
N VAL F 603 -41.07 3.50 27.56
CA VAL F 603 -41.10 4.62 26.62
C VAL F 603 -41.84 4.25 25.34
N LYS F 604 -41.56 3.04 24.85
CA LYS F 604 -42.19 2.52 23.64
C LYS F 604 -43.70 2.42 23.79
N GLU F 605 -44.15 2.04 24.98
CA GLU F 605 -45.58 1.86 25.26
C GLU F 605 -46.27 3.10 25.79
N LYS F 606 -45.58 4.24 25.74
CA LYS F 606 -46.09 5.54 26.19
C LYS F 606 -46.47 5.56 27.67
N LEU F 607 -45.81 4.73 28.46
CA LEU F 607 -45.98 4.75 29.91
C LEU F 607 -44.97 5.70 30.53
N ILE F 608 -43.80 5.81 29.89
CA ILE F 608 -42.78 6.76 30.31
C ILE F 608 -42.62 7.81 29.22
N GLU F 609 -42.60 9.08 29.63
CA GLU F 609 -42.45 10.21 28.74
C GLU F 609 -40.98 10.44 28.42
N LYS F 610 -40.68 10.77 27.18
CA LYS F 610 -39.30 11.11 26.80
C LYS F 610 -39.26 12.43 26.03
N ALA F 611 -38.88 13.50 26.73
CA ALA F 611 -38.74 14.83 26.14
C ALA F 611 -37.27 15.14 25.83
N GLY F 612 -36.80 14.67 24.68
CA GLY F 612 -35.39 14.79 24.30
C GLY F 612 -34.53 13.80 25.07
N ALA F 613 -33.86 14.31 26.11
CA ALA F 613 -33.06 13.49 27.01
C ALA F 613 -33.75 13.29 28.38
N TRP F 614 -34.82 14.03 28.61
CA TRP F 614 -35.55 13.97 29.88
C TRP F 614 -36.64 12.90 29.93
N TYR F 615 -36.50 11.98 30.88
CA TYR F 615 -37.48 10.92 31.08
C TYR F 615 -38.42 11.27 32.22
N SER F 616 -39.72 11.30 31.92
CA SER F 616 -40.73 11.60 32.93
C SER F 616 -41.65 10.40 33.14
N TYR F 617 -42.11 10.21 34.37
CA TYR F 617 -43.18 9.25 34.64
C TYR F 617 -44.32 9.92 35.40
N LYS F 618 -45.49 9.95 34.77
CA LYS F 618 -46.68 10.58 35.33
C LYS F 618 -46.40 12.01 35.81
N GLY F 619 -45.81 12.82 34.93
CA GLY F 619 -45.56 14.24 35.22
C GLY F 619 -44.25 14.47 35.94
N GLU F 620 -43.93 13.57 36.87
CA GLU F 620 -42.70 13.64 37.65
C GLU F 620 -41.52 13.20 36.80
N LYS F 621 -40.45 14.00 36.79
CA LYS F 621 -39.23 13.69 36.06
C LYS F 621 -38.41 12.69 36.86
N ILE F 622 -37.96 11.62 36.17
CA ILE F 622 -37.27 10.52 36.84
C ILE F 622 -35.78 10.43 36.51
N GLY F 623 -35.35 11.11 35.46
CA GLY F 623 -33.92 11.14 35.12
C GLY F 623 -33.61 11.71 33.76
N GLN F 624 -32.36 12.13 33.60
CA GLN F 624 -31.87 12.61 32.31
C GLN F 624 -30.92 11.58 31.69
N GLY F 625 -31.26 11.13 30.48
CA GLY F 625 -30.51 10.07 29.82
C GLY F 625 -30.91 8.71 30.36
N LYS F 626 -30.96 7.72 29.46
CA LYS F 626 -31.37 6.35 29.81
C LYS F 626 -30.67 5.82 31.06
N ALA F 627 -29.38 6.16 31.20
CA ALA F 627 -28.58 5.77 32.36
C ALA F 627 -29.24 6.13 33.69
N ASN F 628 -29.67 7.38 33.82
CA ASN F 628 -30.28 7.87 35.07
C ASN F 628 -31.68 7.33 35.30
N ALA F 629 -32.47 7.25 34.23
CA ALA F 629 -33.83 6.70 34.31
C ALA F 629 -33.81 5.25 34.82
N THR F 630 -32.80 4.50 34.37
CA THR F 630 -32.59 3.12 34.81
C THR F 630 -32.29 3.10 36.32
N ALA F 631 -31.44 4.01 36.76
CA ALA F 631 -31.05 4.10 38.17
C ALA F 631 -32.24 4.46 39.06
N TRP F 632 -33.14 5.27 38.53
CA TRP F 632 -34.33 5.68 39.25
C TRP F 632 -35.27 4.50 39.51
N LEU F 633 -35.40 3.62 38.53
CA LEU F 633 -36.25 2.44 38.68
C LEU F 633 -35.68 1.42 39.66
N LYS F 634 -34.35 1.29 39.71
CA LYS F 634 -33.69 0.51 40.76
C LYS F 634 -34.10 1.09 42.11
N ASP F 635 -34.10 2.42 42.22
CA ASP F 635 -34.41 3.12 43.47
C ASP F 635 -35.87 3.02 43.90
N ASN F 636 -36.77 2.93 42.93
CA ASN F 636 -38.20 2.82 43.21
C ASN F 636 -38.74 1.48 42.71
N PRO F 637 -38.47 0.39 43.44
CA PRO F 637 -38.84 -0.94 42.97
C PRO F 637 -40.35 -1.14 42.91
N GLU F 638 -41.09 -0.39 43.73
CA GLU F 638 -42.54 -0.48 43.80
C GLU F 638 -43.15 0.06 42.52
N THR F 639 -42.60 1.19 42.05
CA THR F 639 -43.03 1.83 40.81
C THR F 639 -42.60 1.00 39.61
N ALA F 640 -41.43 0.39 39.71
CA ALA F 640 -40.94 -0.50 38.67
C ALA F 640 -41.87 -1.68 38.46
N LYS F 641 -42.30 -2.32 39.55
CA LYS F 641 -43.26 -3.43 39.49
C LYS F 641 -44.54 -3.01 38.77
N GLU F 642 -45.00 -1.79 39.08
CA GLU F 642 -46.21 -1.23 38.50
C GLU F 642 -46.08 -1.06 36.99
N ILE F 643 -44.98 -0.45 36.54
CA ILE F 643 -44.74 -0.25 35.13
C ILE F 643 -44.58 -1.60 34.42
N GLU F 644 -43.82 -2.49 35.04
CA GLU F 644 -43.61 -3.84 34.48
C GLU F 644 -44.94 -4.56 34.25
N LYS F 645 -45.80 -4.56 35.27
CA LYS F 645 -47.09 -5.21 35.20
C LYS F 645 -47.91 -4.71 34.01
N LYS F 646 -47.88 -3.40 33.80
CA LYS F 646 -48.60 -2.80 32.68
C LYS F 646 -47.99 -3.14 31.33
N VAL F 647 -46.67 -3.14 31.27
CA VAL F 647 -45.98 -3.53 30.04
C VAL F 647 -46.36 -4.97 29.66
N ARG F 648 -46.37 -5.86 30.65
CA ARG F 648 -46.74 -7.25 30.44
C ARG F 648 -48.16 -7.39 29.97
N GLU F 649 -49.09 -6.71 30.64
CA GLU F 649 -50.49 -6.68 30.24
C GLU F 649 -50.67 -6.23 28.79
N LEU F 650 -49.94 -5.17 28.43
CA LEU F 650 -49.98 -4.64 27.07
C LEU F 650 -49.35 -5.55 26.01
N LEU F 651 -48.29 -6.27 26.36
CA LEU F 651 -47.47 -6.93 25.34
C LEU F 651 -47.39 -8.46 25.36
N LEU F 652 -47.81 -9.10 26.45
CA LEU F 652 -47.84 -10.55 26.51
C LEU F 652 -49.04 -11.09 25.73
N SER F 653 -48.74 -11.92 24.73
CA SER F 653 -49.77 -12.49 23.86
C SER F 653 -50.56 -13.55 24.58
N ASN F 654 -49.91 -14.20 25.56
CA ASN F 654 -50.50 -15.32 26.27
C ASN F 654 -50.40 -15.14 27.78
N PRO F 655 -51.19 -14.21 28.35
CA PRO F 655 -50.97 -13.77 29.73
C PRO F 655 -51.36 -14.82 30.77
N ASN F 656 -51.05 -14.50 32.03
CA ASN F 656 -51.32 -15.33 33.22
C ASN F 656 -50.69 -16.73 33.21
N SER F 657 -50.06 -17.08 34.32
CA SER F 657 -49.43 -18.39 34.51
C SER F 657 -49.14 -18.66 35.98
N ALA F 674 -45.93 -26.07 56.78
CA ALA F 674 -46.53 -27.44 56.61
C ALA F 674 -46.31 -27.98 55.20
N ILE F 675 -46.26 -27.07 54.22
CA ILE F 675 -46.17 -27.43 52.80
C ILE F 675 -44.72 -27.63 52.32
N ASP F 676 -43.83 -26.73 52.75
CA ASP F 676 -42.42 -26.73 52.35
C ASP F 676 -41.53 -27.61 53.24
N GLU F 677 -42.06 -28.01 54.39
CA GLU F 677 -41.34 -28.89 55.31
C GLU F 677 -41.34 -30.34 54.82
N ASN F 678 -42.40 -30.73 54.11
CA ASN F 678 -42.45 -32.00 53.41
C ASN F 678 -41.43 -32.08 52.28
N LYS F 679 -41.21 -30.94 51.63
CA LYS F 679 -40.26 -30.82 50.51
C LYS F 679 -38.83 -31.10 50.95
N GLN F 680 -38.43 -30.51 52.08
CA GLN F 680 -37.08 -30.69 52.61
C GLN F 680 -36.83 -32.12 53.06
N LYS F 681 -37.86 -32.72 53.65
CA LYS F 681 -37.87 -34.15 53.99
C LYS F 681 -37.50 -34.99 52.77
N ALA F 682 -38.13 -34.70 51.63
CA ALA F 682 -37.87 -35.43 50.39
C ALA F 682 -36.58 -35.00 49.69
N LEU F 683 -36.17 -33.75 49.91
CA LEU F 683 -34.93 -33.20 49.36
C LEU F 683 -33.71 -33.91 49.94
N ALA F 684 -33.59 -33.85 51.28
CA ALA F 684 -32.50 -34.51 51.99
C ALA F 684 -32.45 -36.01 51.67
N ALA F 685 -33.62 -36.62 51.53
CA ALA F 685 -33.73 -38.03 51.13
C ALA F 685 -33.07 -38.29 49.78
N ALA F 686 -33.28 -37.37 48.83
CA ALA F 686 -32.71 -37.51 47.48
C ALA F 686 -31.21 -37.23 47.47
N LEU F 687 -30.79 -36.17 48.18
CA LEU F 687 -29.37 -35.82 48.29
C LEU F 687 -28.57 -36.94 48.94
N GLY F 688 -29.14 -37.55 49.98
CA GLY F 688 -28.52 -38.70 50.62
C GLY F 688 -28.40 -39.87 49.66
N GLN F 689 -29.48 -40.13 48.94
CA GLN F 689 -29.53 -41.17 47.91
C GLN F 689 -28.47 -40.97 46.82
N ILE F 690 -28.34 -39.72 46.37
CA ILE F 690 -27.40 -39.36 45.32
C ILE F 690 -25.95 -39.57 45.76
N GLU F 691 -25.64 -39.08 46.97
CA GLU F 691 -24.30 -39.17 47.52
C GLU F 691 -23.89 -40.60 47.82
N LYS F 692 -24.85 -41.40 48.27
CA LYS F 692 -24.60 -42.81 48.53
C LYS F 692 -24.40 -43.59 47.23
N GLN F 693 -24.97 -43.08 46.14
CA GLN F 693 -24.82 -43.68 44.82
C GLN F 693 -23.57 -43.23 44.08
N PHE F 694 -23.27 -41.94 44.14
CA PHE F 694 -22.20 -41.37 43.31
C PHE F 694 -21.03 -40.80 44.11
N GLY F 695 -20.90 -41.21 45.35
CA GLY F 695 -19.72 -40.90 46.13
C GLY F 695 -19.79 -39.64 46.98
N LYS F 696 -18.68 -39.41 47.69
CA LYS F 696 -18.51 -38.35 48.69
C LYS F 696 -19.28 -37.07 48.37
N GLY F 697 -18.68 -36.17 47.59
CA GLY F 697 -19.29 -34.87 47.35
C GLY F 697 -19.78 -34.71 45.93
N SER F 698 -20.58 -35.67 45.47
CA SER F 698 -21.11 -35.65 44.11
C SER F 698 -22.13 -34.53 43.89
N ILE F 699 -22.85 -34.15 44.95
CA ILE F 699 -23.72 -32.98 44.93
C ILE F 699 -23.62 -32.21 46.24
N MET F 700 -23.50 -30.89 46.15
CA MET F 700 -23.50 -30.03 47.34
C MET F 700 -23.90 -28.61 47.04
N ARG F 701 -24.07 -27.80 48.08
CA ARG F 701 -24.39 -26.39 47.90
C ARG F 701 -23.16 -25.65 47.38
N LEU F 702 -23.37 -24.83 46.35
CA LEU F 702 -22.28 -24.15 45.66
C LEU F 702 -21.38 -23.39 46.64
N GLY F 703 -21.98 -22.68 47.57
CA GLY F 703 -21.27 -21.78 48.46
C GLY F 703 -20.23 -22.44 49.32
N GLU F 704 -20.40 -23.73 49.54
CA GLU F 704 -19.50 -24.46 50.43
C GLU F 704 -18.58 -25.42 49.69
N ASP F 705 -18.70 -25.46 48.36
CA ASP F 705 -17.78 -26.26 47.55
C ASP F 705 -16.45 -25.52 47.38
N ARG F 706 -15.41 -26.02 48.05
CA ARG F 706 -14.10 -25.39 48.00
C ARG F 706 -13.41 -25.58 46.66
N SER F 707 -13.57 -26.77 46.08
CA SER F 707 -12.88 -27.11 44.83
C SER F 707 -13.41 -26.29 43.66
N MET F 708 -14.35 -25.40 43.94
CA MET F 708 -14.98 -24.57 42.93
C MET F 708 -14.33 -23.18 42.86
N ASP F 709 -13.55 -22.83 43.88
CA ASP F 709 -12.88 -21.53 43.96
C ASP F 709 -11.79 -21.39 42.89
N VAL F 710 -11.68 -20.20 42.31
CA VAL F 710 -10.73 -19.95 41.23
C VAL F 710 -9.36 -19.50 41.76
N GLU F 711 -8.31 -20.23 41.37
CA GLU F 711 -6.95 -19.93 41.79
C GLU F 711 -6.11 -19.65 40.52
N THR F 712 -5.24 -18.65 40.56
CA THR F 712 -4.50 -18.25 39.35
C THR F 712 -2.97 -18.38 39.39
N ILE F 713 -2.36 -18.34 38.21
CA ILE F 713 -0.92 -18.42 38.00
C ILE F 713 -0.52 -17.20 37.21
N SER F 714 0.60 -16.58 37.57
CA SER F 714 1.12 -15.46 36.79
C SER F 714 1.46 -15.88 35.36
N THR F 715 1.27 -14.96 34.42
CA THR F 715 1.57 -15.24 33.03
C THR F 715 3.01 -14.88 32.69
N GLY F 716 3.67 -14.17 33.60
CA GLY F 716 5.01 -13.67 33.35
C GLY F 716 4.99 -12.25 32.84
N SER F 717 3.81 -11.80 32.39
CA SER F 717 3.57 -10.40 32.09
C SER F 717 2.63 -9.81 33.13
N LEU F 718 3.05 -8.70 33.73
CA LEU F 718 2.26 -8.01 34.75
C LEU F 718 1.00 -7.42 34.15
N SER F 719 1.17 -6.72 33.02
CA SER F 719 0.05 -6.05 32.38
C SER F 719 -0.99 -7.04 31.85
N LEU F 720 -0.53 -8.24 31.49
CA LEU F 720 -1.45 -9.31 31.10
C LEU F 720 -2.22 -9.82 32.31
N ASP F 721 -1.53 -10.05 33.42
CA ASP F 721 -2.19 -10.46 34.66
C ASP F 721 -3.26 -9.44 35.06
N ILE F 722 -3.00 -8.17 34.77
CA ILE F 722 -3.99 -7.12 35.01
C ILE F 722 -5.12 -7.22 34.01
N ALA F 723 -4.80 -7.33 32.73
CA ALA F 723 -5.81 -7.50 31.67
C ALA F 723 -6.72 -8.68 31.95
N LEU F 724 -6.15 -9.75 32.49
CA LEU F 724 -6.89 -10.97 32.78
C LEU F 724 -7.87 -10.81 33.93
N GLY F 725 -7.76 -9.69 34.65
CA GLY F 725 -8.73 -9.37 35.69
C GLY F 725 -8.46 -10.05 37.02
N ALA F 726 -8.27 -11.37 36.99
CA ALA F 726 -8.06 -12.15 38.21
C ALA F 726 -6.58 -12.32 38.56
N GLY F 727 -5.70 -11.70 37.78
CA GLY F 727 -4.27 -11.67 38.09
C GLY F 727 -3.46 -12.83 37.55
N GLY F 728 -4.07 -13.60 36.65
CA GLY F 728 -3.37 -14.70 35.98
C GLY F 728 -4.31 -15.73 35.38
N LEU F 729 -3.74 -16.79 34.83
CA LEU F 729 -4.51 -17.87 34.23
C LEU F 729 -5.07 -18.78 35.32
N PRO F 730 -6.29 -19.31 35.12
CA PRO F 730 -6.95 -20.11 36.18
C PRO F 730 -6.57 -21.59 36.18
N MET F 731 -6.33 -22.13 37.38
CA MET F 731 -5.94 -23.53 37.55
C MET F 731 -7.12 -24.46 37.35
N GLY F 732 -6.87 -25.60 36.75
CA GLY F 732 -7.92 -26.59 36.52
C GLY F 732 -8.78 -26.26 35.32
N ARG F 733 -8.35 -25.27 34.54
CA ARG F 733 -9.11 -24.79 33.39
C ARG F 733 -8.32 -25.00 32.11
N ILE F 734 -9.00 -24.88 30.97
CA ILE F 734 -8.35 -24.90 29.66
C ILE F 734 -8.19 -23.46 29.14
N VAL F 735 -7.04 -23.16 28.55
CA VAL F 735 -6.76 -21.83 28.05
C VAL F 735 -6.19 -21.97 26.63
N GLU F 736 -6.57 -21.05 25.74
CA GLU F 736 -6.02 -21.04 24.38
C GLU F 736 -5.32 -19.74 24.06
N ILE F 737 -4.11 -19.84 23.52
CA ILE F 737 -3.40 -18.67 22.98
C ILE F 737 -3.23 -18.87 21.50
N TYR F 738 -3.70 -17.92 20.70
CA TYR F 738 -3.49 -17.97 19.26
C TYR F 738 -2.91 -16.66 18.76
N GLY F 739 -2.35 -16.69 17.55
CA GLY F 739 -1.75 -15.51 16.93
C GLY F 739 -0.94 -15.91 15.71
N PRO F 740 -0.44 -14.92 14.95
CA PRO F 740 0.38 -15.14 13.76
C PRO F 740 1.74 -15.75 14.10
N GLU F 741 2.49 -16.19 13.09
CA GLU F 741 3.82 -16.78 13.32
C GLU F 741 4.78 -15.84 14.02
N SER F 742 5.60 -16.40 14.90
CA SER F 742 6.57 -15.65 15.68
C SER F 742 5.97 -14.48 16.46
N SER F 743 4.73 -14.64 16.91
CA SER F 743 4.06 -13.58 17.66
C SER F 743 4.40 -13.63 19.14
N GLY F 744 4.82 -14.81 19.61
CA GLY F 744 5.25 -14.95 20.99
C GLY F 744 4.48 -15.99 21.76
N LYS F 745 3.77 -16.85 21.04
CA LYS F 745 2.94 -17.88 21.66
C LYS F 745 3.76 -18.83 22.55
N THR F 746 4.79 -19.46 21.98
CA THR F 746 5.67 -20.34 22.76
C THR F 746 6.36 -19.58 23.89
N THR F 747 6.97 -18.44 23.54
CA THR F 747 7.69 -17.64 24.51
C THR F 747 6.81 -17.37 25.72
N LEU F 748 5.61 -16.84 25.49
CA LEU F 748 4.70 -16.54 26.60
C LEU F 748 4.42 -17.78 27.43
N THR F 749 4.00 -18.85 26.75
CA THR F 749 3.85 -20.18 27.33
C THR F 749 5.00 -20.56 28.29
N LEU F 750 6.24 -20.49 27.78
CA LEU F 750 7.42 -20.85 28.56
C LEU F 750 7.57 -19.94 29.79
N GLN F 751 7.24 -18.67 29.62
CA GLN F 751 7.29 -17.70 30.72
C GLN F 751 6.36 -18.10 31.86
N VAL F 752 5.14 -18.57 31.52
CA VAL F 752 4.22 -19.01 32.58
C VAL F 752 4.76 -20.26 33.27
N ILE F 753 5.31 -21.19 32.49
CA ILE F 753 5.98 -22.37 33.05
C ILE F 753 7.11 -21.94 34.01
N ALA F 754 7.98 -21.06 33.53
CA ALA F 754 9.09 -20.56 34.34
C ALA F 754 8.60 -20.02 35.68
N ALA F 755 7.56 -19.19 35.63
CA ALA F 755 6.96 -18.61 36.82
C ALA F 755 6.38 -19.68 37.74
N ALA F 756 5.72 -20.66 37.14
CA ALA F 756 5.11 -21.76 37.90
C ALA F 756 6.16 -22.63 38.59
N GLN F 757 7.25 -22.89 37.88
CA GLN F 757 8.36 -23.66 38.43
C GLN F 757 9.04 -22.91 39.54
N ARG F 758 9.13 -21.59 39.39
CA ARG F 758 9.66 -20.71 40.41
C ARG F 758 8.90 -20.87 41.74
N GLU F 759 7.72 -21.46 41.68
CA GLU F 759 6.88 -21.70 42.86
C GLU F 759 6.62 -23.17 43.14
N GLY F 760 7.56 -24.02 42.72
CA GLY F 760 7.52 -25.44 43.04
C GLY F 760 6.44 -26.26 42.35
N LYS F 761 5.94 -25.75 41.23
CA LYS F 761 4.94 -26.47 40.47
C LYS F 761 5.59 -27.33 39.38
N THR F 762 4.97 -28.46 39.07
CA THR F 762 5.47 -29.36 38.03
C THR F 762 4.79 -29.06 36.72
N CYS F 763 5.57 -28.95 35.66
CA CYS F 763 5.02 -28.59 34.35
C CYS F 763 5.42 -29.58 33.27
N ALA F 764 4.53 -29.73 32.28
CA ALA F 764 4.79 -30.58 31.14
C ALA F 764 4.60 -29.78 29.87
N PHE F 765 5.43 -30.06 28.88
CA PHE F 765 5.36 -29.39 27.59
C PHE F 765 5.20 -30.43 26.50
N ILE F 766 4.11 -30.36 25.75
CA ILE F 766 3.88 -31.28 24.63
C ILE F 766 4.22 -30.55 23.34
N ASP F 767 5.40 -30.83 22.81
CA ASP F 767 5.91 -30.13 21.63
C ASP F 767 5.50 -30.85 20.35
N ALA F 768 4.22 -30.76 20.01
CA ALA F 768 3.68 -31.40 18.81
C ALA F 768 4.17 -30.72 17.54
N GLU F 769 4.59 -29.47 17.71
CA GLU F 769 5.08 -28.65 16.62
C GLU F 769 6.53 -28.98 16.33
N HIS F 770 7.17 -29.71 17.24
CA HIS F 770 8.54 -30.20 17.09
C HIS F 770 9.56 -29.09 16.83
N ALA F 771 9.49 -28.03 17.63
CA ALA F 771 10.31 -26.87 17.37
C ALA F 771 10.87 -26.20 18.62
N LEU F 772 10.68 -26.84 19.77
CA LEU F 772 11.17 -26.30 21.05
C LEU F 772 12.69 -26.36 21.16
N ASP F 773 13.28 -25.22 21.51
CA ASP F 773 14.72 -25.17 21.72
C ASP F 773 14.99 -25.14 23.23
N PRO F 774 15.50 -26.25 23.77
CA PRO F 774 15.74 -26.36 25.20
C PRO F 774 16.64 -25.24 25.72
N ILE F 775 17.71 -24.93 24.98
CA ILE F 775 18.64 -23.89 25.39
C ILE F 775 17.96 -22.52 25.50
N TYR F 776 17.04 -22.24 24.58
CA TYR F 776 16.31 -20.98 24.63
C TYR F 776 15.33 -20.97 25.79
N ALA F 777 14.68 -22.11 26.03
CA ALA F 777 13.77 -22.25 27.16
C ALA F 777 14.50 -21.94 28.47
N ARG F 778 15.74 -22.42 28.57
CA ARG F 778 16.56 -22.13 29.74
C ARG F 778 16.84 -20.64 29.88
N LYS F 779 17.18 -19.99 28.75
CA LYS F 779 17.40 -18.55 28.72
C LYS F 779 16.19 -17.78 29.24
N LEU F 780 15.00 -18.29 28.96
CA LEU F 780 13.78 -17.65 29.46
C LEU F 780 13.49 -17.97 30.92
N GLY F 781 14.37 -18.75 31.55
CA GLY F 781 14.28 -19.04 32.96
C GLY F 781 13.51 -20.30 33.29
N VAL F 782 13.32 -21.17 32.30
CA VAL F 782 12.67 -22.44 32.56
C VAL F 782 13.69 -23.40 33.14
N ASP F 783 13.29 -24.10 34.19
CA ASP F 783 14.10 -25.18 34.75
C ASP F 783 13.97 -26.40 33.83
N ILE F 784 14.93 -26.53 32.93
CA ILE F 784 14.93 -27.54 31.87
C ILE F 784 14.91 -28.96 32.43
N ASP F 785 15.69 -29.18 33.49
CA ASP F 785 15.87 -30.50 34.07
C ASP F 785 14.64 -31.07 34.74
N ASN F 786 13.65 -30.22 35.02
CA ASN F 786 12.43 -30.66 35.68
C ASN F 786 11.19 -30.47 34.84
N LEU F 787 11.35 -29.81 33.71
CA LEU F 787 10.26 -29.63 32.77
C LEU F 787 10.03 -30.92 32.00
N LEU F 788 8.91 -31.58 32.28
CA LEU F 788 8.50 -32.77 31.54
C LEU F 788 8.22 -32.36 30.11
N CYS F 789 8.67 -33.19 29.18
CA CYS F 789 8.58 -32.85 27.77
C CYS F 789 8.36 -34.04 26.87
N SER F 790 7.41 -33.91 25.96
CA SER F 790 7.08 -34.97 25.06
C SER F 790 7.00 -34.47 23.62
N GLN F 791 7.50 -35.28 22.69
CA GLN F 791 7.33 -35.02 21.27
C GLN F 791 6.57 -36.16 20.63
N PRO F 792 5.22 -36.08 20.67
CA PRO F 792 4.33 -37.18 20.34
C PRO F 792 4.29 -37.45 18.83
N ASP F 793 3.94 -38.66 18.45
CA ASP F 793 3.84 -39.02 17.04
C ASP F 793 2.51 -38.58 16.44
N THR F 794 1.42 -39.03 17.05
CA THR F 794 0.07 -38.66 16.61
C THR F 794 -0.57 -37.68 17.57
N GLY F 795 -1.62 -37.01 17.11
CA GLY F 795 -2.38 -36.08 17.93
C GLY F 795 -3.11 -36.81 19.04
N GLU F 796 -3.63 -38.00 18.75
CA GLU F 796 -4.29 -38.82 19.76
C GLU F 796 -3.35 -39.15 20.91
N GLN F 797 -2.12 -39.52 20.57
CA GLN F 797 -1.08 -39.78 21.55
C GLN F 797 -0.83 -38.53 22.42
N ALA F 798 -0.67 -37.38 21.78
CA ALA F 798 -0.47 -36.11 22.48
C ALA F 798 -1.55 -35.85 23.52
N LEU F 799 -2.80 -36.09 23.15
CA LEU F 799 -3.92 -35.82 24.02
C LEU F 799 -4.09 -36.91 25.07
N GLU F 800 -3.76 -38.15 24.71
CA GLU F 800 -3.79 -39.24 25.68
C GLU F 800 -2.75 -39.03 26.77
N ILE F 801 -1.62 -38.42 26.40
CA ILE F 801 -0.59 -38.06 27.35
C ILE F 801 -1.10 -37.01 28.31
N CYS F 802 -1.77 -35.99 27.77
CA CYS F 802 -2.40 -34.95 28.58
C CYS F 802 -3.36 -35.52 29.59
N ASP F 803 -4.20 -36.44 29.12
CA ASP F 803 -5.21 -37.02 29.97
C ASP F 803 -4.57 -37.80 31.11
N ALA F 804 -3.53 -38.56 30.78
CA ALA F 804 -2.79 -39.33 31.77
C ALA F 804 -2.19 -38.42 32.84
N LEU F 805 -1.54 -37.34 32.41
CA LEU F 805 -0.95 -36.37 33.33
C LEU F 805 -2.00 -35.62 34.16
N ALA F 806 -3.10 -35.26 33.50
CA ALA F 806 -4.24 -34.68 34.20
C ALA F 806 -4.71 -35.62 35.32
N ARG F 807 -5.06 -36.85 34.96
CA ARG F 807 -5.53 -37.85 35.93
C ARG F 807 -4.55 -38.11 37.08
N SER F 808 -3.26 -38.07 36.79
CA SER F 808 -2.23 -38.36 37.80
C SER F 808 -2.28 -37.41 39.00
N GLY F 809 -2.71 -36.18 38.75
CA GLY F 809 -2.79 -35.14 39.77
C GLY F 809 -1.42 -34.65 40.19
N ALA F 810 -0.40 -35.04 39.41
CA ALA F 810 0.99 -34.74 39.75
C ALA F 810 1.55 -33.56 38.96
N VAL F 811 0.91 -33.22 37.86
CA VAL F 811 1.35 -32.09 37.04
C VAL F 811 0.43 -30.89 37.26
N ASP F 812 1.01 -29.71 37.36
CA ASP F 812 0.26 -28.50 37.67
C ASP F 812 -0.12 -27.71 36.43
N VAL F 813 0.82 -27.58 35.49
CA VAL F 813 0.51 -26.94 34.20
C VAL F 813 1.06 -27.74 33.02
N ILE F 814 0.19 -28.00 32.06
CA ILE F 814 0.55 -28.65 30.82
C ILE F 814 0.31 -27.68 29.67
N VAL F 815 1.28 -27.55 28.78
CA VAL F 815 1.05 -26.80 27.54
C VAL F 815 1.25 -27.66 26.32
N VAL F 816 0.31 -27.56 25.38
CA VAL F 816 0.38 -28.24 24.09
C VAL F 816 0.73 -27.20 23.02
N ASP F 817 1.92 -27.31 22.43
CA ASP F 817 2.36 -26.35 21.41
C ASP F 817 1.87 -26.75 20.04
N SER F 818 0.87 -25.97 19.58
CA SER F 818 0.14 -26.08 18.31
C SER F 818 -0.86 -27.22 18.27
N VAL F 819 -2.14 -26.88 18.40
CA VAL F 819 -3.19 -27.84 18.11
C VAL F 819 -3.11 -28.08 16.60
N ALA F 820 -2.70 -27.05 15.87
CA ALA F 820 -2.48 -27.11 14.43
C ALA F 820 -1.63 -28.32 14.06
N ALA F 821 -0.68 -28.68 14.92
CA ALA F 821 0.25 -29.77 14.67
C ALA F 821 -0.22 -31.12 15.22
N LEU F 822 -1.37 -31.11 15.91
CA LEU F 822 -1.96 -32.33 16.43
C LEU F 822 -2.57 -33.20 15.32
N THR F 823 -1.71 -33.98 14.65
CA THR F 823 -2.11 -34.75 13.48
C THR F 823 -2.78 -36.08 13.86
N PRO F 824 -4.05 -36.26 13.48
CA PRO F 824 -4.75 -37.52 13.71
C PRO F 824 -4.00 -38.72 13.17
N LYS F 825 -4.17 -39.86 13.84
CA LYS F 825 -3.45 -41.10 13.51
C LYS F 825 -3.71 -41.56 12.09
N ALA F 826 -4.97 -41.48 11.67
CA ALA F 826 -5.37 -41.88 10.33
C ALA F 826 -4.72 -41.01 9.25
N GLU F 827 -4.50 -39.74 9.57
CA GLU F 827 -3.84 -38.80 8.65
C GLU F 827 -2.36 -39.12 8.47
N ILE F 828 -1.66 -39.42 9.57
CA ILE F 828 -0.24 -39.79 9.56
C ILE F 828 0.00 -41.07 8.79
N GLU F 829 -0.85 -42.07 9.00
CA GLU F 829 -0.74 -43.33 8.28
C GLU F 829 -1.24 -43.23 6.85
N GLY F 830 -2.17 -42.30 6.62
CA GLY F 830 -2.67 -42.01 5.27
C GLY F 830 -1.64 -41.27 4.42
N GLU F 831 -1.97 -41.05 3.16
CA GLU F 831 -1.09 -40.33 2.24
C GLU F 831 -1.38 -38.84 2.25
N ILE F 832 -0.45 -38.05 1.68
CA ILE F 832 -0.68 -36.62 1.49
C ILE F 832 -1.64 -36.43 0.32
N GLY F 833 -2.76 -35.79 0.61
CA GLY F 833 -3.83 -35.61 -0.36
C GLY F 833 -5.07 -36.37 0.03
N ASP F 834 -4.91 -37.31 0.97
CA ASP F 834 -6.05 -38.05 1.52
C ASP F 834 -6.96 -37.10 2.28
N SER F 835 -8.25 -37.33 2.14
CA SER F 835 -9.25 -36.47 2.75
C SER F 835 -9.70 -37.05 4.09
N HIS F 836 -9.56 -36.25 5.15
CA HIS F 836 -9.98 -36.66 6.49
C HIS F 836 -10.97 -35.65 7.07
N MET F 837 -12.14 -35.54 6.45
CA MET F 837 -13.14 -34.54 6.82
C MET F 837 -13.43 -34.50 8.31
N GLY F 838 -13.23 -33.34 8.90
CA GLY F 838 -13.51 -33.10 10.31
C GLY F 838 -12.85 -34.01 11.34
N LEU F 839 -11.79 -34.72 10.96
CA LEU F 839 -11.18 -35.70 11.86
C LEU F 839 -10.51 -35.01 13.04
N ALA F 840 -9.67 -34.03 12.76
CA ALA F 840 -8.96 -33.30 13.82
C ALA F 840 -9.97 -32.59 14.68
N ALA F 841 -11.04 -32.07 14.05
CA ALA F 841 -12.10 -31.34 14.76
C ALA F 841 -12.83 -32.26 15.73
N ARG F 842 -13.20 -33.43 15.22
CA ARG F 842 -13.94 -34.43 15.97
C ARG F 842 -13.08 -34.98 17.11
N MET F 843 -11.78 -35.11 16.85
CA MET F 843 -10.79 -35.58 17.83
C MET F 843 -10.63 -34.56 18.95
N MET F 844 -10.52 -33.28 18.58
CA MET F 844 -10.45 -32.19 19.54
C MET F 844 -11.71 -32.12 20.39
N SER F 845 -12.85 -32.30 19.74
CA SER F 845 -14.14 -32.26 20.40
C SER F 845 -14.23 -33.37 21.45
N GLN F 846 -13.73 -34.56 21.10
CA GLN F 846 -13.67 -35.67 22.03
C GLN F 846 -12.71 -35.38 23.19
N ALA F 847 -11.54 -34.83 22.86
CA ALA F 847 -10.53 -34.51 23.87
C ALA F 847 -11.10 -33.60 24.97
N MET F 848 -11.77 -32.52 24.57
CA MET F 848 -12.32 -31.58 25.52
C MET F 848 -13.26 -32.25 26.51
N ARG F 849 -14.19 -33.06 26.00
CA ARG F 849 -15.12 -33.81 26.84
C ARG F 849 -14.39 -34.59 27.93
N LYS F 850 -13.37 -35.35 27.54
CA LYS F 850 -12.58 -36.16 28.46
C LYS F 850 -11.68 -35.34 29.39
N LEU F 851 -11.05 -34.30 28.86
CA LEU F 851 -10.10 -33.51 29.65
C LEU F 851 -10.72 -32.61 30.71
N ALA F 852 -11.75 -31.85 30.32
CA ALA F 852 -12.37 -30.83 31.18
C ALA F 852 -12.52 -31.30 32.62
N GLY F 853 -13.13 -32.48 32.78
CA GLY F 853 -13.37 -33.05 34.10
C GLY F 853 -12.11 -33.43 34.86
N ASN F 854 -11.20 -34.14 34.18
CA ASN F 854 -9.94 -34.56 34.78
C ASN F 854 -9.05 -33.40 35.19
N LEU F 855 -9.10 -32.32 34.41
CA LEU F 855 -8.30 -31.15 34.69
C LEU F 855 -8.79 -30.40 35.92
N LYS F 856 -10.11 -30.30 36.07
CA LYS F 856 -10.68 -29.61 37.21
C LYS F 856 -10.39 -30.38 38.49
N GLN F 857 -10.60 -31.70 38.49
CA GLN F 857 -10.40 -32.50 39.68
C GLN F 857 -8.94 -32.60 40.12
N SER F 858 -8.03 -32.30 39.22
CA SER F 858 -6.60 -32.34 39.51
C SER F 858 -6.04 -30.95 39.71
N ASN F 859 -6.87 -29.95 39.47
CA ASN F 859 -6.46 -28.54 39.51
C ASN F 859 -5.29 -28.24 38.58
N THR F 860 -5.32 -28.88 37.41
CA THR F 860 -4.27 -28.76 36.40
C THR F 860 -4.66 -27.75 35.34
N LEU F 861 -3.81 -26.76 35.09
CA LEU F 861 -4.03 -25.82 33.99
C LEU F 861 -3.52 -26.41 32.69
N LEU F 862 -4.32 -26.33 31.63
CA LEU F 862 -3.90 -26.80 30.32
C LEU F 862 -3.94 -25.67 29.30
N ILE F 863 -2.77 -25.32 28.75
CA ILE F 863 -2.71 -24.26 27.74
C ILE F 863 -2.53 -24.84 26.34
N PHE F 864 -3.45 -24.50 25.45
CA PHE F 864 -3.33 -24.86 24.04
C PHE F 864 -2.81 -23.69 23.22
N ILE F 865 -1.70 -23.88 22.51
CA ILE F 865 -1.28 -22.91 21.53
C ILE F 865 -1.93 -23.23 20.19
N ASN F 866 -2.53 -22.23 19.55
CA ASN F 866 -3.10 -22.44 18.23
C ASN F 866 -2.53 -21.48 17.18
N GLN F 867 -2.57 -21.91 15.93
CA GLN F 867 -2.16 -21.07 14.81
C GLN F 867 -3.39 -20.46 14.16
N ILE F 868 -3.17 -19.46 13.32
CA ILE F 868 -4.25 -18.84 12.58
C ILE F 868 -4.29 -19.36 11.14
N ARG F 869 -5.49 -19.69 10.68
CA ARG F 869 -5.71 -19.94 9.26
C ARG F 869 -6.70 -18.92 8.77
N MET F 870 -6.78 -18.79 7.46
CA MET F 870 -7.73 -17.89 6.87
C MET F 870 -8.92 -18.73 6.46
N LYS F 871 -10.12 -18.29 6.81
CA LYS F 871 -11.33 -18.92 6.27
C LYS F 871 -11.69 -18.23 4.97
N ILE F 872 -12.29 -18.94 4.05
CA ILE F 872 -12.42 -18.41 2.71
C ILE F 872 -13.88 -18.37 2.24
N GLY F 873 -14.27 -17.24 1.65
CA GLY F 873 -15.65 -16.98 1.26
C GLY F 873 -16.40 -16.15 2.30
N VAL F 874 -15.72 -15.13 2.83
CA VAL F 874 -16.22 -14.33 3.96
C VAL F 874 -15.93 -12.84 3.73
N MET F 875 -16.99 -12.05 3.61
CA MET F 875 -16.86 -10.60 3.32
C MET F 875 -17.10 -9.72 4.55
N PHE F 876 -18.00 -10.19 5.42
CA PHE F 876 -18.26 -9.61 6.73
C PHE F 876 -17.14 -9.98 7.73
N GLY F 877 -17.19 -9.36 8.90
CA GLY F 877 -16.28 -9.68 10.01
C GLY F 877 -14.82 -9.79 9.61
N ASN F 878 -14.11 -10.73 10.22
CA ASN F 878 -12.73 -10.94 9.86
C ASN F 878 -12.49 -12.40 9.43
N PRO F 879 -11.57 -12.60 8.48
CA PRO F 879 -11.43 -13.92 7.86
C PRO F 879 -10.57 -14.91 8.64
N GLU F 880 -10.04 -14.52 9.80
CA GLU F 880 -9.15 -15.39 10.55
C GLU F 880 -9.87 -16.50 11.31
N THR F 881 -9.21 -17.64 11.47
CA THR F 881 -9.71 -18.72 12.30
C THR F 881 -8.57 -19.45 12.96
N THR F 882 -8.91 -20.59 13.54
CA THR F 882 -8.11 -21.29 14.48
C THR F 882 -8.23 -22.76 14.07
N THR F 883 -7.16 -23.53 14.20
CA THR F 883 -7.20 -24.92 13.74
C THR F 883 -7.96 -25.80 14.71
N GLY F 884 -8.46 -26.93 14.22
CA GLY F 884 -9.00 -27.98 15.08
C GLY F 884 -10.41 -27.75 15.59
N GLY F 885 -11.25 -27.18 14.74
CA GLY F 885 -12.68 -27.11 15.01
C GLY F 885 -13.13 -26.07 16.02
N ASN F 886 -14.32 -26.32 16.57
CA ASN F 886 -15.04 -25.35 17.41
C ASN F 886 -15.05 -25.68 18.90
N ALA F 887 -14.71 -26.92 19.25
CA ALA F 887 -14.77 -27.37 20.62
C ALA F 887 -13.99 -26.48 21.57
N LEU F 888 -12.74 -26.18 21.21
CA LEU F 888 -11.86 -25.43 22.09
C LEU F 888 -12.38 -24.02 22.44
N LYS F 889 -12.99 -23.33 21.48
CA LYS F 889 -13.55 -21.98 21.73
C LYS F 889 -14.42 -22.03 22.97
N PHE F 890 -15.23 -23.09 23.06
CA PHE F 890 -16.23 -23.22 24.10
C PHE F 890 -15.62 -23.62 25.43
N TYR F 891 -14.73 -24.59 25.40
CA TYR F 891 -14.18 -25.15 26.63
C TYR F 891 -13.14 -24.24 27.28
N ALA F 892 -12.43 -23.47 26.47
CA ALA F 892 -11.47 -22.50 27.02
C ALA F 892 -12.14 -21.52 27.99
N SER F 893 -11.50 -21.31 29.14
CA SER F 893 -11.99 -20.35 30.13
C SER F 893 -11.40 -18.99 29.84
N VAL F 894 -10.27 -19.00 29.14
CA VAL F 894 -9.59 -17.79 28.70
C VAL F 894 -9.04 -18.00 27.29
N ARG F 895 -9.24 -17.02 26.42
CA ARG F 895 -8.61 -17.08 25.10
C ARG F 895 -7.79 -15.82 24.86
N LEU F 896 -6.53 -16.01 24.47
CA LEU F 896 -5.62 -14.90 24.25
C LEU F 896 -5.26 -14.77 22.77
N ASP F 897 -5.39 -13.56 22.25
CA ASP F 897 -4.94 -13.21 20.91
C ASP F 897 -3.65 -12.40 21.03
N ILE F 898 -2.52 -13.03 20.74
CA ILE F 898 -1.21 -12.36 20.83
C ILE F 898 -0.73 -11.92 19.45
N ARG F 899 -0.14 -10.73 19.39
CA ARG F 899 0.36 -10.16 18.13
C ARG F 899 1.60 -9.32 18.28
N ARG F 900 2.53 -9.46 17.34
CA ARG F 900 3.69 -8.57 17.29
C ARG F 900 3.26 -7.28 16.62
N ILE F 901 3.50 -6.15 17.28
CA ILE F 901 3.01 -4.86 16.77
C ILE F 901 4.13 -3.91 16.35
N GLY F 902 5.36 -4.26 16.72
CA GLY F 902 6.53 -3.44 16.37
C GLY F 902 7.83 -4.08 16.81
N ALA F 903 8.93 -3.42 16.48
CA ALA F 903 10.27 -3.91 16.84
C ALA F 903 10.86 -3.08 17.97
N VAL F 904 11.51 -3.75 18.91
CA VAL F 904 12.29 -3.06 19.93
C VAL F 904 13.71 -2.89 19.38
N LYS F 905 14.09 -1.64 19.12
CA LYS F 905 15.35 -1.36 18.45
C LYS F 905 16.44 -0.81 19.35
N GLU F 906 17.67 -1.13 19.00
CA GLU F 906 18.88 -0.65 19.66
C GLU F 906 19.66 0.17 18.65
N GLY F 907 19.06 1.27 18.19
CA GLY F 907 19.59 2.03 17.07
C GLY F 907 19.61 1.16 15.82
N GLU F 908 20.71 0.42 15.65
CA GLU F 908 20.86 -0.51 14.55
C GLU F 908 20.05 -1.78 14.77
N ASN F 909 20.27 -2.45 15.90
CA ASN F 909 19.80 -3.81 16.12
C ASN F 909 18.32 -3.95 16.46
N VAL F 910 17.74 -5.06 16.04
CA VAL F 910 16.40 -5.43 16.47
C VAL F 910 16.59 -6.42 17.61
N VAL F 911 16.37 -5.95 18.83
CA VAL F 911 16.70 -6.73 20.02
C VAL F 911 15.46 -7.34 20.71
N GLY F 912 14.28 -7.00 20.19
CA GLY F 912 13.03 -7.54 20.73
C GLY F 912 11.78 -7.25 19.90
N SER F 913 10.68 -7.88 20.30
CA SER F 913 9.38 -7.68 19.69
C SER F 913 8.46 -6.90 20.63
N GLU F 914 7.92 -5.78 20.14
CA GLU F 914 6.87 -5.07 20.83
C GLU F 914 5.58 -5.88 20.68
N THR F 915 4.92 -6.20 21.78
CA THR F 915 3.86 -7.20 21.76
C THR F 915 2.54 -6.73 22.36
N ARG F 916 1.43 -7.18 21.77
CA ARG F 916 0.10 -6.89 22.30
C ARG F 916 -0.74 -8.15 22.45
N VAL F 917 -1.32 -8.36 23.63
CA VAL F 917 -2.21 -9.49 23.86
C VAL F 917 -3.61 -9.00 24.15
N LYS F 918 -4.61 -9.49 23.41
CA LYS F 918 -6.01 -9.20 23.70
C LYS F 918 -6.66 -10.37 24.42
N VAL F 919 -7.43 -10.08 25.45
CA VAL F 919 -8.17 -11.13 26.12
C VAL F 919 -9.51 -11.27 25.39
N VAL F 920 -9.58 -12.26 24.49
CA VAL F 920 -10.69 -12.40 23.58
C VAL F 920 -11.87 -13.10 24.24
N LYS F 921 -11.57 -14.05 25.13
CA LYS F 921 -12.60 -14.71 25.94
C LYS F 921 -12.16 -14.78 27.39
N ASN F 922 -13.11 -14.53 28.30
CA ASN F 922 -12.83 -14.62 29.73
C ASN F 922 -14.04 -15.08 30.55
N LYS F 923 -13.87 -16.21 31.23
CA LYS F 923 -14.92 -16.80 32.08
C LYS F 923 -14.62 -16.49 33.54
N ILE F 924 -13.53 -15.76 33.76
CA ILE F 924 -12.94 -15.66 35.09
C ILE F 924 -12.99 -14.23 35.59
N ALA F 925 -13.08 -13.29 34.64
CA ALA F 925 -13.19 -11.85 34.87
C ALA F 925 -13.75 -11.24 33.58
N ALA F 926 -13.98 -9.93 33.56
CA ALA F 926 -14.41 -9.24 32.35
C ALA F 926 -13.42 -9.45 31.21
N PRO F 927 -13.92 -9.71 29.99
CA PRO F 927 -13.07 -9.88 28.81
C PRO F 927 -12.74 -8.57 28.10
N PHE F 928 -11.91 -8.66 27.06
CA PHE F 928 -11.63 -7.58 26.13
C PHE F 928 -10.71 -6.48 26.64
N LYS F 929 -10.02 -6.74 27.75
CA LYS F 929 -8.92 -5.86 28.15
C LYS F 929 -7.68 -6.31 27.38
N GLN F 930 -6.69 -5.44 27.25
CA GLN F 930 -5.48 -5.84 26.55
C GLN F 930 -4.19 -5.43 27.25
N ALA F 931 -3.11 -6.09 26.89
CA ALA F 931 -1.82 -5.86 27.51
C ALA F 931 -0.75 -5.65 26.45
N GLU F 932 0.05 -4.61 26.60
CA GLU F 932 1.18 -4.39 25.71
C GLU F 932 2.46 -4.52 26.51
N PHE F 933 3.43 -5.27 25.99
CA PHE F 933 4.71 -5.43 26.63
C PHE F 933 5.80 -5.74 25.60
N GLN F 934 7.03 -5.91 26.07
CA GLN F 934 8.14 -6.23 25.19
C GLN F 934 8.61 -7.66 25.40
N ILE F 935 8.87 -8.35 24.30
CA ILE F 935 9.58 -9.63 24.35
C ILE F 935 11.00 -9.34 23.89
N LEU F 936 11.93 -9.34 24.83
CA LEU F 936 13.33 -9.16 24.50
C LEU F 936 13.95 -10.52 24.20
N TYR F 937 14.50 -10.66 22.99
CA TYR F 937 15.02 -11.94 22.53
C TYR F 937 16.12 -12.46 23.46
N GLY F 938 16.02 -13.72 23.82
CA GLY F 938 17.00 -14.35 24.70
C GLY F 938 16.84 -14.01 26.17
N GLU F 939 15.90 -13.12 26.47
CA GLU F 939 15.65 -12.70 27.83
C GLU F 939 14.22 -13.06 28.25
N GLY F 940 13.25 -12.76 27.39
CA GLY F 940 11.84 -13.01 27.69
C GLY F 940 10.99 -11.75 27.74
N ILE F 941 9.84 -11.87 28.39
CA ILE F 941 8.95 -10.75 28.63
C ILE F 941 9.64 -9.76 29.51
N ASN F 942 9.56 -8.54 29.10
CA ASN F 942 10.15 -7.56 29.93
C ASN F 942 9.19 -7.19 31.07
N PHE F 943 9.27 -7.96 32.14
CA PHE F 943 8.36 -7.84 33.28
C PHE F 943 8.60 -6.57 34.05
N TYR F 944 9.86 -6.27 34.33
CA TYR F 944 10.21 -5.07 35.10
C TYR F 944 9.98 -3.80 34.31
N GLY F 945 10.09 -3.91 32.98
CA GLY F 945 9.68 -2.84 32.09
C GLY F 945 8.23 -2.45 32.32
N GLU F 946 7.34 -3.45 32.35
CA GLU F 946 5.93 -3.25 32.65
C GLU F 946 5.78 -2.58 33.99
N LEU F 947 6.50 -3.11 34.98
CA LEU F 947 6.39 -2.63 36.35
C LEU F 947 6.69 -1.15 36.44
N VAL F 948 7.74 -0.69 35.74
CA VAL F 948 8.05 0.73 35.64
C VAL F 948 6.87 1.52 35.08
N ASP F 949 6.40 1.14 33.90
CA ASP F 949 5.31 1.87 33.25
C ASP F 949 4.03 1.89 34.07
N LEU F 950 3.69 0.75 34.66
CA LEU F 950 2.51 0.64 35.51
C LEU F 950 2.67 1.44 36.80
N GLY F 951 3.88 1.42 37.36
CA GLY F 951 4.20 2.17 38.57
C GLY F 951 4.10 3.67 38.34
N VAL F 952 4.65 4.13 37.23
CA VAL F 952 4.61 5.55 36.85
C VAL F 952 3.17 5.99 36.61
N LYS F 953 2.43 5.14 35.90
CA LYS F 953 1.02 5.41 35.58
C LYS F 953 0.18 5.54 36.85
N GLU F 954 0.48 4.72 37.85
CA GLU F 954 -0.28 4.72 39.10
C GLU F 954 0.26 5.67 40.17
N LYS F 955 1.21 6.52 39.78
CA LYS F 955 1.83 7.50 40.67
C LYS F 955 2.55 6.89 41.85
N LEU F 956 3.05 5.67 41.68
CA LEU F 956 3.88 5.01 42.67
C LEU F 956 5.34 5.31 42.41
N ILE F 957 5.69 5.49 41.14
CA ILE F 957 7.02 5.90 40.74
C ILE F 957 6.94 7.29 40.13
N GLU F 958 7.85 8.17 40.57
CA GLU F 958 7.92 9.54 40.10
C GLU F 958 8.70 9.58 38.79
N LYS F 959 8.28 10.43 37.86
CA LYS F 959 9.01 10.63 36.63
C LYS F 959 9.21 12.12 36.34
N ALA F 960 10.41 12.61 36.63
CA ALA F 960 10.78 14.01 36.39
C ALA F 960 11.61 14.13 35.11
N GLY F 961 10.93 14.22 33.98
CA GLY F 961 11.58 14.22 32.66
C GLY F 961 12.09 12.84 32.29
N ALA F 962 13.39 12.64 32.49
CA ALA F 962 14.02 11.33 32.26
C ALA F 962 14.37 10.64 33.57
N TRP F 963 14.25 11.37 34.68
CA TRP F 963 14.60 10.85 36.00
C TRP F 963 13.46 10.13 36.71
N TYR F 964 13.68 8.84 37.01
CA TYR F 964 12.71 8.03 37.74
C TYR F 964 13.07 7.97 39.22
N SER F 965 12.13 8.38 40.06
CA SER F 965 12.32 8.35 41.50
C SER F 965 11.31 7.41 42.15
N TYR F 966 11.72 6.74 43.23
CA TYR F 966 10.79 5.99 44.06
C TYR F 966 10.92 6.41 45.52
N LYS F 967 9.84 6.96 46.05
CA LYS F 967 9.81 7.47 47.41
C LYS F 967 11.00 8.38 47.71
N GLY F 968 11.20 9.38 46.85
CA GLY F 968 12.22 10.40 47.06
C GLY F 968 13.58 10.01 46.52
N GLU F 969 13.90 8.73 46.68
CA GLU F 969 15.15 8.16 46.21
C GLU F 969 15.09 7.97 44.69
N LYS F 970 16.12 8.45 44.00
CA LYS F 970 16.22 8.31 42.54
C LYS F 970 16.70 6.91 42.22
N ILE F 971 16.02 6.25 41.29
CA ILE F 971 16.30 4.85 40.95
C ILE F 971 16.91 4.64 39.57
N GLY F 972 16.85 5.65 38.72
CA GLY F 972 17.48 5.55 37.41
C GLY F 972 17.09 6.64 36.44
N GLN F 973 17.94 6.84 35.43
CA GLN F 973 17.66 7.78 34.36
C GLN F 973 17.32 7.03 33.08
N GLY F 974 16.12 7.28 32.56
CA GLY F 974 15.62 6.55 31.39
C GLY F 974 15.05 5.21 31.81
N LYS F 975 13.96 4.81 31.14
CA LYS F 975 13.25 3.57 31.44
C LYS F 975 14.20 2.36 31.55
N ALA F 976 15.22 2.34 30.70
CA ALA F 976 16.23 1.29 30.69
C ALA F 976 16.87 1.07 32.06
N ASN F 977 17.34 2.16 32.68
CA ASN F 977 17.99 2.09 33.99
C ASN F 977 17.04 1.79 35.15
N ALA F 978 15.86 2.39 35.11
CA ALA F 978 14.83 2.16 36.12
C ALA F 978 14.45 0.67 36.17
N THR F 979 14.35 0.06 34.99
CA THR F 979 14.11 -1.37 34.88
C THR F 979 15.22 -2.18 35.55
N ALA F 980 16.46 -1.79 35.29
CA ALA F 980 17.64 -2.47 35.84
C ALA F 980 17.67 -2.37 37.35
N TRP F 981 17.20 -1.24 37.88
CA TRP F 981 17.14 -1.01 39.32
C TRP F 981 16.17 -1.95 40.02
N LEU F 982 15.04 -2.22 39.38
CA LEU F 982 14.05 -3.13 39.94
C LEU F 982 14.50 -4.59 39.92
N LYS F 983 15.25 -4.98 38.88
CA LYS F 983 15.93 -6.27 38.89
C LYS F 983 16.83 -6.36 40.12
N ASP F 984 17.56 -5.29 40.39
CA ASP F 984 18.51 -5.22 41.50
C ASP F 984 17.88 -5.23 42.88
N ASN F 985 16.68 -4.66 42.99
CA ASN F 985 15.96 -4.63 44.26
C ASN F 985 14.66 -5.40 44.17
N PRO F 986 14.75 -6.75 44.22
CA PRO F 986 13.57 -7.58 44.00
C PRO F 986 12.53 -7.43 45.11
N GLU F 987 12.98 -7.04 46.30
CA GLU F 987 12.13 -6.86 47.47
C GLU F 987 11.23 -5.66 47.28
N THR F 988 11.82 -4.59 46.74
CA THR F 988 11.10 -3.35 46.44
C THR F 988 10.16 -3.57 45.25
N ALA F 989 10.62 -4.36 44.28
CA ALA F 989 9.81 -4.71 43.12
C ALA F 989 8.53 -5.42 43.56
N LYS F 990 8.66 -6.42 44.44
CA LYS F 990 7.51 -7.15 44.97
C LYS F 990 6.50 -6.19 45.61
N GLU F 991 7.03 -5.21 46.34
CA GLU F 991 6.23 -4.21 47.04
C GLU F 991 5.43 -3.36 46.06
N ILE F 992 6.10 -2.84 45.04
CA ILE F 992 5.43 -2.03 44.02
C ILE F 992 4.41 -2.88 43.25
N GLU F 993 4.80 -4.09 42.88
CA GLU F 993 3.91 -4.99 42.16
C GLU F 993 2.63 -5.24 42.94
N LYS F 994 2.77 -5.57 44.23
CA LYS F 994 1.62 -5.85 45.09
C LYS F 994 0.64 -4.69 45.09
N LYS F 995 1.16 -3.47 45.14
CA LYS F 995 0.33 -2.26 45.15
C LYS F 995 -0.33 -2.02 43.82
N VAL F 996 0.40 -2.25 42.74
CA VAL F 996 -0.16 -2.12 41.40
C VAL F 996 -1.34 -3.08 41.24
N ARG F 997 -1.15 -4.33 41.67
CA ARG F 997 -2.20 -5.34 41.60
C ARG F 997 -3.42 -4.94 42.43
N GLU F 998 -3.20 -4.50 43.67
CA GLU F 998 -4.28 -4.02 44.53
C GLU F 998 -5.06 -2.90 43.86
N LEU F 999 -4.34 -1.97 43.25
CA LEU F 999 -4.96 -0.85 42.55
C LEU F 999 -5.72 -1.23 41.29
N LEU F 1000 -5.23 -2.23 40.55
CA LEU F 1000 -5.71 -2.45 39.19
C LEU F 1000 -6.42 -3.77 38.87
N LEU F 1001 -6.29 -4.76 39.75
CA LEU F 1001 -7.02 -6.03 39.58
C LEU F 1001 -8.48 -5.90 39.97
N SER F 1002 -9.36 -6.30 39.06
CA SER F 1002 -10.80 -6.15 39.22
C SER F 1002 -11.41 -7.30 39.99
N ASN F 1003 -10.78 -8.48 39.88
CA ASN F 1003 -11.19 -9.72 40.58
C ASN F 1003 -10.03 -10.33 41.37
N PRO F 1004 -9.67 -9.73 42.52
CA PRO F 1004 -8.51 -10.22 43.25
C PRO F 1004 -8.77 -11.61 43.81
N ASN F 1005 -7.71 -12.41 43.89
CA ASN F 1005 -7.79 -13.83 44.22
C ASN F 1005 -8.06 -14.09 45.69
N SER F 1006 -7.62 -15.24 46.18
CA SER F 1006 -7.74 -15.58 47.60
C SER F 1006 -6.37 -15.86 48.22
N ALA F 1024 5.61 -35.27 53.19
CA ALA F 1024 4.47 -36.22 53.29
C ALA F 1024 3.45 -35.98 52.17
N ILE F 1025 3.32 -34.72 51.76
CA ILE F 1025 2.30 -34.30 50.79
C ILE F 1025 2.77 -34.46 49.33
N ASP F 1026 4.02 -34.06 49.08
CA ASP F 1026 4.61 -34.08 47.74
C ASP F 1026 5.25 -35.43 47.37
N GLU F 1027 5.46 -36.28 48.37
CA GLU F 1027 6.02 -37.61 48.15
C GLU F 1027 4.99 -38.56 47.57
N ASN F 1028 3.72 -38.34 47.90
CA ASN F 1028 2.61 -39.04 47.27
C ASN F 1028 2.48 -38.68 45.80
N LYS F 1029 2.78 -37.43 45.49
CA LYS F 1029 2.71 -36.91 44.12
C LYS F 1029 3.70 -37.60 43.19
N GLN F 1030 4.94 -37.77 43.65
CA GLN F 1030 5.98 -38.40 42.86
C GLN F 1030 5.70 -39.87 42.63
N LYS F 1031 5.14 -40.51 43.65
CA LYS F 1031 4.65 -41.89 43.55
C LYS F 1031 3.68 -42.03 42.38
N ALA F 1032 2.74 -41.09 42.26
CA ALA F 1032 1.75 -41.09 41.19
C ALA F 1032 2.30 -40.57 39.85
N LEU F 1033 3.31 -39.70 39.93
CA LEU F 1033 3.98 -39.16 38.74
C LEU F 1033 4.72 -40.25 37.99
N ALA F 1034 5.65 -40.92 38.68
CA ALA F 1034 6.42 -42.02 38.11
C ALA F 1034 5.50 -43.11 37.56
N ALA F 1035 4.41 -43.36 38.28
CA ALA F 1035 3.39 -44.30 37.83
C ALA F 1035 2.80 -43.93 36.47
N ALA F 1036 2.54 -42.64 36.27
CA ALA F 1036 1.98 -42.14 35.02
C ALA F 1036 3.01 -42.15 33.88
N LEU F 1037 4.23 -41.70 34.19
CA LEU F 1037 5.33 -41.70 33.23
C LEU F 1037 5.66 -43.10 32.73
N GLY F 1038 5.65 -44.06 33.65
CA GLY F 1038 5.84 -45.47 33.30
C GLY F 1038 4.73 -45.97 32.39
N GLN F 1039 3.49 -45.63 32.77
CA GLN F 1039 2.30 -45.97 31.99
C GLN F 1039 2.37 -45.40 30.57
N ILE F 1040 2.78 -44.14 30.46
CA ILE F 1040 2.88 -43.44 29.18
C ILE F 1040 3.91 -44.08 28.27
N GLU F 1041 5.09 -44.36 28.84
CA GLU F 1041 6.20 -44.92 28.08
C GLU F 1041 5.91 -46.34 27.63
N LYS F 1042 5.21 -47.08 28.47
CA LYS F 1042 4.82 -48.45 28.14
C LYS F 1042 3.74 -48.46 27.05
N GLN F 1043 2.99 -47.37 26.98
CA GLN F 1043 1.95 -47.23 25.96
C GLN F 1043 2.45 -46.66 24.64
N PHE F 1044 3.32 -45.65 24.71
CA PHE F 1044 3.73 -44.93 23.51
C PHE F 1044 5.22 -45.04 23.19
N GLY F 1045 5.86 -46.06 23.72
CA GLY F 1045 7.21 -46.38 23.31
C GLY F 1045 8.33 -45.75 24.11
N LYS F 1046 9.55 -46.12 23.71
CA LYS F 1046 10.81 -45.77 24.39
C LYS F 1046 10.80 -44.41 25.08
N GLY F 1047 11.12 -43.36 24.34
CA GLY F 1047 11.26 -42.03 24.95
C GLY F 1047 10.15 -41.07 24.56
N SER F 1048 8.91 -41.52 24.70
CA SER F 1048 7.75 -40.70 24.33
C SER F 1048 7.56 -39.49 25.24
N ILE F 1049 7.98 -39.60 26.50
CA ILE F 1049 8.04 -38.47 27.42
C ILE F 1049 9.30 -38.52 28.27
N MET F 1050 9.98 -37.39 28.41
CA MET F 1050 11.16 -37.30 29.28
C MET F 1050 11.44 -35.86 29.72
N ARG F 1051 12.40 -35.70 30.62
CA ARG F 1051 12.80 -34.38 31.07
C ARG F 1051 13.57 -33.69 29.95
N LEU F 1052 13.22 -32.43 29.70
CA LEU F 1052 13.78 -31.67 28.58
C LEU F 1052 15.31 -31.67 28.58
N GLY F 1053 15.90 -31.46 29.77
CA GLY F 1053 17.33 -31.29 29.91
C GLY F 1053 18.15 -32.48 29.46
N GLU F 1054 17.54 -33.65 29.45
CA GLU F 1054 18.27 -34.86 29.12
C GLU F 1054 17.88 -35.42 27.75
N ASP F 1055 16.96 -34.75 27.07
CA ASP F 1055 16.62 -35.17 25.70
C ASP F 1055 17.66 -34.66 24.72
N ARG F 1056 18.44 -35.59 24.18
CA ARG F 1056 19.52 -35.26 23.26
C ARG F 1056 19.01 -34.83 21.90
N SER F 1057 17.94 -35.48 21.43
CA SER F 1057 17.41 -35.23 20.10
C SER F 1057 16.78 -33.87 20.00
N MET F 1058 16.84 -33.11 21.08
CA MET F 1058 16.24 -31.80 21.16
C MET F 1058 17.28 -30.70 20.90
N ASP F 1059 18.56 -31.06 20.94
CA ASP F 1059 19.66 -30.12 20.76
C ASP F 1059 19.72 -29.61 19.34
N VAL F 1060 20.00 -28.31 19.18
CA VAL F 1060 20.03 -27.73 17.83
C VAL F 1060 21.41 -27.84 17.19
N GLU F 1061 21.44 -28.48 16.01
CA GLU F 1061 22.67 -28.68 15.26
C GLU F 1061 22.52 -28.00 13.91
N THR F 1062 23.55 -27.31 13.43
CA THR F 1062 23.44 -26.52 12.19
C THR F 1062 24.33 -26.95 11.01
N ILE F 1063 23.97 -26.46 9.83
CA ILE F 1063 24.67 -26.70 8.58
C ILE F 1063 25.03 -25.33 7.99
N SER F 1064 26.24 -25.19 7.45
CA SER F 1064 26.62 -23.97 6.76
C SER F 1064 25.73 -23.70 5.56
N THR F 1065 25.45 -22.43 5.30
CA THR F 1065 24.63 -22.03 4.17
C THR F 1065 25.46 -21.84 2.91
N GLY F 1066 26.78 -21.80 3.08
CA GLY F 1066 27.68 -21.50 1.98
C GLY F 1066 28.06 -20.02 1.94
N SER F 1067 27.27 -19.22 2.64
CA SER F 1067 27.61 -17.82 2.90
C SER F 1067 27.99 -17.65 4.36
N LEU F 1068 29.16 -17.05 4.60
CA LEU F 1068 29.65 -16.82 5.95
C LEU F 1068 28.80 -15.77 6.66
N SER F 1069 28.54 -14.66 5.96
CA SER F 1069 27.77 -13.57 6.56
C SER F 1069 26.34 -13.97 6.85
N LEU F 1070 25.81 -14.91 6.07
CA LEU F 1070 24.48 -15.47 6.35
C LEU F 1070 24.52 -16.34 7.61
N ASP F 1071 25.53 -17.20 7.71
CA ASP F 1071 25.72 -18.04 8.90
C ASP F 1071 25.82 -17.16 10.16
N ILE F 1072 26.41 -15.98 10.01
CA ILE F 1072 26.47 -15.00 11.09
C ILE F 1072 25.09 -14.39 11.35
N ALA F 1073 24.43 -13.94 10.29
CA ALA F 1073 23.08 -13.37 10.39
C ALA F 1073 22.13 -14.35 11.04
N LEU F 1074 22.29 -15.64 10.73
CA LEU F 1074 21.44 -16.70 11.29
C LEU F 1074 21.64 -16.91 12.78
N GLY F 1075 22.69 -16.32 13.33
CA GLY F 1075 22.93 -16.36 14.77
C GLY F 1075 23.59 -17.64 15.25
N ALA F 1076 23.04 -18.78 14.85
CA ALA F 1076 23.55 -20.09 15.29
C ALA F 1076 24.57 -20.70 14.33
N GLY F 1077 24.94 -19.94 13.30
CA GLY F 1077 26.01 -20.35 12.39
C GLY F 1077 25.57 -21.22 11.23
N GLY F 1078 24.27 -21.31 11.00
CA GLY F 1078 23.74 -22.06 9.87
C GLY F 1078 22.30 -22.47 10.04
N LEU F 1079 21.79 -23.23 9.08
CA LEU F 1079 20.42 -23.72 9.13
C LEU F 1079 20.31 -24.93 10.08
N PRO F 1080 19.18 -25.06 10.81
CA PRO F 1080 19.07 -26.11 11.81
C PRO F 1080 18.59 -27.47 11.26
N MET F 1081 19.22 -28.54 11.70
CA MET F 1081 18.88 -29.89 11.28
C MET F 1081 17.57 -30.37 11.91
N GLY F 1082 16.78 -31.12 11.15
CA GLY F 1082 15.51 -31.65 11.64
C GLY F 1082 14.39 -30.63 11.65
N ARG F 1083 14.65 -29.48 11.02
CA ARG F 1083 13.70 -28.37 10.97
C ARG F 1083 13.28 -28.09 9.54
N ILE F 1084 12.22 -27.31 9.38
CA ILE F 1084 11.79 -26.80 8.08
C ILE F 1084 12.26 -25.36 7.90
N VAL F 1085 12.74 -25.04 6.71
CA VAL F 1085 13.25 -23.71 6.40
C VAL F 1085 12.62 -23.25 5.09
N GLU F 1086 12.28 -21.97 5.00
CA GLU F 1086 11.76 -21.39 3.75
C GLU F 1086 12.62 -20.25 3.24
N ILE F 1087 12.97 -20.30 1.95
CA ILE F 1087 13.62 -19.18 1.27
C ILE F 1087 12.70 -18.68 0.19
N TYR F 1088 12.40 -17.39 0.24
CA TYR F 1088 11.59 -16.77 -0.80
C TYR F 1088 12.25 -15.50 -1.33
N GLY F 1089 11.78 -15.04 -2.49
CA GLY F 1089 12.34 -13.86 -3.13
C GLY F 1089 11.88 -13.77 -4.57
N PRO F 1090 12.20 -12.65 -5.25
CA PRO F 1090 11.86 -12.41 -6.65
C PRO F 1090 12.58 -13.37 -7.60
N GLU F 1091 12.22 -13.37 -8.88
CA GLU F 1091 12.86 -14.26 -9.86
C GLU F 1091 14.34 -13.97 -10.01
N SER F 1092 15.12 -15.04 -10.20
CA SER F 1092 16.56 -14.95 -10.36
C SER F 1092 17.25 -14.22 -9.21
N SER F 1093 16.72 -14.36 -8.01
CA SER F 1093 17.29 -13.68 -6.84
C SER F 1093 18.41 -14.50 -6.21
N GLY F 1094 18.38 -15.79 -6.47
CA GLY F 1094 19.44 -16.67 -6.01
C GLY F 1094 18.94 -17.79 -5.11
N LYS F 1095 17.63 -18.03 -5.14
CA LYS F 1095 17.02 -19.06 -4.29
C LYS F 1095 17.63 -20.46 -4.56
N THR F 1096 17.57 -20.93 -5.81
CA THR F 1096 18.17 -22.21 -6.15
C THR F 1096 19.66 -22.24 -5.87
N THR F 1097 20.37 -21.22 -6.36
CA THR F 1097 21.82 -21.13 -6.17
C THR F 1097 22.18 -21.32 -4.71
N LEU F 1098 21.58 -20.54 -3.83
CA LEU F 1098 21.87 -20.63 -2.40
C LEU F 1098 21.60 -22.04 -1.91
N THR F 1099 20.39 -22.55 -2.20
CA THR F 1099 20.02 -23.93 -1.94
C THR F 1099 21.13 -24.95 -2.32
N LEU F 1100 21.61 -24.88 -3.56
CA LEU F 1100 22.64 -25.78 -4.05
C LEU F 1100 23.94 -25.63 -3.27
N GLN F 1101 24.26 -24.39 -2.90
CA GLN F 1101 25.45 -24.12 -2.11
C GLN F 1101 25.40 -24.82 -0.75
N VAL F 1102 24.22 -24.84 -0.10
CA VAL F 1102 24.11 -25.55 1.19
C VAL F 1102 24.25 -27.05 0.98
N ILE F 1103 23.65 -27.57 -0.09
CA ILE F 1103 23.84 -28.98 -0.48
C ILE F 1103 25.32 -29.29 -0.68
N ALA F 1104 25.98 -28.48 -1.51
CA ALA F 1104 27.41 -28.64 -1.77
C ALA F 1104 28.21 -28.73 -0.48
N ALA F 1105 27.96 -27.80 0.43
CA ALA F 1105 28.64 -27.76 1.73
C ALA F 1105 28.34 -29.01 2.56
N ALA F 1106 27.08 -29.44 2.52
CA ALA F 1106 26.65 -30.63 3.27
C ALA F 1106 27.29 -31.90 2.72
N GLN F 1107 27.38 -31.99 1.41
CA GLN F 1107 28.01 -33.13 0.74
C GLN F 1107 29.51 -33.15 1.03
N ARG F 1108 30.11 -31.97 1.10
CA ARG F 1108 31.51 -31.81 1.47
C ARG F 1108 31.80 -32.43 2.83
N GLU F 1109 30.74 -32.70 3.61
CA GLU F 1109 30.88 -33.31 4.93
C GLU F 1109 30.17 -34.66 5.04
N GLY F 1110 30.04 -35.35 3.91
CA GLY F 1110 29.53 -36.72 3.88
C GLY F 1110 28.06 -36.87 4.15
N LYS F 1111 27.29 -35.82 3.94
CA LYS F 1111 25.84 -35.87 4.13
C LYS F 1111 25.14 -36.20 2.82
N THR F 1112 24.02 -36.91 2.92
CA THR F 1112 23.25 -37.28 1.73
C THR F 1112 22.15 -36.25 1.51
N CYS F 1113 22.01 -35.78 0.28
CA CYS F 1113 21.03 -34.74 -0.05
C CYS F 1113 20.11 -35.14 -1.17
N ALA F 1114 18.88 -34.63 -1.12
CA ALA F 1114 17.90 -34.85 -2.16
C ALA F 1114 17.38 -33.51 -2.66
N PHE F 1115 17.14 -33.44 -3.96
CA PHE F 1115 16.59 -32.23 -4.56
C PHE F 1115 15.30 -32.56 -5.28
N ILE F 1116 14.22 -31.94 -4.86
CA ILE F 1116 12.94 -32.12 -5.52
C ILE F 1116 12.69 -30.94 -6.47
N ASP F 1117 12.93 -31.15 -7.75
CA ASP F 1117 12.83 -30.09 -8.74
C ASP F 1117 11.42 -30.01 -9.34
N ALA F 1118 10.47 -29.53 -8.53
CA ALA F 1118 9.08 -29.41 -8.96
C ALA F 1118 8.94 -28.30 -10.00
N GLU F 1119 9.91 -27.39 -10.00
CA GLU F 1119 9.91 -26.25 -10.89
C GLU F 1119 10.43 -26.65 -12.26
N HIS F 1120 11.04 -27.85 -12.33
CA HIS F 1120 11.54 -28.46 -13.57
C HIS F 1120 12.54 -27.58 -14.33
N ALA F 1121 13.51 -27.02 -13.61
CA ALA F 1121 14.43 -26.05 -14.20
C ALA F 1121 15.87 -26.20 -13.73
N LEU F 1122 16.16 -27.27 -12.98
CA LEU F 1122 17.51 -27.53 -12.48
C LEU F 1122 18.47 -27.90 -13.61
N ASP F 1123 19.60 -27.21 -13.66
CA ASP F 1123 20.66 -27.53 -14.63
C ASP F 1123 21.77 -28.28 -13.91
N PRO F 1124 21.88 -29.60 -14.17
CA PRO F 1124 22.88 -30.43 -13.50
C PRO F 1124 24.30 -29.90 -13.68
N ILE F 1125 24.62 -29.47 -14.90
CA ILE F 1125 25.96 -28.96 -15.19
C ILE F 1125 26.27 -27.71 -14.36
N TYR F 1126 25.28 -26.85 -14.17
CA TYR F 1126 25.50 -25.66 -13.36
C TYR F 1126 25.63 -26.03 -11.88
N ALA F 1127 24.82 -26.99 -11.43
CA ALA F 1127 24.91 -27.47 -10.06
C ALA F 1127 26.32 -27.98 -9.77
N ARG F 1128 26.91 -28.67 -10.75
CA ARG F 1128 28.28 -29.15 -10.62
C ARG F 1128 29.25 -27.98 -10.50
N LYS F 1129 29.07 -26.96 -11.33
CA LYS F 1129 29.91 -25.77 -11.27
C LYS F 1129 29.88 -25.13 -9.89
N LEU F 1130 28.74 -25.21 -9.21
CA LEU F 1130 28.60 -24.67 -7.87
C LEU F 1130 29.19 -25.61 -6.80
N GLY F 1131 29.74 -26.73 -7.24
CA GLY F 1131 30.43 -27.65 -6.36
C GLY F 1131 29.55 -28.73 -5.76
N VAL F 1132 28.40 -28.97 -6.38
CA VAL F 1132 27.54 -30.06 -5.96
C VAL F 1132 28.08 -31.36 -6.56
N ASP F 1133 28.15 -32.39 -5.72
CA ASP F 1133 28.45 -33.73 -6.20
C ASP F 1133 27.21 -34.31 -6.87
N ILE F 1134 27.16 -34.16 -8.19
CA ILE F 1134 26.00 -34.52 -9.02
C ILE F 1134 25.65 -35.99 -8.91
N ASP F 1135 26.68 -36.83 -8.88
CA ASP F 1135 26.51 -38.27 -8.91
C ASP F 1135 25.89 -38.87 -7.65
N ASN F 1136 25.90 -38.09 -6.57
CA ASN F 1136 25.35 -38.56 -5.30
C ASN F 1136 24.16 -37.75 -4.82
N LEU F 1137 23.87 -36.66 -5.53
CA LEU F 1137 22.71 -35.84 -5.22
C LEU F 1137 21.45 -36.53 -5.74
N LEU F 1138 20.65 -37.04 -4.80
CA LEU F 1138 19.34 -37.61 -5.16
C LEU F 1138 18.46 -36.52 -5.76
N CYS F 1139 17.75 -36.87 -6.82
CA CYS F 1139 16.99 -35.88 -7.54
C CYS F 1139 15.71 -36.43 -8.14
N SER F 1140 14.62 -35.68 -7.93
CA SER F 1140 13.31 -36.08 -8.39
C SER F 1140 12.62 -34.95 -9.13
N GLN F 1141 11.93 -35.30 -10.21
CA GLN F 1141 11.08 -34.34 -10.91
C GLN F 1141 9.65 -34.88 -10.90
N PRO F 1142 8.91 -34.58 -9.84
CA PRO F 1142 7.61 -35.19 -9.55
C PRO F 1142 6.51 -34.69 -10.48
N ASP F 1143 5.46 -35.47 -10.64
CA ASP F 1143 4.35 -35.08 -11.50
C ASP F 1143 3.39 -34.17 -10.76
N THR F 1144 2.89 -34.64 -9.61
CA THR F 1144 1.97 -33.87 -8.79
C THR F 1144 2.66 -33.37 -7.52
N GLY F 1145 2.08 -32.36 -6.88
CA GLY F 1145 2.57 -31.83 -5.63
C GLY F 1145 2.48 -32.85 -4.51
N GLU F 1146 1.39 -33.62 -4.50
CA GLU F 1146 1.22 -34.69 -3.52
C GLU F 1146 2.36 -35.70 -3.60
N GLN F 1147 2.71 -36.10 -4.84
CA GLN F 1147 3.84 -36.98 -5.09
C GLN F 1147 5.13 -36.39 -4.53
N ALA F 1148 5.39 -35.12 -4.84
CA ALA F 1148 6.58 -34.41 -4.35
C ALA F 1148 6.70 -34.50 -2.83
N LEU F 1149 5.59 -34.28 -2.15
CA LEU F 1149 5.60 -34.26 -0.70
C LEU F 1149 5.62 -35.67 -0.11
N GLU F 1150 4.99 -36.62 -0.80
CA GLU F 1150 5.04 -38.02 -0.39
C GLU F 1150 6.47 -38.55 -0.49
N ILE F 1151 7.21 -38.06 -1.47
CA ILE F 1151 8.60 -38.41 -1.62
C ILE F 1151 9.41 -37.87 -0.45
N CYS F 1152 9.16 -36.62 -0.08
CA CYS F 1152 9.81 -36.00 1.07
C CYS F 1152 9.58 -36.81 2.33
N ASP F 1153 8.33 -37.21 2.53
CA ASP F 1153 7.96 -37.92 3.74
C ASP F 1153 8.66 -39.25 3.80
N ALA F 1154 8.72 -39.94 2.66
CA ALA F 1154 9.44 -41.22 2.56
C ALA F 1154 10.92 -41.08 2.90
N LEU F 1155 11.57 -40.06 2.33
CA LEU F 1155 12.98 -39.80 2.60
C LEU F 1155 13.21 -39.37 4.04
N ALA F 1156 12.30 -38.53 4.57
CA ALA F 1156 12.35 -38.14 5.98
C ALA F 1156 12.32 -39.40 6.85
N ARG F 1157 11.29 -40.23 6.67
CA ARG F 1157 11.11 -41.45 7.46
C ARG F 1157 12.30 -42.39 7.37
N SER F 1158 12.92 -42.48 6.19
CA SER F 1158 14.04 -43.42 5.96
C SER F 1158 15.22 -43.16 6.91
N GLY F 1159 15.39 -41.91 7.31
CA GLY F 1159 16.51 -41.50 8.17
C GLY F 1159 17.85 -41.54 7.44
N ALA F 1160 17.79 -41.67 6.13
CA ALA F 1160 18.98 -41.85 5.30
C ALA F 1160 19.40 -40.57 4.59
N VAL F 1161 18.48 -39.63 4.47
CA VAL F 1161 18.77 -38.35 3.83
C VAL F 1161 18.93 -37.24 4.90
N ASP F 1162 19.94 -36.39 4.71
CA ASP F 1162 20.28 -35.36 5.69
C ASP F 1162 19.65 -34.02 5.37
N VAL F 1163 19.70 -33.63 4.10
CA VAL F 1163 19.03 -32.41 3.65
C VAL F 1163 18.21 -32.63 2.38
N ILE F 1164 16.96 -32.21 2.41
CA ILE F 1164 16.08 -32.25 1.25
C ILE F 1164 15.70 -30.82 0.91
N VAL F 1165 15.81 -30.46 -0.37
CA VAL F 1165 15.25 -29.18 -0.81
C VAL F 1165 14.16 -29.35 -1.87
N VAL F 1166 13.06 -28.62 -1.69
CA VAL F 1166 11.95 -28.61 -2.64
C VAL F 1166 12.00 -27.27 -3.37
N ASP F 1167 12.30 -27.31 -4.68
CA ASP F 1167 12.39 -26.07 -5.47
C ASP F 1167 11.03 -25.66 -6.00
N SER F 1168 10.52 -24.59 -5.38
CA SER F 1168 9.22 -23.93 -5.61
C SER F 1168 8.04 -24.70 -5.06
N VAL F 1169 7.51 -24.23 -3.94
CA VAL F 1169 6.22 -24.71 -3.46
C VAL F 1169 5.19 -24.19 -4.49
N ALA F 1170 5.50 -23.04 -5.07
CA ALA F 1170 4.71 -22.45 -6.14
C ALA F 1170 4.39 -23.46 -7.23
N ALA F 1171 5.33 -24.35 -7.50
CA ALA F 1171 5.21 -25.34 -8.55
C ALA F 1171 4.60 -26.68 -8.09
N LEU F 1172 4.34 -26.79 -6.78
CA LEU F 1172 3.71 -27.98 -6.21
C LEU F 1172 2.22 -28.06 -6.58
N THR F 1173 1.93 -28.54 -7.79
CA THR F 1173 0.57 -28.58 -8.32
C THR F 1173 -0.22 -29.77 -7.82
N PRO F 1174 -1.33 -29.51 -7.10
CA PRO F 1174 -2.23 -30.57 -6.63
C PRO F 1174 -2.70 -31.48 -7.76
N LYS F 1175 -2.94 -32.75 -7.42
CA LYS F 1175 -3.29 -33.77 -8.39
C LYS F 1175 -4.57 -33.44 -9.13
N ALA F 1176 -5.55 -32.90 -8.40
CA ALA F 1176 -6.84 -32.54 -8.98
C ALA F 1176 -6.70 -31.40 -9.98
N GLU F 1177 -5.76 -30.50 -9.74
CA GLU F 1177 -5.49 -29.38 -10.64
C GLU F 1177 -4.87 -29.83 -11.93
N ILE F 1178 -3.94 -30.78 -11.82
CA ILE F 1178 -3.29 -31.35 -12.99
C ILE F 1178 -4.26 -32.11 -13.86
N GLU F 1179 -5.14 -32.89 -13.24
CA GLU F 1179 -6.15 -33.64 -13.97
C GLU F 1179 -7.30 -32.76 -14.46
N GLY F 1180 -7.56 -31.68 -13.72
CA GLY F 1180 -8.54 -30.67 -14.13
C GLY F 1180 -8.07 -29.83 -15.31
N GLU F 1181 -8.95 -28.97 -15.79
CA GLU F 1181 -8.63 -28.08 -16.90
C GLU F 1181 -8.07 -26.74 -16.42
N ILE F 1182 -7.47 -25.98 -17.34
CA ILE F 1182 -7.01 -24.63 -17.04
C ILE F 1182 -8.23 -23.73 -16.99
N GLY F 1183 -8.43 -23.11 -15.83
CA GLY F 1183 -9.59 -22.27 -15.59
C GLY F 1183 -10.48 -22.87 -14.52
N ASP F 1184 -10.27 -24.15 -14.22
CA ASP F 1184 -10.97 -24.83 -13.15
C ASP F 1184 -10.60 -24.21 -11.82
N SER F 1185 -11.57 -24.08 -10.93
CA SER F 1185 -11.36 -23.45 -9.66
C SER F 1185 -11.09 -24.50 -8.59
N HIS F 1186 -9.96 -24.37 -7.90
CA HIS F 1186 -9.60 -25.29 -6.81
C HIS F 1186 -9.34 -24.52 -5.54
N MET F 1187 -10.38 -23.90 -4.99
CA MET F 1187 -10.25 -23.02 -3.82
C MET F 1187 -9.49 -23.65 -2.67
N GLY F 1188 -8.43 -22.97 -2.26
CA GLY F 1188 -7.59 -23.41 -1.14
C GLY F 1188 -6.99 -24.80 -1.17
N LEU F 1189 -6.96 -25.45 -2.34
CA LEU F 1189 -6.50 -26.84 -2.43
C LEU F 1189 -5.01 -26.96 -2.11
N ALA F 1190 -4.18 -26.15 -2.76
CA ALA F 1190 -2.74 -26.18 -2.54
C ALA F 1190 -2.42 -25.81 -1.11
N ALA F 1191 -3.20 -24.86 -0.58
CA ALA F 1191 -3.01 -24.40 0.78
C ALA F 1191 -3.30 -25.52 1.76
N ARG F 1192 -4.39 -26.23 1.51
CA ARG F 1192 -4.87 -27.30 2.37
C ARG F 1192 -3.90 -28.49 2.31
N MET F 1193 -3.34 -28.72 1.12
CA MET F 1193 -2.36 -29.77 0.88
C MET F 1193 -1.06 -29.46 1.63
N MET F 1194 -0.59 -28.22 1.53
CA MET F 1194 0.59 -27.75 2.26
C MET F 1194 0.40 -27.87 3.77
N SER F 1195 -0.80 -27.50 4.22
CA SER F 1195 -1.15 -27.54 5.63
C SER F 1195 -1.08 -28.98 6.14
N GLN F 1196 -1.57 -29.92 5.32
CA GLN F 1196 -1.49 -31.34 5.64
C GLN F 1196 -0.05 -31.82 5.66
N ALA F 1197 0.73 -31.41 4.67
CA ALA F 1197 2.13 -31.81 4.55
C ALA F 1197 2.92 -31.45 5.81
N MET F 1198 2.78 -30.21 6.27
CA MET F 1198 3.50 -29.77 7.46
C MET F 1198 3.23 -30.66 8.66
N ARG F 1199 1.96 -30.93 8.93
CA ARG F 1199 1.54 -31.80 10.02
C ARG F 1199 2.30 -33.13 10.00
N LYS F 1200 2.30 -33.79 8.84
CA LYS F 1200 2.97 -35.07 8.65
C LYS F 1200 4.49 -34.99 8.65
N LEU F 1201 5.06 -33.94 8.05
CA LEU F 1201 6.51 -33.83 7.92
C LEU F 1201 7.22 -33.45 9.21
N ALA F 1202 6.73 -32.43 9.90
CA ALA F 1202 7.39 -31.87 11.07
C ALA F 1202 7.97 -32.95 11.98
N GLY F 1203 7.13 -33.92 12.34
CA GLY F 1203 7.55 -35.00 13.24
C GLY F 1203 8.59 -35.93 12.67
N ASN F 1204 8.39 -36.37 11.44
CA ASN F 1204 9.31 -37.25 10.74
C ASN F 1204 10.67 -36.61 10.51
N LEU F 1205 10.68 -35.31 10.28
CA LEU F 1205 11.91 -34.59 10.03
C LEU F 1205 12.76 -34.46 11.28
N LYS F 1206 12.10 -34.19 12.41
CA LYS F 1206 12.79 -34.05 13.67
C LYS F 1206 13.41 -35.39 14.10
N GLN F 1207 12.64 -36.46 14.03
CA GLN F 1207 13.13 -37.78 14.45
C GLN F 1207 14.23 -38.35 13.57
N SER F 1208 14.37 -37.82 12.36
CA SER F 1208 15.39 -38.26 11.43
C SER F 1208 16.54 -37.27 11.37
N ASN F 1209 16.37 -36.14 12.04
CA ASN F 1209 17.33 -35.04 12.00
C ASN F 1209 17.59 -34.55 10.58
N THR F 1210 16.53 -34.53 9.78
CA THR F 1210 16.60 -34.13 8.37
C THR F 1210 16.18 -32.70 8.20
N LEU F 1211 17.03 -31.90 7.55
CA LEU F 1211 16.67 -30.51 7.23
C LEU F 1211 15.87 -30.48 5.92
N LEU F 1212 14.76 -29.75 5.92
CA LEU F 1212 13.96 -29.60 4.72
C LEU F 1212 13.86 -28.13 4.32
N ILE F 1213 14.40 -27.79 3.15
CA ILE F 1213 14.31 -26.41 2.66
C ILE F 1213 13.25 -26.27 1.57
N PHE F 1214 12.30 -25.35 1.79
CA PHE F 1214 11.31 -25.01 0.77
C PHE F 1214 11.69 -23.71 0.08
N ILE F 1215 11.81 -23.74 -1.24
CA ILE F 1215 11.94 -22.50 -1.99
C ILE F 1215 10.55 -22.00 -2.38
N ASN F 1216 10.27 -20.73 -2.12
CA ASN F 1216 8.99 -20.16 -2.51
C ASN F 1216 9.14 -18.93 -3.40
N GLN F 1217 8.13 -18.68 -4.23
CA GLN F 1217 8.10 -17.51 -5.08
C GLN F 1217 7.24 -16.45 -4.41
N ILE F 1218 7.32 -15.23 -4.93
CA ILE F 1218 6.50 -14.13 -4.44
C ILE F 1218 5.31 -13.89 -5.37
N ARG F 1219 4.13 -13.74 -4.79
CA ARG F 1219 2.99 -13.22 -5.53
C ARG F 1219 2.59 -11.92 -4.88
N MET F 1220 1.80 -11.14 -5.60
CA MET F 1220 1.29 -9.89 -5.08
C MET F 1220 -0.10 -10.17 -4.55
N LYS F 1221 -0.40 -9.73 -3.34
CA LYS F 1221 -1.77 -9.78 -2.84
C LYS F 1221 -2.43 -8.49 -3.25
N ILE F 1222 -3.73 -8.54 -3.50
CA ILE F 1222 -4.40 -7.39 -4.13
C ILE F 1222 -5.55 -6.85 -3.28
N GLY F 1223 -5.60 -5.53 -3.14
CA GLY F 1223 -6.57 -4.85 -2.27
C GLY F 1223 -5.97 -4.49 -0.91
N VAL F 1224 -4.72 -4.04 -0.93
CA VAL F 1224 -3.92 -3.80 0.29
C VAL F 1224 -3.16 -2.46 0.18
N MET F 1225 -3.48 -1.52 1.06
CA MET F 1225 -2.87 -0.19 1.04
C MET F 1225 -1.82 0.00 2.13
N PHE F 1226 -2.06 -0.63 3.28
CA PHE F 1226 -1.12 -0.72 4.39
C PHE F 1226 0.01 -1.72 4.07
N GLY F 1227 1.03 -1.75 4.93
CA GLY F 1227 2.11 -2.75 4.86
C GLY F 1227 2.69 -2.94 3.48
N ASN F 1228 2.99 -4.19 3.15
CA ASN F 1228 3.51 -4.49 1.82
C ASN F 1228 2.67 -5.56 1.13
N PRO F 1229 2.54 -5.45 -0.20
CA PRO F 1229 1.59 -6.31 -0.92
C PRO F 1229 2.11 -7.70 -1.27
N GLU F 1230 3.34 -8.03 -0.89
CA GLU F 1230 3.94 -9.31 -1.28
C GLU F 1230 3.43 -10.46 -0.46
N THR F 1231 3.37 -11.64 -1.07
CA THR F 1231 3.07 -12.89 -0.37
C THR F 1231 3.84 -14.05 -0.97
N THR F 1232 3.43 -15.23 -0.55
CA THR F 1232 4.15 -16.43 -0.73
C THR F 1232 3.10 -17.45 -1.16
N THR F 1233 3.46 -18.39 -2.02
CA THR F 1233 2.48 -19.34 -2.51
C THR F 1233 2.18 -20.42 -1.47
N GLY F 1234 1.02 -21.06 -1.59
CA GLY F 1234 0.72 -22.28 -0.84
C GLY F 1234 0.29 -22.06 0.60
N GLY F 1235 -0.44 -21.00 0.83
CA GLY F 1235 -1.12 -20.81 2.11
C GLY F 1235 -0.27 -20.33 3.26
N ASN F 1236 -0.76 -20.60 4.47
CA ASN F 1236 -0.20 -20.04 5.68
C ASN F 1236 0.55 -21.02 6.55
N ALA F 1237 0.40 -22.32 6.27
CA ALA F 1237 0.99 -23.36 7.09
C ALA F 1237 2.49 -23.17 7.21
N LEU F 1238 3.17 -22.99 6.08
CA LEU F 1238 4.62 -22.93 6.08
C LEU F 1238 5.22 -21.81 6.94
N LYS F 1239 4.58 -20.64 6.94
CA LYS F 1239 5.06 -19.51 7.77
C LYS F 1239 5.29 -19.98 9.21
N PHE F 1240 4.34 -20.79 9.69
CA PHE F 1240 4.32 -21.20 11.08
C PHE F 1240 5.34 -22.29 11.35
N TYR F 1241 5.40 -23.30 10.47
CA TYR F 1241 6.22 -24.48 10.69
C TYR F 1241 7.69 -24.20 10.45
N ALA F 1242 8.00 -23.25 9.56
CA ALA F 1242 9.39 -22.88 9.31
C ALA F 1242 10.08 -22.40 10.59
N SER F 1243 11.30 -22.89 10.83
CA SER F 1243 12.08 -22.46 11.98
C SER F 1243 12.93 -21.27 11.58
N VAL F 1244 13.17 -21.16 10.28
CA VAL F 1244 13.90 -20.03 9.69
C VAL F 1244 13.25 -19.65 8.36
N ARG F 1245 13.02 -18.36 8.17
CA ARG F 1245 12.56 -17.86 6.88
C ARG F 1245 13.53 -16.82 6.31
N LEU F 1246 13.94 -17.03 5.07
CA LEU F 1246 14.92 -16.15 4.42
C LEU F 1246 14.29 -15.41 3.26
N ASP F 1247 14.48 -14.08 3.24
CA ASP F 1247 14.05 -13.22 2.15
C ASP F 1247 15.30 -12.82 1.39
N ILE F 1248 15.49 -13.44 0.21
CA ILE F 1248 16.67 -13.16 -0.64
C ILE F 1248 16.33 -12.22 -1.77
N ARG F 1249 17.23 -11.28 -2.07
CA ARG F 1249 17.01 -10.27 -3.10
C ARG F 1249 18.27 -9.86 -3.82
N ARG F 1250 18.17 -9.67 -5.14
CA ARG F 1250 19.27 -9.12 -5.92
C ARG F 1250 19.23 -7.61 -5.75
N ILE F 1251 20.34 -7.02 -5.33
CA ILE F 1251 20.35 -5.59 -5.05
C ILE F 1251 21.22 -4.78 -6.01
N GLY F 1252 22.03 -5.49 -6.79
CA GLY F 1252 22.91 -4.85 -7.77
C GLY F 1252 23.67 -5.85 -8.61
N ALA F 1253 24.45 -5.32 -9.56
CA ALA F 1253 25.25 -6.15 -10.45
C ALA F 1253 26.73 -6.10 -10.07
N VAL F 1254 27.40 -7.24 -10.14
CA VAL F 1254 28.85 -7.31 -9.98
C VAL F 1254 29.43 -7.16 -11.39
N LYS F 1255 30.11 -6.03 -11.62
CA LYS F 1255 30.59 -5.72 -12.95
C LYS F 1255 32.10 -5.88 -13.14
N GLU F 1256 32.46 -6.22 -14.37
CA GLU F 1256 33.85 -6.35 -14.81
C GLU F 1256 34.08 -5.30 -15.88
N GLY F 1257 33.96 -4.04 -15.51
CA GLY F 1257 33.95 -2.94 -16.47
C GLY F 1257 32.75 -3.10 -17.39
N GLU F 1258 32.95 -3.85 -18.47
CA GLU F 1258 31.90 -4.15 -19.43
C GLU F 1258 30.93 -5.19 -18.90
N ASN F 1259 31.44 -6.34 -18.51
CA ASN F 1259 30.63 -7.52 -18.24
C ASN F 1259 29.88 -7.53 -16.93
N VAL F 1260 28.71 -8.17 -16.92
CA VAL F 1260 28.00 -8.43 -15.70
C VAL F 1260 28.35 -9.87 -15.32
N VAL F 1261 29.21 -10.01 -14.32
CA VAL F 1261 29.78 -11.30 -13.97
C VAL F 1261 29.16 -11.93 -12.70
N GLY F 1262 28.29 -11.17 -12.04
CA GLY F 1262 27.61 -11.64 -10.84
C GLY F 1262 26.47 -10.77 -10.33
N SER F 1263 25.75 -11.30 -9.34
CA SER F 1263 24.66 -10.57 -8.68
C SER F 1263 25.08 -10.19 -7.27
N GLU F 1264 24.98 -8.91 -6.95
CA GLU F 1264 25.13 -8.44 -5.59
C GLU F 1264 23.86 -8.81 -4.83
N THR F 1265 24.00 -9.50 -3.70
CA THR F 1265 22.85 -10.15 -3.07
C THR F 1265 22.67 -9.78 -1.60
N ARG F 1266 21.41 -9.68 -1.17
CA ARG F 1266 21.08 -9.43 0.23
C ARG F 1266 20.04 -10.42 0.73
N VAL F 1267 20.33 -11.07 1.86
CA VAL F 1267 19.37 -11.99 2.49
C VAL F 1267 18.95 -11.43 3.84
N LYS F 1268 17.64 -11.31 4.08
CA LYS F 1268 17.12 -10.94 5.38
C LYS F 1268 16.60 -12.18 6.11
N VAL F 1269 16.92 -12.29 7.39
CA VAL F 1269 16.37 -13.36 8.20
C VAL F 1269 15.04 -12.87 8.77
N VAL F 1270 13.97 -13.26 8.10
CA VAL F 1270 12.64 -12.75 8.37
C VAL F 1270 12.01 -13.45 9.56
N LYS F 1271 12.28 -14.75 9.71
CA LYS F 1271 11.84 -15.51 10.88
C LYS F 1271 12.98 -16.35 11.42
N ASN F 1272 13.09 -16.41 12.74
CA ASN F 1272 14.12 -17.23 13.39
C ASN F 1272 13.69 -17.78 14.74
N LYS F 1273 13.64 -19.10 14.83
CA LYS F 1273 13.26 -19.81 16.05
C LYS F 1273 14.50 -20.32 16.77
N ILE F 1274 15.66 -20.02 16.19
CA ILE F 1274 16.91 -20.67 16.56
C ILE F 1274 17.91 -19.67 17.16
N ALA F 1275 17.71 -18.40 16.81
CA ALA F 1275 18.49 -17.25 17.28
C ALA F 1275 17.63 -16.01 17.03
N ALA F 1276 18.12 -14.83 17.44
CA ALA F 1276 17.44 -13.57 17.16
C ALA F 1276 17.23 -13.38 15.65
N PRO F 1277 16.02 -12.95 15.24
CA PRO F 1277 15.72 -12.68 13.84
C PRO F 1277 16.12 -11.27 13.38
N PHE F 1278 15.90 -11.00 12.09
CA PHE F 1278 16.02 -9.67 11.49
C PHE F 1278 17.44 -9.16 11.28
N LYS F 1279 18.43 -10.05 11.38
CA LYS F 1279 19.77 -9.70 10.93
C LYS F 1279 19.82 -9.95 9.43
N GLN F 1280 20.77 -9.33 8.75
CA GLN F 1280 20.87 -9.54 7.31
C GLN F 1280 22.28 -9.75 6.80
N ALA F 1281 22.39 -10.37 5.63
CA ALA F 1281 23.67 -10.70 5.05
C ALA F 1281 23.75 -10.22 3.62
N GLU F 1282 24.84 -9.55 3.28
CA GLU F 1282 25.10 -9.15 1.90
C GLU F 1282 26.32 -9.88 1.36
N PHE F 1283 26.20 -10.44 0.17
CA PHE F 1283 27.31 -11.15 -0.46
C PHE F 1283 27.16 -11.12 -1.97
N GLN F 1284 28.12 -11.73 -2.66
CA GLN F 1284 28.08 -11.78 -4.11
C GLN F 1284 27.80 -13.18 -4.60
N ILE F 1285 26.91 -13.30 -5.59
CA ILE F 1285 26.77 -14.53 -6.34
C ILE F 1285 27.47 -14.34 -7.67
N LEU F 1286 28.63 -14.99 -7.81
CA LEU F 1286 29.36 -14.93 -9.06
C LEU F 1286 28.89 -16.06 -9.95
N TYR F 1287 28.39 -15.70 -11.13
CA TYR F 1287 27.79 -16.68 -12.05
C TYR F 1287 28.80 -17.77 -12.42
N GLY F 1288 28.35 -19.02 -12.34
CA GLY F 1288 29.19 -20.17 -12.69
C GLY F 1288 30.18 -20.55 -11.60
N GLU F 1289 30.22 -19.75 -10.54
CA GLU F 1289 31.13 -20.00 -9.43
C GLU F 1289 30.35 -20.24 -8.14
N GLY F 1290 29.38 -19.37 -7.85
CA GLY F 1290 28.58 -19.47 -6.63
C GLY F 1290 28.73 -18.26 -5.73
N ILE F 1291 28.37 -18.44 -4.47
CA ILE F 1291 28.54 -17.43 -3.45
C ILE F 1291 30.02 -17.11 -3.35
N ASN F 1292 30.36 -15.91 -3.79
CA ASN F 1292 31.70 -15.39 -3.64
C ASN F 1292 32.09 -15.38 -2.17
N PHE F 1293 32.65 -16.50 -1.73
CA PHE F 1293 32.96 -16.73 -0.32
C PHE F 1293 34.13 -15.88 0.13
N TYR F 1294 35.19 -15.84 -0.66
CA TYR F 1294 36.37 -15.08 -0.29
C TYR F 1294 36.12 -13.59 -0.37
N GLY F 1295 35.20 -13.19 -1.24
CA GLY F 1295 34.71 -11.81 -1.27
C GLY F 1295 34.15 -11.40 0.09
N GLU F 1296 33.28 -12.24 0.64
CA GLU F 1296 32.73 -12.03 1.98
C GLU F 1296 33.87 -11.93 3.00
N LEU F 1297 34.80 -12.88 2.94
CA LEU F 1297 35.89 -12.94 3.87
C LEU F 1297 36.69 -11.65 3.91
N VAL F 1298 36.95 -11.06 2.74
CA VAL F 1298 37.61 -9.77 2.67
C VAL F 1298 36.78 -8.72 3.41
N ASP F 1299 35.52 -8.55 3.03
CA ASP F 1299 34.66 -7.53 3.65
C ASP F 1299 34.51 -7.69 5.15
N LEU F 1300 34.30 -8.93 5.59
CA LEU F 1300 34.17 -9.25 7.01
C LEU F 1300 35.50 -9.02 7.75
N GLY F 1301 36.60 -9.37 7.09
CA GLY F 1301 37.94 -9.18 7.64
C GLY F 1301 38.26 -7.71 7.85
N VAL F 1302 37.98 -6.91 6.82
CA VAL F 1302 38.21 -5.47 6.88
C VAL F 1302 37.34 -4.83 7.96
N LYS F 1303 36.07 -5.25 8.01
CA LYS F 1303 35.10 -4.75 8.98
C LYS F 1303 35.55 -5.04 10.41
N GLU F 1304 36.16 -6.21 10.62
CA GLU F 1304 36.59 -6.63 11.96
C GLU F 1304 38.02 -6.23 12.29
N LYS F 1305 38.62 -5.39 11.44
CA LYS F 1305 39.99 -4.87 11.61
C LYS F 1305 41.05 -5.98 11.63
N LEU F 1306 40.76 -7.09 10.95
CA LEU F 1306 41.74 -8.16 10.76
C LEU F 1306 42.52 -7.92 9.48
N ILE F 1307 41.88 -7.28 8.50
CA ILE F 1307 42.54 -6.88 7.27
C ILE F 1307 42.56 -5.37 7.19
N GLU F 1308 43.73 -4.83 6.87
CA GLU F 1308 43.94 -3.40 6.74
C GLU F 1308 43.48 -2.92 5.37
N LYS F 1309 42.85 -1.76 5.32
CA LYS F 1309 42.48 -1.15 4.04
C LYS F 1309 42.94 0.30 3.96
N ALA F 1310 44.05 0.53 3.25
CA ALA F 1310 44.60 1.87 3.04
C ALA F 1310 44.23 2.39 1.65
N GLY F 1311 43.02 2.96 1.56
CA GLY F 1311 42.47 3.42 0.28
C GLY F 1311 42.01 2.25 -0.57
N ALA F 1312 42.85 1.87 -1.52
CA ALA F 1312 42.58 0.70 -2.37
C ALA F 1312 43.49 -0.48 -2.00
N TRP F 1313 44.47 -0.23 -1.14
CA TRP F 1313 45.44 -1.25 -0.74
C TRP F 1313 45.01 -2.08 0.47
N TYR F 1314 44.88 -3.38 0.26
CA TYR F 1314 44.53 -4.32 1.31
C TYR F 1314 45.78 -4.98 1.89
N SER F 1315 45.98 -4.84 3.20
CA SER F 1315 47.11 -5.45 3.87
C SER F 1315 46.64 -6.46 4.91
N TYR F 1316 47.42 -7.54 5.08
CA TYR F 1316 47.18 -8.46 6.20
C TYR F 1316 48.47 -8.64 6.99
N LYS F 1317 48.40 -8.24 8.26
CA LYS F 1317 49.55 -8.29 9.17
C LYS F 1317 50.80 -7.69 8.55
N GLY F 1318 50.67 -6.45 8.07
CA GLY F 1318 51.81 -5.70 7.52
C GLY F 1318 52.08 -5.99 6.05
N GLU F 1319 51.93 -7.25 5.67
CA GLU F 1319 52.12 -7.71 4.30
C GLU F 1319 50.92 -7.30 3.44
N LYS F 1320 51.20 -6.68 2.30
CA LYS F 1320 50.16 -6.26 1.35
C LYS F 1320 49.71 -7.46 0.55
N ILE F 1321 48.39 -7.64 0.45
CA ILE F 1321 47.82 -8.83 -0.19
C ILE F 1321 47.12 -8.56 -1.52
N GLY F 1322 46.85 -7.28 -1.81
CA GLY F 1322 46.24 -6.92 -3.09
C GLY F 1322 45.71 -5.51 -3.16
N GLN F 1323 45.55 -5.03 -4.38
CA GLN F 1323 44.96 -3.73 -4.63
C GLN F 1323 43.56 -3.89 -5.22
N GLY F 1324 42.57 -3.32 -4.54
CA GLY F 1324 41.16 -3.50 -4.92
C GLY F 1324 40.63 -4.83 -4.45
N LYS F 1325 39.36 -4.83 -4.03
CA LYS F 1325 38.71 -6.03 -3.48
C LYS F 1325 38.90 -7.26 -4.37
N ALA F 1326 38.89 -7.05 -5.68
CA ALA F 1326 39.11 -8.12 -6.66
C ALA F 1326 40.40 -8.92 -6.40
N ASN F 1327 41.51 -8.20 -6.23
CA ASN F 1327 42.81 -8.83 -6.01
C ASN F 1327 42.97 -9.46 -4.63
N ALA F 1328 42.45 -8.78 -3.61
CA ALA F 1328 42.49 -9.29 -2.25
C ALA F 1328 41.77 -10.63 -2.16
N THR F 1329 40.65 -10.74 -2.88
CA THR F 1329 39.87 -11.98 -2.97
C THR F 1329 40.71 -13.09 -3.59
N ALA F 1330 41.41 -12.75 -4.68
CA ALA F 1330 42.27 -13.70 -5.40
C ALA F 1330 43.43 -14.20 -4.54
N TRP F 1331 43.94 -13.33 -3.68
CA TRP F 1331 45.02 -13.67 -2.76
C TRP F 1331 44.59 -14.71 -1.73
N LEU F 1332 43.36 -14.58 -1.23
CA LEU F 1332 42.84 -15.53 -0.25
C LEU F 1332 42.57 -16.92 -0.86
N LYS F 1333 42.13 -16.95 -2.12
CA LYS F 1333 42.05 -18.19 -2.88
C LYS F 1333 43.43 -18.85 -2.90
N ASP F 1334 44.45 -18.03 -3.15
CA ASP F 1334 45.84 -18.49 -3.26
C ASP F 1334 46.46 -18.97 -1.94
N ASN F 1335 46.04 -18.37 -0.84
CA ASN F 1335 46.52 -18.76 0.48
C ASN F 1335 45.39 -19.32 1.34
N PRO F 1336 45.00 -20.59 1.09
CA PRO F 1336 43.83 -21.15 1.77
C PRO F 1336 44.08 -21.34 3.26
N GLU F 1337 45.34 -21.49 3.64
CA GLU F 1337 45.72 -21.69 5.04
C GLU F 1337 45.50 -20.42 5.84
N THR F 1338 45.86 -19.29 5.24
CA THR F 1338 45.67 -17.97 5.83
C THR F 1338 44.18 -17.61 5.86
N ALA F 1339 43.46 -18.01 4.80
CA ALA F 1339 42.03 -17.82 4.71
C ALA F 1339 41.30 -18.51 5.86
N LYS F 1340 41.65 -19.78 6.12
CA LYS F 1340 41.08 -20.55 7.25
C LYS F 1340 41.29 -19.80 8.56
N GLU F 1341 42.50 -19.25 8.73
CA GLU F 1341 42.88 -18.52 9.94
C GLU F 1341 42.02 -17.28 10.14
N ILE F 1342 41.87 -16.48 9.10
CA ILE F 1342 41.04 -15.28 9.17
C ILE F 1342 39.59 -15.65 9.40
N GLU F 1343 39.10 -16.67 8.68
CA GLU F 1343 37.73 -17.13 8.83
C GLU F 1343 37.43 -17.55 10.27
N LYS F 1344 38.31 -18.35 10.86
CA LYS F 1344 38.16 -18.83 12.23
C LYS F 1344 38.00 -17.65 13.21
N LYS F 1345 38.80 -16.61 13.01
CA LYS F 1345 38.75 -15.42 13.86
C LYS F 1345 37.49 -14.62 13.67
N VAL F 1346 37.06 -14.50 12.41
CA VAL F 1346 35.82 -13.80 12.09
C VAL F 1346 34.64 -14.51 12.79
N ARG F 1347 34.62 -15.84 12.70
CA ARG F 1347 33.58 -16.64 13.34
C ARG F 1347 33.58 -16.49 14.85
N GLU F 1348 34.77 -16.58 15.46
CA GLU F 1348 34.92 -16.36 16.90
C GLU F 1348 34.39 -15.01 17.33
N LEU F 1349 34.71 -13.97 16.55
CA LEU F 1349 34.26 -12.62 16.81
C LEU F 1349 32.76 -12.41 16.62
N LEU F 1350 32.16 -13.08 15.65
CA LEU F 1350 30.81 -12.71 15.20
C LEU F 1350 29.68 -13.74 15.37
N LEU F 1351 30.04 -15.00 15.61
CA LEU F 1351 29.02 -16.02 15.88
C LEU F 1351 28.48 -15.87 17.30
N SER F 1352 27.17 -15.63 17.36
CA SER F 1352 26.45 -15.40 18.61
C SER F 1352 26.76 -16.48 19.65
N ASN F 1353 26.63 -17.75 19.22
CA ASN F 1353 26.98 -18.91 20.03
C ASN F 1353 27.40 -20.09 19.13
N PRO F 1354 28.71 -20.21 18.82
CA PRO F 1354 29.23 -21.19 17.85
C PRO F 1354 29.25 -22.65 18.36
N ASN F 1355 28.40 -22.95 19.34
CA ASN F 1355 28.27 -24.29 19.91
C ASN F 1355 27.99 -25.36 18.84
N SER F 1356 28.66 -26.49 18.95
CA SER F 1356 28.52 -27.58 17.99
C SER F 1356 27.83 -28.79 18.63
N ALA F 1373 30.38 -49.55 9.96
CA ALA F 1373 29.29 -50.20 10.76
C ALA F 1373 28.08 -49.26 10.91
N ILE F 1374 28.36 -47.96 10.96
CA ILE F 1374 27.33 -46.95 11.22
C ILE F 1374 26.61 -46.48 9.94
N ASP F 1375 27.39 -46.27 8.87
CA ASP F 1375 26.86 -45.77 7.60
C ASP F 1375 26.38 -46.87 6.66
N GLU F 1376 26.72 -48.12 6.97
CA GLU F 1376 26.28 -49.28 6.19
C GLU F 1376 24.82 -49.62 6.49
N ASN F 1377 24.39 -49.35 7.71
CA ASN F 1377 22.97 -49.44 8.07
C ASN F 1377 22.13 -48.41 7.35
N LYS F 1378 22.72 -47.23 7.11
CA LYS F 1378 22.06 -46.13 6.42
C LYS F 1378 21.72 -46.46 4.97
N GLN F 1379 22.67 -47.06 4.27
CA GLN F 1379 22.50 -47.45 2.87
C GLN F 1379 21.46 -48.56 2.72
N LYS F 1380 21.47 -49.49 3.67
CA LYS F 1380 20.45 -50.54 3.77
C LYS F 1380 19.05 -49.91 3.80
N ALA F 1381 18.87 -48.87 4.61
CA ALA F 1381 17.59 -48.16 4.71
C ALA F 1381 17.32 -47.21 3.56
N LEU F 1382 18.40 -46.68 2.96
CA LEU F 1382 18.30 -45.79 1.80
C LEU F 1382 17.73 -46.52 0.59
N ALA F 1383 18.41 -47.59 0.17
CA ALA F 1383 17.98 -48.42 -0.95
C ALA F 1383 16.55 -48.92 -0.75
N ALA F 1384 16.21 -49.26 0.50
CA ALA F 1384 14.86 -49.69 0.88
C ALA F 1384 13.83 -48.60 0.57
N ALA F 1385 14.17 -47.35 0.85
CA ALA F 1385 13.28 -46.21 0.60
C ALA F 1385 13.17 -45.89 -0.89
N LEU F 1386 14.32 -45.87 -1.58
CA LEU F 1386 14.36 -45.64 -3.02
C LEU F 1386 13.57 -46.67 -3.80
N GLY F 1387 13.69 -47.94 -3.39
CA GLY F 1387 12.89 -49.02 -3.97
C GLY F 1387 11.41 -48.81 -3.74
N GLN F 1388 11.06 -48.47 -2.50
CA GLN F 1388 9.69 -48.15 -2.10
C GLN F 1388 9.10 -47.00 -2.93
N ILE F 1389 9.88 -45.95 -3.12
CA ILE F 1389 9.47 -44.76 -3.86
C ILE F 1389 9.20 -45.10 -5.32
N GLU F 1390 10.13 -45.82 -5.93
CA GLU F 1390 10.04 -46.16 -7.35
C GLU F 1390 8.90 -47.12 -7.62
N LYS F 1391 8.66 -48.03 -6.68
CA LYS F 1391 7.54 -48.96 -6.80
C LYS F 1391 6.20 -48.25 -6.63
N GLN F 1392 6.23 -47.13 -5.91
CA GLN F 1392 5.03 -46.33 -5.70
C GLN F 1392 4.76 -45.33 -6.81
N PHE F 1393 5.82 -44.67 -7.28
CA PHE F 1393 5.65 -43.55 -8.21
C PHE F 1393 6.28 -43.77 -9.59
N GLY F 1394 6.50 -45.02 -9.92
CA GLY F 1394 6.89 -45.38 -11.28
C GLY F 1394 8.39 -45.44 -11.55
N LYS F 1395 8.69 -45.81 -12.80
CA LYS F 1395 10.04 -46.07 -13.31
C LYS F 1395 11.14 -45.21 -12.66
N GLY F 1396 11.38 -44.02 -13.20
CA GLY F 1396 12.47 -43.19 -12.71
C GLY F 1396 12.02 -41.96 -11.95
N SER F 1397 11.15 -42.18 -10.96
CA SER F 1397 10.62 -41.08 -10.17
C SER F 1397 11.68 -40.42 -9.28
N ILE F 1398 12.67 -41.20 -8.85
CA ILE F 1398 13.84 -40.66 -8.15
C ILE F 1398 15.12 -41.36 -8.62
N MET F 1399 16.16 -40.58 -8.89
CA MET F 1399 17.46 -41.12 -9.25
C MET F 1399 18.60 -40.15 -8.98
N ARG F 1400 19.83 -40.62 -9.15
CA ARG F 1400 21.00 -39.78 -8.98
C ARG F 1400 21.09 -38.81 -10.14
N LEU F 1401 21.32 -37.54 -9.84
CA LEU F 1401 21.32 -36.48 -10.84
C LEU F 1401 22.24 -36.77 -12.02
N GLY F 1402 23.44 -37.26 -11.71
CA GLY F 1402 24.47 -37.47 -12.71
C GLY F 1402 24.10 -38.42 -13.82
N GLU F 1403 23.18 -39.32 -13.53
CA GLU F 1403 22.80 -40.34 -14.49
C GLU F 1403 21.42 -40.11 -15.11
N ASP F 1404 20.76 -39.04 -14.71
CA ASP F 1404 19.50 -38.68 -15.34
C ASP F 1404 19.72 -37.97 -16.66
N ARG F 1405 19.41 -38.67 -17.75
CA ARG F 1405 19.63 -38.17 -19.10
C ARG F 1405 18.65 -37.06 -19.46
N SER F 1406 17.41 -37.21 -19.03
CA SER F 1406 16.36 -36.27 -19.39
C SER F 1406 16.58 -34.91 -18.74
N MET F 1407 17.69 -34.79 -18.01
CA MET F 1407 18.01 -33.57 -17.29
C MET F 1407 18.99 -32.72 -18.08
N ASP F 1408 19.60 -33.32 -19.10
CA ASP F 1408 20.60 -32.64 -19.92
C ASP F 1408 19.93 -31.56 -20.69
N VAL F 1409 20.48 -30.40 -20.54
CA VAL F 1409 19.93 -29.31 -21.27
C VAL F 1409 20.28 -29.43 -22.75
N GLU F 1410 19.25 -29.42 -23.60
CA GLU F 1410 19.39 -29.50 -25.05
C GLU F 1410 18.81 -28.23 -25.67
N THR F 1411 19.49 -27.65 -26.65
CA THR F 1411 19.06 -26.35 -27.21
C THR F 1411 18.65 -26.34 -28.70
N ILE F 1412 17.94 -25.27 -29.07
CA ILE F 1412 17.46 -25.03 -30.43
C ILE F 1412 18.01 -23.67 -30.85
N SER F 1413 18.46 -23.55 -32.10
CA SER F 1413 18.90 -22.26 -32.63
C SER F 1413 17.75 -21.25 -32.64
N THR F 1414 18.08 -19.99 -32.40
CA THR F 1414 17.08 -18.94 -32.40
C THR F 1414 16.91 -18.34 -33.79
N GLY F 1415 17.82 -18.67 -34.69
CA GLY F 1415 17.83 -18.09 -36.03
C GLY F 1415 18.78 -16.91 -36.12
N SER F 1416 19.17 -16.39 -34.95
CA SER F 1416 20.23 -15.42 -34.84
C SER F 1416 21.46 -16.07 -34.21
N LEU F 1417 22.60 -15.94 -34.88
CA LEU F 1417 23.85 -16.50 -34.38
C LEU F 1417 24.32 -15.78 -33.13
N SER F 1418 24.31 -14.44 -33.18
CA SER F 1418 24.78 -13.62 -32.07
C SER F 1418 23.90 -13.79 -30.84
N LEU F 1419 22.62 -14.10 -31.06
CA LEU F 1419 21.72 -14.41 -29.95
C LEU F 1419 22.07 -15.76 -29.33
N ASP F 1420 22.30 -16.76 -30.17
CA ASP F 1420 22.72 -18.08 -29.72
C ASP F 1420 23.99 -17.98 -28.89
N ILE F 1421 24.86 -17.03 -29.25
CA ILE F 1421 26.07 -16.75 -28.48
C ILE F 1421 25.73 -16.05 -27.16
N ALA F 1422 24.92 -15.00 -27.24
CA ALA F 1422 24.45 -14.27 -26.05
C ALA F 1422 23.79 -15.21 -25.05
N LEU F 1423 23.04 -16.19 -25.55
CA LEU F 1423 22.34 -17.17 -24.73
C LEU F 1423 23.27 -18.13 -23.99
N GLY F 1424 24.54 -18.11 -24.36
CA GLY F 1424 25.55 -18.91 -23.67
C GLY F 1424 25.58 -20.36 -24.09
N ALA F 1425 24.43 -21.01 -24.08
CA ALA F 1425 24.33 -22.44 -24.40
C ALA F 1425 24.04 -22.71 -25.88
N GLY F 1426 23.99 -21.66 -26.68
CA GLY F 1426 23.86 -21.81 -28.13
C GLY F 1426 22.45 -21.88 -28.64
N GLY F 1427 21.48 -21.58 -27.79
CA GLY F 1427 20.08 -21.53 -28.19
C GLY F 1427 19.11 -21.64 -27.03
N LEU F 1428 17.82 -21.69 -27.34
CA LEU F 1428 16.80 -21.85 -26.33
C LEU F 1428 16.71 -23.29 -25.86
N PRO F 1429 16.41 -23.50 -24.56
CA PRO F 1429 16.42 -24.86 -24.02
C PRO F 1429 15.11 -25.63 -24.19
N MET F 1430 15.21 -26.89 -24.57
CA MET F 1430 14.04 -27.76 -24.77
C MET F 1430 13.41 -28.17 -23.45
N GLY F 1431 12.08 -28.25 -23.43
CA GLY F 1431 11.36 -28.66 -22.23
C GLY F 1431 11.23 -27.55 -21.20
N ARG F 1432 11.61 -26.33 -21.61
CA ARG F 1432 11.56 -25.17 -20.75
C ARG F 1432 10.57 -24.13 -21.26
N ILE F 1433 10.23 -23.17 -20.40
CA ILE F 1433 9.43 -22.02 -20.79
C ILE F 1433 10.34 -20.82 -21.04
N VAL F 1434 10.04 -20.08 -22.11
CA VAL F 1434 10.83 -18.91 -22.48
C VAL F 1434 9.88 -17.75 -22.74
N GLU F 1435 10.27 -16.54 -22.34
CA GLU F 1435 9.48 -15.34 -22.63
C GLU F 1435 10.28 -14.31 -23.44
N ILE F 1436 9.66 -13.81 -24.50
CA ILE F 1436 10.21 -12.68 -25.26
C ILE F 1436 9.25 -11.51 -25.15
N TYR F 1437 9.75 -10.38 -24.69
CA TYR F 1437 8.93 -9.18 -24.61
C TYR F 1437 9.65 -8.01 -25.25
N GLY F 1438 8.89 -6.96 -25.58
CA GLY F 1438 9.42 -5.77 -26.22
C GLY F 1438 8.30 -4.88 -26.72
N PRO F 1439 8.65 -3.67 -27.21
CA PRO F 1439 7.69 -2.71 -27.77
C PRO F 1439 7.05 -3.23 -29.05
N GLU F 1440 6.02 -2.55 -29.55
CA GLU F 1440 5.36 -2.97 -30.79
C GLU F 1440 6.29 -2.95 -31.99
N SER F 1441 6.10 -3.93 -32.87
CA SER F 1441 6.91 -4.10 -34.07
C SER F 1441 8.41 -4.19 -33.79
N SER F 1442 8.77 -4.76 -32.65
CA SER F 1442 10.18 -4.87 -32.27
C SER F 1442 10.81 -6.13 -32.86
N GLY F 1443 9.97 -7.10 -33.20
CA GLY F 1443 10.42 -8.32 -33.87
C GLY F 1443 10.11 -9.58 -33.11
N LYS F 1444 9.17 -9.48 -32.17
CA LYS F 1444 8.82 -10.62 -31.31
C LYS F 1444 8.32 -11.81 -32.14
N THR F 1445 7.29 -11.57 -32.95
CA THR F 1445 6.76 -12.63 -33.82
C THR F 1445 7.81 -13.12 -34.80
N THR F 1446 8.45 -12.18 -35.50
CA THR F 1446 9.47 -12.52 -36.48
C THR F 1446 10.50 -13.48 -35.88
N LEU F 1447 11.07 -13.10 -34.74
CA LEU F 1447 12.08 -13.94 -34.09
C LEU F 1447 11.51 -15.32 -33.80
N THR F 1448 10.36 -15.33 -33.13
CA THR F 1448 9.59 -16.55 -32.91
C THR F 1448 9.50 -17.47 -34.14
N LEU F 1449 9.06 -16.91 -35.27
CA LEU F 1449 8.90 -17.67 -36.51
C LEU F 1449 10.23 -18.20 -37.00
N GLN F 1450 11.29 -17.42 -36.83
CA GLN F 1450 12.64 -17.83 -37.21
C GLN F 1450 13.09 -19.07 -36.46
N VAL F 1451 12.80 -19.14 -35.15
CA VAL F 1451 13.15 -20.34 -34.38
C VAL F 1451 12.33 -21.54 -34.86
N ILE F 1452 11.04 -21.32 -35.13
CA ILE F 1452 10.20 -22.36 -35.72
C ILE F 1452 10.79 -22.86 -37.03
N ALA F 1453 11.12 -21.93 -37.92
CA ALA F 1453 11.70 -22.25 -39.22
C ALA F 1453 12.93 -23.14 -39.05
N ALA F 1454 13.83 -22.73 -38.15
CA ALA F 1454 15.05 -23.47 -37.85
C ALA F 1454 14.75 -24.87 -37.31
N ALA F 1455 13.77 -24.95 -36.42
CA ALA F 1455 13.36 -26.22 -35.81
C ALA F 1455 12.74 -27.18 -36.83
N GLN F 1456 11.93 -26.62 -37.74
CA GLN F 1456 11.31 -27.40 -38.81
C GLN F 1456 12.37 -27.89 -39.76
N ARG F 1457 13.39 -27.06 -39.99
CA ARG F 1457 14.53 -27.40 -40.84
C ARG F 1457 15.22 -28.67 -40.33
N GLU F 1458 14.94 -29.03 -39.08
CA GLU F 1458 15.52 -30.22 -38.46
C GLU F 1458 14.48 -31.27 -38.06
N GLY F 1459 13.37 -31.29 -38.78
CA GLY F 1459 12.33 -32.31 -38.60
C GLY F 1459 11.53 -32.23 -37.31
N LYS F 1460 11.50 -31.06 -36.68
CA LYS F 1460 10.73 -30.89 -35.46
C LYS F 1460 9.34 -30.36 -35.77
N THR F 1461 8.35 -30.77 -34.96
CA THR F 1461 6.98 -30.33 -35.15
C THR F 1461 6.72 -29.11 -34.28
N CYS F 1462 6.11 -28.09 -34.88
CA CYS F 1462 5.85 -26.83 -34.17
C CYS F 1462 4.39 -26.41 -34.21
N ALA F 1463 3.96 -25.74 -33.15
CA ALA F 1463 2.62 -25.22 -33.05
C ALA F 1463 2.69 -23.73 -32.76
N PHE F 1464 1.77 -22.97 -33.37
CA PHE F 1464 1.69 -21.54 -33.16
C PHE F 1464 0.30 -21.19 -32.65
N ILE F 1465 0.22 -20.62 -31.45
CA ILE F 1465 -1.05 -20.17 -30.90
C ILE F 1465 -1.17 -18.66 -31.10
N ASP F 1466 -1.93 -18.27 -32.11
CA ASP F 1466 -2.07 -16.87 -32.50
C ASP F 1466 -3.23 -16.21 -31.76
N ALA F 1467 -3.05 -15.98 -30.46
CA ALA F 1467 -4.08 -15.36 -29.63
C ALA F 1467 -4.25 -13.88 -30.01
N GLU F 1468 -3.19 -13.32 -30.60
CA GLU F 1468 -3.16 -11.92 -30.98
C GLU F 1468 -3.91 -11.73 -32.29
N HIS F 1469 -4.21 -12.84 -32.97
CA HIS F 1469 -4.98 -12.87 -34.22
C HIS F 1469 -4.40 -11.97 -35.31
N ALA F 1470 -3.08 -12.08 -35.53
CA ALA F 1470 -2.40 -11.17 -36.45
C ALA F 1470 -1.33 -11.84 -37.31
N LEU F 1471 -1.24 -13.16 -37.24
CA LEU F 1471 -0.27 -13.92 -38.02
C LEU F 1471 -0.58 -13.91 -39.51
N ASP F 1472 0.41 -13.55 -40.31
CA ASP F 1472 0.27 -13.59 -41.77
C ASP F 1472 0.99 -14.81 -42.31
N PRO F 1473 0.24 -15.84 -42.73
CA PRO F 1473 0.82 -17.08 -43.21
C PRO F 1473 1.83 -16.85 -44.35
N ILE F 1474 1.49 -15.98 -45.29
CA ILE F 1474 2.36 -15.70 -46.42
C ILE F 1474 3.70 -15.11 -45.97
N TYR F 1475 3.67 -14.25 -44.96
CA TYR F 1475 4.90 -13.69 -44.44
C TYR F 1475 5.71 -14.74 -43.69
N ALA F 1476 5.02 -15.59 -42.93
CA ALA F 1476 5.67 -16.70 -42.23
C ALA F 1476 6.42 -17.58 -43.22
N ARG F 1477 5.82 -17.82 -44.38
CA ARG F 1477 6.46 -18.60 -45.43
C ARG F 1477 7.72 -17.88 -45.93
N LYS F 1478 7.62 -16.57 -46.15
CA LYS F 1478 8.77 -15.77 -46.57
C LYS F 1478 9.93 -15.89 -45.60
N LEU F 1479 9.63 -16.03 -44.31
CA LEU F 1479 10.67 -16.20 -43.30
C LEU F 1479 11.20 -17.64 -43.24
N GLY F 1480 10.66 -18.50 -44.09
CA GLY F 1480 11.15 -19.86 -44.22
C GLY F 1480 10.45 -20.87 -43.34
N VAL F 1481 9.26 -20.52 -42.88
CA VAL F 1481 8.46 -21.46 -42.12
C VAL F 1481 7.73 -22.38 -43.08
N ASP F 1482 7.75 -23.66 -42.78
CA ASP F 1482 6.96 -24.63 -43.52
C ASP F 1482 5.52 -24.52 -43.05
N ILE F 1483 4.75 -23.74 -43.80
CA ILE F 1483 3.37 -23.40 -43.48
C ILE F 1483 2.46 -24.62 -43.36
N ASP F 1484 2.64 -25.56 -44.29
CA ASP F 1484 1.80 -26.75 -44.40
C ASP F 1484 1.91 -27.72 -43.23
N ASN F 1485 2.98 -27.59 -42.44
CA ASN F 1485 3.20 -28.48 -41.30
C ASN F 1485 3.22 -27.77 -39.96
N LEU F 1486 3.15 -26.45 -40.02
CA LEU F 1486 3.07 -25.63 -38.81
C LEU F 1486 1.65 -25.70 -38.26
N LEU F 1487 1.48 -26.38 -37.14
CA LEU F 1487 0.20 -26.40 -36.44
C LEU F 1487 -0.14 -25.01 -35.97
N CYS F 1488 -1.40 -24.64 -36.13
CA CYS F 1488 -1.79 -23.27 -35.85
C CYS F 1488 -3.21 -23.16 -35.30
N SER F 1489 -3.34 -22.40 -34.22
CA SER F 1489 -4.61 -22.23 -33.57
C SER F 1489 -4.90 -20.76 -33.33
N GLN F 1490 -6.16 -20.37 -33.52
CA GLN F 1490 -6.62 -19.04 -33.13
C GLN F 1490 -7.73 -19.17 -32.10
N PRO F 1491 -7.36 -19.27 -30.82
CA PRO F 1491 -8.27 -19.64 -29.75
C PRO F 1491 -9.23 -18.51 -29.40
N ASP F 1492 -10.38 -18.85 -28.81
CA ASP F 1492 -11.37 -17.87 -28.41
C ASP F 1492 -11.01 -17.24 -27.06
N THR F 1493 -10.85 -18.08 -26.04
CA THR F 1493 -10.49 -17.62 -24.71
C THR F 1493 -9.02 -17.96 -24.40
N GLY F 1494 -8.47 -17.30 -23.39
CA GLY F 1494 -7.12 -17.56 -22.90
C GLY F 1494 -7.01 -18.95 -22.29
N GLU F 1495 -8.05 -19.37 -21.57
CA GLU F 1495 -8.10 -20.72 -21.00
C GLU F 1495 -7.98 -21.79 -22.09
N GLN F 1496 -8.74 -21.61 -23.18
CA GLN F 1496 -8.67 -22.48 -24.34
C GLN F 1496 -7.26 -22.53 -24.91
N ALA F 1497 -6.64 -21.37 -25.11
CA ALA F 1497 -5.27 -21.27 -25.61
C ALA F 1497 -4.30 -22.10 -24.77
N LEU F 1498 -4.42 -22.00 -23.46
CA LEU F 1498 -3.51 -22.70 -22.55
C LEU F 1498 -3.87 -24.17 -22.41
N GLU F 1499 -5.15 -24.50 -22.50
CA GLU F 1499 -5.58 -25.90 -22.51
C GLU F 1499 -5.06 -26.63 -23.74
N ILE F 1500 -4.99 -25.90 -24.86
CA ILE F 1500 -4.42 -26.44 -26.09
C ILE F 1500 -2.93 -26.71 -25.90
N CYS F 1501 -2.22 -25.77 -25.29
CA CYS F 1501 -0.81 -25.95 -24.98
C CYS F 1501 -0.58 -27.19 -24.16
N ASP F 1502 -1.39 -27.36 -23.12
CA ASP F 1502 -1.25 -28.46 -22.20
C ASP F 1502 -1.46 -29.78 -22.92
N ALA F 1503 -2.48 -29.84 -23.77
CA ALA F 1503 -2.77 -31.02 -24.57
C ALA F 1503 -1.60 -31.39 -25.48
N LEU F 1504 -1.04 -30.39 -26.16
CA LEU F 1504 0.11 -30.59 -27.06
C LEU F 1504 1.35 -30.98 -26.28
N ALA F 1505 1.56 -30.34 -25.14
CA ALA F 1505 2.66 -30.71 -24.24
C ALA F 1505 2.53 -32.18 -23.86
N ARG F 1506 1.40 -32.57 -23.29
CA ARG F 1506 1.15 -33.95 -22.87
C ARG F 1506 1.30 -34.99 -24.00
N SER F 1507 0.90 -34.62 -25.22
CA SER F 1507 0.95 -35.54 -26.37
C SER F 1507 2.36 -36.04 -26.66
N GLY F 1508 3.36 -35.19 -26.36
CA GLY F 1508 4.76 -35.50 -26.61
C GLY F 1508 5.10 -35.49 -28.09
N ALA F 1509 4.17 -34.95 -28.89
CA ALA F 1509 4.28 -34.98 -30.35
C ALA F 1509 4.73 -33.65 -30.92
N VAL F 1510 4.61 -32.59 -30.14
CA VAL F 1510 5.05 -31.27 -30.58
C VAL F 1510 6.36 -30.91 -29.88
N ASP F 1511 7.28 -30.31 -30.64
CA ASP F 1511 8.62 -29.98 -30.13
C ASP F 1511 8.74 -28.55 -29.65
N VAL F 1512 8.19 -27.62 -30.43
CA VAL F 1512 8.13 -26.22 -29.98
C VAL F 1512 6.74 -25.61 -30.16
N ILE F 1513 6.23 -24.98 -29.10
CA ILE F 1513 4.98 -24.25 -29.12
C ILE F 1513 5.25 -22.80 -28.82
N VAL F 1514 4.72 -21.90 -29.64
CA VAL F 1514 4.76 -20.48 -29.30
C VAL F 1514 3.37 -19.88 -29.16
N VAL F 1515 3.20 -19.10 -28.10
CA VAL F 1515 1.97 -18.38 -27.83
C VAL F 1515 2.24 -16.91 -28.11
N ASP F 1516 1.59 -16.37 -29.15
CA ASP F 1516 1.77 -14.96 -29.52
C ASP F 1516 0.84 -14.04 -28.74
N SER F 1517 1.48 -13.33 -27.79
CA SER F 1517 0.89 -12.39 -26.83
C SER F 1517 0.13 -13.05 -25.71
N VAL F 1518 0.76 -13.08 -24.53
CA VAL F 1518 0.02 -13.41 -23.31
C VAL F 1518 -0.95 -12.27 -23.06
N ALA F 1519 -0.54 -11.07 -23.49
CA ALA F 1519 -1.37 -9.88 -23.46
C ALA F 1519 -2.76 -10.12 -24.04
N ALA F 1520 -2.82 -10.96 -25.07
CA ALA F 1520 -4.07 -11.25 -25.78
C ALA F 1520 -4.81 -12.48 -25.23
N LEU F 1521 -4.21 -13.15 -24.24
CA LEU F 1521 -4.84 -14.29 -23.56
C LEU F 1521 -5.98 -13.84 -22.65
N THR F 1522 -7.15 -13.60 -23.25
CA THR F 1522 -8.32 -13.06 -22.53
C THR F 1522 -9.09 -14.15 -21.79
N PRO F 1523 -9.16 -14.03 -20.46
CA PRO F 1523 -9.95 -14.94 -19.63
C PRO F 1523 -11.41 -15.08 -20.10
N LYS F 1524 -11.99 -16.26 -19.90
CA LYS F 1524 -13.33 -16.58 -20.38
C LYS F 1524 -14.36 -15.65 -19.80
N ALA F 1525 -14.24 -15.35 -18.50
CA ALA F 1525 -15.17 -14.46 -17.81
C ALA F 1525 -15.13 -13.04 -18.37
N GLU F 1526 -13.96 -12.60 -18.82
CA GLU F 1526 -13.79 -11.28 -19.40
C GLU F 1526 -14.46 -11.17 -20.77
N MET F 1536 -9.02 -7.66 -15.36
CA MET F 1536 -8.68 -6.97 -14.11
C MET F 1536 -7.76 -7.76 -13.18
N GLY F 1537 -6.63 -8.23 -13.74
CA GLY F 1537 -5.65 -9.05 -13.02
C GLY F 1537 -6.23 -10.42 -12.69
N LEU F 1538 -7.19 -10.84 -13.49
CA LEU F 1538 -7.82 -12.13 -13.36
C LEU F 1538 -6.99 -13.04 -14.23
N ALA F 1539 -6.41 -12.42 -15.26
CA ALA F 1539 -5.43 -13.05 -16.13
C ALA F 1539 -4.26 -13.58 -15.33
N ALA F 1540 -3.87 -12.85 -14.30
CA ALA F 1540 -2.69 -13.16 -13.51
C ALA F 1540 -2.82 -14.52 -12.85
N ARG F 1541 -3.98 -14.74 -12.27
CA ARG F 1541 -4.29 -15.97 -11.55
C ARG F 1541 -4.36 -17.16 -12.52
N MET F 1542 -4.86 -16.90 -13.72
CA MET F 1542 -4.97 -17.89 -14.78
C MET F 1542 -3.59 -18.29 -15.29
N MET F 1543 -2.74 -17.29 -15.51
CA MET F 1543 -1.33 -17.52 -15.89
C MET F 1543 -0.58 -18.31 -14.83
N SER F 1544 -0.81 -17.94 -13.57
CA SER F 1544 -0.18 -18.58 -12.44
C SER F 1544 -0.56 -20.06 -12.39
N GLN F 1545 -1.83 -20.36 -12.67
CA GLN F 1545 -2.31 -21.72 -12.73
C GLN F 1545 -1.68 -22.47 -13.91
N ALA F 1546 -1.62 -21.80 -15.06
CA ALA F 1546 -1.08 -22.41 -16.26
C ALA F 1546 0.36 -22.89 -16.05
N MET F 1547 1.20 -22.04 -15.47
CA MET F 1547 2.59 -22.40 -15.24
C MET F 1547 2.73 -23.66 -14.42
N ARG F 1548 1.99 -23.74 -13.32
CA ARG F 1548 1.98 -24.93 -12.46
C ARG F 1548 1.73 -26.21 -13.24
N LYS F 1549 0.68 -26.19 -14.06
CA LYS F 1549 0.30 -27.33 -14.88
C LYS F 1549 1.26 -27.61 -16.05
N LEU F 1550 1.74 -26.55 -16.70
CA LEU F 1550 2.58 -26.72 -17.88
C LEU F 1550 4.01 -27.17 -17.60
N ALA F 1551 4.68 -26.51 -16.65
CA ALA F 1551 6.09 -26.78 -16.34
C ALA F 1551 6.44 -28.27 -16.39
N GLY F 1552 5.69 -29.08 -15.65
CA GLY F 1552 5.91 -30.52 -15.57
C GLY F 1552 5.72 -31.25 -16.88
N ASN F 1553 4.60 -30.97 -17.55
CA ASN F 1553 4.27 -31.60 -18.83
C ASN F 1553 5.24 -31.26 -19.93
N LEU F 1554 5.77 -30.03 -19.90
CA LEU F 1554 6.72 -29.58 -20.91
C LEU F 1554 8.07 -30.26 -20.75
N LYS F 1555 8.51 -30.42 -19.51
CA LYS F 1555 9.79 -31.08 -19.24
C LYS F 1555 9.74 -32.56 -19.67
N GLN F 1556 8.68 -33.27 -19.27
CA GLN F 1556 8.56 -34.70 -19.57
C GLN F 1556 8.37 -35.00 -21.04
N SER F 1557 7.99 -33.99 -21.81
CA SER F 1557 7.80 -34.13 -23.25
C SER F 1557 8.94 -33.51 -24.03
N ASN F 1558 9.83 -32.85 -23.31
CA ASN F 1558 10.94 -32.12 -23.91
C ASN F 1558 10.46 -31.08 -24.94
N THR F 1559 9.34 -30.43 -24.62
CA THR F 1559 8.73 -29.43 -25.46
C THR F 1559 9.12 -28.02 -25.01
N LEU F 1560 9.64 -27.23 -25.94
CA LEU F 1560 9.91 -25.83 -25.67
C LEU F 1560 8.65 -24.99 -25.86
N LEU F 1561 8.36 -24.12 -24.89
CA LEU F 1561 7.21 -23.21 -24.98
C LEU F 1561 7.67 -21.76 -24.92
N ILE F 1562 7.44 -21.03 -26.00
CA ILE F 1562 7.78 -19.60 -26.03
C ILE F 1562 6.55 -18.72 -25.87
N PHE F 1563 6.57 -17.85 -24.86
CA PHE F 1563 5.53 -16.84 -24.67
C PHE F 1563 6.00 -15.50 -25.19
N ILE F 1564 5.24 -14.91 -26.10
CA ILE F 1564 5.47 -13.52 -26.47
C ILE F 1564 4.65 -12.61 -25.56
N ASN F 1565 5.30 -11.59 -25.01
CA ASN F 1565 4.58 -10.63 -24.17
C ASN F 1565 4.75 -9.20 -24.65
N GLN F 1566 3.77 -8.37 -24.34
CA GLN F 1566 3.83 -6.96 -24.66
C GLN F 1566 4.29 -6.21 -23.43
N ILE F 1567 4.64 -4.93 -23.62
CA ILE F 1567 5.00 -4.05 -22.52
C ILE F 1567 3.85 -3.14 -22.15
N ARG F 1568 3.58 -3.03 -20.85
CA ARG F 1568 2.72 -1.99 -20.34
C ARG F 1568 3.57 -1.06 -19.48
N MET F 1569 3.15 0.20 -19.39
CA MET F 1569 3.83 1.24 -18.63
C MET F 1569 3.09 1.42 -17.31
N LYS F 1570 3.74 2.01 -16.30
CA LYS F 1570 3.09 2.29 -15.01
C LYS F 1570 3.58 3.59 -14.36
N ASN F 1577 12.71 1.44 -13.60
CA ASN F 1577 12.04 1.73 -14.86
C ASN F 1577 10.56 1.34 -14.82
N PRO F 1578 9.70 2.11 -15.52
CA PRO F 1578 8.26 1.95 -15.36
C PRO F 1578 7.63 0.83 -16.20
N GLU F 1579 8.43 0.10 -16.96
CA GLU F 1579 7.91 -0.93 -17.85
C GLU F 1579 7.51 -2.20 -17.13
N THR F 1580 6.49 -2.88 -17.65
CA THR F 1580 6.12 -4.22 -17.17
C THR F 1580 5.62 -5.08 -18.31
N THR F 1581 5.02 -6.18 -17.92
CA THR F 1581 4.71 -7.29 -18.78
C THR F 1581 3.32 -7.71 -18.38
N THR F 1582 2.51 -8.15 -19.34
CA THR F 1582 1.13 -8.51 -19.02
C THR F 1582 1.04 -9.87 -18.33
N GLY F 1583 -0.04 -10.10 -17.60
CA GLY F 1583 -0.37 -11.41 -17.08
C GLY F 1583 0.37 -11.83 -15.83
N GLY F 1584 0.63 -10.88 -14.95
CA GLY F 1584 1.10 -11.20 -13.61
C GLY F 1584 2.56 -11.52 -13.48
N ASN F 1585 2.88 -12.24 -12.41
CA ASN F 1585 4.26 -12.47 -11.99
C ASN F 1585 4.75 -13.90 -12.19
N ALA F 1586 3.82 -14.82 -12.41
CA ALA F 1586 4.15 -16.24 -12.55
C ALA F 1586 5.23 -16.48 -13.61
N LEU F 1587 5.01 -15.94 -14.81
CA LEU F 1587 5.91 -16.20 -15.92
C LEU F 1587 7.36 -15.79 -15.68
N LYS F 1588 7.59 -14.66 -15.00
CA LYS F 1588 8.96 -14.21 -14.69
C LYS F 1588 9.73 -15.35 -14.06
N PHE F 1589 9.07 -16.05 -13.15
CA PHE F 1589 9.69 -17.09 -12.33
C PHE F 1589 9.91 -18.36 -13.12
N TYR F 1590 8.89 -18.79 -13.85
CA TYR F 1590 8.92 -20.07 -14.54
C TYR F 1590 9.79 -20.06 -15.78
N ALA F 1591 9.91 -18.90 -16.42
CA ALA F 1591 10.77 -18.77 -17.60
C ALA F 1591 12.21 -19.14 -17.26
N SER F 1592 12.83 -19.94 -18.13
CA SER F 1592 14.25 -20.31 -17.96
C SER F 1592 15.12 -19.30 -18.69
N VAL F 1593 14.51 -18.62 -19.65
CA VAL F 1593 15.15 -17.56 -20.41
C VAL F 1593 14.13 -16.44 -20.69
N ARG F 1594 14.54 -15.19 -20.44
CA ARG F 1594 13.71 -14.04 -20.80
C ARG F 1594 14.48 -13.11 -21.72
N LEU F 1595 13.85 -12.78 -22.84
CA LEU F 1595 14.47 -11.93 -23.85
C LEU F 1595 13.77 -10.58 -23.96
N ASP F 1596 14.55 -9.51 -23.91
CA ASP F 1596 14.07 -8.17 -24.14
C ASP F 1596 14.52 -7.73 -25.53
N ILE F 1597 13.60 -7.72 -26.49
CA ILE F 1597 13.92 -7.34 -27.87
C ILE F 1597 13.50 -5.90 -28.16
N ARG F 1598 14.33 -5.17 -28.89
CA ARG F 1598 14.06 -3.77 -29.22
C ARG F 1598 14.58 -3.36 -30.58
N ARG F 1599 13.80 -2.56 -31.29
CA ARG F 1599 14.25 -1.94 -32.53
C ARG F 1599 15.10 -0.71 -32.17
N ILE F 1600 16.33 -0.66 -32.68
CA ILE F 1600 17.24 0.40 -32.29
C ILE F 1600 17.58 1.35 -33.44
N GLY F 1601 17.22 0.95 -34.66
CA GLY F 1601 17.47 1.76 -35.84
C GLY F 1601 16.88 1.17 -37.09
N ALA F 1602 17.03 1.89 -38.20
CA ALA F 1602 16.53 1.45 -39.51
C ALA F 1602 17.68 0.99 -40.39
N VAL F 1603 17.44 -0.11 -41.12
CA VAL F 1603 18.37 -0.55 -42.16
C VAL F 1603 17.94 0.12 -43.45
N LYS F 1604 18.77 1.04 -43.94
CA LYS F 1604 18.39 1.86 -45.09
C LYS F 1604 19.08 1.48 -46.41
N GLU F 1605 18.36 1.69 -47.50
CA GLU F 1605 18.84 1.50 -48.85
C GLU F 1605 18.85 2.85 -49.54
N GLY F 1606 19.67 3.76 -49.01
CA GLY F 1606 19.63 5.16 -49.44
C GLY F 1606 18.27 5.75 -49.11
N GLU F 1607 17.34 5.59 -50.05
CA GLU F 1607 15.96 6.04 -49.88
C GLU F 1607 15.17 5.12 -48.94
N ASN F 1608 15.14 3.83 -49.28
CA ASN F 1608 14.22 2.87 -48.67
C ASN F 1608 14.59 2.40 -47.27
N VAL F 1609 13.56 2.13 -46.46
CA VAL F 1609 13.76 1.45 -45.19
C VAL F 1609 13.46 -0.02 -45.43
N VAL F 1610 14.51 -0.82 -45.51
CA VAL F 1610 14.40 -2.21 -45.95
C VAL F 1610 14.51 -3.20 -44.78
N GLY F 1611 14.79 -2.70 -43.58
CA GLY F 1611 14.89 -3.53 -42.39
C GLY F 1611 14.98 -2.79 -41.07
N SER F 1612 14.88 -3.55 -39.97
CA SER F 1612 15.02 -3.02 -38.62
C SER F 1612 16.33 -3.48 -38.02
N GLU F 1613 17.12 -2.52 -37.56
CA GLU F 1613 18.30 -2.82 -36.75
C GLU F 1613 17.82 -3.21 -35.35
N THR F 1614 18.24 -4.38 -34.87
CA THR F 1614 17.62 -4.98 -33.69
C THR F 1614 18.61 -5.34 -32.59
N ARG F 1615 18.18 -5.18 -31.34
CA ARG F 1615 18.97 -5.57 -30.17
C ARG F 1615 18.16 -6.43 -29.21
N VAL F 1616 18.70 -7.58 -28.84
CA VAL F 1616 18.05 -8.45 -27.85
C VAL F 1616 18.93 -8.56 -26.61
N LYS F 1617 18.35 -8.28 -25.44
CA LYS F 1617 19.04 -8.48 -24.16
C LYS F 1617 18.54 -9.76 -23.51
N VAL F 1618 19.47 -10.54 -22.98
CA VAL F 1618 19.10 -11.73 -22.22
C VAL F 1618 18.91 -11.30 -20.77
N VAL F 1619 17.66 -11.05 -20.41
CA VAL F 1619 17.31 -10.46 -19.14
C VAL F 1619 17.31 -11.49 -18.02
N LYS F 1620 16.90 -12.72 -18.34
CA LYS F 1620 16.97 -13.83 -17.39
C LYS F 1620 17.54 -15.08 -18.08
N ASN F 1621 18.41 -15.79 -17.36
CA ASN F 1621 18.99 -17.00 -17.88
C ASN F 1621 19.28 -18.03 -16.78
N LYS F 1622 18.63 -19.19 -16.90
CA LYS F 1622 18.81 -20.30 -15.96
C LYS F 1622 19.74 -21.35 -16.56
N ILE F 1623 20.25 -21.07 -17.75
CA ILE F 1623 20.88 -22.08 -18.59
C ILE F 1623 22.34 -21.72 -18.83
N ALA F 1624 22.64 -20.44 -18.73
CA ALA F 1624 23.99 -19.88 -18.86
C ALA F 1624 23.97 -18.52 -18.16
N ALA F 1625 25.11 -17.83 -18.12
CA ALA F 1625 25.18 -16.49 -17.56
C ALA F 1625 24.22 -15.55 -18.29
N PRO F 1626 23.47 -14.70 -17.54
CA PRO F 1626 22.55 -13.74 -18.14
C PRO F 1626 23.22 -12.40 -18.50
N PHE F 1627 22.43 -11.51 -19.09
CA PHE F 1627 22.81 -10.11 -19.36
C PHE F 1627 23.79 -9.89 -20.51
N LYS F 1628 23.99 -10.90 -21.34
CA LYS F 1628 24.69 -10.71 -22.60
C LYS F 1628 23.66 -10.21 -23.61
N GLN F 1629 24.12 -9.55 -24.67
CA GLN F 1629 23.19 -9.05 -25.66
C GLN F 1629 23.61 -9.31 -27.10
N ALA F 1630 22.63 -9.28 -28.00
CA ALA F 1630 22.87 -9.58 -29.40
C ALA F 1630 22.27 -8.48 -30.26
N GLU F 1631 23.05 -7.99 -31.22
CA GLU F 1631 22.56 -7.04 -32.20
C GLU F 1631 22.58 -7.67 -33.58
N PHE F 1632 21.48 -7.52 -34.32
CA PHE F 1632 21.39 -8.07 -35.67
C PHE F 1632 20.39 -7.28 -36.48
N GLN F 1633 20.21 -7.67 -37.73
CA GLN F 1633 19.26 -7.01 -38.62
C GLN F 1633 18.08 -7.90 -38.93
N ILE F 1634 16.88 -7.32 -38.87
CA ILE F 1634 15.70 -7.98 -39.40
C ILE F 1634 15.40 -7.33 -40.74
N LEU F 1635 15.65 -8.07 -41.82
CA LEU F 1635 15.35 -7.58 -43.14
C LEU F 1635 13.93 -8.00 -43.49
N TYR F 1636 13.08 -7.01 -43.77
CA TYR F 1636 11.66 -7.25 -44.03
C TYR F 1636 11.49 -8.20 -45.20
N GLY F 1637 10.62 -9.20 -45.00
CA GLY F 1637 10.33 -10.19 -46.04
C GLY F 1637 11.39 -11.26 -46.19
N GLU F 1638 12.48 -11.11 -45.45
CA GLU F 1638 13.58 -12.06 -45.49
C GLU F 1638 13.80 -12.72 -44.15
N GLY F 1639 13.84 -11.91 -43.09
CA GLY F 1639 14.07 -12.41 -41.73
C GLY F 1639 15.33 -11.86 -41.12
N ILE F 1640 15.82 -12.55 -40.09
CA ILE F 1640 17.09 -12.22 -39.43
C ILE F 1640 18.27 -12.36 -40.39
N ASN F 1641 19.20 -11.41 -40.36
CA ASN F 1641 20.38 -11.53 -41.20
C ASN F 1641 21.44 -12.41 -40.55
N PHE F 1642 21.30 -13.71 -40.76
CA PHE F 1642 22.14 -14.71 -40.11
C PHE F 1642 23.56 -14.69 -40.64
N TYR F 1643 23.69 -14.64 -41.97
CA TYR F 1643 25.01 -14.66 -42.60
C TYR F 1643 25.76 -13.35 -42.36
N GLY F 1644 25.01 -12.26 -42.20
CA GLY F 1644 25.57 -10.99 -41.76
C GLY F 1644 26.31 -11.15 -40.44
N GLU F 1645 25.63 -11.78 -39.47
CA GLU F 1645 26.24 -12.09 -38.17
C GLU F 1645 27.49 -12.93 -38.37
N LEU F 1646 27.36 -13.97 -39.19
CA LEU F 1646 28.46 -14.91 -39.41
C LEU F 1646 29.71 -14.18 -39.91
N VAL F 1647 29.53 -13.23 -40.81
CA VAL F 1647 30.63 -12.40 -41.28
C VAL F 1647 31.27 -11.65 -40.12
N ASP F 1648 30.48 -10.88 -39.40
CA ASP F 1648 31.01 -10.08 -38.29
C ASP F 1648 31.70 -10.91 -37.20
N LEU F 1649 31.07 -12.02 -36.84
CA LEU F 1649 31.63 -12.94 -35.85
C LEU F 1649 32.91 -13.63 -36.36
N GLY F 1650 32.90 -13.98 -37.64
CA GLY F 1650 34.05 -14.60 -38.30
C GLY F 1650 35.26 -13.66 -38.33
N VAL F 1651 35.02 -12.42 -38.73
CA VAL F 1651 36.05 -11.37 -38.77
C VAL F 1651 36.60 -11.09 -37.37
N LYS F 1652 35.69 -10.98 -36.41
CA LYS F 1652 36.04 -10.73 -35.00
C LYS F 1652 36.93 -11.84 -34.43
N GLU F 1653 36.65 -13.08 -34.83
CA GLU F 1653 37.39 -14.24 -34.33
C GLU F 1653 38.60 -14.62 -35.20
N LYS F 1654 38.95 -13.74 -36.13
CA LYS F 1654 40.10 -13.93 -37.05
C LYS F 1654 39.99 -15.19 -37.91
N LEU F 1655 38.76 -15.62 -38.19
CA LEU F 1655 38.51 -16.71 -39.12
C LEU F 1655 38.36 -16.18 -40.54
N ILE F 1656 37.83 -14.95 -40.63
CA ILE F 1656 37.72 -14.25 -41.91
C ILE F 1656 38.64 -13.03 -41.88
N GLU F 1657 39.41 -12.88 -42.96
CA GLU F 1657 40.33 -11.76 -43.12
C GLU F 1657 39.59 -10.54 -43.63
N LYS F 1658 39.95 -9.37 -43.11
CA LYS F 1658 39.37 -8.11 -43.61
C LYS F 1658 40.48 -7.10 -43.92
N ALA F 1659 40.79 -6.97 -45.21
CA ALA F 1659 41.79 -6.01 -45.70
C ALA F 1659 41.11 -4.77 -46.26
N GLY F 1660 40.76 -3.84 -45.38
CA GLY F 1660 40.01 -2.64 -45.75
C GLY F 1660 38.56 -2.96 -46.02
N ALA F 1661 38.21 -3.08 -47.30
CA ALA F 1661 36.86 -3.48 -47.72
C ALA F 1661 36.83 -4.92 -48.23
N TRP F 1662 38.01 -5.51 -48.41
CA TRP F 1662 38.14 -6.87 -48.96
C TRP F 1662 38.09 -7.96 -47.89
N TYR F 1663 37.10 -8.84 -48.02
CA TYR F 1663 36.94 -9.98 -47.13
C TYR F 1663 37.53 -11.25 -47.74
N SER F 1664 38.48 -11.86 -47.04
CA SER F 1664 39.11 -13.09 -47.50
C SER F 1664 38.82 -14.23 -46.53
N TYR F 1665 38.68 -15.44 -47.07
CA TYR F 1665 38.63 -16.64 -46.24
C TYR F 1665 39.67 -17.65 -46.70
N LYS F 1666 40.62 -17.95 -45.83
CA LYS F 1666 41.72 -18.87 -46.12
C LYS F 1666 42.42 -18.53 -47.43
N GLY F 1667 42.84 -17.27 -47.58
CA GLY F 1667 43.57 -16.82 -48.75
C GLY F 1667 42.69 -16.41 -49.92
N GLU F 1668 41.62 -17.16 -50.13
CA GLU F 1668 40.65 -16.90 -51.18
C GLU F 1668 39.77 -15.71 -50.80
N LYS F 1669 39.64 -14.75 -51.71
CA LYS F 1669 38.80 -13.57 -51.51
C LYS F 1669 37.34 -13.95 -51.75
N ILE F 1670 36.47 -13.56 -50.81
CA ILE F 1670 35.06 -13.97 -50.86
C ILE F 1670 34.09 -12.83 -51.18
N GLY F 1671 34.56 -11.58 -51.06
CA GLY F 1671 33.72 -10.44 -51.41
C GLY F 1671 34.26 -9.10 -50.96
N GLN F 1672 33.76 -8.05 -51.61
CA GLN F 1672 34.11 -6.69 -51.24
C GLN F 1672 32.93 -6.01 -50.57
N GLY F 1673 33.13 -5.55 -49.34
CA GLY F 1673 32.05 -4.99 -48.53
C GLY F 1673 31.22 -6.08 -47.89
N LYS F 1674 30.78 -5.83 -46.66
CA LYS F 1674 30.00 -6.81 -45.88
C LYS F 1674 28.84 -7.41 -46.67
N ALA F 1675 28.20 -6.58 -47.50
CA ALA F 1675 27.10 -7.01 -48.36
C ALA F 1675 27.45 -8.22 -49.22
N ASN F 1676 28.58 -8.15 -49.91
CA ASN F 1676 29.02 -9.23 -50.81
C ASN F 1676 29.51 -10.47 -50.08
N ALA F 1677 30.24 -10.26 -48.99
CA ALA F 1677 30.73 -11.36 -48.16
C ALA F 1677 29.57 -12.19 -47.63
N THR F 1678 28.49 -11.51 -47.24
CA THR F 1678 27.27 -12.16 -46.79
C THR F 1678 26.67 -13.02 -47.90
N ALA F 1679 26.62 -12.46 -49.11
CA ALA F 1679 26.08 -13.16 -50.28
C ALA F 1679 26.90 -14.40 -50.64
N TRP F 1680 28.21 -14.33 -50.43
CA TRP F 1680 29.09 -15.46 -50.69
C TRP F 1680 28.81 -16.63 -49.75
N LEU F 1681 28.52 -16.34 -48.49
CA LEU F 1681 28.21 -17.39 -47.52
C LEU F 1681 26.87 -18.07 -47.77
N LYS F 1682 25.89 -17.30 -48.26
CA LYS F 1682 24.64 -17.88 -48.77
C LYS F 1682 24.97 -18.88 -49.87
N ASP F 1683 25.87 -18.49 -50.76
CA ASP F 1683 26.26 -19.30 -51.92
C ASP F 1683 27.06 -20.55 -51.56
N ASN F 1684 27.85 -20.49 -50.49
CA ASN F 1684 28.63 -21.62 -50.04
C ASN F 1684 28.18 -22.09 -48.66
N PRO F 1685 27.04 -22.81 -48.59
CA PRO F 1685 26.46 -23.18 -47.30
C PRO F 1685 27.34 -24.15 -46.53
N GLU F 1686 28.15 -24.93 -47.25
CA GLU F 1686 29.04 -25.93 -46.66
C GLU F 1686 30.15 -25.24 -45.90
N THR F 1687 30.69 -24.18 -46.48
CA THR F 1687 31.74 -23.37 -45.87
C THR F 1687 31.18 -22.56 -44.71
N ALA F 1688 29.94 -22.10 -44.87
CA ALA F 1688 29.24 -21.38 -43.82
C ALA F 1688 29.09 -22.24 -42.57
N LYS F 1689 28.65 -23.49 -42.75
CA LYS F 1689 28.52 -24.44 -41.64
C LYS F 1689 29.85 -24.62 -40.90
N GLU F 1690 30.93 -24.70 -41.67
CA GLU F 1690 32.28 -24.86 -41.16
C GLU F 1690 32.70 -23.68 -40.28
N ILE F 1691 32.52 -22.46 -40.80
CA ILE F 1691 32.85 -21.24 -40.05
C ILE F 1691 31.97 -21.12 -38.81
N GLU F 1692 30.67 -21.37 -38.97
CA GLU F 1692 29.73 -21.33 -37.85
C GLU F 1692 30.15 -22.27 -36.72
N LYS F 1693 30.46 -23.52 -37.07
CA LYS F 1693 30.89 -24.53 -36.09
C LYS F 1693 32.09 -24.06 -35.27
N LYS F 1694 33.05 -23.43 -35.95
CA LYS F 1694 34.24 -22.91 -35.29
C LYS F 1694 33.93 -21.70 -34.39
N VAL F 1695 33.08 -20.81 -34.87
CA VAL F 1695 32.65 -19.66 -34.09
C VAL F 1695 31.99 -20.14 -32.80
N ARG F 1696 31.10 -21.13 -32.91
CA ARG F 1696 30.41 -21.70 -31.75
C ARG F 1696 31.39 -22.35 -30.77
N GLU F 1697 32.32 -23.15 -31.28
CA GLU F 1697 33.36 -23.77 -30.46
C GLU F 1697 34.16 -22.72 -29.70
N LEU F 1698 34.52 -21.64 -30.38
CA LEU F 1698 35.26 -20.53 -29.80
C LEU F 1698 34.49 -19.73 -28.76
N LEU F 1699 33.18 -19.55 -28.98
CA LEU F 1699 32.43 -18.54 -28.21
C LEU F 1699 31.28 -19.03 -27.31
N LEU F 1700 30.84 -20.28 -27.49
CA LEU F 1700 29.83 -20.85 -26.59
C LEU F 1700 30.44 -21.28 -25.25
MG MG G . 32.99 32.85 -39.07
AL ALF H . 31.36 31.79 -36.32
F1 ALF H . 29.95 31.76 -35.26
F2 ALF H . 32.77 31.77 -37.42
F3 ALF H . 31.84 30.21 -35.64
F4 ALF H . 30.85 33.39 -36.99
MG MG I . 33.32 24.82 -10.78
AL ALF J . 30.06 23.90 -10.27
F1 ALF J . 28.45 23.36 -10.75
F2 ALF J . 31.68 24.41 -9.77
F3 ALF J . 30.01 22.78 -8.88
F4 ALF J . 30.13 24.93 -11.72
MG MG K . 11.95 24.54 8.69
AL ALF L . 9.53 22.70 7.58
F1 ALF L . 8.97 21.45 6.46
F2 ALF L . 10.12 23.96 8.70
F3 ALF L . 8.42 22.11 8.86
F4 ALF L . 10.70 23.22 6.35
MG MG M . -16.79 19.68 6.27
AL ALF N . -17.00 16.59 4.89
F1 ALF N . -16.34 15.06 4.32
F2 ALF N . -17.66 18.13 5.50
F3 ALF N . -18.58 15.83 5.16
F4 ALF N . -15.39 17.32 4.59
MG MG O . -31.54 2.25 -12.06
AL ALF P . -30.20 -0.80 -11.82
F1 ALF P . -29.30 -2.17 -11.08
F2 ALF P . -31.13 0.52 -12.57
F3 ALF P . -31.32 -2.01 -12.48
F4 ALF P . -29.11 0.43 -11.10
PB ADP Q . 30.45 30.61 -39.13
O1B ADP Q . 31.63 31.28 -39.80
O2B ADP Q . 29.10 30.89 -39.75
O3B ADP Q . 30.48 30.74 -37.61
PA ADP Q . 31.76 28.41 -40.22
O1A ADP Q . 31.54 28.76 -41.66
O2A ADP Q . 33.07 28.82 -39.51
O3A ADP Q . 30.54 29.02 -39.38
O5' ADP Q . 31.54 26.84 -40.04
C5' ADP Q . 30.27 26.33 -40.36
C4' ADP Q . 30.40 24.83 -40.32
O4' ADP Q . 31.68 24.45 -40.84
C3' ADP Q . 30.30 24.33 -38.89
O3' ADP Q . 29.40 23.22 -38.90
C2' ADP Q . 31.70 23.87 -38.56
O2' ADP Q . 31.72 22.68 -37.77
C1' ADP Q . 32.35 23.60 -39.92
N9 ADP Q . 33.79 23.93 -39.82
C8 ADP Q . 34.30 25.18 -39.71
N7 ADP Q . 35.66 25.15 -39.64
C5 ADP Q . 36.03 23.85 -39.70
C6 ADP Q . 37.31 23.12 -39.65
N6 ADP Q . 38.48 23.79 -39.54
N1 ADP Q . 37.26 21.75 -39.74
C2 ADP Q . 36.08 21.09 -39.85
N3 ADP Q . 34.88 21.70 -39.88
C4 ADP Q . 34.79 23.05 -39.82
PB ADP R . 31.78 21.91 -11.95
O1B ADP R . 32.91 22.90 -11.73
O2B ADP R . 31.56 21.43 -13.36
O3B ADP R . 30.53 22.36 -11.21
PA ADP R . 33.66 20.21 -10.63
O1A ADP R . 34.70 20.07 -11.73
O2A ADP R . 33.84 21.26 -9.55
O3A ADP R . 32.23 20.48 -11.34
O5' ADP R . 33.49 18.77 -9.95
C5' ADP R . 33.17 17.71 -10.84
C4' ADP R . 33.31 16.40 -10.09
O4' ADP R . 34.49 16.41 -9.27
C3' ADP R . 32.13 16.21 -9.17
O3' ADP R . 31.73 14.85 -9.24
C2' ADP R . 32.69 16.50 -7.79
O2' ADP R . 32.07 15.73 -6.77
C1' ADP R . 34.17 16.16 -7.91
N9 ADP R . 34.89 17.08 -7.02
C8 ADP R . 34.94 18.43 -7.14
N7 ADP R . 35.68 18.98 -6.14
C5 ADP R . 36.10 17.96 -5.38
C6 ADP R . 36.91 17.85 -4.15
N6 ADP R . 37.40 19.00 -3.60
N1 ADP R . 37.13 16.60 -3.65
C2 ADP R . 36.62 15.48 -4.23
N3 ADP R . 35.87 15.54 -5.34
C4 ADP R . 35.58 16.72 -5.95
PB ADP S . 12.02 21.21 8.92
O1B ADP S . 12.58 22.56 9.32
O2B ADP S . 12.89 20.28 8.11
O3B ADP S . 10.64 21.36 8.30
PA ADP S . 12.27 20.86 11.72
O1A ADP S . 13.77 21.00 11.81
O2A ADP S . 11.42 22.08 11.98
O3A ADP S . 11.87 20.30 10.24
O5' ADP S . 11.88 19.69 12.73
C5' ADP S . 12.33 18.37 12.50
C4' ADP S . 11.76 17.47 13.58
O4' ADP S . 11.86 18.12 14.86
C3' ADP S . 10.29 17.17 13.35
O3' ADP S . 9.99 15.79 13.55
C2' ADP S . 9.59 18.06 14.35
O2' ADP S . 8.35 17.50 14.79
C1' ADP S . 10.58 18.24 15.48
N9 ADP S . 10.36 19.60 16.03
C8 ADP S . 10.41 20.75 15.33
N7 ADP S . 10.15 21.82 16.12
C5 ADP S . 9.92 21.35 17.35
C6 ADP S . 9.56 21.94 18.64
N6 ADP S . 9.42 23.29 18.76
N1 ADP S . 9.41 21.09 19.69
C2 ADP S . 9.55 19.75 19.56
N3 ADP S . 9.87 19.14 18.40
C4 ADP S . 10.06 19.88 17.28
PB ADP T . -16.27 16.69 7.96
O1B ADP T . -16.41 18.21 7.85
O2B ADP T . -15.02 16.17 8.60
O3B ADP T . -16.55 16.01 6.63
PA ADP T . -18.38 17.10 9.97
O1A ADP T . -17.67 17.88 11.06
O2A ADP T . -19.25 17.83 8.97
O3A ADP T . -17.34 16.18 9.09
O5' ADP T . -19.25 16.02 10.74
C5' ADP T . -18.65 15.16 11.67
C4' ADP T . -19.77 14.36 12.35
O4' ADP T . -20.79 15.26 12.81
C3' ADP T . -20.47 13.37 11.43
O3' ADP T . -20.84 12.19 12.15
C2' ADP T . -21.73 14.08 11.01
O2' ADP T . -22.75 13.15 10.64
C1' ADP T . -22.05 14.93 12.24
N9 ADP T . -22.80 16.13 11.80
C8 ADP T . -22.36 17.06 10.93
N7 ADP T . -23.28 18.03 10.72
C5 ADP T . -24.34 17.68 11.47
C6 ADP T . -25.67 18.24 11.71
N6 ADP T . -26.05 19.38 11.10
N1 ADP T . -26.48 17.60 12.56
C2 ADP T . -26.11 16.47 13.19
N3 ADP T . -24.93 15.88 13.02
C4 ADP T . -24.02 16.44 12.17
PB ADP U . -32.21 0.25 -9.55
O1B ADP U . -32.40 1.52 -10.34
O2B ADP U . -31.85 0.35 -8.08
O3B ADP U . -31.35 -0.77 -10.24
PA ADP U . -35.10 0.25 -9.92
O1A ADP U . -35.53 1.40 -9.04
O2A ADP U . -35.01 0.55 -11.40
O3A ADP U . -33.70 -0.39 -9.41
O5' ADP U . -36.07 -1.02 -9.63
C5' ADP U . -36.21 -1.57 -8.32
C4' ADP U . -37.36 -2.60 -8.30
O4' ADP U . -38.46 -2.15 -9.12
C3' ADP U . -36.94 -3.95 -8.87
O3' ADP U . -37.42 -5.04 -8.06
C2' ADP U . -37.51 -3.96 -10.29
O2' ADP U . -37.87 -5.26 -10.73
C1' ADP U . -38.74 -3.08 -10.18
N9 ADP U . -38.98 -2.37 -11.44
C8 ADP U . -38.20 -1.41 -11.96
N7 ADP U . -38.71 -0.94 -13.13
C5 ADP U . -39.84 -1.62 -13.36
C6 ADP U . -40.86 -1.60 -14.42
N6 ADP U . -40.72 -0.76 -15.47
N1 ADP U . -41.89 -2.47 -14.30
C2 ADP U . -42.01 -3.31 -13.25
N3 ADP U . -41.11 -3.38 -12.25
C4 ADP U . -40.02 -2.56 -12.24
MG MG V . -45.95 -32.56 19.51
AL ALF W . -42.76 -31.55 18.90
F1 ALF W . -41.16 -31.69 18.19
F2 ALF W . -44.34 -31.46 19.71
F3 ALF W . -42.51 -29.83 19.30
F4 ALF W . -43.03 -33.24 18.39
MG MG X . -21.12 -21.46 29.82
AL ALF Y . -19.28 -21.00 27.07
F1 ALF Y . -19.01 -20.73 25.36
F2 ALF Y . -19.48 -21.35 28.81
F3 ALF Y . -17.94 -19.88 27.42
F4 ALF Y . -20.64 -22.10 26.68
MG MG Z . 5.53 -21.72 18.71
AL ALF AA . 5.49 -20.34 15.72
F1 ALF AA . 4.66 -19.57 14.37
F2 ALF AA . 6.38 -21.18 17.01
F3 ALF AA . 7.04 -19.69 15.08
F4 ALF AA . 3.93 -20.89 16.36
MG MG BA . 15.03 -21.54 -9.16
AL ALF CA . 13.47 -18.76 -10.40
F1 ALF CA . 12.88 -17.11 -10.28
F2 ALF CA . 14.10 -20.42 -10.49
F3 ALF CA . 14.39 -18.31 -11.85
F4 ALF CA . 12.56 -19.16 -8.93
MG MG DA . 3.36 -9.87 -32.99
AL ALF EA . 2.88 -6.33 -32.32
F1 ALF EA . 3.00 -4.66 -31.70
F2 ALF EA . 2.74 -7.98 -33.00
F3 ALF EA . 2.18 -5.61 -33.77
F4 ALF EA . 3.43 -7.04 -30.76
PB ADP FA . -44.96 -30.83 16.68
O1B ADP FA . -46.02 -31.44 17.60
O2B ADP FA . -44.96 -31.27 15.25
O3B ADP FA . -43.58 -30.85 17.33
PA ADP FA . -46.67 -28.54 17.05
O1A ADP FA . -47.90 -29.02 16.33
O2A ADP FA . -46.54 -28.68 18.55
O3A ADP FA . -45.38 -29.28 16.42
O5' ADP FA . -46.52 -27.01 16.63
C5' ADP FA . -46.41 -26.68 15.24
C4' ADP FA . -46.32 -25.16 15.07
O4' ADP FA . -47.30 -24.50 15.90
C3' ADP FA . -44.96 -24.65 15.51
O3' ADP FA . -44.50 -23.64 14.59
C2' ADP FA . -45.23 -24.10 16.90
O2' ADP FA . -44.31 -23.08 17.29
C1' ADP FA . -46.67 -23.65 16.86
N9 ADP FA . -47.24 -23.81 18.22
C8 ADP FA . -47.23 -24.95 18.94
N7 ADP FA . -47.81 -24.76 20.16
C5 ADP FA . -48.18 -23.48 20.22
C6 ADP FA . -48.84 -22.62 21.22
N6 ADP FA . -49.22 -23.11 22.43
N1 ADP FA . -49.05 -21.34 20.89
C2 ADP FA . -48.68 -20.85 19.69
N3 ADP FA . -48.08 -21.56 18.74
C4 ADP FA . -47.80 -22.86 18.95
PB ADP GA . -21.60 -18.81 27.64
O1B ADP GA . -21.95 -19.61 28.89
O2B ADP GA . -22.69 -18.41 26.70
O3B ADP GA . -20.41 -19.49 26.94
PA ADP GA . -21.21 -16.76 29.68
O1A ADP GA . -22.65 -16.63 30.10
O2A ADP GA . -20.24 -17.55 30.52
O3A ADP GA . -21.13 -17.34 28.16
O5' ADP GA . -20.58 -15.30 29.56
C5' ADP GA . -21.23 -14.34 28.73
C4' ADP GA . -20.52 -13.00 28.89
O4' ADP GA . -20.32 -12.71 30.29
C3' ADP GA . -19.15 -13.02 28.24
O3' ADP GA . -18.91 -11.76 27.63
C2' ADP GA . -18.23 -13.22 29.42
O2' ADP GA . -16.93 -12.75 29.19
C1' ADP GA . -18.94 -12.53 30.57
N9 ADP GA . -18.53 -13.24 31.79
C8 ADP GA . -18.73 -14.54 32.02
N7 ADP GA . -18.20 -14.91 33.21
C5 ADP GA . -17.66 -13.81 33.75
C6 ADP GA . -16.94 -13.52 35.00
N6 ADP GA . -16.72 -14.52 35.88
N1 ADP GA . -16.55 -12.25 35.19
C2 ADP GA . -16.79 -11.29 34.31
N3 ADP GA . -17.42 -11.49 33.14
C4 ADP GA . -17.88 -12.71 32.81
PB ADP HA . 5.44 -18.31 18.12
O1B ADP HA . 5.67 -19.54 19.00
O2B ADP HA . 4.27 -17.45 18.51
O3B ADP HA . 5.46 -18.70 16.65
PA ADP HA . 7.91 -17.57 19.44
O1A ADP HA . 7.50 -17.36 20.89
O2A ADP HA . 8.54 -18.87 19.00
O3A ADP HA . 6.68 -17.29 18.40
O5' ADP HA . 8.96 -16.41 19.12
C5' ADP HA . 8.55 -15.05 19.29
C4' ADP HA . 9.73 -14.11 19.11
O4' ADP HA . 10.87 -14.58 19.83
C3' ADP HA . 10.11 -14.00 17.65
O3' ADP HA . 10.46 -12.65 17.39
C2' ADP HA . 11.32 -14.89 17.54
O2' ADP HA . 12.24 -14.48 16.55
C1' ADP HA . 11.95 -14.78 18.91
N9 ADP HA . 12.63 -16.05 19.19
C8 ADP HA . 12.06 -17.29 19.21
N7 ADP HA . 12.98 -18.26 19.48
C5 ADP HA . 14.15 -17.63 19.63
C6 ADP HA . 15.53 -18.05 19.93
N6 ADP HA . 15.84 -19.35 20.13
N1 ADP HA . 16.46 -17.06 19.99
C2 ADP HA . 16.18 -15.75 19.81
N3 ADP HA . 14.95 -15.31 19.52
C4 ADP HA . 13.93 -16.18 19.43
PB ADP IA . 16.00 -18.32 -8.56
O1B ADP IA . 16.17 -19.83 -8.42
O2B ADP IA . 16.06 -17.54 -7.29
O3B ADP IA . 14.87 -17.86 -9.48
PA ADP IA . 18.73 -18.71 -9.47
O1A ADP IA . 19.43 -19.09 -8.18
O2A ADP IA . 18.25 -19.80 -10.42
O3A ADP IA . 17.41 -17.80 -9.20
O5' ADP IA . 19.65 -17.67 -10.24
C5' ADP IA . 20.28 -16.63 -9.51
C4' ADP IA . 21.33 -15.97 -10.39
O4' ADP IA . 22.26 -16.94 -10.91
C3' ADP IA . 20.72 -15.27 -11.61
O3' ADP IA . 21.43 -14.07 -11.87
C2' ADP IA . 20.95 -16.26 -12.73
O2' ADP IA . 21.07 -15.65 -14.00
C1' ADP IA . 22.27 -16.90 -12.33
N9 ADP IA . 22.24 -18.24 -12.96
C8 ADP IA . 21.30 -19.18 -12.75
N7 ADP IA . 21.52 -20.30 -13.47
C5 ADP IA . 22.64 -20.07 -14.18
C6 ADP IA . 23.43 -20.83 -15.14
N6 ADP IA . 23.04 -22.09 -15.49
N1 ADP IA . 24.54 -20.25 -15.64
C2 ADP IA . 24.91 -19.01 -15.27
N3 ADP IA . 24.24 -18.24 -14.41
C4 ADP IA . 23.11 -18.71 -13.83
PB ADP JA . 5.78 -7.36 -33.07
O1B ADP JA . 5.21 -8.75 -33.20
O2B ADP JA . 7.00 -7.26 -32.19
O3B ADP JA . 4.70 -6.31 -32.87
PA ADP JA . 6.60 -8.14 -35.73
O1A ADP JA . 7.64 -9.17 -35.41
O2A ADP JA . 5.19 -8.57 -36.11
O3A ADP JA . 6.46 -7.06 -34.51
O5' ADP JA . 7.22 -7.21 -36.90
C5' ADP JA . 8.39 -6.44 -36.66
C4' ADP JA . 8.74 -5.65 -37.93
O4' ADP JA . 8.51 -6.46 -39.10
C3' ADP JA . 7.88 -4.40 -38.10
O3' ADP JA . 8.72 -3.31 -38.49
C2' ADP JA . 6.89 -4.78 -39.18
O2' ADP JA . 6.61 -3.72 -40.08
C1' ADP JA . 7.59 -5.85 -39.99
N9 ADP JA . 6.57 -6.81 -40.45
C8 ADP JA . 5.89 -7.69 -39.67
N7 ADP JA . 5.03 -8.44 -40.42
C5 ADP JA . 5.17 -8.02 -41.69
C6 ADP JA . 4.56 -8.38 -42.98
N6 ADP JA . 3.61 -9.35 -43.06
N1 ADP JA . 4.99 -7.70 -44.08
C2 ADP JA . 5.93 -6.72 -44.02
N3 ADP JA . 6.52 -6.34 -42.87
C4 ADP JA . 6.19 -6.95 -41.70
#